data_6E9Y
#
_entry.id   6E9Y
#
_entity_poly.entity_id   1
_entity_poly.type   'polypeptide(L)'
_entity_poly.pdbx_seq_one_letter_code
;AEELLKRVEKLVKEAEELLRQAMKKGSEELLEVALVVAQMAAREAKKVLTMAEVEGDPEVALRAVELVVRVAELLLRIAL
VSGSEEALERALRVAEEAARLAKRVLELAESQGDPEVALRAVELVVRVAELLLLIAKVSGSEEALERALRVAEEAARLAK
RVLELAEKQGDPAVAILAVMLVKRVAELLENIARESGSEEAKERAERVREEARELQERVKELKERAG
;
_entity_poly.pdbx_strand_id   A,B,C,D,E,F,G,H,I,J,K,L,M,N,O
#
# COMPACT_ATOMS: atom_id res chain seq x y z
N ALA A 1 13.69 -8.60 2.88
CA ALA A 1 13.35 -9.92 2.29
C ALA A 1 12.21 -10.53 3.08
N GLU A 2 11.02 -9.96 2.87
CA GLU A 2 9.85 -10.38 3.62
C GLU A 2 9.51 -11.85 3.39
N GLU A 3 9.82 -12.37 2.20
CA GLU A 3 9.58 -13.78 1.92
C GLU A 3 10.27 -14.67 2.94
N LEU A 4 11.53 -14.38 3.22
CA LEU A 4 12.26 -15.14 4.23
C LEU A 4 11.73 -14.85 5.62
N LEU A 5 11.36 -13.60 5.87
CA LEU A 5 10.94 -13.20 7.20
C LEU A 5 9.73 -13.99 7.67
N LYS A 6 8.70 -14.04 6.83
CA LYS A 6 7.48 -14.74 7.22
C LYS A 6 7.72 -16.24 7.32
N ARG A 7 8.49 -16.80 6.40
CA ARG A 7 8.73 -18.23 6.40
C ARG A 7 9.45 -18.66 7.66
N VAL A 8 10.47 -17.91 8.07
CA VAL A 8 11.12 -18.18 9.34
C VAL A 8 10.16 -17.92 10.48
N GLU A 9 9.49 -16.77 10.45
CA GLU A 9 8.46 -16.46 11.44
C GLU A 9 7.39 -17.54 11.48
N LYS A 10 7.08 -18.13 10.34
CA LYS A 10 6.09 -19.19 10.30
C LYS A 10 6.55 -20.40 11.09
N LEU A 11 7.83 -20.77 10.95
CA LEU A 11 8.36 -21.94 11.63
C LEU A 11 8.14 -21.86 13.13
N VAL A 12 8.27 -20.66 13.70
CA VAL A 12 8.09 -20.48 15.13
C VAL A 12 6.73 -20.97 15.57
N LYS A 13 5.69 -20.49 14.88
CA LYS A 13 4.33 -20.80 15.29
C LYS A 13 4.05 -22.28 15.17
N GLU A 14 4.59 -22.93 14.14
CA GLU A 14 4.43 -24.37 14.02
C GLU A 14 5.08 -25.08 15.18
N ALA A 15 6.38 -24.86 15.37
CA ALA A 15 7.10 -25.55 16.43
C ALA A 15 6.55 -25.16 17.79
N GLU A 16 6.24 -23.89 17.98
CA GLU A 16 5.67 -23.45 19.24
C GLU A 16 4.31 -24.06 19.47
N GLU A 17 3.62 -24.40 18.38
CA GLU A 17 2.37 -25.16 18.50
C GLU A 17 2.67 -26.64 18.70
N LEU A 18 3.72 -27.14 18.04
CA LEU A 18 4.13 -28.52 18.28
C LEU A 18 4.53 -28.72 19.74
N LEU A 19 5.06 -27.67 20.36
CA LEU A 19 5.40 -27.73 21.76
C LEU A 19 4.18 -28.11 22.60
N ARG A 20 3.05 -27.48 22.30
CA ARG A 20 1.85 -27.71 23.08
C ARG A 20 1.23 -29.07 22.80
N GLN A 21 1.44 -29.62 21.60
CA GLN A 21 1.02 -30.98 21.35
C GLN A 21 1.81 -31.96 22.21
N ALA A 22 3.06 -31.62 22.53
CA ALA A 22 3.88 -32.47 23.36
C ALA A 22 3.51 -32.35 24.83
N MET A 23 3.19 -31.14 25.27
CA MET A 23 2.78 -30.94 26.65
C MET A 23 1.52 -31.72 26.98
N LYS A 24 0.63 -31.88 26.01
CA LYS A 24 -0.60 -32.63 26.22
C LYS A 24 -0.34 -34.12 26.24
N LYS A 25 0.66 -34.59 25.48
CA LYS A 25 0.82 -36.00 25.17
C LYS A 25 2.17 -36.56 25.61
N GLY A 26 3.24 -35.79 25.48
CA GLY A 26 4.53 -36.24 25.95
C GLY A 26 5.28 -37.13 25.00
N SER A 27 5.19 -36.86 23.70
CA SER A 27 5.85 -37.65 22.67
C SER A 27 7.15 -37.00 22.26
N GLU A 28 8.26 -37.73 22.43
CA GLU A 28 9.54 -37.23 21.98
C GLU A 28 9.60 -37.03 20.48
N GLU A 29 8.78 -37.76 19.72
CA GLU A 29 8.75 -37.57 18.28
C GLU A 29 8.29 -36.17 17.94
N LEU A 30 7.35 -35.62 18.70
CA LEU A 30 7.01 -34.22 18.56
C LEU A 30 8.21 -33.33 18.88
N LEU A 31 9.05 -33.77 19.80
CA LEU A 31 10.13 -32.94 20.32
C LEU A 31 11.37 -33.04 19.45
N GLU A 32 11.66 -34.23 18.93
CA GLU A 32 12.71 -34.37 17.92
C GLU A 32 12.50 -33.40 16.79
N VAL A 33 11.25 -33.23 16.36
CA VAL A 33 10.92 -32.29 15.30
C VAL A 33 11.32 -30.87 15.67
N ALA A 34 11.08 -30.48 16.92
CA ALA A 34 11.39 -29.13 17.33
C ALA A 34 12.87 -28.83 17.21
N LEU A 35 13.71 -29.79 17.58
CA LEU A 35 15.15 -29.66 17.41
C LEU A 35 15.57 -29.73 15.96
N VAL A 36 14.66 -30.09 15.05
CA VAL A 36 14.89 -30.01 13.63
C VAL A 36 14.36 -28.71 13.07
N VAL A 37 13.16 -28.32 13.47
CA VAL A 37 12.53 -27.13 12.90
C VAL A 37 13.29 -25.89 13.33
N ALA A 38 13.33 -25.64 14.63
CA ALA A 38 13.93 -24.41 15.12
C ALA A 38 15.42 -24.38 14.86
N GLN A 39 16.07 -25.54 14.89
CA GLN A 39 17.50 -25.55 14.72
C GLN A 39 17.89 -25.26 13.27
N MET A 40 16.95 -25.44 12.33
CA MET A 40 17.12 -24.93 10.98
C MET A 40 16.63 -23.50 10.84
N ALA A 41 15.84 -22.99 11.79
CA ALA A 41 15.48 -21.59 11.74
C ALA A 41 16.70 -20.71 11.90
N ALA A 42 17.61 -21.08 12.80
CA ALA A 42 18.87 -20.36 12.93
C ALA A 42 19.64 -20.32 11.62
N ARG A 43 19.55 -21.39 10.83
CA ARG A 43 20.21 -21.39 9.53
C ARG A 43 19.66 -20.28 8.66
N GLU A 44 18.34 -20.26 8.50
CA GLU A 44 17.71 -19.30 7.60
C GLU A 44 17.55 -17.93 8.22
N ALA A 45 17.41 -17.87 9.54
CA ALA A 45 17.29 -16.58 10.19
C ALA A 45 18.59 -15.79 10.07
N LYS A 46 19.71 -16.43 10.41
CA LYS A 46 21.01 -15.80 10.30
C LYS A 46 21.27 -15.30 8.89
N LYS A 47 20.75 -16.00 7.88
CA LYS A 47 20.84 -15.51 6.52
C LYS A 47 20.06 -14.23 6.33
N VAL A 48 18.88 -14.12 6.94
CA VAL A 48 18.10 -12.91 6.82
C VAL A 48 18.86 -11.74 7.42
N LEU A 49 19.62 -12.00 8.47
CA LEU A 49 20.47 -10.96 9.00
C LEU A 49 21.54 -10.59 8.01
N THR A 50 22.10 -11.59 7.33
CA THR A 50 23.20 -11.36 6.39
C THR A 50 22.76 -10.45 5.26
N MET A 51 21.82 -10.92 4.43
CA MET A 51 21.38 -10.15 3.28
C MET A 51 20.78 -8.82 3.70
N ALA A 52 20.22 -8.74 4.91
CA ALA A 52 19.75 -7.47 5.42
C ALA A 52 20.92 -6.58 5.83
N GLU A 53 21.98 -7.18 6.38
CA GLU A 53 23.16 -6.42 6.75
C GLU A 53 23.84 -5.82 5.53
N VAL A 54 23.55 -6.32 4.34
CA VAL A 54 24.13 -5.76 3.13
C VAL A 54 23.50 -4.41 2.82
N GLU A 55 22.20 -4.41 2.57
CA GLU A 55 21.54 -3.23 2.03
C GLU A 55 21.48 -2.09 3.04
N GLY A 56 21.64 -2.39 4.32
CA GLY A 56 21.48 -1.38 5.33
C GLY A 56 20.02 -1.23 5.69
N ASP A 57 19.34 -2.36 5.87
CA ASP A 57 17.93 -2.39 6.23
C ASP A 57 17.83 -2.81 7.69
N PRO A 58 17.98 -1.89 8.65
CA PRO A 58 18.23 -2.32 10.03
C PRO A 58 17.01 -2.90 10.72
N GLU A 59 15.84 -2.33 10.47
CA GLU A 59 14.64 -2.73 11.17
C GLU A 59 14.31 -4.19 10.95
N VAL A 60 14.73 -4.74 9.81
CA VAL A 60 14.50 -6.15 9.54
C VAL A 60 15.24 -7.01 10.56
N ALA A 61 16.48 -6.65 10.86
CA ALA A 61 17.28 -7.46 11.75
C ALA A 61 16.73 -7.49 13.16
N LEU A 62 16.29 -6.34 13.65
CA LEU A 62 15.70 -6.27 14.98
C LEU A 62 14.50 -7.20 15.07
N ARG A 63 13.67 -7.24 14.03
CA ARG A 63 12.56 -8.17 13.97
C ARG A 63 12.98 -9.60 13.66
N ALA A 64 14.28 -9.84 13.49
CA ALA A 64 14.77 -11.17 13.17
C ALA A 64 15.50 -11.78 14.36
N VAL A 65 16.48 -11.04 14.88
CA VAL A 65 17.25 -11.53 16.00
C VAL A 65 16.37 -11.75 17.21
N GLU A 66 15.36 -10.89 17.36
CA GLU A 66 14.35 -11.11 18.39
C GLU A 66 13.72 -12.48 18.26
N LEU A 67 13.58 -12.96 17.03
CA LEU A 67 12.94 -14.25 16.82
C LEU A 67 13.90 -15.38 17.11
N VAL A 68 15.19 -15.13 16.95
CA VAL A 68 16.18 -16.12 17.32
C VAL A 68 16.10 -16.41 18.80
N VAL A 69 15.88 -15.36 19.60
CA VAL A 69 15.78 -15.54 21.04
C VAL A 69 14.59 -16.40 21.38
N ARG A 70 13.48 -16.22 20.66
CA ARG A 70 12.31 -17.05 20.89
C ARG A 70 12.63 -18.52 20.70
N VAL A 71 13.53 -18.83 19.78
CA VAL A 71 13.97 -20.20 19.62
C VAL A 71 14.66 -20.67 20.90
N ALA A 72 15.55 -19.82 21.41
CA ALA A 72 16.23 -20.13 22.66
C ALA A 72 15.24 -20.36 23.77
N GLU A 73 14.17 -19.57 23.79
CA GLU A 73 13.10 -19.80 24.76
C GLU A 73 12.47 -21.16 24.53
N LEU A 74 12.33 -21.55 23.27
CA LEU A 74 11.71 -22.83 22.97
C LEU A 74 12.63 -23.99 23.27
N LEU A 75 13.86 -23.92 22.75
CA LEU A 75 14.83 -24.97 23.01
C LEU A 75 15.09 -25.15 24.48
N LEU A 76 15.00 -24.07 25.25
CA LEU A 76 15.12 -24.18 26.68
C LEU A 76 14.06 -25.11 27.23
N ARG A 77 12.79 -24.81 26.94
CA ARG A 77 11.68 -25.61 27.43
C ARG A 77 11.85 -27.07 27.08
N ILE A 78 12.42 -27.35 25.91
CA ILE A 78 12.65 -28.73 25.51
C ILE A 78 13.57 -29.41 26.50
N ALA A 79 14.73 -28.81 26.72
CA ALA A 79 15.72 -29.39 27.62
C ALA A 79 15.18 -29.47 29.04
N LEU A 80 14.33 -28.52 29.43
CA LEU A 80 13.68 -28.64 30.73
C LEU A 80 12.73 -29.81 30.76
N VAL A 81 11.88 -29.92 29.74
CA VAL A 81 10.92 -31.00 29.70
C VAL A 81 11.62 -32.34 29.50
N SER A 82 12.66 -32.34 28.66
CA SER A 82 13.33 -33.59 28.32
C SER A 82 14.41 -33.92 29.35
N GLY A 83 15.24 -32.94 29.70
CA GLY A 83 16.36 -33.17 30.58
C GLY A 83 17.67 -33.50 29.88
N SER A 84 17.70 -33.46 28.55
CA SER A 84 18.91 -33.79 27.82
C SER A 84 19.97 -32.74 28.06
N GLU A 85 21.11 -33.17 28.61
CA GLU A 85 22.22 -32.25 28.80
C GLU A 85 22.76 -31.74 27.47
N GLU A 86 22.60 -32.50 26.39
CA GLU A 86 22.95 -31.98 25.07
C GLU A 86 22.08 -30.79 24.73
N ALA A 87 20.77 -30.93 24.90
CA ALA A 87 19.84 -29.89 24.49
C ALA A 87 20.10 -28.59 25.21
N LEU A 88 20.54 -28.66 26.47
CA LEU A 88 21.13 -27.49 27.11
C LEU A 88 22.28 -26.96 26.27
N GLU A 89 23.22 -27.82 25.95
CA GLU A 89 24.39 -27.41 25.20
C GLU A 89 24.05 -27.09 23.76
N ARG A 90 22.90 -27.57 23.27
CA ARG A 90 22.39 -27.07 22.00
C ARG A 90 21.91 -25.64 22.16
N ALA A 91 20.93 -25.44 23.04
CA ALA A 91 20.39 -24.12 23.30
C ALA A 91 21.45 -23.16 23.82
N LEU A 92 22.48 -23.69 24.47
CA LEU A 92 23.58 -22.85 24.91
C LEU A 92 24.26 -22.17 23.73
N ARG A 93 24.78 -22.97 22.81
CA ARG A 93 25.55 -22.44 21.69
C ARG A 93 24.72 -21.53 20.82
N VAL A 94 23.48 -21.93 20.56
CA VAL A 94 22.55 -21.07 19.84
C VAL A 94 22.39 -19.75 20.57
N ALA A 95 22.19 -19.82 21.88
CA ALA A 95 22.00 -18.60 22.66
C ALA A 95 23.26 -17.77 22.67
N GLU A 96 24.41 -18.40 22.86
CA GLU A 96 25.67 -17.67 22.91
C GLU A 96 25.95 -16.99 21.58
N GLU A 97 25.66 -17.68 20.48
CA GLU A 97 25.88 -17.10 19.17
C GLU A 97 24.98 -15.91 18.92
N ALA A 98 23.82 -15.86 19.58
CA ALA A 98 22.96 -14.71 19.48
C ALA A 98 23.65 -13.45 19.96
N ALA A 99 24.58 -13.58 20.90
CA ALA A 99 25.36 -12.45 21.36
C ALA A 99 26.12 -11.81 20.22
N ARG A 100 26.86 -12.62 19.48
CA ARG A 100 27.59 -12.13 18.32
C ARG A 100 26.66 -11.48 17.32
N LEU A 101 25.53 -12.13 17.05
CA LEU A 101 24.58 -11.60 16.09
C LEU A 101 24.02 -10.28 16.56
N ALA A 102 23.85 -10.12 17.87
CA ALA A 102 23.44 -8.84 18.40
C ALA A 102 24.54 -7.81 18.22
N LYS A 103 25.75 -8.16 18.65
CA LYS A 103 26.89 -7.27 18.46
C LYS A 103 27.13 -7.00 16.99
N ARG A 104 26.82 -7.97 16.14
CA ARG A 104 26.89 -7.78 14.70
C ARG A 104 25.93 -6.68 14.26
N VAL A 105 24.82 -6.52 14.97
CA VAL A 105 23.80 -5.57 14.59
C VAL A 105 24.15 -4.17 15.06
N LEU A 106 24.80 -4.07 16.22
CA LEU A 106 24.93 -2.78 16.87
C LEU A 106 25.73 -1.81 16.01
N GLU A 107 26.91 -2.22 15.59
CA GLU A 107 27.79 -1.35 14.84
C GLU A 107 27.25 -1.05 13.44
N LEU A 108 26.24 -1.79 12.99
CA LEU A 108 25.57 -1.43 11.75
C LEU A 108 24.99 -0.04 11.82
N ALA A 109 24.14 0.20 12.82
CA ALA A 109 23.28 1.38 12.78
C ALA A 109 24.07 2.67 12.93
N GLU A 110 25.25 2.62 13.53
CA GLU A 110 26.08 3.81 13.62
C GLU A 110 26.45 4.31 12.23
N SER A 111 26.72 3.40 11.30
CA SER A 111 26.88 3.79 9.92
C SER A 111 25.61 4.38 9.35
N GLN A 112 24.46 3.87 9.81
CA GLN A 112 23.17 4.42 9.43
C GLN A 112 22.75 5.60 10.29
N GLY A 113 23.32 5.74 11.48
CA GLY A 113 22.90 6.79 12.38
C GLY A 113 21.51 6.61 12.96
N ASP A 114 20.99 5.37 12.99
CA ASP A 114 19.65 5.07 13.46
C ASP A 114 19.72 4.39 14.83
N PRO A 115 19.73 5.14 15.93
CA PRO A 115 20.02 4.54 17.23
C PRO A 115 18.92 3.68 17.81
N GLU A 116 17.65 4.05 17.60
CA GLU A 116 16.54 3.37 18.24
C GLU A 116 16.51 1.89 17.93
N VAL A 117 17.04 1.49 16.77
CA VAL A 117 17.06 0.09 16.43
C VAL A 117 17.99 -0.67 17.37
N ALA A 118 18.98 0.03 17.93
CA ALA A 118 19.91 -0.63 18.84
C ALA A 118 19.24 -1.07 20.12
N LEU A 119 18.55 -0.14 20.76
CA LEU A 119 18.21 -0.29 22.17
C LEU A 119 17.35 -1.51 22.40
N ARG A 120 16.36 -1.72 21.54
CA ARG A 120 15.58 -2.95 21.62
C ARG A 120 16.43 -4.16 21.28
N ALA A 121 17.46 -3.99 20.46
CA ALA A 121 18.34 -5.11 20.15
C ALA A 121 19.24 -5.43 21.33
N VAL A 122 19.75 -4.39 21.98
CA VAL A 122 20.60 -4.58 23.14
C VAL A 122 19.87 -5.35 24.22
N GLU A 123 18.61 -5.00 24.45
CA GLU A 123 17.85 -5.66 25.48
C GLU A 123 17.66 -7.13 25.21
N LEU A 124 17.70 -7.54 23.94
CA LEU A 124 17.64 -8.96 23.65
C LEU A 124 18.81 -9.70 24.26
N VAL A 125 20.00 -9.12 24.19
CA VAL A 125 21.18 -9.71 24.80
C VAL A 125 20.95 -9.94 26.28
N VAL A 126 20.31 -8.97 26.92
CA VAL A 126 20.18 -8.99 28.37
C VAL A 126 19.36 -10.19 28.80
N ARG A 127 18.31 -10.50 28.06
CA ARG A 127 17.54 -11.68 28.39
C ARG A 127 18.35 -12.95 28.25
N VAL A 128 19.34 -12.93 27.36
CA VAL A 128 20.15 -14.14 27.18
C VAL A 128 20.97 -14.39 28.42
N ALA A 129 21.45 -13.33 29.04
CA ALA A 129 22.11 -13.48 30.33
C ALA A 129 21.13 -14.03 31.36
N GLU A 130 19.92 -13.47 31.40
CA GLU A 130 18.86 -14.07 32.20
C GLU A 130 18.58 -15.48 31.73
N LEU A 131 18.69 -15.72 30.44
CA LEU A 131 18.36 -17.04 29.92
C LEU A 131 19.39 -18.07 30.37
N LEU A 132 20.67 -17.78 30.17
CA LEU A 132 21.72 -18.69 30.63
C LEU A 132 21.68 -18.84 32.13
N LEU A 133 21.33 -17.76 32.83
CA LEU A 133 21.23 -17.81 34.28
C LEU A 133 20.31 -18.94 34.72
N LEU A 134 19.19 -19.11 34.04
CA LEU A 134 18.31 -20.22 34.32
C LEU A 134 19.00 -21.54 34.04
N ILE A 135 19.84 -21.58 33.00
CA ILE A 135 20.52 -22.81 32.64
C ILE A 135 21.61 -23.11 33.65
N ALA A 136 22.32 -22.09 34.09
CA ALA A 136 23.41 -22.33 35.03
C ALA A 136 22.89 -22.84 36.36
N LYS A 137 21.74 -22.32 36.79
CA LYS A 137 21.12 -22.82 38.01
C LYS A 137 20.64 -24.26 37.85
N VAL A 138 20.45 -24.72 36.62
CA VAL A 138 20.06 -26.11 36.41
C VAL A 138 21.29 -27.01 36.52
N SER A 139 22.30 -26.77 35.70
CA SER A 139 23.48 -27.61 35.74
C SER A 139 24.33 -27.31 36.97
N GLY A 140 24.25 -26.09 37.49
CA GLY A 140 25.11 -25.68 38.58
C GLY A 140 26.54 -25.36 38.17
N SER A 141 26.86 -25.48 36.88
CA SER A 141 28.23 -25.26 36.41
C SER A 141 28.61 -23.78 36.51
N GLU A 142 29.91 -23.53 36.48
CA GLU A 142 30.46 -22.19 36.45
C GLU A 142 30.91 -21.77 35.06
N GLU A 143 31.08 -22.72 34.16
CA GLU A 143 31.33 -22.42 32.75
C GLU A 143 30.30 -21.43 32.23
N ALA A 144 29.03 -21.83 32.25
CA ALA A 144 27.96 -20.98 31.76
C ALA A 144 27.85 -19.69 32.53
N LEU A 145 28.13 -19.73 33.83
CA LEU A 145 28.14 -18.51 34.63
C LEU A 145 29.15 -17.52 34.10
N GLU A 146 30.31 -18.01 33.65
CA GLU A 146 31.28 -17.13 33.04
C GLU A 146 30.80 -16.64 31.69
N ARG A 147 30.22 -17.54 30.88
CA ARG A 147 29.63 -17.13 29.62
C ARG A 147 28.60 -16.04 29.84
N ALA A 148 27.71 -16.25 30.81
CA ALA A 148 26.79 -15.20 31.23
C ALA A 148 27.55 -13.96 31.65
N LEU A 149 28.63 -14.14 32.40
CA LEU A 149 29.34 -13.00 32.96
C LEU A 149 29.99 -12.18 31.86
N ARG A 150 30.61 -12.85 30.90
CA ARG A 150 31.31 -12.16 29.83
C ARG A 150 30.36 -11.50 28.86
N VAL A 151 29.19 -12.10 28.67
CA VAL A 151 28.20 -11.53 27.76
C VAL A 151 27.74 -10.19 28.27
N ALA A 152 27.23 -10.16 29.49
CA ALA A 152 26.57 -8.97 29.98
C ALA A 152 27.54 -7.82 30.18
N GLU A 153 28.69 -8.09 30.79
CA GLU A 153 29.65 -7.01 30.99
C GLU A 153 30.18 -6.51 29.66
N GLU A 154 30.32 -7.42 28.69
CA GLU A 154 30.54 -6.97 27.32
C GLU A 154 29.32 -6.22 26.82
N ALA A 155 28.13 -6.70 27.14
CA ALA A 155 26.92 -6.00 26.73
C ALA A 155 26.83 -4.65 27.41
N ALA A 156 27.36 -4.54 28.63
CA ALA A 156 27.36 -3.27 29.31
C ALA A 156 28.22 -2.24 28.59
N ARG A 157 29.36 -2.68 28.05
CA ARG A 157 30.20 -1.78 27.26
C ARG A 157 29.44 -1.19 26.08
N LEU A 158 28.49 -1.96 25.54
CA LEU A 158 27.85 -1.56 24.29
C LEU A 158 27.06 -0.28 24.46
N ALA A 159 26.40 -0.12 25.61
CA ALA A 159 25.58 1.06 25.84
C ALA A 159 26.39 2.33 25.74
N LYS A 160 27.68 2.27 26.07
CA LYS A 160 28.52 3.45 25.95
C LYS A 160 28.63 3.92 24.51
N ARG A 161 28.67 2.97 23.57
CA ARG A 161 28.55 3.36 22.16
C ARG A 161 27.20 3.98 21.91
N VAL A 162 26.16 3.41 22.51
CA VAL A 162 24.80 3.89 22.27
C VAL A 162 24.66 5.28 22.85
N LEU A 163 25.07 5.45 24.10
CA LEU A 163 25.10 6.76 24.71
C LEU A 163 25.94 7.71 23.88
N GLU A 164 27.05 7.22 23.34
CA GLU A 164 27.83 8.03 22.42
C GLU A 164 27.09 8.24 21.13
N LEU A 165 26.31 7.25 20.69
CA LEU A 165 25.57 7.40 19.45
C LEU A 165 24.49 8.45 19.58
N ALA A 166 23.84 8.51 20.74
CA ALA A 166 22.77 9.48 20.92
C ALA A 166 23.32 10.90 20.99
N GLU A 167 24.39 11.09 21.75
CA GLU A 167 24.96 12.42 21.95
C GLU A 167 25.39 13.07 20.65
N LYS A 168 25.71 12.27 19.63
CA LYS A 168 25.81 12.81 18.29
C LYS A 168 24.50 13.45 17.88
N GLN A 169 23.45 12.65 17.80
CA GLN A 169 22.14 13.14 17.40
C GLN A 169 21.51 14.00 18.47
N GLY A 170 22.00 13.95 19.70
CA GLY A 170 21.34 14.64 20.80
C GLY A 170 19.96 14.11 21.10
N ASP A 171 19.66 12.87 20.73
CA ASP A 171 18.36 12.27 20.97
C ASP A 171 18.27 11.78 22.40
N PRO A 172 17.33 12.26 23.23
CA PRO A 172 17.21 11.69 24.58
C PRO A 172 16.48 10.37 24.63
N ALA A 173 15.76 10.02 23.55
CA ALA A 173 14.89 8.84 23.57
C ALA A 173 15.67 7.59 23.93
N VAL A 174 16.67 7.27 23.12
CA VAL A 174 17.52 6.12 23.43
C VAL A 174 18.39 6.42 24.63
N ALA A 175 18.65 7.71 24.89
CA ALA A 175 19.65 8.09 25.87
C ALA A 175 19.31 7.60 27.27
N ILE A 176 18.13 7.92 27.76
CA ILE A 176 17.81 7.68 29.15
C ILE A 176 17.65 6.20 29.41
N LEU A 177 16.93 5.52 28.53
CA LEU A 177 16.73 4.08 28.66
C LEU A 177 18.03 3.32 28.68
N ALA A 178 19.01 3.76 27.89
CA ALA A 178 20.33 3.14 27.87
C ALA A 178 20.91 3.03 29.26
N VAL A 179 20.76 4.09 30.04
CA VAL A 179 21.21 4.07 31.43
C VAL A 179 20.45 3.02 32.22
N MET A 180 19.13 3.00 32.04
CA MET A 180 18.27 2.14 32.83
C MET A 180 18.59 0.67 32.62
N LEU A 181 19.02 0.29 31.42
CA LEU A 181 19.37 -1.10 31.17
C LEU A 181 20.48 -1.56 32.07
N VAL A 182 21.41 -0.66 32.38
CA VAL A 182 22.52 -1.04 33.22
C VAL A 182 22.02 -1.37 34.62
N LYS A 183 21.05 -0.60 35.10
CA LYS A 183 20.38 -0.96 36.33
C LYS A 183 19.60 -2.24 36.17
N ARG A 184 19.05 -2.45 34.98
CA ARG A 184 18.39 -3.72 34.69
C ARG A 184 19.40 -4.85 34.62
N VAL A 185 20.67 -4.53 34.36
CA VAL A 185 21.73 -5.52 34.44
C VAL A 185 22.14 -5.75 35.88
N ALA A 186 22.24 -4.68 36.65
CA ALA A 186 22.78 -4.76 38.00
C ALA A 186 22.04 -5.77 38.87
N GLU A 187 20.75 -5.98 38.60
CA GLU A 187 20.05 -7.10 39.20
C GLU A 187 20.74 -8.42 38.90
N LEU A 188 21.24 -8.59 37.68
CA LEU A 188 21.86 -9.85 37.29
C LEU A 188 23.17 -10.04 38.01
N LEU A 189 24.03 -9.03 37.89
CA LEU A 189 25.38 -9.10 38.45
C LEU A 189 25.32 -9.32 39.94
N GLU A 190 24.35 -8.70 40.60
CA GLU A 190 24.02 -9.05 41.96
C GLU A 190 23.75 -10.54 42.07
N ASN A 191 22.76 -11.01 41.32
CA ASN A 191 22.17 -12.32 41.59
C ASN A 191 23.14 -13.45 41.33
N ILE A 192 23.97 -13.34 40.29
CA ILE A 192 25.00 -14.34 40.10
C ILE A 192 26.03 -14.23 41.21
N ALA A 193 26.36 -13.01 41.61
CA ALA A 193 27.32 -12.80 42.68
C ALA A 193 26.74 -13.11 44.05
N ARG A 194 25.41 -13.08 44.20
CA ARG A 194 24.80 -13.64 45.39
C ARG A 194 25.18 -15.10 45.55
N GLU A 195 25.14 -15.85 44.45
CA GLU A 195 25.23 -17.30 44.49
C GLU A 195 26.67 -17.79 44.54
N SER A 196 27.46 -17.47 43.52
CA SER A 196 28.80 -18.01 43.43
C SER A 196 29.74 -17.40 44.44
N GLY A 197 29.45 -16.19 44.92
CA GLY A 197 30.26 -15.56 45.94
C GLY A 197 31.59 -15.02 45.46
N SER A 198 31.92 -15.18 44.18
CA SER A 198 33.16 -14.63 43.65
C SER A 198 33.12 -13.12 43.76
N GLU A 199 34.06 -12.56 44.52
CA GLU A 199 34.15 -11.10 44.66
C GLU A 199 34.41 -10.41 43.33
N GLU A 200 34.96 -11.14 42.36
CA GLU A 200 35.16 -10.56 41.04
C GLU A 200 33.84 -10.18 40.39
N ALA A 201 32.85 -11.07 40.48
CA ALA A 201 31.51 -10.72 40.03
C ALA A 201 30.99 -9.51 40.79
N LYS A 202 31.20 -9.49 42.10
CA LYS A 202 30.83 -8.34 42.90
C LYS A 202 31.59 -7.09 42.45
N GLU A 203 32.90 -7.25 42.25
CA GLU A 203 33.70 -6.17 41.68
C GLU A 203 33.15 -5.73 40.33
N ARG A 204 33.01 -6.69 39.41
CA ARG A 204 32.29 -6.45 38.17
C ARG A 204 30.94 -5.81 38.42
N ALA A 205 30.22 -6.30 39.43
CA ALA A 205 28.89 -5.78 39.72
C ALA A 205 28.95 -4.34 40.18
N GLU A 206 29.82 -4.04 41.13
CA GLU A 206 29.91 -2.68 41.68
C GLU A 206 30.28 -1.69 40.58
N ARG A 207 31.30 -2.02 39.79
CA ARG A 207 31.74 -1.13 38.71
C ARG A 207 30.59 -0.82 37.77
N VAL A 208 29.83 -1.84 37.40
CA VAL A 208 28.70 -1.66 36.50
C VAL A 208 27.65 -0.77 37.14
N ARG A 209 27.18 -1.13 38.33
CA ARG A 209 26.16 -0.33 39.00
C ARG A 209 26.66 1.05 39.33
N GLU A 210 27.96 1.18 39.61
CA GLU A 210 28.56 2.49 39.80
C GLU A 210 28.70 3.23 38.49
N GLU A 211 28.80 2.51 37.37
CA GLU A 211 28.97 3.18 36.09
C GLU A 211 27.70 3.93 35.69
N ALA A 212 26.55 3.26 35.82
CA ALA A 212 25.28 3.90 35.44
C ALA A 212 25.03 5.15 36.27
N ARG A 213 25.34 5.08 37.55
CA ARG A 213 25.32 6.25 38.41
C ARG A 213 26.13 7.38 37.81
N GLU A 214 27.27 7.04 37.19
CA GLU A 214 28.08 8.06 36.55
C GLU A 214 27.55 8.41 35.18
N LEU A 215 27.12 7.40 34.42
CA LEU A 215 26.67 7.64 33.05
C LEU A 215 25.43 8.49 32.99
N GLN A 216 24.56 8.42 33.99
CA GLN A 216 23.35 9.23 33.99
C GLN A 216 23.66 10.71 33.97
N GLU A 217 24.82 11.10 34.52
CA GLU A 217 25.24 12.49 34.54
C GLU A 217 25.29 13.06 33.13
N ARG A 218 25.75 12.27 32.17
CA ARG A 218 25.84 12.73 30.79
C ARG A 218 24.47 12.97 30.17
N VAL A 219 23.40 12.46 30.79
CA VAL A 219 22.04 12.62 30.28
C VAL A 219 21.32 13.70 31.08
N LYS A 220 21.72 13.87 32.34
CA LYS A 220 21.19 14.97 33.15
C LYS A 220 21.32 16.30 32.43
N GLU A 221 22.42 16.50 31.71
CA GLU A 221 22.54 17.68 30.87
C GLU A 221 21.59 17.59 29.68
N LEU A 222 21.54 16.43 29.01
CA LEU A 222 20.69 16.28 27.84
C LEU A 222 19.23 16.50 28.19
N LYS A 223 18.84 16.19 29.42
CA LYS A 223 17.49 16.53 29.87
C LYS A 223 17.30 18.03 29.96
N GLU A 224 18.38 18.79 30.10
CA GLU A 224 18.34 20.24 30.08
C GLU A 224 18.59 20.84 28.71
N ARG A 225 19.05 20.04 27.73
CA ARG A 225 19.37 20.57 26.42
C ARG A 225 18.12 20.82 25.59
N ALA A 226 17.38 19.75 25.28
CA ALA A 226 16.26 19.81 24.35
C ALA A 226 14.91 19.74 25.06
N GLY A 227 14.68 18.71 25.87
CA GLY A 227 13.42 18.56 26.56
C GLY A 227 12.30 18.07 25.67
N ALA B 1 -21.49 -34.58 22.88
CA ALA B 1 -22.94 -34.40 22.63
C ALA B 1 -23.68 -34.41 23.95
N GLU B 2 -23.52 -33.32 24.69
CA GLU B 2 -24.10 -33.22 26.03
C GLU B 2 -25.62 -33.35 26.00
N GLU B 3 -26.25 -32.90 24.91
CA GLU B 3 -27.70 -33.02 24.79
C GLU B 3 -28.15 -34.47 24.95
N LEU B 4 -27.45 -35.38 24.26
CA LEU B 4 -27.77 -36.80 24.39
C LEU B 4 -27.38 -37.32 25.76
N LEU B 5 -26.26 -36.84 26.29
CA LEU B 5 -25.72 -37.35 27.54
C LEU B 5 -26.73 -37.17 28.67
N LYS B 6 -27.22 -35.94 28.83
CA LYS B 6 -28.15 -35.66 29.91
C LYS B 6 -29.47 -36.39 29.72
N ARG B 7 -29.95 -36.44 28.49
CA ARG B 7 -31.24 -37.07 28.22
C ARG B 7 -31.19 -38.56 28.55
N VAL B 8 -30.11 -39.23 28.16
CA VAL B 8 -29.93 -40.62 28.56
C VAL B 8 -29.73 -40.70 30.06
N GLU B 9 -28.85 -39.86 30.59
CA GLU B 9 -28.66 -39.78 32.03
C GLU B 9 -29.96 -39.49 32.76
N LYS B 10 -30.84 -38.70 32.14
CA LYS B 10 -32.12 -38.40 32.76
C LYS B 10 -32.97 -39.64 32.89
N LEU B 11 -32.98 -40.49 31.86
CA LEU B 11 -33.79 -41.70 31.88
C LEU B 11 -33.49 -42.57 33.08
N VAL B 12 -32.22 -42.63 33.47
CA VAL B 12 -31.81 -43.45 34.61
C VAL B 12 -32.57 -43.03 35.85
N LYS B 13 -32.54 -41.74 36.15
CA LYS B 13 -33.14 -41.24 37.38
C LYS B 13 -34.64 -41.48 37.40
N GLU B 14 -35.29 -41.34 36.25
CA GLU B 14 -36.71 -41.63 36.18
C GLU B 14 -36.97 -43.10 36.48
N ALA B 15 -36.36 -43.99 35.70
CA ALA B 15 -36.60 -45.41 35.88
C ALA B 15 -36.12 -45.87 37.24
N GLU B 16 -34.97 -45.37 37.67
CA GLU B 16 -34.47 -45.73 38.99
C GLU B 16 -35.39 -45.21 40.08
N GLU B 17 -36.13 -44.13 39.80
CA GLU B 17 -37.15 -43.68 40.72
C GLU B 17 -38.42 -44.50 40.54
N LEU B 18 -38.72 -44.90 39.30
CA LEU B 18 -39.85 -45.80 39.08
C LEU B 18 -39.64 -47.11 39.79
N LEU B 19 -38.38 -47.53 39.92
CA LEU B 19 -38.07 -48.73 40.65
C LEU B 19 -38.60 -48.65 42.07
N ARG B 20 -38.39 -47.52 42.73
CA ARG B 20 -38.80 -47.35 44.11
C ARG B 20 -40.30 -47.23 44.25
N GLN B 21 -40.99 -46.72 43.24
CA GLN B 21 -42.44 -46.74 43.26
C GLN B 21 -42.96 -48.17 43.25
N ALA B 22 -42.23 -49.07 42.59
CA ALA B 22 -42.63 -50.47 42.53
C ALA B 22 -42.34 -51.20 43.82
N MET B 23 -41.20 -50.88 44.45
CA MET B 23 -40.86 -51.52 45.71
C MET B 23 -41.88 -51.19 46.79
N LYS B 24 -42.47 -50.00 46.73
CA LYS B 24 -43.48 -49.61 47.70
C LYS B 24 -44.81 -50.30 47.43
N LYS B 25 -45.11 -50.57 46.17
CA LYS B 25 -46.45 -50.93 45.73
C LYS B 25 -46.51 -52.30 45.04
N GLY B 26 -45.52 -52.62 44.23
CA GLY B 26 -45.47 -53.94 43.61
C GLY B 26 -46.29 -54.06 42.35
N SER B 27 -46.31 -53.02 41.53
CA SER B 27 -47.08 -53.00 40.29
C SER B 27 -46.18 -53.34 39.12
N GLU B 28 -46.53 -54.40 38.39
CA GLU B 28 -45.76 -54.75 37.20
C GLU B 28 -45.86 -53.68 36.13
N GLU B 29 -46.94 -52.88 36.14
CA GLU B 29 -47.05 -51.80 35.17
C GLU B 29 -45.92 -50.80 35.34
N LEU B 30 -45.53 -50.54 36.59
CA LEU B 30 -44.32 -49.75 36.82
C LEU B 30 -43.11 -50.43 36.26
N LEU B 31 -43.09 -51.76 36.27
CA LEU B 31 -41.90 -52.53 35.91
C LEU B 31 -41.81 -52.76 34.42
N GLU B 32 -42.96 -52.99 33.76
CA GLU B 32 -42.99 -53.02 32.31
C GLU B 32 -42.36 -51.77 31.73
N VAL B 33 -42.64 -50.62 32.34
CA VAL B 33 -42.07 -49.36 31.89
C VAL B 33 -40.55 -49.39 31.98
N ALA B 34 -40.01 -49.97 33.04
CA ALA B 34 -38.56 -49.99 33.19
C ALA B 34 -37.89 -50.76 32.07
N LEU B 35 -38.47 -51.88 31.68
CA LEU B 35 -37.99 -52.64 30.53
C LEU B 35 -38.22 -51.93 29.22
N VAL B 36 -38.99 -50.84 29.21
CA VAL B 36 -39.14 -49.98 28.06
C VAL B 36 -38.16 -48.82 28.13
N VAL B 37 -38.07 -48.19 29.30
CA VAL B 37 -37.23 -47.00 29.43
C VAL B 37 -35.77 -47.37 29.27
N ALA B 38 -35.27 -48.20 30.17
CA ALA B 38 -33.85 -48.51 30.16
C ALA B 38 -33.46 -49.27 28.92
N GLN B 39 -34.36 -50.10 28.40
CA GLN B 39 -33.99 -50.91 27.25
C GLN B 39 -33.89 -50.06 26.00
N MET B 40 -34.51 -48.88 26.00
CA MET B 40 -34.25 -47.88 24.97
C MET B 40 -33.08 -46.98 25.32
N ALA B 41 -32.64 -46.96 26.57
CA ALA B 41 -31.42 -46.23 26.90
C ALA B 41 -30.22 -46.81 26.19
N ALA B 42 -30.15 -48.14 26.14
CA ALA B 42 -29.08 -48.80 25.39
C ALA B 42 -29.08 -48.37 23.93
N ARG B 43 -30.26 -48.13 23.36
CA ARG B 43 -30.34 -47.66 22.00
C ARG B 43 -29.63 -46.34 21.85
N GLU B 44 -30.00 -45.37 22.68
CA GLU B 44 -29.47 -44.02 22.57
C GLU B 44 -28.11 -43.88 23.22
N ALA B 45 -27.82 -44.68 24.23
CA ALA B 45 -26.51 -44.63 24.87
C ALA B 45 -25.43 -45.11 23.91
N LYS B 46 -25.66 -46.27 23.31
CA LYS B 46 -24.72 -46.82 22.34
C LYS B 46 -24.44 -45.84 21.20
N LYS B 47 -25.44 -45.05 20.83
CA LYS B 47 -25.24 -44.00 19.84
C LYS B 47 -24.29 -42.94 20.36
N VAL B 48 -24.40 -42.58 21.63
CA VAL B 48 -23.51 -41.58 22.19
C VAL B 48 -22.09 -42.08 22.14
N LEU B 49 -21.91 -43.38 22.32
CA LEU B 49 -20.58 -43.95 22.15
C LEU B 49 -20.12 -43.81 20.72
N THR B 50 -21.03 -44.05 19.78
CA THR B 50 -20.70 -44.03 18.37
C THR B 50 -20.18 -42.65 17.95
N MET B 51 -21.06 -41.65 18.01
CA MET B 51 -20.68 -40.31 17.58
C MET B 51 -19.52 -39.76 18.39
N ALA B 52 -19.37 -40.21 19.62
CA ALA B 52 -18.21 -39.83 20.40
C ALA B 52 -16.97 -40.56 19.92
N GLU B 53 -17.13 -41.81 19.50
CA GLU B 53 -16.00 -42.57 18.98
C GLU B 53 -15.47 -41.98 17.69
N VAL B 54 -16.27 -41.14 17.03
CA VAL B 54 -15.82 -40.48 15.81
C VAL B 54 -14.79 -39.41 16.13
N GLU B 55 -15.20 -38.40 16.88
CA GLU B 55 -14.40 -37.21 17.05
C GLU B 55 -13.15 -37.48 17.88
N GLY B 56 -13.13 -38.57 18.64
CA GLY B 56 -12.02 -38.82 19.54
C GLY B 56 -12.22 -38.08 20.84
N ASP B 57 -13.44 -38.15 21.37
CA ASP B 57 -13.80 -37.51 22.63
C ASP B 57 -13.94 -38.59 23.69
N PRO B 58 -12.84 -39.04 24.31
CA PRO B 58 -12.89 -40.30 25.06
C PRO B 58 -13.65 -40.18 26.36
N GLU B 59 -13.50 -39.06 27.06
CA GLU B 59 -14.08 -38.91 28.40
C GLU B 59 -15.59 -39.05 28.37
N VAL B 60 -16.21 -38.72 27.24
CA VAL B 60 -17.65 -38.86 27.12
C VAL B 60 -18.05 -40.32 27.25
N ALA B 61 -17.29 -41.21 26.60
CA ALA B 61 -17.65 -42.61 26.58
C ALA B 61 -17.56 -43.23 27.95
N LEU B 62 -16.50 -42.90 28.70
CA LEU B 62 -16.35 -43.41 30.05
C LEU B 62 -17.54 -43.02 30.91
N ARG B 63 -18.01 -41.79 30.76
CA ARG B 63 -19.22 -41.34 31.46
C ARG B 63 -20.50 -41.89 30.84
N ALA B 64 -20.40 -42.69 29.78
CA ALA B 64 -21.57 -43.23 29.11
C ALA B 64 -21.70 -44.72 29.38
N VAL B 65 -20.63 -45.46 29.10
CA VAL B 65 -20.65 -46.90 29.29
C VAL B 65 -20.85 -47.23 30.75
N GLU B 66 -20.32 -46.41 31.64
CA GLU B 66 -20.60 -46.55 33.06
C GLU B 66 -22.10 -46.51 33.32
N LEU B 67 -22.83 -45.73 32.53
CA LEU B 67 -24.26 -45.60 32.75
C LEU B 67 -24.99 -46.81 32.20
N VAL B 68 -24.43 -47.45 31.18
CA VAL B 68 -25.00 -48.67 30.66
C VAL B 68 -25.00 -49.73 31.74
N VAL B 69 -23.92 -49.79 32.52
CA VAL B 69 -23.83 -50.77 33.59
C VAL B 69 -24.91 -50.54 34.61
N ARG B 70 -25.19 -49.27 34.92
CA ARG B 70 -26.26 -48.95 35.86
C ARG B 70 -27.59 -49.53 35.39
N VAL B 71 -27.80 -49.57 34.07
CA VAL B 71 -29.00 -50.22 33.56
C VAL B 71 -28.99 -51.68 33.93
N ALA B 72 -27.85 -52.33 33.71
CA ALA B 72 -27.70 -53.73 34.07
C ALA B 72 -27.96 -53.93 35.54
N GLU B 73 -27.53 -53.00 36.38
CA GLU B 73 -27.86 -53.05 37.79
C GLU B 73 -29.36 -52.96 37.98
N LEU B 74 -30.01 -52.13 37.19
CA LEU B 74 -31.45 -51.96 37.33
C LEU B 74 -32.21 -53.15 36.80
N LEU B 75 -31.90 -53.55 35.57
CA LEU B 75 -32.56 -54.70 34.98
C LEU B 75 -32.37 -55.94 35.81
N LEU B 76 -31.23 -56.05 36.48
CA LEU B 76 -31.02 -57.16 37.40
C LEU B 76 -32.07 -57.17 38.48
N ARG B 77 -32.21 -56.05 39.19
CA ARG B 77 -33.18 -55.94 40.27
C ARG B 77 -34.57 -56.31 39.81
N ILE B 78 -34.91 -55.96 38.57
CA ILE B 78 -36.23 -56.30 38.03
C ILE B 78 -36.40 -57.80 38.02
N ALA B 79 -35.46 -58.50 37.38
CA ALA B 79 -35.55 -59.94 37.27
C ALA B 79 -35.50 -60.61 38.63
N LEU B 80 -34.78 -60.02 39.58
CA LEU B 80 -34.81 -60.53 40.95
C LEU B 80 -36.18 -60.34 41.57
N VAL B 81 -36.72 -59.13 41.44
CA VAL B 81 -38.02 -58.84 42.03
C VAL B 81 -39.11 -59.61 41.29
N SER B 82 -38.99 -59.69 39.97
CA SER B 82 -40.03 -60.31 39.17
C SER B 82 -39.84 -61.83 39.10
N GLY B 83 -38.62 -62.27 38.82
CA GLY B 83 -38.33 -63.67 38.61
C GLY B 83 -38.42 -64.14 37.17
N SER B 84 -38.63 -63.23 36.23
CA SER B 84 -38.75 -63.61 34.83
C SER B 84 -37.41 -64.11 34.31
N GLU B 85 -37.38 -65.37 33.85
CA GLU B 85 -36.18 -65.90 33.25
C GLU B 85 -35.80 -65.15 31.97
N GLU B 86 -36.77 -64.56 31.29
CA GLU B 86 -36.45 -63.70 30.16
C GLU B 86 -35.64 -62.50 30.62
N ALA B 87 -36.11 -61.82 31.66
CA ALA B 87 -35.48 -60.60 32.11
C ALA B 87 -34.03 -60.82 32.51
N LEU B 88 -33.73 -62.00 33.08
CA LEU B 88 -32.35 -62.43 33.19
C LEU B 88 -31.69 -62.40 31.82
N GLU B 89 -32.30 -63.08 30.86
CA GLU B 89 -31.72 -63.17 29.53
C GLU B 89 -31.81 -61.85 28.79
N ARG B 90 -32.67 -60.93 29.23
CA ARG B 90 -32.60 -59.57 28.75
C ARG B 90 -31.36 -58.89 29.30
N ALA B 91 -31.28 -58.80 30.63
CA ALA B 91 -30.14 -58.18 31.29
C ALA B 91 -28.84 -58.90 30.95
N LEU B 92 -28.91 -60.18 30.63
CA LEU B 92 -27.73 -60.92 30.22
C LEU B 92 -27.13 -60.31 28.96
N ARG B 93 -27.91 -60.28 27.89
CA ARG B 93 -27.43 -59.82 26.60
C ARG B 93 -26.97 -58.38 26.65
N VAL B 94 -27.75 -57.54 27.32
CA VAL B 94 -27.35 -56.17 27.54
C VAL B 94 -26.02 -56.11 28.25
N ALA B 95 -25.87 -56.91 29.30
CA ALA B 95 -24.63 -56.91 30.06
C ALA B 95 -23.49 -57.44 29.22
N GLU B 96 -23.72 -58.54 28.50
CA GLU B 96 -22.66 -59.12 27.69
C GLU B 96 -22.21 -58.16 26.61
N GLU B 97 -23.16 -57.44 26.00
CA GLU B 97 -22.81 -56.49 24.97
C GLU B 97 -21.99 -55.34 25.52
N ALA B 98 -22.15 -55.04 26.81
CA ALA B 98 -21.33 -54.02 27.44
C ALA B 98 -19.85 -54.37 27.35
N ALA B 99 -19.54 -55.66 27.34
CA ALA B 99 -18.15 -56.09 27.20
C ALA B 99 -17.57 -55.58 25.89
N ARG B 100 -18.27 -55.82 24.78
CA ARG B 100 -17.83 -55.33 23.49
C ARG B 100 -17.68 -53.81 23.51
N LEU B 101 -18.66 -53.12 24.08
CA LEU B 101 -18.62 -51.67 24.13
C LEU B 101 -17.44 -51.19 24.95
N ALA B 102 -17.09 -51.93 25.98
CA ALA B 102 -15.89 -51.61 26.74
C ALA B 102 -14.65 -51.84 25.89
N LYS B 103 -14.55 -53.03 25.30
CA LYS B 103 -13.43 -53.33 24.42
C LYS B 103 -13.40 -52.38 23.24
N ARG B 104 -14.57 -51.91 22.81
CA ARG B 104 -14.65 -50.90 21.76
C ARG B 104 -13.98 -49.62 22.22
N VAL B 105 -14.00 -49.35 23.52
CA VAL B 105 -13.47 -48.10 24.06
C VAL B 105 -11.97 -48.19 24.22
N LEU B 106 -11.46 -49.36 24.57
CA LEU B 106 -10.08 -49.46 25.02
C LEU B 106 -9.12 -49.06 23.92
N GLU B 107 -9.26 -49.66 22.75
CA GLU B 107 -8.34 -49.40 21.66
C GLU B 107 -8.47 -48.00 21.10
N LEU B 108 -9.55 -47.29 21.45
CA LEU B 108 -9.65 -45.89 21.09
C LEU B 108 -8.50 -45.09 21.65
N ALA B 109 -8.30 -45.15 22.96
CA ALA B 109 -7.46 -44.18 23.64
C ALA B 109 -5.99 -44.34 23.26
N GLU B 110 -5.59 -45.54 22.84
CA GLU B 110 -4.21 -45.72 22.38
C GLU B 110 -3.92 -44.84 21.18
N SER B 111 -4.88 -44.69 20.28
CA SER B 111 -4.73 -43.71 19.22
C SER B 111 -4.66 -42.30 19.79
N GLN B 112 -5.36 -42.05 20.89
CA GLN B 112 -5.29 -40.77 21.58
C GLN B 112 -4.13 -40.69 22.56
N GLY B 113 -3.60 -41.84 23.00
CA GLY B 113 -2.56 -41.83 24.00
C GLY B 113 -3.02 -41.40 25.38
N ASP B 114 -4.31 -41.51 25.68
CA ASP B 114 -4.89 -41.07 26.95
C ASP B 114 -5.23 -42.29 27.80
N PRO B 115 -4.31 -42.79 28.62
CA PRO B 115 -4.54 -44.09 29.27
C PRO B 115 -5.55 -44.07 30.40
N GLU B 116 -5.59 -42.98 31.18
CA GLU B 116 -6.42 -42.94 32.39
C GLU B 116 -7.88 -43.22 32.08
N VAL B 117 -8.33 -42.89 30.88
CA VAL B 117 -9.72 -43.14 30.53
C VAL B 117 -9.96 -44.64 30.46
N ALA B 118 -8.93 -45.43 30.20
CA ALA B 118 -9.10 -46.87 30.11
C ALA B 118 -9.45 -47.47 31.46
N LEU B 119 -8.64 -47.16 32.47
CA LEU B 119 -8.61 -47.96 33.68
C LEU B 119 -9.96 -47.98 34.37
N ARG B 120 -10.60 -46.83 34.47
CA ARG B 120 -11.95 -46.80 35.00
C ARG B 120 -12.92 -47.53 34.06
N ALA B 121 -12.63 -47.55 32.76
CA ALA B 121 -13.49 -48.29 31.85
C ALA B 121 -13.30 -49.78 32.01
N VAL B 122 -12.06 -50.20 32.17
CA VAL B 122 -11.76 -51.62 32.36
C VAL B 122 -12.48 -52.15 33.58
N GLU B 123 -12.46 -51.37 34.66
CA GLU B 123 -13.09 -51.83 35.89
C GLU B 123 -14.59 -52.00 35.73
N LEU B 124 -15.21 -51.30 34.79
CA LEU B 124 -16.62 -51.55 34.52
C LEU B 124 -16.86 -52.97 34.07
N VAL B 125 -16.00 -53.48 33.20
CA VAL B 125 -16.10 -54.86 32.75
C VAL B 125 -16.08 -55.80 33.93
N VAL B 126 -15.22 -55.52 34.90
CA VAL B 126 -14.99 -56.43 36.00
C VAL B 126 -16.26 -56.61 36.82
N ARG B 127 -17.00 -55.53 37.01
CA ARG B 127 -18.27 -55.66 37.72
C ARG B 127 -19.25 -56.51 36.95
N VAL B 128 -19.14 -56.53 35.63
CA VAL B 128 -20.06 -57.33 34.84
C VAL B 128 -19.84 -58.80 35.11
N ALA B 129 -18.58 -59.18 35.26
CA ALA B 129 -18.27 -60.53 35.70
C ALA B 129 -18.87 -60.80 37.06
N GLU B 130 -18.68 -59.86 37.99
CA GLU B 130 -19.39 -59.94 39.27
C GLU B 130 -20.88 -59.92 39.05
N LEU B 131 -21.33 -59.19 38.04
CA LEU B 131 -22.76 -59.06 37.82
C LEU B 131 -23.35 -60.38 37.34
N LEU B 132 -22.75 -60.96 36.31
CA LEU B 132 -23.22 -62.25 35.83
C LEU B 132 -23.07 -63.32 36.88
N LEU B 133 -22.03 -63.21 37.70
CA LEU B 133 -21.82 -64.16 38.77
C LEU B 133 -23.04 -64.26 39.65
N LEU B 134 -23.66 -63.11 39.97
CA LEU B 134 -24.90 -63.13 40.72
C LEU B 134 -25.99 -63.83 39.94
N ILE B 135 -25.99 -63.66 38.62
CA ILE B 135 -27.03 -64.26 37.81
C ILE B 135 -26.81 -65.75 37.71
N ALA B 136 -25.56 -66.18 37.56
CA ALA B 136 -25.28 -67.60 37.43
C ALA B 136 -25.65 -68.35 38.70
N LYS B 137 -25.42 -67.73 39.85
CA LYS B 137 -25.81 -68.35 41.12
C LYS B 137 -27.33 -68.42 41.25
N VAL B 138 -28.06 -67.61 40.49
CA VAL B 138 -29.51 -67.68 40.51
C VAL B 138 -30.00 -68.85 39.67
N SER B 139 -29.65 -68.85 38.39
CA SER B 139 -30.09 -69.92 37.50
C SER B 139 -29.33 -71.21 37.79
N GLY B 140 -28.11 -71.10 38.29
CA GLY B 140 -27.25 -72.26 38.46
C GLY B 140 -26.64 -72.79 37.19
N SER B 141 -26.90 -72.15 36.04
CA SER B 141 -26.40 -72.63 34.77
C SER B 141 -24.90 -72.45 34.66
N GLU B 142 -24.30 -73.18 33.72
CA GLU B 142 -22.88 -73.05 33.40
C GLU B 142 -22.64 -72.25 32.13
N GLU B 143 -23.67 -72.04 31.33
CA GLU B 143 -23.58 -71.13 30.19
C GLU B 143 -23.05 -69.78 30.62
N ALA B 144 -23.78 -69.13 31.52
CA ALA B 144 -23.39 -67.80 32.00
C ALA B 144 -22.04 -67.84 32.71
N LEU B 145 -21.74 -68.93 33.41
CA LEU B 145 -20.45 -69.06 34.05
C LEU B 145 -19.34 -69.01 33.02
N GLU B 146 -19.57 -69.61 31.85
CA GLU B 146 -18.58 -69.53 30.78
C GLU B 146 -18.52 -68.12 30.22
N ARG B 147 -19.68 -67.49 30.02
CA ARG B 147 -19.72 -66.10 29.58
C ARG B 147 -18.94 -65.23 30.55
N ALA B 148 -19.20 -65.40 31.84
CA ALA B 148 -18.39 -64.75 32.85
C ALA B 148 -16.92 -65.09 32.70
N LEU B 149 -16.65 -66.37 32.44
CA LEU B 149 -15.27 -66.82 32.39
C LEU B 149 -14.54 -66.21 31.22
N ARG B 150 -15.18 -66.18 30.06
CA ARG B 150 -14.54 -65.65 28.87
C ARG B 150 -14.38 -64.14 28.92
N VAL B 151 -15.31 -63.47 29.57
CA VAL B 151 -15.24 -62.01 29.68
C VAL B 151 -14.00 -61.62 30.46
N ALA B 152 -13.88 -62.12 31.68
CA ALA B 152 -12.85 -61.62 32.57
C ALA B 152 -11.46 -62.00 32.10
N GLU B 153 -11.26 -63.26 31.69
CA GLU B 153 -9.94 -63.64 31.22
C GLU B 153 -9.60 -62.90 29.94
N GLU B 154 -10.59 -62.62 29.11
CA GLU B 154 -10.38 -61.68 28.03
C GLU B 154 -10.12 -60.29 28.59
N ALA B 155 -10.85 -59.91 29.64
CA ALA B 155 -10.60 -58.62 30.26
C ALA B 155 -9.22 -58.57 30.90
N ALA B 156 -8.73 -59.71 31.38
CA ALA B 156 -7.40 -59.76 31.93
C ALA B 156 -6.35 -59.46 30.89
N ARG B 157 -6.54 -59.96 29.66
CA ARG B 157 -5.61 -59.66 28.58
C ARG B 157 -5.51 -58.16 28.34
N LEU B 158 -6.60 -57.43 28.59
CA LEU B 158 -6.66 -56.03 28.20
C LEU B 158 -5.64 -55.20 28.97
N ALA B 159 -5.45 -55.52 30.24
CA ALA B 159 -4.53 -54.75 31.07
C ALA B 159 -3.13 -54.78 30.52
N LYS B 160 -2.76 -55.85 29.82
CA LYS B 160 -1.43 -55.92 29.22
C LYS B 160 -1.25 -54.83 28.17
N ARG B 161 -2.30 -54.52 27.42
CA ARG B 161 -2.26 -53.36 26.56
C ARG B 161 -2.11 -52.09 27.38
N VAL B 162 -2.82 -52.04 28.51
CA VAL B 162 -2.80 -50.85 29.34
C VAL B 162 -1.42 -50.68 29.94
N LEU B 163 -0.90 -51.75 30.52
CA LEU B 163 0.46 -51.75 31.02
C LEU B 163 1.43 -51.40 29.91
N GLU B 164 1.17 -51.91 28.71
CA GLU B 164 1.97 -51.50 27.56
C GLU B 164 1.71 -50.05 27.20
N LEU B 165 0.48 -49.59 27.39
CA LEU B 165 0.17 -48.22 27.06
C LEU B 165 0.87 -47.25 28.00
N ALA B 166 0.96 -47.61 29.27
CA ALA B 166 1.61 -46.72 30.22
C ALA B 166 3.11 -46.65 29.98
N GLU B 167 3.75 -47.80 29.75
CA GLU B 167 5.20 -47.84 29.58
C GLU B 167 5.66 -47.00 28.41
N LYS B 168 4.80 -46.78 27.42
CA LYS B 168 5.08 -45.73 26.44
C LYS B 168 5.23 -44.39 27.15
N GLN B 169 4.15 -43.94 27.78
CA GLN B 169 4.17 -42.66 28.47
C GLN B 169 5.02 -42.69 29.73
N GLY B 170 5.35 -43.89 30.24
CA GLY B 170 6.03 -43.97 31.51
C GLY B 170 5.19 -43.48 32.68
N ASP B 171 3.87 -43.45 32.54
CA ASP B 171 2.99 -42.98 33.60
C ASP B 171 2.78 -44.09 34.62
N PRO B 172 3.14 -43.89 35.91
CA PRO B 172 2.83 -44.93 36.90
C PRO B 172 1.39 -44.94 37.35
N ALA B 173 0.65 -43.86 37.11
CA ALA B 173 -0.70 -43.71 37.66
C ALA B 173 -1.59 -44.88 37.26
N VAL B 174 -1.77 -45.08 35.96
CA VAL B 174 -2.54 -46.22 35.50
C VAL B 174 -1.77 -47.51 35.72
N ALA B 175 -0.44 -47.42 35.82
CA ALA B 175 0.40 -48.61 35.81
C ALA B 175 0.12 -49.52 36.99
N ILE B 176 0.18 -48.98 38.21
CA ILE B 176 0.14 -49.82 39.39
C ILE B 176 -1.25 -50.40 39.58
N LEU B 177 -2.27 -49.56 39.42
CA LEU B 177 -3.64 -50.00 39.56
C LEU B 177 -3.98 -51.12 38.60
N ALA B 178 -3.46 -51.04 37.38
CA ALA B 178 -3.67 -52.08 36.39
C ALA B 178 -3.32 -53.46 36.92
N VAL B 179 -2.23 -53.54 37.66
CA VAL B 179 -1.84 -54.80 38.29
C VAL B 179 -2.88 -55.19 39.32
N MET B 180 -3.31 -54.23 40.13
CA MET B 180 -4.22 -54.52 41.24
C MET B 180 -5.54 -55.08 40.77
N LEU B 181 -6.01 -54.66 39.60
CA LEU B 181 -7.27 -55.16 39.07
C LEU B 181 -7.20 -56.67 38.87
N VAL B 182 -6.04 -57.17 38.50
CA VAL B 182 -5.92 -58.60 38.26
C VAL B 182 -6.09 -59.34 39.58
N LYS B 183 -5.55 -58.79 40.65
CA LYS B 183 -5.82 -59.34 41.97
C LYS B 183 -7.29 -59.16 42.31
N ARG B 184 -7.87 -58.05 41.87
CA ARG B 184 -9.31 -57.86 42.05
C ARG B 184 -10.10 -58.84 41.21
N VAL B 185 -9.49 -59.37 40.15
CA VAL B 185 -10.10 -60.43 39.37
C VAL B 185 -9.92 -61.77 40.06
N ALA B 186 -8.73 -62.00 40.62
CA ALA B 186 -8.40 -63.31 41.16
C ALA B 186 -9.38 -63.78 42.22
N GLU B 187 -10.00 -62.84 42.94
CA GLU B 187 -11.13 -63.18 43.79
C GLU B 187 -12.23 -63.87 42.99
N LEU B 188 -12.49 -63.40 41.77
CA LEU B 188 -13.57 -63.95 40.97
C LEU B 188 -13.23 -65.35 40.51
N LEU B 189 -12.07 -65.48 39.90
CA LEU B 189 -11.65 -66.74 39.32
C LEU B 189 -11.57 -67.81 40.38
N GLU B 190 -11.14 -67.42 41.58
CA GLU B 190 -11.28 -68.28 42.75
C GLU B 190 -12.74 -68.69 42.91
N ASN B 191 -13.62 -67.70 43.06
CA ASN B 191 -14.96 -67.94 43.58
C ASN B 191 -15.80 -68.76 42.62
N ILE B 192 -15.66 -68.54 41.32
CA ILE B 192 -16.34 -69.41 40.38
C ILE B 192 -15.73 -70.80 40.42
N ALA B 193 -14.41 -70.88 40.56
CA ALA B 193 -13.74 -72.16 40.63
C ALA B 193 -13.92 -72.83 41.99
N ARG B 194 -14.24 -72.07 43.02
CA ARG B 194 -14.70 -72.68 44.26
C ARG B 194 -15.93 -73.54 44.00
N GLU B 195 -16.86 -73.01 43.21
CA GLU B 195 -18.20 -73.58 43.08
C GLU B 195 -18.23 -74.72 42.06
N SER B 196 -17.92 -74.40 40.80
CA SER B 196 -18.06 -75.38 39.73
C SER B 196 -17.02 -76.49 39.82
N GLY B 197 -15.88 -76.21 40.45
CA GLY B 197 -14.85 -77.22 40.61
C GLY B 197 -14.07 -77.56 39.36
N SER B 198 -14.38 -76.95 38.23
CA SER B 198 -13.61 -77.19 37.01
C SER B 198 -12.17 -76.72 37.22
N GLU B 199 -11.24 -77.66 37.11
CA GLU B 199 -9.82 -77.34 37.26
C GLU B 199 -9.37 -76.34 36.20
N GLU B 200 -10.08 -76.28 35.07
CA GLU B 200 -9.73 -75.30 34.04
C GLU B 200 -9.88 -73.88 34.57
N ALA B 201 -10.98 -73.60 35.27
CA ALA B 201 -11.11 -72.32 35.93
C ALA B 201 -9.99 -72.10 36.92
N LYS B 202 -9.64 -73.13 37.68
CA LYS B 202 -8.50 -73.05 38.58
C LYS B 202 -7.22 -72.81 37.81
N GLU B 203 -7.02 -73.57 36.72
CA GLU B 203 -5.89 -73.32 35.83
C GLU B 203 -5.92 -71.89 35.32
N ARG B 204 -7.04 -71.49 34.71
CA ARG B 204 -7.26 -70.09 34.36
C ARG B 204 -6.99 -69.19 35.56
N ALA B 205 -7.44 -69.60 36.75
CA ALA B 205 -7.28 -68.77 37.93
C ALA B 205 -5.82 -68.63 38.31
N GLU B 206 -5.10 -69.74 38.36
CA GLU B 206 -3.71 -69.70 38.78
C GLU B 206 -2.88 -68.85 37.82
N ARG B 207 -3.05 -69.08 36.51
CA ARG B 207 -2.32 -68.32 35.51
C ARG B 207 -2.53 -66.83 35.68
N VAL B 208 -3.78 -66.43 35.91
CA VAL B 208 -4.10 -65.03 36.10
C VAL B 208 -3.43 -64.49 37.35
N ARG B 209 -3.67 -65.13 38.49
CA ARG B 209 -3.08 -64.66 39.74
C ARG B 209 -1.58 -64.75 39.71
N GLU B 210 -1.04 -65.73 38.99
CA GLU B 210 0.40 -65.80 38.79
C GLU B 210 0.88 -64.74 37.82
N GLU B 211 0.02 -64.28 36.93
CA GLU B 211 0.44 -63.27 35.96
C GLU B 211 0.69 -61.94 36.63
N ALA B 212 -0.22 -61.50 37.50
CA ALA B 212 -0.06 -60.22 38.19
C ALA B 212 1.20 -60.21 39.03
N ARG B 213 1.48 -61.33 39.69
CA ARG B 213 2.74 -61.51 40.39
C ARG B 213 3.92 -61.23 39.47
N GLU B 214 3.79 -61.64 38.21
CA GLU B 214 4.86 -61.38 37.24
C GLU B 214 4.76 -59.97 36.69
N LEU B 215 3.55 -59.51 36.39
CA LEU B 215 3.37 -58.20 35.77
C LEU B 215 3.81 -57.07 36.68
N GLN B 216 3.69 -57.24 37.99
CA GLN B 216 4.11 -56.18 38.91
C GLN B 216 5.58 -55.88 38.77
N GLU B 217 6.39 -56.86 38.36
CA GLU B 217 7.81 -56.68 38.17
C GLU B 217 8.10 -55.55 37.19
N ARG B 218 7.29 -55.44 36.13
CA ARG B 218 7.47 -54.39 35.15
C ARG B 218 7.18 -53.01 35.70
N VAL B 219 6.53 -52.92 36.87
CA VAL B 219 6.20 -51.64 37.49
C VAL B 219 7.15 -51.37 38.64
N LYS B 220 7.68 -52.43 39.25
CA LYS B 220 8.73 -52.28 40.26
C LYS B 220 9.87 -51.42 39.76
N GLU B 221 10.22 -51.56 38.49
CA GLU B 221 11.20 -50.66 37.88
C GLU B 221 10.61 -49.26 37.72
N LEU B 222 9.38 -49.17 37.21
CA LEU B 222 8.77 -47.86 37.00
C LEU B 222 8.63 -47.09 38.31
N LYS B 223 8.47 -47.79 39.43
CA LYS B 223 8.49 -47.13 40.72
C LYS B 223 9.87 -46.55 41.01
N GLU B 224 10.92 -47.08 40.40
CA GLU B 224 12.26 -46.56 40.52
C GLU B 224 12.62 -45.57 39.41
N ARG B 225 11.81 -45.47 38.36
CA ARG B 225 12.14 -44.58 37.24
C ARG B 225 11.85 -43.13 37.58
N ALA B 226 10.58 -42.80 37.81
CA ALA B 226 10.14 -41.42 37.98
C ALA B 226 9.83 -41.06 39.42
N GLY B 227 8.96 -41.83 40.08
CA GLY B 227 8.59 -41.55 41.46
C GLY B 227 7.65 -40.38 41.61
N ALA C 1 1.54 -22.01 30.79
CA ALA C 1 1.36 -23.38 30.25
C ALA C 1 0.24 -24.07 31.00
N GLU C 2 -0.99 -23.64 30.70
CA GLU C 2 -2.16 -24.14 31.41
C GLU C 2 -2.32 -25.64 31.24
N GLU C 3 -1.88 -26.19 30.09
CA GLU C 3 -1.98 -27.63 29.87
C GLU C 3 -1.26 -28.39 30.97
N LEU C 4 -0.05 -27.96 31.31
CA LEU C 4 0.68 -28.60 32.39
C LEU C 4 0.05 -28.30 33.73
N LEU C 5 -0.47 -27.09 33.90
CA LEU C 5 -1.00 -26.67 35.19
C LEU C 5 -2.15 -27.56 35.62
N LYS C 6 -3.12 -27.75 34.75
CA LYS C 6 -4.28 -28.56 35.09
C LYS C 6 -3.90 -30.02 35.28
N ARG C 7 -3.02 -30.53 34.43
CA ARG C 7 -2.64 -31.93 34.52
C ARG C 7 -1.96 -32.23 35.84
N VAL C 8 -1.05 -31.35 36.27
CA VAL C 8 -0.45 -31.49 37.58
C VAL C 8 -1.50 -31.29 38.66
N GLU C 9 -2.28 -30.22 38.53
CA GLU C 9 -3.39 -29.97 39.44
C GLU C 9 -4.35 -31.14 39.48
N LYS C 10 -4.53 -31.82 38.35
CA LYS C 10 -5.41 -32.98 38.31
C LYS C 10 -4.87 -34.10 39.18
N LEU C 11 -3.56 -34.34 39.14
CA LEU C 11 -2.95 -35.42 39.92
C LEU C 11 -3.27 -35.29 41.39
N VAL C 12 -3.31 -34.06 41.89
CA VAL C 12 -3.58 -33.83 43.31
C VAL C 12 -4.92 -34.44 43.69
N LYS C 13 -5.95 -34.10 42.93
CA LYS C 13 -7.30 -34.53 43.27
C LYS C 13 -7.43 -36.03 43.21
N GLU C 14 -6.76 -36.67 42.25
CA GLU C 14 -6.77 -38.12 42.19
C GLU C 14 -6.12 -38.71 43.44
N ALA C 15 -4.86 -38.36 43.67
CA ALA C 15 -4.14 -38.91 44.81
C ALA C 15 -4.81 -38.52 46.12
N GLU C 16 -5.25 -37.28 46.22
CA GLU C 16 -5.94 -36.83 47.42
C GLU C 16 -7.25 -37.58 47.60
N GLU C 17 -7.84 -38.05 46.50
CA GLU C 17 -9.00 -38.91 46.59
C GLU C 17 -8.57 -40.35 46.88
N LEU C 18 -7.44 -40.77 46.32
CA LEU C 18 -6.90 -42.08 46.64
C LEU C 18 -6.57 -42.18 48.12
N LEU C 19 -6.19 -41.05 48.72
CA LEU C 19 -5.93 -41.01 50.14
C LEU C 19 -7.15 -41.47 50.92
N ARG C 20 -8.33 -40.98 50.54
CA ARG C 20 -9.55 -41.29 51.26
C ARG C 20 -10.00 -42.73 51.01
N GLN C 21 -9.67 -43.29 49.86
CA GLN C 21 -9.92 -44.71 49.66
C GLN C 21 -9.10 -45.55 50.62
N ALA C 22 -7.91 -45.08 50.98
CA ALA C 22 -7.06 -45.80 51.90
C ALA C 22 -7.54 -45.66 53.34
N MET C 23 -8.00 -44.47 53.70
CA MET C 23 -8.50 -44.24 55.04
C MET C 23 -9.71 -45.13 55.34
N LYS C 24 -10.52 -45.42 54.32
CA LYS C 24 -11.67 -46.29 54.51
C LYS C 24 -11.26 -47.75 54.61
N LYS C 25 -10.18 -48.14 53.94
CA LYS C 25 -9.86 -49.55 53.71
C LYS C 25 -8.50 -49.94 54.25
N GLY C 26 -7.50 -49.07 54.15
CA GLY C 26 -6.19 -49.35 54.72
C GLY C 26 -5.31 -50.22 53.84
N SER C 27 -5.35 -50.01 52.54
CA SER C 27 -4.55 -50.78 51.59
C SER C 27 -3.29 -50.01 51.22
N GLU C 28 -2.13 -50.63 51.48
CA GLU C 28 -0.88 -50.01 51.09
C GLU C 28 -0.75 -49.87 49.58
N GLU C 29 -1.45 -50.73 48.82
CA GLU C 29 -1.41 -50.61 47.37
C GLU C 29 -1.98 -49.26 46.93
N LEU C 30 -3.02 -48.79 47.61
CA LEU C 30 -3.48 -47.43 47.38
C LEU C 30 -2.41 -46.41 47.72
N LEU C 31 -1.59 -46.72 48.71
CA LEU C 31 -0.63 -45.76 49.24
C LEU C 31 0.67 -45.77 48.45
N GLU C 32 1.11 -46.95 48.01
CA GLU C 32 2.23 -47.03 47.07
C GLU C 32 1.99 -46.14 45.87
N VAL C 33 0.75 -46.12 45.38
CA VAL C 33 0.40 -45.27 44.25
C VAL C 33 0.63 -43.81 44.57
N ALA C 34 0.28 -43.38 45.78
CA ALA C 34 0.43 -41.98 46.13
C ALA C 34 1.88 -41.54 46.08
N LEU C 35 2.78 -42.39 46.56
CA LEU C 35 4.20 -42.12 46.46
C LEU C 35 4.72 -42.22 45.03
N VAL C 36 3.90 -42.71 44.10
CA VAL C 36 4.21 -42.68 42.68
C VAL C 36 3.59 -41.45 42.03
N VAL C 37 2.33 -41.18 42.34
CA VAL C 37 1.63 -40.08 41.68
C VAL C 37 2.24 -38.75 42.09
N ALA C 38 2.17 -38.44 43.37
CA ALA C 38 2.61 -37.13 43.83
C ALA C 38 4.10 -36.97 43.66
N GLN C 39 4.86 -38.04 43.78
CA GLN C 39 6.29 -37.92 43.69
C GLN C 39 6.74 -37.65 42.25
N MET C 40 5.88 -37.97 41.27
CA MET C 40 6.08 -37.50 39.91
C MET C 40 5.46 -36.14 39.66
N ALA C 41 4.57 -35.69 40.53
CA ALA C 41 4.07 -34.32 40.40
C ALA C 41 5.19 -33.31 40.58
N ALA C 42 6.08 -33.56 41.55
CA ALA C 42 7.25 -32.70 41.71
C ALA C 42 8.08 -32.64 40.45
N ARG C 43 8.15 -33.74 39.71
CA ARG C 43 8.89 -33.74 38.45
C ARG C 43 8.28 -32.74 37.49
N GLU C 44 6.98 -32.85 37.26
CA GLU C 44 6.32 -32.02 36.27
C GLU C 44 5.98 -30.64 36.82
N ALA C 45 5.75 -30.53 38.12
CA ALA C 45 5.47 -29.23 38.70
C ALA C 45 6.68 -28.32 38.62
N LYS C 46 7.84 -28.83 39.04
CA LYS C 46 9.07 -28.07 38.97
C LYS C 46 9.37 -27.60 37.56
N LYS C 47 8.98 -28.40 36.56
CA LYS C 47 9.10 -27.98 35.17
C LYS C 47 8.21 -26.78 34.89
N VAL C 48 7.00 -26.77 35.43
CA VAL C 48 6.10 -25.65 35.19
C VAL C 48 6.70 -24.40 35.76
N LEU C 49 7.42 -24.52 36.87
CA LEU C 49 8.13 -23.38 37.40
C LEU C 49 9.22 -22.94 36.45
N THR C 50 9.91 -23.90 35.86
CA THR C 50 11.03 -23.61 34.98
C THR C 50 10.58 -22.80 33.77
N MET C 51 9.74 -23.40 32.92
CA MET C 51 9.30 -22.73 31.71
C MET C 51 8.54 -21.45 32.02
N ALA C 52 7.91 -21.39 33.19
CA ALA C 52 7.28 -20.14 33.61
C ALA C 52 8.32 -19.13 34.04
N GLU C 53 9.40 -19.59 34.67
CA GLU C 53 10.47 -18.70 35.07
C GLU C 53 11.18 -18.07 33.87
N VAL C 54 11.01 -18.66 32.69
CA VAL C 54 11.59 -18.10 31.48
C VAL C 54 10.86 -16.83 31.07
N GLU C 55 9.58 -16.98 30.74
CA GLU C 55 8.84 -15.90 30.10
C GLU C 55 8.60 -14.73 31.04
N GLY C 56 8.71 -14.95 32.35
CA GLY C 56 8.39 -13.91 33.30
C GLY C 56 6.90 -13.91 33.57
N ASP C 57 6.33 -15.09 33.76
CA ASP C 57 4.90 -15.25 34.06
C ASP C 57 4.76 -15.61 35.52
N PRO C 58 4.76 -14.63 36.43
CA PRO C 58 4.97 -14.97 37.85
C PRO C 58 3.78 -15.65 38.49
N GLU C 59 2.57 -15.22 38.15
CA GLU C 59 1.36 -15.70 38.81
C GLU C 59 1.21 -17.20 38.64
N VAL C 60 1.75 -17.76 37.56
CA VAL C 60 1.69 -19.19 37.34
C VAL C 60 2.43 -19.92 38.45
N ALA C 61 3.61 -19.42 38.80
CA ALA C 61 4.45 -20.11 39.78
C ALA C 61 3.80 -20.12 41.15
N LEU C 62 3.23 -19.00 41.56
CA LEU C 62 2.55 -18.94 42.84
C LEU C 62 1.44 -19.98 42.92
N ARG C 63 0.70 -20.15 41.83
CA ARG C 63 -0.31 -21.18 41.76
C ARG C 63 0.26 -22.57 41.55
N ALA C 64 1.59 -22.70 41.47
CA ALA C 64 2.23 -23.98 41.25
C ALA C 64 2.95 -24.46 42.50
N VAL C 65 3.81 -23.61 43.04
CA VAL C 65 4.57 -23.96 44.23
C VAL C 65 3.64 -24.20 45.39
N GLU C 66 2.53 -23.45 45.44
CA GLU C 66 1.49 -23.72 46.43
C GLU C 66 1.01 -25.16 46.33
N LEU C 67 0.99 -25.71 45.13
CA LEU C 67 0.50 -27.07 44.94
C LEU C 67 1.54 -28.08 45.34
N VAL C 68 2.82 -27.70 45.25
CA VAL C 68 3.88 -28.57 45.72
C VAL C 68 3.73 -28.79 47.21
N VAL C 69 3.36 -27.73 47.94
CA VAL C 69 3.19 -27.85 49.38
C VAL C 69 2.08 -28.83 49.70
N ARG C 70 0.99 -28.79 48.90
CA ARG C 70 -0.10 -29.72 49.11
C ARG C 70 0.38 -31.16 49.01
N VAL C 71 1.37 -31.41 48.16
CA VAL C 71 1.96 -32.74 48.11
C VAL C 71 2.60 -33.07 49.43
N ALA C 72 3.37 -32.12 49.95
CA ALA C 72 4.00 -32.30 51.25
C ALA C 72 2.97 -32.57 52.32
N GLU C 73 1.82 -31.90 52.24
CA GLU C 73 0.73 -32.20 53.15
C GLU C 73 0.26 -33.63 52.96
N LEU C 74 0.23 -34.09 51.72
CA LEU C 74 -0.24 -35.43 51.45
C LEU C 74 0.79 -36.47 51.87
N LEU C 75 2.02 -36.30 51.41
CA LEU C 75 3.07 -37.24 51.77
C LEU C 75 3.27 -37.32 53.27
N LEU C 76 3.01 -36.21 53.97
CA LEU C 76 3.06 -36.24 55.41
C LEU C 76 2.06 -37.25 55.95
N ARG C 77 0.79 -37.11 55.56
CA ARG C 77 -0.26 -37.99 56.04
C ARG C 77 0.08 -39.44 55.77
N ILE C 78 0.74 -39.71 54.65
CA ILE C 78 1.14 -41.09 54.33
C ILE C 78 2.06 -41.61 55.41
N ALA C 79 3.14 -40.89 55.67
CA ALA C 79 4.11 -41.32 56.65
C ALA C 79 3.51 -41.40 58.04
N LEU C 80 2.54 -40.53 58.34
CA LEU C 80 1.83 -40.64 59.60
C LEU C 80 1.00 -41.91 59.64
N VAL C 81 0.24 -42.15 58.58
CA VAL C 81 -0.61 -43.33 58.54
C VAL C 81 0.24 -44.59 58.45
N SER C 82 1.31 -44.52 57.66
CA SER C 82 2.13 -45.70 57.44
C SER C 82 3.17 -45.88 58.53
N GLY C 83 3.87 -44.80 58.88
CA GLY C 83 4.96 -44.87 59.83
C GLY C 83 6.33 -45.11 59.23
N SER C 84 6.43 -45.12 57.90
CA SER C 84 7.72 -45.36 57.25
C SER C 84 8.66 -44.19 57.50
N GLU C 85 9.79 -44.47 58.14
CA GLU C 85 10.80 -43.44 58.34
C GLU C 85 11.37 -42.94 57.02
N GLU C 86 11.34 -43.75 55.98
CA GLU C 86 11.71 -43.27 54.66
C GLU C 86 10.75 -42.19 54.20
N ALA C 87 9.45 -42.46 54.31
CA ALA C 87 8.45 -41.54 53.78
C ALA C 87 8.54 -40.18 54.46
N LEU C 88 8.90 -40.15 55.74
CA LEU C 88 9.33 -38.90 56.35
C LEU C 88 10.47 -38.29 55.56
N GLU C 89 11.52 -39.07 55.33
CA GLU C 89 12.68 -38.57 54.62
C GLU C 89 12.40 -38.36 53.15
N ARG C 90 11.33 -38.97 52.62
CA ARG C 90 10.85 -38.58 51.30
C ARG C 90 10.22 -37.21 51.36
N ALA C 91 9.18 -37.07 52.17
CA ALA C 91 8.49 -35.80 52.33
C ALA C 91 9.42 -34.72 52.85
N LEU C 92 10.45 -35.10 53.59
CA LEU C 92 11.43 -34.14 54.05
C LEU C 92 12.11 -33.45 52.89
N ARG C 93 12.77 -34.23 52.03
CA ARG C 93 13.55 -33.67 50.94
C ARG C 93 12.69 -32.89 49.97
N VAL C 94 11.51 -33.43 49.66
CA VAL C 94 10.54 -32.71 48.85
C VAL C 94 10.21 -31.39 49.50
N ALA C 95 9.94 -31.41 50.79
CA ALA C 95 9.58 -30.18 51.49
C ALA C 95 10.75 -29.22 51.53
N GLU C 96 11.95 -29.73 51.83
CA GLU C 96 13.11 -28.86 51.91
C GLU C 96 13.41 -28.22 50.56
N GLU C 97 13.25 -28.99 49.48
CA GLU C 97 13.49 -28.45 48.16
C GLU C 97 12.49 -27.37 47.80
N ALA C 98 11.31 -27.42 48.39
CA ALA C 98 10.32 -26.35 48.18
C ALA C 98 10.87 -25.01 48.63
N ALA C 99 11.75 -25.01 49.63
CA ALA C 99 12.37 -23.77 50.07
C ALA C 99 13.13 -23.12 48.94
N ARG C 100 14.01 -23.89 48.30
CA ARG C 100 14.75 -23.37 47.15
C ARG C 100 13.81 -22.87 46.06
N LEU C 101 12.77 -23.64 45.77
CA LEU C 101 11.82 -23.26 44.73
C LEU C 101 11.12 -21.98 45.10
N ALA C 102 10.85 -21.79 46.38
CA ALA C 102 10.29 -20.52 46.83
C ALA C 102 11.29 -19.40 46.66
N LYS C 103 12.50 -19.60 47.17
CA LYS C 103 13.56 -18.61 47.00
C LYS C 103 13.86 -18.39 45.53
N ARG C 104 13.69 -19.42 44.72
CA ARG C 104 13.82 -19.28 43.28
C ARG C 104 12.80 -18.32 42.73
N VAL C 105 11.63 -18.24 43.37
CA VAL C 105 10.54 -17.41 42.88
C VAL C 105 10.73 -15.97 43.30
N LEU C 106 11.29 -15.75 44.48
CA LEU C 106 11.25 -14.42 45.07
C LEU C 106 12.01 -13.42 44.21
N GLU C 107 13.24 -13.72 43.88
CA GLU C 107 14.08 -12.80 43.13
C GLU C 107 13.59 -12.62 41.69
N LEU C 108 12.69 -13.48 41.23
CA LEU C 108 12.07 -13.25 39.93
C LEU C 108 11.34 -11.93 39.90
N ALA C 109 10.41 -11.72 40.83
CA ALA C 109 9.44 -10.65 40.69
C ALA C 109 10.09 -9.28 40.81
N GLU C 110 11.24 -9.18 41.49
CA GLU C 110 11.93 -7.91 41.55
C GLU C 110 12.33 -7.43 40.17
N SER C 111 12.74 -8.35 39.30
CA SER C 111 12.96 -8.01 37.91
C SER C 111 11.67 -7.59 37.24
N GLN C 112 10.54 -8.18 37.67
CA GLN C 112 9.23 -7.79 37.18
C GLN C 112 8.64 -6.62 37.95
N GLY C 113 9.12 -6.36 39.16
CA GLY C 113 8.54 -5.34 39.99
C GLY C 113 7.15 -5.63 40.49
N ASP C 114 6.76 -6.91 40.56
CA ASP C 114 5.42 -7.34 40.97
C ASP C 114 5.48 -7.93 42.37
N PRO C 115 5.34 -7.14 43.43
CA PRO C 115 5.62 -7.64 44.77
C PRO C 115 4.58 -8.59 45.33
N GLU C 116 3.29 -8.36 45.03
CA GLU C 116 2.22 -9.12 45.65
C GLU C 116 2.35 -10.61 45.41
N VAL C 117 2.99 -11.00 44.30
CA VAL C 117 3.17 -12.41 44.04
C VAL C 117 4.12 -13.02 45.07
N ALA C 118 4.99 -12.20 45.64
CA ALA C 118 5.93 -12.72 46.63
C ALA C 118 5.23 -13.15 47.90
N LEU C 119 4.41 -12.28 48.46
CA LEU C 119 4.01 -12.40 49.84
C LEU C 119 3.26 -13.69 50.09
N ARG C 120 2.35 -14.05 49.19
CA ARG C 120 1.70 -15.34 49.29
C ARG C 120 2.68 -16.48 49.07
N ALA C 121 3.74 -16.24 48.29
CA ALA C 121 4.74 -17.27 48.09
C ALA C 121 5.60 -17.44 49.34
N VAL C 122 5.96 -16.32 49.96
CA VAL C 122 6.75 -16.37 51.17
C VAL C 122 6.03 -17.16 52.25
N GLU C 123 4.74 -16.93 52.38
CA GLU C 123 3.98 -17.61 53.42
C GLU C 123 3.95 -19.12 53.20
N LEU C 124 4.12 -19.57 51.96
CA LEU C 124 4.22 -21.01 51.73
C LEU C 124 5.42 -21.60 52.46
N VAL C 125 6.54 -20.90 52.41
CA VAL C 125 7.73 -21.34 53.13
C VAL C 125 7.45 -21.52 54.60
N VAL C 126 6.68 -20.59 55.16
CA VAL C 126 6.46 -20.56 56.59
C VAL C 126 5.74 -21.80 57.04
N ARG C 127 4.77 -22.27 56.26
CA ARG C 127 4.10 -23.51 56.60
C ARG C 127 5.04 -24.68 56.57
N VAL C 128 6.08 -24.61 55.75
CA VAL C 128 7.01 -25.72 55.67
C VAL C 128 7.78 -25.84 56.96
N ALA C 129 8.11 -24.70 57.56
CA ALA C 129 8.69 -24.72 58.89
C ALA C 129 7.72 -25.33 59.88
N GLU C 130 6.45 -24.90 59.82
CA GLU C 130 5.42 -25.57 60.60
C GLU C 130 5.31 -27.02 60.20
N LEU C 131 5.53 -27.31 58.92
CA LEU C 131 5.37 -28.67 58.46
C LEU C 131 6.46 -29.57 59.01
N LEU C 132 7.72 -29.16 58.88
CA LEU C 132 8.81 -29.93 59.43
C LEU C 132 8.71 -30.02 60.95
N LEU C 133 8.21 -28.96 61.56
CA LEU C 133 8.02 -28.94 63.00
C LEU C 133 7.19 -30.14 63.44
N LEU C 134 6.13 -30.45 62.71
CA LEU C 134 5.36 -31.64 63.01
C LEU C 134 6.20 -32.89 62.82
N ILE C 135 7.10 -32.88 61.84
CA ILE C 135 7.91 -34.05 61.59
C ILE C 135 8.97 -34.20 62.67
N ALA C 136 9.55 -33.09 63.10
CA ALA C 136 10.60 -33.16 64.11
C ALA C 136 10.05 -33.68 65.43
N LYS C 137 8.82 -33.26 65.77
CA LYS C 137 8.19 -33.76 66.97
C LYS C 137 7.86 -35.24 66.86
N VAL C 138 7.80 -35.78 65.65
CA VAL C 138 7.57 -37.21 65.49
C VAL C 138 8.86 -37.98 65.73
N SER C 139 9.90 -37.67 64.94
CA SER C 139 11.16 -38.38 65.09
C SER C 139 11.89 -37.94 66.35
N GLY C 140 11.65 -36.70 66.80
CA GLY C 140 12.40 -36.16 67.91
C GLY C 140 13.81 -35.72 67.57
N SER C 141 14.23 -35.85 66.32
CA SER C 141 15.58 -35.52 65.92
C SER C 141 15.82 -34.02 65.95
N GLU C 142 17.09 -33.63 65.98
CA GLU C 142 17.49 -32.24 65.91
C GLU C 142 17.99 -31.84 64.53
N GLU C 143 18.30 -32.81 63.68
CA GLU C 143 18.61 -32.54 62.28
C GLU C 143 17.52 -31.69 61.65
N ALA C 144 16.29 -32.22 61.62
CA ALA C 144 15.18 -31.51 61.02
C ALA C 144 14.89 -30.20 61.73
N LEU C 145 15.10 -30.15 63.04
CA LEU C 145 14.93 -28.90 63.77
C LEU C 145 15.87 -27.84 63.24
N GLU C 146 17.09 -28.24 62.89
CA GLU C 146 18.02 -27.29 62.29
C GLU C 146 17.57 -26.91 60.90
N ARG C 147 17.13 -27.89 60.11
CA ARG C 147 16.58 -27.61 58.79
C ARG C 147 15.43 -26.62 58.90
N ALA C 148 14.51 -26.87 59.83
CA ALA C 148 13.48 -25.91 60.13
C ALA C 148 14.07 -24.58 60.54
N LEU C 149 15.11 -24.61 61.35
CA LEU C 149 15.68 -23.39 61.89
C LEU C 149 16.30 -22.55 60.79
N ARG C 150 17.05 -23.21 59.89
CA ARG C 150 17.74 -22.49 58.84
C ARG C 150 16.78 -21.98 57.79
N VAL C 151 15.70 -22.71 57.56
CA VAL C 151 14.71 -22.29 56.57
C VAL C 151 14.09 -20.97 56.98
N ALA C 152 13.50 -20.94 58.16
CA ALA C 152 12.70 -19.80 58.56
C ALA C 152 13.53 -18.55 58.75
N GLU C 153 14.66 -18.67 59.44
CA GLU C 153 15.50 -17.49 59.63
C GLU C 153 16.05 -17.01 58.31
N GLU C 154 16.35 -17.93 57.40
CA GLU C 154 16.60 -17.53 56.03
C GLU C 154 15.35 -16.93 55.41
N ALA C 155 14.19 -17.52 55.69
CA ALA C 155 12.95 -16.96 55.19
C ALA C 155 12.68 -15.60 55.78
N ALA C 156 13.12 -15.38 57.02
CA ALA C 156 12.96 -14.08 57.64
C ALA C 156 13.75 -13.01 56.91
N ARG C 157 14.95 -13.35 56.46
CA ARG C 157 15.74 -12.40 55.67
C ARG C 157 15.01 -11.96 54.43
N LEU C 158 14.18 -12.84 53.87
CA LEU C 158 13.57 -12.57 52.57
C LEU C 158 12.64 -11.38 52.63
N ALA C 159 11.91 -11.23 53.72
CA ALA C 159 10.96 -10.13 53.85
C ALA C 159 11.64 -8.78 53.73
N LYS C 160 12.91 -8.70 54.13
CA LYS C 160 13.63 -7.45 54.00
C LYS C 160 13.78 -7.04 52.56
N ARG C 161 13.97 -8.02 51.66
CA ARG C 161 13.90 -7.71 50.24
C ARG C 161 12.51 -7.24 49.87
N VAL C 162 11.50 -7.88 50.44
CA VAL C 162 10.13 -7.56 50.11
C VAL C 162 9.80 -6.17 50.60
N LEU C 163 10.13 -5.91 51.86
CA LEU C 163 9.98 -4.56 52.40
C LEU C 163 10.77 -3.57 51.58
N GLU C 164 11.96 -3.97 51.13
CA GLU C 164 12.72 -3.13 50.21
C GLU C 164 12.03 -3.06 48.86
N LEU C 165 11.38 -4.13 48.44
CA LEU C 165 10.71 -4.13 47.15
C LEU C 165 9.52 -3.18 47.17
N ALA C 166 8.79 -3.14 48.27
CA ALA C 166 7.63 -2.27 48.36
C ALA C 166 8.03 -0.81 48.38
N GLU C 167 9.03 -0.47 49.19
CA GLU C 167 9.44 0.92 49.35
C GLU C 167 9.88 1.54 48.03
N LYS C 168 10.35 0.74 47.08
CA LYS C 168 10.47 1.22 45.72
C LYS C 168 9.14 1.71 45.21
N GLN C 169 8.18 0.79 45.12
CA GLN C 169 6.85 1.12 44.61
C GLN C 169 6.07 1.98 45.61
N GLY C 170 6.49 2.03 46.87
CA GLY C 170 5.69 2.69 47.88
C GLY C 170 4.36 2.04 48.13
N ASP C 171 4.21 0.75 47.81
CA ASP C 171 2.95 0.04 48.01
C ASP C 171 2.85 -0.40 49.45
N PRO C 172 1.81 0.03 50.20
CA PRO C 172 1.66 -0.49 51.57
C PRO C 172 1.06 -1.88 51.65
N ALA C 173 0.45 -2.35 50.56
CA ALA C 173 -0.29 -3.60 50.59
C ALA C 173 0.58 -4.75 51.05
N VAL C 174 1.66 -5.01 50.32
CA VAL C 174 2.59 -6.04 50.73
C VAL C 174 3.37 -5.61 51.96
N ALA C 175 3.47 -4.29 52.17
CA ALA C 175 4.36 -3.76 53.18
C ALA C 175 3.99 -4.22 54.58
N ILE C 176 2.75 -4.00 54.98
CA ILE C 176 2.38 -4.20 56.38
C ILE C 176 2.36 -5.68 56.70
N LEU C 177 1.75 -6.47 55.82
CA LEU C 177 1.69 -7.92 56.01
C LEU C 177 3.06 -8.53 56.14
N ALA C 178 4.04 -8.03 55.39
CA ALA C 178 5.41 -8.52 55.47
C ALA C 178 5.92 -8.49 56.90
N VAL C 179 5.61 -7.43 57.63
CA VAL C 179 5.99 -7.35 59.02
C VAL C 179 5.27 -8.41 59.82
N MET C 180 3.98 -8.58 59.57
CA MET C 180 3.17 -9.50 60.35
C MET C 180 3.64 -10.93 60.25
N LEU C 181 4.18 -11.33 59.09
CA LEU C 181 4.68 -12.67 58.92
C LEU C 181 5.78 -12.97 59.91
N VAL C 182 6.59 -11.97 60.23
CA VAL C 182 7.69 -12.19 61.15
C VAL C 182 7.14 -12.51 62.53
N LYS C 183 6.07 -11.82 62.91
CA LYS C 183 5.36 -12.19 64.13
C LYS C 183 4.73 -13.55 63.98
N ARG C 184 4.27 -13.88 62.78
CA ARG C 184 3.76 -15.21 62.52
C ARG C 184 4.88 -16.24 62.56
N VAL C 185 6.12 -15.79 62.36
CA VAL C 185 7.27 -16.67 62.55
C VAL C 185 7.62 -16.79 64.02
N ALA C 186 7.55 -15.68 64.74
CA ALA C 186 8.01 -15.64 66.13
C ALA C 186 7.34 -16.68 66.99
N GLU C 187 6.10 -17.04 66.67
CA GLU C 187 5.46 -18.20 67.28
C GLU C 187 6.32 -19.45 67.10
N LEU C 188 6.90 -19.62 65.92
CA LEU C 188 7.66 -20.83 65.62
C LEU C 188 8.95 -20.85 66.43
N LEU C 189 9.71 -19.77 66.32
CA LEU C 189 11.01 -19.67 66.93
C LEU C 189 10.88 -19.82 68.44
N GLU C 190 9.81 -19.28 69.00
CA GLU C 190 9.44 -19.59 70.36
C GLU C 190 9.31 -21.10 70.53
N ASN C 191 8.42 -21.71 69.76
CA ASN C 191 7.95 -23.05 70.06
C ASN C 191 9.05 -24.09 69.91
N ILE C 192 9.92 -23.94 68.91
CA ILE C 192 11.07 -24.84 68.83
C ILE C 192 12.01 -24.58 70.00
N ALA C 193 12.18 -23.30 70.35
CA ALA C 193 13.05 -22.95 71.46
C ALA C 193 12.42 -23.26 72.80
N ARG C 194 11.09 -23.35 72.87
CA ARG C 194 10.47 -23.92 74.06
C ARG C 194 10.99 -25.32 74.31
N GLU C 195 11.09 -26.12 73.25
CA GLU C 195 11.32 -27.56 73.38
C GLU C 195 12.80 -27.89 73.54
N SER C 196 13.61 -27.54 72.54
CA SER C 196 15.00 -27.94 72.56
C SER C 196 15.81 -27.18 73.59
N GLY C 197 15.37 -25.99 73.99
CA GLY C 197 16.05 -25.24 75.02
C GLY C 197 17.35 -24.59 74.59
N SER C 198 17.76 -24.77 73.33
CA SER C 198 18.97 -24.12 72.85
C SER C 198 18.78 -22.61 72.88
N GLU C 199 19.61 -21.93 73.66
CA GLU C 199 19.54 -20.47 73.74
C GLU C 199 19.81 -19.81 72.38
N GLU C 200 20.50 -20.52 71.48
CA GLU C 200 20.72 -19.98 70.15
C GLU C 200 19.40 -19.78 69.41
N ALA C 201 18.50 -20.76 69.48
CA ALA C 201 17.17 -20.57 68.94
C ALA C 201 16.48 -19.39 69.60
N LYS C 202 16.61 -19.28 70.93
CA LYS C 202 16.07 -18.14 71.64
C LYS C 202 16.73 -16.85 71.18
N GLU C 203 18.07 -16.87 71.06
CA GLU C 203 18.79 -15.75 70.47
C GLU C 203 18.28 -15.44 69.07
N ARG C 204 18.29 -16.44 68.20
CA ARG C 204 17.63 -16.33 66.91
C ARG C 204 16.21 -15.82 67.06
N ALA C 205 15.49 -16.34 68.05
CA ALA C 205 14.10 -15.95 68.23
C ALA C 205 13.98 -14.49 68.62
N GLU C 206 14.76 -14.05 69.60
CA GLU C 206 14.66 -12.68 70.07
C GLU C 206 15.00 -11.70 68.96
N ARG C 207 16.10 -11.95 68.25
CA ARG C 207 16.50 -11.08 67.15
C ARG C 207 15.40 -10.93 66.12
N VAL C 208 14.76 -12.04 65.77
CA VAL C 208 13.69 -12.01 64.80
C VAL C 208 12.51 -11.21 65.33
N ARG C 209 12.01 -11.56 66.51
CA ARG C 209 10.87 -10.86 67.07
C ARG C 209 11.22 -9.40 67.37
N GLU C 210 12.47 -9.14 67.71
CA GLU C 210 12.92 -7.76 67.86
C GLU C 210 13.07 -7.07 66.52
N GLU C 211 13.30 -7.82 65.45
CA GLU C 211 13.48 -7.20 64.15
C GLU C 211 12.18 -6.61 63.64
N ALA C 212 11.08 -7.38 63.74
CA ALA C 212 9.79 -6.90 63.26
C ALA C 212 9.37 -5.65 64.00
N ARG C 213 9.61 -5.63 65.32
CA ARG C 213 9.42 -4.43 66.11
C ARG C 213 10.14 -3.25 65.50
N GLU C 214 11.34 -3.49 64.96
CA GLU C 214 12.08 -2.43 64.31
C GLU C 214 11.60 -2.19 62.89
N LEU C 215 11.33 -3.28 62.16
CA LEU C 215 10.94 -3.15 60.76
C LEU C 215 9.62 -2.43 60.58
N GLN C 216 8.71 -2.55 61.55
CA GLN C 216 7.43 -1.88 61.42
C GLN C 216 7.60 -0.37 61.35
N GLU C 217 8.67 0.16 61.94
CA GLU C 217 8.94 1.59 61.91
C GLU C 217 9.03 2.11 60.49
N ARG C 218 9.61 1.32 59.59
CA ARG C 218 9.74 1.73 58.19
C ARG C 218 8.39 1.78 57.48
N VAL C 219 7.35 1.20 58.07
CA VAL C 219 6.02 1.20 57.48
C VAL C 219 5.14 2.23 58.18
N LYS C 220 5.44 2.50 59.45
CA LYS C 220 4.75 3.58 60.17
C LYS C 220 4.79 4.88 59.40
N GLU C 221 5.92 5.16 58.73
CA GLU C 221 5.96 6.30 57.83
C GLU C 221 5.11 6.05 56.59
N LEU C 222 5.22 4.87 55.99
CA LEU C 222 4.45 4.58 54.78
C LEU C 222 2.96 4.66 55.04
N LYS C 223 2.53 4.37 56.26
CA LYS C 223 1.13 4.58 56.61
C LYS C 223 0.78 6.07 56.61
N GLU C 224 1.77 6.94 56.76
CA GLU C 224 1.58 8.38 56.68
C GLU C 224 1.86 8.93 55.29
N ARG C 225 2.45 8.14 54.38
CA ARG C 225 2.80 8.64 53.06
C ARG C 225 1.58 8.72 52.15
N ALA C 226 0.98 7.56 51.86
CA ALA C 226 -0.09 7.46 50.87
C ALA C 226 -1.47 7.29 51.50
N GLY C 227 -1.64 6.29 52.35
CA GLY C 227 -2.92 6.04 52.98
C GLY C 227 -3.94 5.39 52.06
N ALA D 1 -8.34 3.54 30.40
CA ALA D 1 -7.11 3.03 31.05
C ALA D 1 -7.44 1.79 31.86
N GLU D 2 -7.70 0.70 31.15
CA GLU D 2 -8.12 -0.54 31.78
C GLU D 2 -7.08 -1.05 32.76
N GLU D 3 -5.79 -0.79 32.49
CA GLU D 3 -4.73 -1.23 33.38
C GLU D 3 -4.96 -0.69 34.79
N LEU D 4 -5.27 0.60 34.89
CA LEU D 4 -5.57 1.19 36.19
C LEU D 4 -6.88 0.67 36.75
N LEU D 5 -7.87 0.47 35.87
CA LEU D 5 -9.19 0.09 36.30
C LEU D 5 -9.16 -1.23 37.06
N LYS D 6 -8.55 -2.24 36.47
CA LYS D 6 -8.50 -3.55 37.10
C LYS D 6 -7.67 -3.53 38.37
N ARG D 7 -6.55 -2.81 38.35
CA ARG D 7 -5.67 -2.78 39.50
C ARG D 7 -6.36 -2.15 40.70
N VAL D 8 -7.08 -1.05 40.47
CA VAL D 8 -7.88 -0.47 41.54
C VAL D 8 -9.00 -1.41 41.91
N GLU D 9 -9.71 -1.91 40.90
CA GLU D 9 -10.76 -2.90 41.13
C GLU D 9 -10.22 -4.12 41.87
N LYS D 10 -8.97 -4.48 41.61
CA LYS D 10 -8.36 -5.62 42.29
C LYS D 10 -8.23 -5.35 43.78
N LEU D 11 -7.82 -4.12 44.15
CA LEU D 11 -7.63 -3.77 45.54
C LEU D 11 -8.88 -4.01 46.37
N VAL D 12 -10.03 -3.74 45.78
CA VAL D 12 -11.29 -3.91 46.49
C VAL D 12 -11.44 -5.33 46.96
N LYS D 13 -11.25 -6.28 46.04
CA LYS D 13 -11.48 -7.68 46.37
C LYS D 13 -10.51 -8.17 47.42
N GLU D 14 -9.27 -7.70 47.38
CA GLU D 14 -8.31 -8.05 48.41
C GLU D 14 -8.77 -7.53 49.76
N ALA D 15 -8.96 -6.22 49.87
CA ALA D 15 -9.34 -5.62 51.14
C ALA D 15 -10.69 -6.14 51.59
N GLU D 16 -11.62 -6.27 50.65
CA GLU D 16 -12.93 -6.81 51.01
C GLU D 16 -12.83 -8.25 51.46
N GLU D 17 -11.81 -8.96 50.98
CA GLU D 17 -11.53 -10.29 51.51
C GLU D 17 -10.78 -10.21 52.82
N LEU D 18 -9.88 -9.23 52.95
CA LEU D 18 -9.22 -9.01 54.23
C LEU D 18 -10.22 -8.67 55.31
N LEU D 19 -11.31 -8.01 54.93
CA LEU D 19 -12.38 -7.73 55.87
C LEU D 19 -12.89 -9.00 56.51
N ARG D 20 -13.11 -10.03 55.71
CA ARG D 20 -13.66 -11.27 56.21
C ARG D 20 -12.67 -12.05 57.03
N GLN D 21 -11.38 -11.90 56.77
CA GLN D 21 -10.37 -12.49 57.64
C GLN D 21 -10.43 -11.87 59.03
N ALA D 22 -10.79 -10.60 59.10
CA ALA D 22 -10.89 -9.91 60.38
C ALA D 22 -12.15 -10.30 61.13
N MET D 23 -13.26 -10.46 60.40
CA MET D 23 -14.51 -10.86 61.04
C MET D 23 -14.38 -12.23 61.69
N LYS D 24 -13.56 -13.11 61.11
CA LYS D 24 -13.37 -14.42 61.68
C LYS D 24 -12.46 -14.39 62.90
N LYS D 25 -11.51 -13.44 62.94
CA LYS D 25 -10.40 -13.46 63.87
C LYS D 25 -10.33 -12.23 64.74
N GLY D 26 -10.61 -11.05 64.18
CA GLY D 26 -10.64 -9.84 64.98
C GLY D 26 -9.29 -9.20 65.20
N SER D 27 -8.43 -9.22 64.20
CA SER D 27 -7.09 -8.67 64.27
C SER D 27 -7.07 -7.27 63.68
N GLU D 28 -6.68 -6.28 64.48
CA GLU D 28 -6.56 -4.92 63.97
C GLU D 28 -5.47 -4.81 62.92
N GLU D 29 -4.49 -5.71 62.94
CA GLU D 29 -3.46 -5.68 61.91
C GLU D 29 -4.06 -5.92 60.53
N LEU D 30 -5.06 -6.81 60.46
CA LEU D 30 -5.81 -6.94 59.22
C LEU D 30 -6.53 -5.65 58.86
N LEU D 31 -6.94 -4.89 59.87
CA LEU D 31 -7.77 -3.72 59.66
C LEU D 31 -6.95 -2.49 59.37
N GLU D 32 -5.79 -2.35 60.02
CA GLU D 32 -4.84 -1.31 59.66
C GLU D 32 -4.54 -1.36 58.17
N VAL D 33 -4.39 -2.56 57.63
CA VAL D 33 -4.13 -2.73 56.21
C VAL D 33 -5.25 -2.16 55.38
N ALA D 34 -6.49 -2.37 55.80
CA ALA D 34 -7.61 -1.88 55.01
C ALA D 34 -7.60 -0.38 54.89
N LEU D 35 -7.27 0.32 55.98
CA LEU D 35 -7.11 1.76 55.95
C LEU D 35 -5.88 2.20 55.17
N VAL D 36 -5.02 1.27 54.79
CA VAL D 36 -3.91 1.54 53.89
C VAL D 36 -4.28 1.22 52.47
N VAL D 37 -4.92 0.06 52.26
CA VAL D 37 -5.23 -0.37 50.91
C VAL D 37 -6.27 0.53 50.28
N ALA D 38 -7.46 0.58 50.88
CA ALA D 38 -8.54 1.33 50.28
C ALA D 38 -8.25 2.81 50.29
N GLN D 39 -7.54 3.30 51.29
CA GLN D 39 -7.29 4.72 51.37
C GLN D 39 -6.29 5.17 50.32
N MET D 40 -5.50 4.24 49.77
CA MET D 40 -4.72 4.52 48.57
C MET D 40 -5.50 4.22 47.30
N ALA D 41 -6.61 3.49 47.39
CA ALA D 41 -7.45 3.33 46.21
C ALA D 41 -8.03 4.66 45.76
N ALA D 42 -8.45 5.49 46.71
CA ALA D 42 -8.92 6.82 46.38
C ALA D 42 -7.85 7.63 45.64
N ARG D 43 -6.58 7.41 45.99
CA ARG D 43 -5.50 8.09 45.29
C ARG D 43 -5.51 7.72 43.82
N GLU D 44 -5.49 6.41 43.53
CA GLU D 44 -5.38 5.95 42.17
C GLU D 44 -6.72 5.96 41.45
N ALA D 45 -7.82 5.80 42.18
CA ALA D 45 -9.13 5.85 41.55
C ALA D 45 -9.41 7.24 41.02
N LYS D 46 -9.22 8.25 41.87
CA LYS D 46 -9.42 9.64 41.46
C LYS D 46 -8.59 9.99 40.23
N LYS D 47 -7.41 9.40 40.11
CA LYS D 47 -6.60 9.59 38.92
C LYS D 47 -7.28 9.00 37.70
N VAL D 48 -7.91 7.83 37.86
CA VAL D 48 -8.60 7.22 36.72
C VAL D 48 -9.73 8.12 36.26
N LEU D 49 -10.36 8.81 37.20
CA LEU D 49 -11.35 9.79 36.81
C LEU D 49 -10.71 10.93 36.03
N THR D 50 -9.54 11.35 36.48
CA THR D 50 -8.86 12.49 35.87
C THR D 50 -8.54 12.21 34.41
N MET D 51 -7.66 11.23 34.17
CA MET D 51 -7.23 10.92 32.81
C MET D 51 -8.41 10.50 31.94
N ALA D 52 -9.44 9.94 32.55
CA ALA D 52 -10.65 9.64 31.79
C ALA D 52 -11.44 10.90 31.49
N GLU D 53 -11.44 11.86 32.42
CA GLU D 53 -12.12 13.12 32.20
C GLU D 53 -11.48 13.91 31.08
N VAL D 54 -10.25 13.58 30.71
CA VAL D 54 -9.58 14.25 29.60
C VAL D 54 -10.18 13.82 28.28
N GLU D 55 -10.07 12.54 27.96
CA GLU D 55 -10.40 12.06 26.63
C GLU D 55 -11.88 12.13 26.35
N GLY D 56 -12.71 12.23 27.38
CA GLY D 56 -14.14 12.18 27.18
C GLY D 56 -14.61 10.75 27.09
N ASP D 57 -14.12 9.92 28.01
CA ASP D 57 -14.47 8.51 28.08
C ASP D 57 -15.40 8.32 29.28
N PRO D 58 -16.70 8.57 29.16
CA PRO D 58 -17.53 8.74 30.35
C PRO D 58 -17.79 7.44 31.08
N GLU D 59 -18.01 6.36 30.34
CA GLU D 59 -18.42 5.09 30.94
C GLU D 59 -17.38 4.58 31.91
N VAL D 60 -16.12 4.94 31.70
CA VAL D 60 -15.06 4.52 32.62
C VAL D 60 -15.31 5.11 34.00
N ALA D 61 -15.69 6.38 34.05
CA ALA D 61 -15.85 7.06 35.33
C ALA D 61 -16.99 6.47 36.13
N LEU D 62 -18.11 6.19 35.48
CA LEU D 62 -19.24 5.57 36.15
C LEU D 62 -18.83 4.26 36.79
N ARG D 63 -18.03 3.46 36.09
CA ARG D 63 -17.50 2.22 36.65
C ARG D 63 -16.37 2.45 37.63
N ALA D 64 -16.00 3.71 37.88
CA ALA D 64 -14.91 4.02 38.80
C ALA D 64 -15.43 4.63 40.08
N VAL D 65 -16.23 5.69 39.94
CA VAL D 65 -16.78 6.37 41.11
C VAL D 65 -17.68 5.44 41.89
N GLU D 66 -18.37 4.55 41.19
CA GLU D 66 -19.13 3.50 41.86
C GLU D 66 -18.24 2.68 42.78
N LEU D 67 -16.98 2.51 42.40
CA LEU D 67 -16.07 1.70 43.20
C LEU D 67 -15.56 2.49 44.39
N VAL D 68 -15.50 3.81 44.25
CA VAL D 68 -15.13 4.64 45.38
C VAL D 68 -16.15 4.49 46.49
N VAL D 69 -17.42 4.40 46.13
CA VAL D 69 -18.48 4.25 47.12
C VAL D 69 -18.30 2.94 47.86
N ARG D 70 -17.91 1.88 47.15
CA ARG D 70 -17.67 0.60 47.79
C ARG D 70 -16.61 0.73 48.87
N VAL D 71 -15.63 1.60 48.66
CA VAL D 71 -14.65 1.85 49.71
C VAL D 71 -15.34 2.44 50.92
N ALA D 72 -16.20 3.43 50.69
CA ALA D 72 -16.95 4.03 51.76
C ALA D 72 -17.78 2.99 52.49
N GLU D 73 -18.34 2.04 51.76
CA GLU D 73 -19.03 0.92 52.39
C GLU D 73 -18.07 0.12 53.25
N LEU D 74 -16.84 -0.05 52.78
CA LEU D 74 -15.88 -0.84 53.52
C LEU D 74 -15.36 -0.07 54.72
N LEU D 75 -14.91 1.16 54.51
CA LEU D 75 -14.41 1.97 55.60
C LEU D 75 -15.46 2.18 56.67
N LEU D 76 -16.72 2.21 56.27
CA LEU D 76 -17.80 2.28 57.25
C LEU D 76 -17.75 1.09 58.18
N ARG D 77 -17.77 -0.11 57.61
CA ARG D 77 -17.75 -1.34 58.40
C ARG D 77 -16.58 -1.36 59.36
N ILE D 78 -15.44 -0.81 58.94
CA ILE D 78 -14.27 -0.77 59.82
C ILE D 78 -14.60 0.03 61.06
N ALA D 79 -15.07 1.27 60.86
CA ALA D 79 -15.36 2.14 61.98
C ALA D 79 -16.47 1.56 62.84
N LEU D 80 -17.42 0.84 62.23
CA LEU D 80 -18.43 0.15 63.03
C LEU D 80 -17.80 -0.95 63.86
N VAL D 81 -16.98 -1.78 63.22
CA VAL D 81 -16.35 -2.88 63.93
C VAL D 81 -15.35 -2.35 64.94
N SER D 82 -14.61 -1.32 64.56
CA SER D 82 -13.55 -0.81 65.42
C SER D 82 -14.09 0.18 66.44
N GLY D 83 -14.90 1.13 65.98
CA GLY D 83 -15.39 2.19 66.82
C GLY D 83 -14.56 3.45 66.83
N SER D 84 -13.52 3.51 65.99
CA SER D 84 -12.66 4.69 65.96
C SER D 84 -13.41 5.88 65.41
N GLU D 85 -13.52 6.94 66.22
CA GLU D 85 -14.14 8.16 65.75
C GLU D 85 -13.36 8.80 64.60
N GLU D 86 -12.06 8.56 64.53
CA GLU D 86 -11.30 9.00 63.37
C GLU D 86 -11.80 8.31 62.11
N ALA D 87 -11.94 6.98 62.17
CA ALA D 87 -12.30 6.22 60.99
C ALA D 87 -13.64 6.65 60.43
N LEU D 88 -14.57 7.04 61.31
CA LEU D 88 -15.74 7.77 60.86
C LEU D 88 -15.32 8.99 60.06
N GLU D 89 -14.49 9.82 60.67
CA GLU D 89 -14.06 11.05 60.03
C GLU D 89 -13.12 10.78 58.86
N ARG D 90 -12.52 9.60 58.79
CA ARG D 90 -11.85 9.18 57.57
C ARG D 90 -12.87 8.90 56.49
N ALA D 91 -13.76 7.94 56.75
CA ALA D 91 -14.80 7.58 55.80
C ALA D 91 -15.71 8.75 55.49
N LEU D 92 -15.85 9.69 56.41
CA LEU D 92 -16.64 10.89 56.16
C LEU D 92 -16.06 11.68 55.01
N ARG D 93 -14.81 12.10 55.14
CA ARG D 93 -14.19 12.96 54.14
C ARG D 93 -14.10 12.28 52.80
N VAL D 94 -13.74 11.00 52.80
CA VAL D 94 -13.74 10.22 51.58
C VAL D 94 -15.12 10.22 50.96
N ALA D 95 -16.13 9.99 51.78
CA ALA D 95 -17.50 9.95 51.27
C ALA D 95 -17.93 11.32 50.77
N GLU D 96 -17.63 12.37 51.54
CA GLU D 96 -18.02 13.70 51.14
C GLU D 96 -17.36 14.10 49.84
N GLU D 97 -16.09 13.75 49.68
CA GLU D 97 -15.37 14.08 48.45
C GLU D 97 -15.96 13.35 47.25
N ALA D 98 -16.58 12.20 47.48
CA ALA D 98 -17.27 11.50 46.40
C ALA D 98 -18.35 12.36 45.78
N ALA D 99 -18.96 13.23 46.58
CA ALA D 99 -19.96 14.14 46.06
C ALA D 99 -19.39 15.02 44.95
N ARG D 100 -18.26 15.66 45.24
CA ARG D 100 -17.59 16.47 44.24
C ARG D 100 -17.24 15.66 43.01
N LEU D 101 -16.71 14.46 43.21
CA LEU D 101 -16.33 13.60 42.10
C LEU D 101 -17.55 13.22 41.28
N ALA D 102 -18.68 13.05 41.92
CA ALA D 102 -19.91 12.81 41.19
C ALA D 102 -20.32 14.05 40.41
N LYS D 103 -20.36 15.19 41.09
CA LYS D 103 -20.68 16.44 40.42
C LYS D 103 -19.65 16.75 39.34
N ARG D 104 -18.41 16.32 39.55
CA ARG D 104 -17.37 16.45 38.53
C ARG D 104 -17.76 15.67 37.29
N VAL D 105 -18.49 14.57 37.47
CA VAL D 105 -18.84 13.69 36.35
C VAL D 105 -20.02 14.23 35.59
N LEU D 106 -20.96 14.86 36.29
CA LEU D 106 -22.25 15.16 35.68
C LEU D 106 -22.09 16.10 34.51
N GLU D 107 -21.43 17.22 34.72
CA GLU D 107 -21.30 18.23 33.68
C GLU D 107 -20.41 17.76 32.53
N LEU D 108 -19.67 16.68 32.71
CA LEU D 108 -18.95 16.09 31.61
C LEU D 108 -19.88 15.70 30.47
N ALA D 109 -20.87 14.87 30.79
CA ALA D 109 -21.61 14.18 29.75
C ALA D 109 -22.45 15.14 28.90
N GLU D 110 -22.83 16.29 29.46
CA GLU D 110 -23.55 17.27 28.67
C GLU D 110 -22.73 17.73 27.48
N SER D 111 -21.42 17.90 27.68
CA SER D 111 -20.54 18.15 26.55
C SER D 111 -20.54 16.96 25.59
N GLN D 112 -20.68 15.75 26.11
CA GLN D 112 -20.79 14.56 25.30
C GLN D 112 -22.21 14.29 24.84
N GLY D 113 -23.20 14.85 25.52
CA GLY D 113 -24.58 14.55 25.20
C GLY D 113 -25.02 13.13 25.52
N ASP D 114 -24.32 12.46 26.44
CA ASP D 114 -24.60 11.07 26.81
C ASP D 114 -25.29 11.02 28.18
N PRO D 115 -26.62 11.10 28.24
CA PRO D 115 -27.26 11.29 29.56
C PRO D 115 -27.27 10.07 30.44
N GLU D 116 -27.42 8.87 29.86
CA GLU D 116 -27.59 7.66 30.65
C GLU D 116 -26.45 7.44 31.62
N VAL D 117 -25.27 7.93 31.30
CA VAL D 117 -24.14 7.76 32.21
C VAL D 117 -24.36 8.56 33.47
N ALA D 118 -25.17 9.62 33.40
CA ALA D 118 -25.43 10.44 34.57
C ALA D 118 -26.23 9.68 35.61
N LEU D 119 -27.35 9.11 35.18
CA LEU D 119 -28.40 8.73 36.12
C LEU D 119 -27.90 7.69 37.11
N ARG D 120 -27.16 6.70 36.64
CA ARG D 120 -26.54 5.77 37.56
C ARG D 120 -25.48 6.45 38.41
N ALA D 121 -24.86 7.51 37.89
CA ALA D 121 -23.89 8.24 38.69
C ALA D 121 -24.57 9.05 39.77
N VAL D 122 -25.68 9.68 39.41
CA VAL D 122 -26.43 10.48 40.37
C VAL D 122 -26.87 9.63 41.53
N GLU D 123 -27.35 8.41 41.24
CA GLU D 123 -27.83 7.55 42.30
C GLU D 123 -26.73 7.16 43.27
N LEU D 124 -25.48 7.18 42.83
CA LEU D 124 -24.38 6.94 43.75
C LEU D 124 -24.35 7.97 44.86
N VAL D 125 -24.57 9.24 44.50
CA VAL D 125 -24.61 10.31 45.48
C VAL D 125 -25.67 10.02 46.52
N VAL D 126 -26.82 9.51 46.08
CA VAL D 126 -27.96 9.34 46.95
C VAL D 126 -27.64 8.35 48.05
N ARG D 127 -26.92 7.29 47.72
CA ARG D 127 -26.52 6.34 48.76
C ARG D 127 -25.59 6.98 49.76
N VAL D 128 -24.83 7.99 49.34
CA VAL D 128 -23.91 8.63 50.26
C VAL D 128 -24.69 9.37 51.33
N ALA D 129 -25.79 9.99 50.92
CA ALA D 129 -26.69 10.58 51.90
C ALA D 129 -27.23 9.51 52.83
N GLU D 130 -27.67 8.40 52.28
CA GLU D 130 -28.03 7.25 53.11
C GLU D 130 -26.83 6.79 53.90
N LEU D 131 -25.65 6.90 53.32
CA LEU D 131 -24.46 6.41 54.00
C LEU D 131 -24.13 7.26 55.21
N LEU D 132 -24.06 8.58 55.01
CA LEU D 132 -23.81 9.48 56.14
C LEU D 132 -24.92 9.40 57.16
N LEU D 133 -26.14 9.17 56.69
CA LEU D 133 -27.27 9.03 57.60
C LEU D 133 -27.00 7.96 58.63
N LEU D 134 -26.43 6.84 58.21
CA LEU D 134 -26.04 5.81 59.17
C LEU D 134 -24.98 6.32 60.11
N ILE D 135 -24.09 7.17 59.61
CA ILE D 135 -23.01 7.68 60.45
C ILE D 135 -23.56 8.69 61.43
N ALA D 136 -24.47 9.54 60.98
CA ALA D 136 -25.01 10.56 61.86
C ALA D 136 -25.78 9.94 63.01
N LYS D 137 -26.51 8.86 62.72
CA LYS D 137 -27.23 8.16 63.78
C LYS D 137 -26.28 7.49 64.76
N VAL D 138 -25.02 7.27 64.35
CA VAL D 138 -24.04 6.70 65.26
C VAL D 138 -23.51 7.77 66.20
N SER D 139 -22.93 8.82 65.63
CA SER D 139 -22.38 9.90 66.45
C SER D 139 -23.48 10.74 67.07
N GLY D 140 -24.64 10.82 66.42
CA GLY D 140 -25.69 11.71 66.85
C GLY D 140 -25.47 13.17 66.54
N SER D 141 -24.36 13.50 65.88
CA SER D 141 -24.03 14.89 65.60
C SER D 141 -24.96 15.47 64.55
N GLU D 142 -25.00 16.80 64.50
CA GLU D 142 -25.75 17.52 63.48
C GLU D 142 -24.87 18.07 62.36
N GLU D 143 -23.57 18.11 62.59
CA GLU D 143 -22.62 18.45 61.53
C GLU D 143 -22.87 17.57 60.30
N ALA D 144 -22.73 16.26 60.48
CA ALA D 144 -22.92 15.32 59.38
C ALA D 144 -24.33 15.37 58.82
N LEU D 145 -25.32 15.62 59.68
CA LEU D 145 -26.68 15.77 59.20
C LEU D 145 -26.78 16.93 58.22
N GLU D 146 -26.06 18.01 58.49
CA GLU D 146 -26.03 19.11 57.55
C GLU D 146 -25.29 18.74 56.28
N ARG D 147 -24.15 18.05 56.43
CA ARG D 147 -23.42 17.54 55.27
C ARG D 147 -24.34 16.68 54.42
N ALA D 148 -25.04 15.75 55.06
CA ALA D 148 -26.06 14.98 54.37
C ALA D 148 -27.09 15.88 53.74
N LEU D 149 -27.51 16.91 54.47
CA LEU D 149 -28.59 17.76 54.01
C LEU D 149 -28.16 18.54 52.77
N ARG D 150 -26.95 19.09 52.81
CA ARG D 150 -26.48 19.89 51.70
C ARG D 150 -26.17 19.06 50.48
N VAL D 151 -25.73 17.83 50.68
CA VAL D 151 -25.42 16.95 49.56
C VAL D 151 -26.66 16.66 48.75
N ALA D 152 -27.68 16.13 49.41
CA ALA D 152 -28.84 15.63 48.68
C ALA D 152 -29.62 16.74 48.02
N GLU D 153 -29.88 17.84 48.75
CA GLU D 153 -30.62 18.92 48.14
C GLU D 153 -29.82 19.56 47.01
N GLU D 154 -28.50 19.58 47.15
CA GLU D 154 -27.67 19.89 46.00
C GLU D 154 -27.80 18.81 44.95
N ALA D 155 -27.84 17.55 45.38
CA ALA D 155 -28.02 16.46 44.43
C ALA D 155 -29.38 16.53 43.77
N ALA D 156 -30.37 17.05 44.49
CA ALA D 156 -31.69 17.22 43.91
C ALA D 156 -31.68 18.23 42.77
N ARG D 157 -30.90 19.31 42.92
CA ARG D 157 -30.77 20.27 41.84
C ARG D 157 -30.23 19.63 40.57
N LEU D 158 -29.40 18.60 40.71
CA LEU D 158 -28.70 18.04 39.58
C LEU D 158 -29.64 17.44 38.58
N ALA D 159 -30.69 16.79 39.07
CA ALA D 159 -31.64 16.12 38.18
C ALA D 159 -32.29 17.10 37.21
N LYS D 160 -32.42 18.36 37.62
CA LYS D 160 -32.99 19.36 36.73
C LYS D 160 -32.11 19.57 35.51
N ARG D 161 -30.79 19.49 35.68
CA ARG D 161 -29.92 19.46 34.51
C ARG D 161 -30.18 18.21 33.70
N VAL D 162 -30.38 17.09 34.39
CA VAL D 162 -30.57 15.82 33.69
C VAL D 162 -31.88 15.85 32.93
N LEU D 163 -32.94 16.26 33.61
CA LEU D 163 -34.22 16.46 32.96
C LEU D 163 -34.09 17.44 31.80
N GLU D 164 -33.28 18.48 32.01
CA GLU D 164 -32.98 19.39 30.92
C GLU D 164 -32.12 18.71 29.86
N LEU D 165 -31.24 17.82 30.28
CA LEU D 165 -30.39 17.13 29.32
C LEU D 165 -31.20 16.20 28.44
N ALA D 166 -32.20 15.53 29.02
CA ALA D 166 -33.00 14.61 28.23
C ALA D 166 -33.88 15.35 27.24
N GLU D 167 -34.53 16.43 27.67
CA GLU D 167 -35.44 17.15 26.82
C GLU D 167 -34.77 17.69 25.58
N LYS D 168 -33.46 17.93 25.62
CA LYS D 168 -32.71 18.14 24.39
C LYS D 168 -32.86 16.93 23.49
N GLN D 169 -32.38 15.78 23.94
CA GLN D 169 -32.45 14.57 23.16
C GLN D 169 -33.86 14.04 23.04
N GLY D 170 -34.77 14.49 23.89
CA GLY D 170 -36.10 13.90 23.92
C GLY D 170 -36.11 12.45 24.37
N ASP D 171 -35.09 11.99 25.07
CA ASP D 171 -35.01 10.62 25.53
C ASP D 171 -35.86 10.44 26.78
N PRO D 172 -36.87 9.56 26.79
CA PRO D 172 -37.60 9.31 28.04
C PRO D 172 -36.89 8.42 29.01
N ALA D 173 -35.87 7.67 28.55
CA ALA D 173 -35.23 6.66 29.38
C ALA D 173 -34.71 7.24 30.68
N VAL D 174 -33.81 8.21 30.57
CA VAL D 174 -33.31 8.88 31.75
C VAL D 174 -34.39 9.77 32.35
N ALA D 175 -35.36 10.19 31.54
CA ALA D 175 -36.30 11.21 31.95
C ALA D 175 -37.13 10.79 33.14
N ILE D 176 -37.80 9.63 33.04
CA ILE D 176 -38.79 9.27 34.04
C ILE D 176 -38.11 8.90 35.34
N LEU D 177 -37.04 8.11 35.25
CA LEU D 177 -36.29 7.71 36.42
C LEU D 177 -35.77 8.89 37.20
N ALA D 178 -35.33 9.94 36.50
CA ALA D 178 -34.86 11.16 37.14
C ALA D 178 -35.86 11.69 38.13
N VAL D 179 -37.14 11.67 37.76
CA VAL D 179 -38.19 12.09 38.66
C VAL D 179 -38.24 11.16 39.87
N MET D 180 -38.17 9.87 39.62
CA MET D 180 -38.34 8.87 40.67
C MET D 180 -37.27 8.99 41.75
N LEU D 181 -36.06 9.38 41.36
CA LEU D 181 -34.98 9.55 42.34
C LEU D 181 -35.36 10.58 43.38
N VAL D 182 -36.09 11.61 42.99
CA VAL D 182 -36.46 12.64 43.93
C VAL D 182 -37.40 12.07 44.98
N LYS D 183 -38.31 11.20 44.54
CA LYS D 183 -39.12 10.46 45.49
C LYS D 183 -38.26 9.53 46.30
N ARG D 184 -37.22 8.97 45.68
CA ARG D 184 -36.28 8.14 46.42
C ARG D 184 -35.48 8.99 47.39
N VAL D 185 -35.38 10.30 47.13
CA VAL D 185 -34.77 11.22 48.09
C VAL D 185 -35.75 11.56 49.19
N ALA D 186 -37.01 11.78 48.84
CA ALA D 186 -38.00 12.27 49.78
C ALA D 186 -38.12 11.39 51.02
N GLU D 187 -37.87 10.09 50.86
CA GLU D 187 -37.72 9.22 52.02
C GLU D 187 -36.64 9.74 52.96
N LEU D 188 -35.54 10.23 52.41
CA LEU D 188 -34.43 10.68 53.24
C LEU D 188 -34.79 11.95 53.98
N LEU D 189 -35.26 12.94 53.23
CA LEU D 189 -35.57 14.24 53.78
C LEU D 189 -36.62 14.12 54.85
N GLU D 190 -37.58 13.23 54.64
CA GLU D 190 -38.48 12.82 55.70
C GLU D 190 -37.69 12.34 56.91
N ASN D 191 -36.87 11.32 56.71
CA ASN D 191 -36.34 10.56 57.83
C ASN D 191 -35.38 11.37 58.67
N ILE D 192 -34.58 12.22 58.06
CA ILE D 192 -33.74 13.12 58.86
C ILE D 192 -34.63 14.13 59.57
N ALA D 193 -35.67 14.61 58.88
CA ALA D 193 -36.58 15.57 59.49
C ALA D 193 -37.51 14.92 60.49
N ARG D 194 -37.73 13.61 60.39
CA ARG D 194 -38.39 12.90 61.48
C ARG D 194 -37.60 13.07 62.78
N GLU D 195 -36.29 12.95 62.69
CA GLU D 195 -35.43 12.84 63.87
C GLU D 195 -35.10 14.19 64.47
N SER D 196 -34.42 15.04 63.69
CA SER D 196 -33.92 16.30 64.22
C SER D 196 -35.05 17.30 64.48
N GLY D 197 -36.17 17.16 63.78
CA GLY D 197 -37.30 18.04 64.00
C GLY D 197 -37.16 19.43 63.45
N SER D 198 -36.03 19.76 62.84
CA SER D 198 -35.86 21.08 62.23
C SER D 198 -36.86 21.25 61.10
N GLU D 199 -37.74 22.24 61.24
CA GLU D 199 -38.72 22.52 60.20
C GLU D 199 -38.06 22.90 58.89
N GLU D 200 -36.82 23.37 58.92
CA GLU D 200 -36.10 23.68 57.69
C GLU D 200 -35.91 22.43 56.85
N ALA D 201 -35.51 21.33 57.47
CA ALA D 201 -35.44 20.07 56.76
C ALA D 201 -36.81 19.69 56.21
N LYS D 202 -37.85 19.89 57.01
CA LYS D 202 -39.21 19.65 56.54
C LYS D 202 -39.55 20.59 55.39
N GLU D 203 -39.21 21.87 55.54
CA GLU D 203 -39.35 22.83 54.45
C GLU D 203 -38.58 22.37 53.23
N ARG D 204 -37.29 22.11 53.41
CA ARG D 204 -36.48 21.46 52.37
C ARG D 204 -37.16 20.20 51.86
N ALA D 205 -37.72 19.41 52.77
CA ALA D 205 -38.35 18.16 52.37
C ALA D 205 -39.58 18.40 51.53
N GLU D 206 -40.46 19.29 51.97
CA GLU D 206 -41.69 19.54 51.25
C GLU D 206 -41.41 20.06 49.85
N ARG D 207 -40.52 21.05 49.74
CA ARG D 207 -40.16 21.63 48.46
C ARG D 207 -39.68 20.56 47.49
N VAL D 208 -38.82 19.67 47.99
CA VAL D 208 -38.29 18.60 47.16
C VAL D 208 -39.40 17.67 46.71
N ARG D 209 -40.16 17.13 47.66
CA ARG D 209 -41.23 16.20 47.31
C ARG D 209 -42.30 16.90 46.49
N GLU D 210 -42.51 18.19 46.73
CA GLU D 210 -43.42 18.95 45.89
C GLU D 210 -42.82 19.22 44.52
N GLU D 211 -41.49 19.25 44.42
CA GLU D 211 -40.86 19.54 43.14
C GLU D 211 -41.07 18.39 42.16
N ALA D 212 -40.86 17.15 42.60
CA ALA D 212 -41.01 16.00 41.73
C ALA D 212 -42.44 15.90 41.22
N ARG D 213 -43.40 16.18 42.10
CA ARG D 213 -44.80 16.29 41.69
C ARG D 213 -44.94 17.26 40.53
N GLU D 214 -44.18 18.36 40.57
CA GLU D 214 -44.22 19.33 39.48
C GLU D 214 -43.38 18.86 38.30
N LEU D 215 -42.18 18.32 38.58
CA LEU D 215 -41.28 17.94 37.51
C LEU D 215 -41.83 16.83 36.65
N GLN D 216 -42.64 15.94 37.21
CA GLN D 216 -43.20 14.85 36.43
C GLN D 216 -44.05 15.37 35.29
N GLU D 217 -44.65 16.55 35.46
CA GLU D 217 -45.48 17.17 34.42
C GLU D 217 -44.71 17.33 33.12
N ARG D 218 -43.42 17.69 33.22
CA ARG D 218 -42.61 17.87 32.03
C ARG D 218 -42.34 16.55 31.31
N VAL D 219 -42.60 15.42 31.96
CA VAL D 219 -42.38 14.10 31.35
C VAL D 219 -43.71 13.52 30.90
N LYS D 220 -44.81 13.91 31.58
CA LYS D 220 -46.13 13.51 31.14
C LYS D 220 -46.36 13.85 29.67
N GLU D 221 -45.84 14.98 29.21
CA GLU D 221 -45.86 15.28 27.79
C GLU D 221 -44.93 14.36 27.02
N LEU D 222 -43.70 14.17 27.52
CA LEU D 222 -42.74 13.32 26.82
C LEU D 222 -43.24 11.89 26.69
N LYS D 223 -44.06 11.44 27.64
CA LYS D 223 -44.71 10.15 27.47
C LYS D 223 -45.69 10.16 26.32
N GLU D 224 -46.20 11.33 25.94
CA GLU D 224 -47.06 11.49 24.79
C GLU D 224 -46.30 11.85 23.51
N ARG D 225 -45.02 12.22 23.62
CA ARG D 225 -44.28 12.64 22.43
C ARG D 225 -43.85 11.45 21.58
N ALA D 226 -43.00 10.58 22.14
CA ALA D 226 -42.38 9.49 21.40
C ALA D 226 -42.99 8.14 21.71
N GLY D 227 -43.02 7.75 22.98
CA GLY D 227 -43.57 6.46 23.38
C GLY D 227 -42.65 5.30 23.08
N ALA E 1 -25.83 0.00 9.62
CA ALA E 1 -25.78 1.11 10.62
C ALA E 1 -25.69 0.51 12.00
N GLU E 2 -24.50 -0.02 12.31
CA GLU E 2 -24.28 -0.71 13.58
C GLU E 2 -24.51 0.22 14.76
N GLU E 3 -24.24 1.51 14.60
CA GLU E 3 -24.47 2.46 15.69
C GLU E 3 -25.91 2.41 16.16
N LEU E 4 -26.86 2.41 15.22
CA LEU E 4 -28.27 2.30 15.59
C LEU E 4 -28.59 0.91 16.11
N LEU E 5 -27.97 -0.11 15.53
CA LEU E 5 -28.29 -1.48 15.88
C LEU E 5 -28.03 -1.75 17.35
N LYS E 6 -26.84 -1.40 17.83
CA LYS E 6 -26.48 -1.66 19.21
C LYS E 6 -27.32 -0.81 20.15
N ARG E 7 -27.55 0.45 19.79
CA ARG E 7 -28.29 1.35 20.66
C ARG E 7 -29.72 0.85 20.86
N VAL E 8 -30.36 0.41 19.78
CA VAL E 8 -31.67 -0.20 19.91
C VAL E 8 -31.56 -1.51 20.67
N GLU E 9 -30.60 -2.34 20.28
CA GLU E 9 -30.34 -3.59 20.99
C GLU E 9 -30.05 -3.32 22.45
N LYS E 10 -29.40 -2.21 22.75
CA LYS E 10 -29.10 -1.87 24.14
C LYS E 10 -30.38 -1.64 24.93
N LEU E 11 -31.34 -0.94 24.33
CA LEU E 11 -32.59 -0.63 25.01
C LEU E 11 -33.29 -1.87 25.52
N VAL E 12 -33.21 -2.95 24.75
CA VAL E 12 -33.86 -4.20 25.13
C VAL E 12 -33.35 -4.68 26.48
N LYS E 13 -32.03 -4.74 26.61
CA LYS E 13 -31.43 -5.29 27.82
C LYS E 13 -31.75 -4.42 29.03
N GLU E 14 -31.79 -3.11 28.85
CA GLU E 14 -32.20 -2.24 29.94
C GLU E 14 -33.63 -2.53 30.36
N ALA E 15 -34.57 -2.39 29.42
CA ALA E 15 -35.96 -2.59 29.75
C ALA E 15 -36.22 -4.01 30.21
N GLU E 16 -35.59 -4.98 29.55
CA GLU E 16 -35.75 -6.36 29.95
C GLU E 16 -35.17 -6.59 31.33
N GLU E 17 -34.19 -5.79 31.72
CA GLU E 17 -33.69 -5.83 33.09
C GLU E 17 -34.61 -5.04 34.01
N LEU E 18 -35.17 -3.93 33.52
CA LEU E 18 -36.16 -3.20 34.29
C LEU E 18 -37.37 -4.07 34.58
N LEU E 19 -37.68 -4.98 33.67
CA LEU E 19 -38.77 -5.91 33.90
C LEU E 19 -38.54 -6.70 35.18
N ARG E 20 -37.32 -7.18 35.38
CA ARG E 20 -37.02 -8.01 36.53
C ARG E 20 -36.98 -7.20 37.82
N GLN E 21 -36.65 -5.91 37.73
CA GLN E 21 -36.76 -5.05 38.91
C GLN E 21 -38.21 -4.92 39.34
N ALA E 22 -39.13 -4.98 38.39
CA ALA E 22 -40.55 -4.88 38.70
C ALA E 22 -41.08 -6.17 39.26
N MET E 23 -40.63 -7.30 38.73
CA MET E 23 -41.08 -8.59 39.24
C MET E 23 -40.69 -8.78 40.70
N LYS E 24 -39.56 -8.21 41.11
CA LYS E 24 -39.13 -8.31 42.49
C LYS E 24 -39.92 -7.39 43.40
N LYS E 25 -40.37 -6.25 42.87
CA LYS E 25 -40.87 -5.15 43.69
C LYS E 25 -42.30 -4.76 43.35
N GLY E 26 -42.67 -4.77 42.07
CA GLY E 26 -44.04 -4.49 41.69
C GLY E 26 -44.36 -3.03 41.58
N SER E 27 -43.44 -2.22 41.08
CA SER E 27 -43.62 -0.78 40.93
C SER E 27 -44.04 -0.44 39.51
N GLU E 28 -45.21 0.18 39.37
CA GLU E 28 -45.65 0.61 38.06
C GLU E 28 -44.73 1.67 37.46
N GLU E 29 -44.01 2.41 38.30
CA GLU E 29 -43.07 3.39 37.78
C GLU E 29 -41.98 2.71 36.97
N LEU E 30 -41.54 1.53 37.40
CA LEU E 30 -40.65 0.73 36.58
C LEU E 30 -41.31 0.33 35.27
N LEU E 31 -42.63 0.14 35.30
CA LEU E 31 -43.35 -0.40 34.16
C LEU E 31 -43.76 0.69 33.18
N GLU E 32 -44.14 1.86 33.71
CA GLU E 32 -44.35 3.02 32.85
C GLU E 32 -43.15 3.27 31.97
N VAL E 33 -41.95 3.11 32.54
CA VAL E 33 -40.72 3.29 31.78
C VAL E 33 -40.65 2.31 30.62
N ALA E 34 -41.05 1.07 30.84
CA ALA E 34 -40.95 0.07 29.79
C ALA E 34 -41.81 0.44 28.59
N LEU E 35 -43.02 0.96 28.85
CA LEU E 35 -43.87 1.45 27.79
C LEU E 35 -43.34 2.73 27.15
N VAL E 36 -42.32 3.34 27.74
CA VAL E 36 -41.61 4.45 27.14
C VAL E 36 -40.39 3.97 26.38
N VAL E 37 -39.61 3.09 27.00
CA VAL E 37 -38.37 2.65 26.39
C VAL E 37 -38.65 1.83 25.13
N ALA E 38 -39.33 0.71 25.30
CA ALA E 38 -39.55 -0.18 24.18
C ALA E 38 -40.44 0.45 23.13
N GLN E 39 -41.38 1.29 23.54
CA GLN E 39 -42.29 1.86 22.58
C GLN E 39 -41.59 2.91 21.72
N MET E 40 -40.47 3.44 22.18
CA MET E 40 -39.59 4.23 21.33
C MET E 40 -38.57 3.37 20.58
N ALA E 41 -38.38 2.13 21.01
CA ALA E 41 -37.53 1.24 20.22
C ALA E 41 -38.12 0.99 18.85
N ALA E 42 -39.44 0.80 18.78
CA ALA E 42 -40.11 0.66 17.50
C ALA E 42 -39.86 1.86 16.61
N ARG E 43 -39.78 3.05 17.20
CA ARG E 43 -39.48 4.24 16.41
C ARG E 43 -38.13 4.11 15.73
N GLU E 44 -37.10 3.81 16.52
CA GLU E 44 -35.75 3.77 16.00
C GLU E 44 -35.44 2.45 15.29
N ALA E 45 -36.09 1.37 15.71
CA ALA E 45 -35.87 0.09 15.04
C ALA E 45 -36.40 0.13 13.62
N LYS E 46 -37.64 0.58 13.45
CA LYS E 46 -38.24 0.70 12.13
C LYS E 46 -37.39 1.56 11.21
N LYS E 47 -36.72 2.56 11.76
CA LYS E 47 -35.79 3.36 10.98
C LYS E 47 -34.61 2.53 10.51
N VAL E 48 -34.11 1.65 11.36
CA VAL E 48 -32.99 0.81 10.96
C VAL E 48 -33.39 -0.09 9.81
N LEU E 49 -34.65 -0.51 9.81
CA LEU E 49 -35.14 -1.25 8.67
C LEU E 49 -35.16 -0.39 7.43
N THR E 50 -35.57 0.87 7.60
CA THR E 50 -35.69 1.78 6.46
C THR E 50 -34.35 1.99 5.78
N MET E 51 -33.41 2.61 6.48
CA MET E 51 -32.11 2.91 5.90
C MET E 51 -31.39 1.65 5.45
N ALA E 52 -31.68 0.52 6.10
CA ALA E 52 -31.13 -0.75 5.63
C ALA E 52 -31.83 -1.22 4.37
N GLU E 53 -33.13 -0.97 4.27
CA GLU E 53 -33.88 -1.33 3.07
C GLU E 53 -33.41 -0.55 1.86
N VAL E 54 -32.71 0.56 2.07
CA VAL E 54 -32.18 1.34 0.96
C VAL E 54 -31.02 0.61 0.31
N GLU E 55 -29.95 0.41 1.08
CA GLU E 55 -28.69 -0.06 0.50
C GLU E 55 -28.78 -1.49 0.02
N GLY E 56 -29.76 -2.25 0.49
CA GLY E 56 -29.83 -3.65 0.16
C GLY E 56 -28.95 -4.45 1.10
N ASP E 57 -29.04 -4.14 2.38
CA ASP E 57 -28.27 -4.83 3.43
C ASP E 57 -29.22 -5.74 4.19
N PRO E 58 -29.51 -6.94 3.70
CA PRO E 58 -30.67 -7.67 4.24
C PRO E 58 -30.45 -8.22 5.63
N GLU E 59 -29.24 -8.72 5.91
CA GLU E 59 -28.98 -9.39 7.17
C GLU E 59 -29.20 -8.48 8.35
N VAL E 60 -29.06 -7.17 8.15
CA VAL E 60 -29.31 -6.22 9.23
C VAL E 60 -30.77 -6.28 9.66
N ALA E 61 -31.66 -6.35 8.68
CA ALA E 61 -33.09 -6.32 8.99
C ALA E 61 -33.52 -7.55 9.77
N LEU E 62 -33.04 -8.71 9.36
CA LEU E 62 -33.37 -9.94 10.07
C LEU E 62 -32.95 -9.84 11.54
N ARG E 63 -31.78 -9.27 11.80
CA ARG E 63 -31.34 -9.03 13.16
C ARG E 63 -32.03 -7.86 13.81
N ALA E 64 -32.95 -7.19 13.12
CA ALA E 64 -33.64 -6.04 13.65
C ALA E 64 -35.10 -6.36 13.95
N VAL E 65 -35.80 -6.89 12.95
CA VAL E 65 -37.20 -7.23 13.11
C VAL E 65 -37.36 -8.30 14.17
N GLU E 66 -36.40 -9.21 14.25
CA GLU E 66 -36.38 -10.17 15.35
C GLU E 66 -36.40 -9.48 16.70
N LEU E 67 -35.78 -8.30 16.78
CA LEU E 67 -35.73 -7.60 18.05
C LEU E 67 -37.04 -6.89 18.32
N VAL E 68 -37.75 -6.51 17.27
CA VAL E 68 -39.07 -5.93 17.44
C VAL E 68 -39.98 -6.92 18.12
N VAL E 69 -39.88 -8.19 17.73
CA VAL E 69 -40.71 -9.22 18.33
C VAL E 69 -40.43 -9.34 19.82
N ARG E 70 -39.16 -9.24 20.19
CA ARG E 70 -38.80 -9.29 21.60
C ARG E 70 -39.50 -8.20 22.38
N VAL E 71 -39.73 -7.05 21.76
CA VAL E 71 -40.51 -6.01 22.41
C VAL E 71 -41.91 -6.51 22.66
N ALA E 72 -42.50 -7.11 21.64
CA ALA E 72 -43.84 -7.68 21.77
C ALA E 72 -43.88 -8.70 22.88
N GLU E 73 -42.82 -9.49 23.01
CA GLU E 73 -42.72 -10.41 24.14
C GLU E 73 -42.70 -9.65 25.45
N LEU E 74 -42.02 -8.51 25.47
CA LEU E 74 -41.92 -7.74 26.69
C LEU E 74 -43.23 -7.02 27.00
N LEU E 75 -43.76 -6.29 26.02
CA LEU E 75 -45.01 -5.59 26.22
C LEU E 75 -46.13 -6.53 26.59
N LEU E 76 -46.07 -7.77 26.09
CA LEU E 76 -47.04 -8.76 26.49
C LEU E 76 -46.99 -8.98 27.99
N ARG E 77 -45.80 -9.29 28.52
CA ARG E 77 -45.63 -9.55 29.94
C ARG E 77 -46.14 -8.39 30.77
N ILE E 78 -45.96 -7.16 30.28
CA ILE E 78 -46.45 -6.00 31.00
C ILE E 78 -47.96 -6.09 31.17
N ALA E 79 -48.66 -6.25 30.06
CA ALA E 79 -50.11 -6.31 30.09
C ALA E 79 -50.60 -7.51 30.89
N LEU E 80 -49.85 -8.60 30.89
CA LEU E 80 -50.20 -9.72 31.74
C LEU E 80 -50.01 -9.36 33.20
N VAL E 81 -48.87 -8.78 33.53
CA VAL E 81 -48.61 -8.41 34.92
C VAL E 81 -49.53 -7.28 35.35
N SER E 82 -49.76 -6.33 34.45
CA SER E 82 -50.55 -5.15 34.82
C SER E 82 -52.04 -5.42 34.65
N GLY E 83 -52.42 -6.00 33.52
CA GLY E 83 -53.83 -6.20 33.20
C GLY E 83 -54.47 -5.08 32.40
N SER E 84 -53.70 -4.09 31.98
CA SER E 84 -54.26 -2.97 31.23
C SER E 84 -54.73 -3.43 29.86
N GLU E 85 -56.02 -3.26 29.59
CA GLU E 85 -56.54 -3.59 28.28
C GLU E 85 -55.94 -2.72 27.19
N GLU E 86 -55.51 -1.50 27.54
CA GLU E 86 -54.77 -0.70 26.58
C GLU E 86 -53.47 -1.37 26.19
N ALA E 87 -52.70 -1.82 27.18
CA ALA E 87 -51.39 -2.39 26.92
C ALA E 87 -51.47 -3.61 26.02
N LEU E 88 -52.55 -4.40 26.14
CA LEU E 88 -52.87 -5.37 25.12
C LEU E 88 -52.96 -4.69 23.76
N GLU E 89 -53.79 -3.66 23.69
CA GLU E 89 -54.00 -2.98 22.42
C GLU E 89 -52.79 -2.16 22.02
N ARG E 90 -51.89 -1.86 22.96
CA ARG E 90 -50.58 -1.34 22.57
C ARG E 90 -49.77 -2.42 21.90
N ALA E 91 -49.52 -3.51 22.64
CA ALA E 91 -48.75 -4.64 22.13
C ALA E 91 -49.41 -5.24 20.90
N LEU E 92 -50.72 -5.14 20.79
CA LEU E 92 -51.43 -5.62 19.61
C LEU E 92 -50.95 -4.90 18.37
N ARG E 93 -51.09 -3.58 18.34
CA ARG E 93 -50.77 -2.80 17.15
C ARG E 93 -49.31 -2.91 16.79
N VAL E 94 -48.44 -2.86 17.80
CA VAL E 94 -47.02 -3.09 17.58
C VAL E 94 -46.80 -4.45 16.96
N ALA E 95 -47.45 -5.47 17.49
CA ALA E 95 -47.28 -6.81 16.97
C ALA E 95 -47.83 -6.92 15.57
N GLU E 96 -49.02 -6.36 15.33
CA GLU E 96 -49.63 -6.43 14.02
C GLU E 96 -48.78 -5.72 12.98
N GLU E 97 -48.21 -4.57 13.35
CA GLU E 97 -47.37 -3.85 12.42
C GLU E 97 -46.10 -4.61 12.09
N ALA E 98 -45.66 -5.49 12.98
CA ALA E 98 -44.52 -6.35 12.70
C ALA E 98 -44.78 -7.21 11.47
N ALA E 99 -46.04 -7.56 11.24
CA ALA E 99 -46.39 -8.34 10.07
C ALA E 99 -46.00 -7.60 8.80
N ARG E 100 -46.43 -6.35 8.69
CA ARG E 100 -46.07 -5.52 7.54
C ARG E 100 -44.56 -5.42 7.40
N LEU E 101 -43.87 -5.19 8.52
CA LEU E 101 -42.42 -5.05 8.49
C LEU E 101 -41.77 -6.33 8.02
N ALA E 102 -42.35 -7.46 8.39
CA ALA E 102 -41.86 -8.73 7.89
C ALA E 102 -42.12 -8.86 6.40
N LYS E 103 -43.36 -8.61 5.99
CA LYS E 103 -43.69 -8.64 4.57
C LYS E 103 -42.89 -7.59 3.81
N ARG E 104 -42.56 -6.48 4.47
CA ARG E 104 -41.69 -5.49 3.87
C ARG E 104 -40.32 -6.06 3.59
N VAL E 105 -39.89 -7.04 4.39
CA VAL E 105 -38.56 -7.60 4.26
C VAL E 105 -38.52 -8.65 3.17
N LEU E 106 -39.62 -9.39 3.01
CA LEU E 106 -39.56 -10.59 2.18
C LEU E 106 -39.24 -10.24 0.74
N GLU E 107 -39.99 -9.33 0.15
CA GLU E 107 -39.81 -8.99 -1.24
C GLU E 107 -38.50 -8.28 -1.50
N LEU E 108 -37.82 -7.81 -0.46
CA LEU E 108 -36.48 -7.27 -0.63
C LEU E 108 -35.55 -8.30 -1.22
N ALA E 109 -35.43 -9.45 -0.57
CA ALA E 109 -34.34 -10.36 -0.87
C ALA E 109 -34.46 -10.97 -2.25
N GLU E 110 -35.67 -11.05 -2.80
CA GLU E 110 -35.81 -11.54 -4.16
C GLU E 110 -35.06 -10.66 -5.15
N SER E 111 -35.07 -9.36 -4.93
CA SER E 111 -34.22 -8.47 -5.71
C SER E 111 -32.75 -8.77 -5.46
N GLN E 112 -32.42 -9.18 -4.24
CA GLN E 112 -31.07 -9.59 -3.90
C GLN E 112 -30.80 -11.05 -4.24
N GLY E 113 -31.83 -11.86 -4.37
CA GLY E 113 -31.64 -13.28 -4.59
C GLY E 113 -31.07 -14.03 -3.40
N ASP E 114 -31.23 -13.50 -2.19
CA ASP E 114 -30.68 -14.09 -0.96
C ASP E 114 -31.81 -14.72 -0.15
N PRO E 115 -32.14 -16.00 -0.38
CA PRO E 115 -33.36 -16.54 0.23
C PRO E 115 -33.27 -16.81 1.71
N GLU E 116 -32.10 -17.26 2.20
CA GLU E 116 -31.97 -17.70 3.59
C GLU E 116 -32.36 -16.61 4.57
N VAL E 117 -32.22 -15.35 4.18
CA VAL E 117 -32.61 -14.27 5.08
C VAL E 117 -34.12 -14.28 5.28
N ALA E 118 -34.86 -14.80 4.31
CA ALA E 118 -36.31 -14.84 4.43
C ALA E 118 -36.76 -15.77 5.53
N LEU E 119 -36.28 -16.99 5.50
CA LEU E 119 -36.92 -18.08 6.21
C LEU E 119 -36.95 -17.81 7.71
N ARG E 120 -35.83 -17.34 8.26
CA ARG E 120 -35.84 -16.94 9.65
C ARG E 120 -36.72 -15.73 9.87
N ALA E 121 -36.89 -14.89 8.86
CA ALA E 121 -37.79 -13.74 9.00
C ALA E 121 -39.23 -14.19 8.99
N VAL E 122 -39.55 -15.13 8.10
CA VAL E 122 -40.91 -15.65 8.01
C VAL E 122 -41.33 -16.25 9.33
N GLU E 123 -40.43 -17.00 9.96
CA GLU E 123 -40.77 -17.65 11.21
C GLU E 123 -41.06 -16.65 12.31
N LEU E 124 -40.53 -15.43 12.21
CA LEU E 124 -40.89 -14.41 13.18
C LEU E 124 -42.37 -14.10 13.13
N VAL E 125 -42.93 -14.02 11.93
CA VAL E 125 -44.36 -13.78 11.78
C VAL E 125 -45.15 -14.86 12.49
N VAL E 126 -44.69 -16.09 12.39
CA VAL E 126 -45.44 -17.22 12.90
C VAL E 126 -45.60 -17.12 14.39
N ARG E 127 -44.57 -16.68 15.09
CA ARG E 127 -44.68 -16.49 16.52
C ARG E 127 -45.68 -15.42 16.86
N VAL E 128 -45.86 -14.44 15.96
CA VAL E 128 -46.80 -13.37 16.25
C VAL E 128 -48.21 -13.93 16.26
N ALA E 129 -48.49 -14.86 15.36
CA ALA E 129 -49.76 -15.57 15.41
C ALA E 129 -49.90 -16.32 16.72
N GLU E 130 -48.84 -17.03 17.12
CA GLU E 130 -48.81 -17.63 18.44
C GLU E 130 -48.91 -16.54 19.50
N LEU E 131 -48.34 -15.39 19.23
CA LEU E 131 -48.33 -14.33 20.24
C LEU E 131 -49.73 -13.78 20.44
N LEU E 132 -50.40 -13.40 19.35
CA LEU E 132 -51.76 -12.92 19.46
C LEU E 132 -52.68 -13.99 20.00
N LEU E 133 -52.41 -15.25 19.67
CA LEU E 133 -53.20 -16.35 20.17
C LEU E 133 -53.27 -16.32 21.69
N LEU E 134 -52.15 -16.04 22.34
CA LEU E 134 -52.15 -15.88 23.78
C LEU E 134 -53.01 -14.70 24.20
N ILE E 135 -53.00 -13.64 23.39
CA ILE E 135 -53.76 -12.46 23.73
C ILE E 135 -55.24 -12.72 23.53
N ALA E 136 -55.60 -13.42 22.47
CA ALA E 136 -57.00 -13.68 22.20
C ALA E 136 -57.62 -14.54 23.28
N LYS E 137 -56.86 -15.52 23.77
CA LYS E 137 -57.33 -16.35 24.86
C LYS E 137 -57.48 -15.56 26.15
N VAL E 138 -56.81 -14.40 26.25
CA VAL E 138 -56.99 -13.57 27.43
C VAL E 138 -58.27 -12.77 27.32
N SER E 139 -58.40 -11.97 26.27
CA SER E 139 -59.61 -11.16 26.11
C SER E 139 -60.79 -12.01 25.70
N GLY E 140 -60.55 -13.13 25.03
CA GLY E 140 -61.63 -13.94 24.49
C GLY E 140 -62.26 -13.38 23.24
N SER E 141 -61.78 -12.24 22.74
CA SER E 141 -62.38 -11.60 21.59
C SER E 141 -62.11 -12.39 20.31
N GLU E 142 -62.91 -12.12 19.29
CA GLU E 142 -62.74 -12.71 17.97
C GLU E 142 -62.08 -11.75 16.99
N GLU E 143 -62.05 -10.46 17.31
CA GLU E 143 -61.28 -9.49 16.53
C GLU E 143 -59.85 -9.97 16.35
N ALA E 144 -59.14 -10.14 17.45
CA ALA E 144 -57.75 -10.57 17.39
C ALA E 144 -57.60 -11.95 16.76
N LEU E 145 -58.57 -12.82 16.97
CA LEU E 145 -58.55 -14.13 16.32
C LEU E 145 -58.55 -13.98 14.82
N GLU E 146 -59.30 -13.00 14.31
CA GLU E 146 -59.29 -12.75 12.87
C GLU E 146 -57.96 -12.16 12.45
N ARG E 147 -57.44 -11.21 13.24
CA ARG E 147 -56.11 -10.66 12.98
C ARG E 147 -55.08 -11.76 12.93
N ALA E 148 -55.10 -12.65 13.91
CA ALA E 148 -54.28 -13.85 13.87
C ALA E 148 -54.56 -14.65 12.62
N LEU E 149 -55.83 -14.79 12.27
CA LEU E 149 -56.20 -15.65 11.16
C LEU E 149 -55.68 -15.08 9.85
N ARG E 150 -55.83 -13.78 9.65
CA ARG E 150 -55.42 -13.15 8.41
C ARG E 150 -53.92 -13.08 8.29
N VAL E 151 -53.22 -12.94 9.41
CA VAL E 151 -51.76 -12.87 9.39
C VAL E 151 -51.19 -14.17 8.86
N ALA E 152 -51.53 -15.28 9.51
CA ALA E 152 -50.87 -16.54 9.23
C ALA E 152 -51.21 -17.05 7.84
N GLU E 153 -52.48 -17.02 7.46
CA GLU E 153 -52.84 -17.49 6.14
C GLU E 153 -52.24 -16.60 5.07
N GLU E 154 -52.13 -15.30 5.35
CA GLU E 154 -51.31 -14.45 4.51
C GLU E 154 -49.85 -14.87 4.61
N ALA E 155 -49.40 -15.20 5.81
CA ALA E 155 -48.03 -15.65 5.97
C ALA E 155 -47.81 -16.98 5.26
N ALA E 156 -48.85 -17.80 5.18
CA ALA E 156 -48.74 -19.05 4.46
C ALA E 156 -48.51 -18.83 2.98
N ARG E 157 -49.16 -17.82 2.41
CA ARG E 157 -48.93 -17.48 1.01
C ARG E 157 -47.47 -17.15 0.74
N LEU E 158 -46.79 -16.58 1.75
CA LEU E 158 -45.46 -16.06 1.53
C LEU E 158 -44.48 -17.16 1.17
N ALA E 159 -44.62 -18.33 1.80
CA ALA E 159 -43.71 -19.42 1.55
C ALA E 159 -43.70 -19.83 0.10
N LYS E 160 -44.82 -19.66 -0.59
CA LYS E 160 -44.88 -19.99 -2.01
C LYS E 160 -43.93 -19.13 -2.82
N ARG E 161 -43.78 -17.86 -2.43
CA ARG E 161 -42.72 -17.05 -3.02
C ARG E 161 -41.36 -17.62 -2.67
N VAL E 162 -41.21 -18.06 -1.43
CA VAL E 162 -39.94 -18.57 -0.97
C VAL E 162 -39.60 -19.85 -1.70
N LEU E 163 -40.55 -20.77 -1.73
CA LEU E 163 -40.40 -21.98 -2.52
C LEU E 163 -40.13 -21.65 -3.97
N GLU E 164 -40.79 -20.61 -4.48
CA GLU E 164 -40.48 -20.13 -5.82
C GLU E 164 -39.11 -19.50 -5.86
N LEU E 165 -38.71 -18.84 -4.77
CA LEU E 165 -37.41 -18.20 -4.76
C LEU E 165 -36.29 -19.22 -4.78
N ALA E 166 -36.48 -20.34 -4.07
CA ALA E 166 -35.45 -21.36 -4.03
C ALA E 166 -35.30 -22.05 -5.37
N GLU E 167 -36.43 -22.42 -5.99
CA GLU E 167 -36.40 -23.16 -7.24
C GLU E 167 -35.68 -22.41 -8.34
N LYS E 168 -35.64 -21.08 -8.27
CA LYS E 168 -34.70 -20.34 -9.09
C LYS E 168 -33.29 -20.79 -8.82
N GLN E 169 -32.83 -20.59 -7.59
CA GLN E 169 -31.47 -20.96 -7.22
C GLN E 169 -31.30 -22.47 -7.13
N GLY E 170 -32.39 -23.23 -7.06
CA GLY E 170 -32.28 -24.65 -6.81
C GLY E 170 -31.70 -25.00 -5.47
N ASP E 171 -31.78 -24.08 -4.49
CA ASP E 171 -31.24 -24.33 -3.16
C ASP E 171 -32.22 -25.16 -2.35
N PRO E 172 -31.85 -26.35 -1.85
CA PRO E 172 -32.77 -27.09 -1.00
C PRO E 172 -32.82 -26.59 0.43
N ALA E 173 -31.84 -25.79 0.84
CA ALA E 173 -31.71 -25.40 2.24
C ALA E 173 -32.97 -24.71 2.73
N VAL E 174 -33.34 -23.61 2.09
CA VAL E 174 -34.58 -22.92 2.45
C VAL E 174 -35.78 -23.75 2.01
N ALA E 175 -35.59 -24.60 1.01
CA ALA E 175 -36.70 -25.28 0.36
C ALA E 175 -37.49 -26.16 1.33
N ILE E 176 -36.80 -27.07 2.00
CA ILE E 176 -37.49 -28.09 2.76
C ILE E 176 -38.13 -27.48 4.00
N LEU E 177 -37.39 -26.65 4.69
CA LEU E 177 -37.89 -25.99 5.88
C LEU E 177 -39.14 -25.17 5.59
N ALA E 178 -39.19 -24.52 4.43
CA ALA E 178 -40.35 -23.75 4.02
C ALA E 178 -41.62 -24.58 4.11
N VAL E 179 -41.54 -25.83 3.69
CA VAL E 179 -42.68 -26.72 3.79
C VAL E 179 -43.02 -26.97 5.25
N MET E 180 -42.00 -27.21 6.06
CA MET E 180 -42.20 -27.58 7.45
C MET E 180 -42.90 -26.48 8.24
N LEU E 181 -42.65 -25.22 7.89
CA LEU E 181 -43.31 -24.12 8.59
C LEU E 181 -44.82 -24.21 8.45
N VAL E 182 -45.28 -24.68 7.30
CA VAL E 182 -46.71 -24.77 7.09
C VAL E 182 -47.31 -25.80 8.04
N LYS E 183 -46.60 -26.89 8.25
CA LYS E 183 -46.99 -27.83 9.28
C LYS E 183 -46.86 -27.20 10.65
N ARG E 184 -45.86 -26.34 10.83
CA ARG E 184 -45.73 -25.60 12.07
C ARG E 184 -46.86 -24.59 12.21
N VAL E 185 -47.48 -24.20 11.09
CA VAL E 185 -48.67 -23.37 11.13
C VAL E 185 -49.90 -24.20 11.44
N ALA E 186 -49.99 -25.38 10.83
CA ALA E 186 -51.19 -26.20 10.93
C ALA E 186 -51.58 -26.50 12.36
N GLU E 187 -50.61 -26.56 13.27
CA GLU E 187 -50.91 -26.59 14.69
C GLU E 187 -51.77 -25.40 15.09
N LEU E 188 -51.46 -24.22 14.55
CA LEU E 188 -52.18 -23.02 14.94
C LEU E 188 -53.61 -23.06 14.43
N LEU E 189 -53.74 -23.28 13.13
CA LEU E 189 -55.03 -23.26 12.47
C LEU E 189 -55.95 -24.29 13.08
N GLU E 190 -55.40 -25.44 13.45
CA GLU E 190 -56.11 -26.38 14.29
C GLU E 190 -56.58 -25.69 15.57
N ASN E 191 -55.64 -25.14 16.33
CA ASN E 191 -55.92 -24.78 17.71
C ASN E 191 -56.90 -23.64 17.82
N ILE E 192 -56.83 -22.66 16.92
CA ILE E 192 -57.85 -21.64 16.92
C ILE E 192 -59.19 -22.23 16.49
N ALA E 193 -59.15 -23.14 15.51
CA ALA E 193 -60.37 -23.78 15.05
C ALA E 193 -60.88 -24.82 16.03
N ARG E 194 -60.02 -25.35 16.90
CA ARG E 194 -60.51 -26.12 18.03
C ARG E 194 -61.47 -25.28 18.87
N GLU E 195 -61.10 -24.03 19.12
CA GLU E 195 -61.77 -23.20 20.11
C GLU E 195 -63.02 -22.53 19.55
N SER E 196 -62.85 -21.70 18.54
CA SER E 196 -63.96 -20.91 18.02
C SER E 196 -64.96 -21.76 17.26
N GLY E 197 -64.54 -22.90 16.73
CA GLY E 197 -65.46 -23.79 16.04
C GLY E 197 -65.90 -23.33 14.67
N SER E 198 -65.45 -22.16 14.21
CA SER E 198 -65.79 -21.70 12.88
C SER E 198 -65.20 -22.67 11.85
N GLU E 199 -66.09 -23.28 11.06
CA GLU E 199 -65.65 -24.19 10.01
C GLU E 199 -64.77 -23.50 8.98
N GLU E 200 -64.89 -22.17 8.86
CA GLU E 200 -64.03 -21.44 7.95
C GLU E 200 -62.57 -21.57 8.35
N ALA E 201 -62.27 -21.43 9.64
CA ALA E 201 -60.93 -21.69 10.13
C ALA E 201 -60.51 -23.12 9.82
N LYS E 202 -61.42 -24.06 10.03
CA LYS E 202 -61.16 -25.45 9.67
C LYS E 202 -60.93 -25.58 8.17
N GLU E 203 -61.80 -24.95 7.38
CA GLU E 203 -61.59 -24.89 5.94
C GLU E 203 -60.25 -24.27 5.60
N ARG E 204 -59.99 -23.07 6.12
CA ARG E 204 -58.67 -22.47 6.06
C ARG E 204 -57.61 -23.45 6.54
N ALA E 205 -57.89 -24.15 7.64
CA ALA E 205 -56.91 -25.07 8.20
C ALA E 205 -56.64 -26.24 7.26
N GLU E 206 -57.69 -26.87 6.76
CA GLU E 206 -57.51 -28.03 5.90
C GLU E 206 -56.73 -27.66 4.65
N ARG E 207 -57.12 -26.56 3.99
CA ARG E 207 -56.44 -26.11 2.78
C ARG E 207 -54.96 -25.92 3.03
N VAL E 208 -54.62 -25.28 4.14
CA VAL E 208 -53.22 -25.04 4.48
C VAL E 208 -52.50 -26.36 4.70
N ARG E 209 -53.01 -27.20 5.59
CA ARG E 209 -52.36 -28.47 5.88
C ARG E 209 -52.35 -29.36 4.66
N GLU E 210 -53.38 -29.26 3.82
CA GLU E 210 -53.38 -29.97 2.55
C GLU E 210 -52.41 -29.36 1.56
N GLU E 211 -52.11 -28.07 1.69
CA GLU E 211 -51.22 -27.43 0.75
C GLU E 211 -49.79 -27.93 0.92
N ALA E 212 -49.31 -28.00 2.17
CA ALA E 212 -47.95 -28.46 2.42
C ALA E 212 -47.75 -29.87 1.93
N ARG E 213 -48.76 -30.72 2.14
CA ARG E 213 -48.77 -32.06 1.57
C ARG E 213 -48.53 -32.00 0.07
N GLU E 214 -49.10 -30.99 -0.60
CA GLU E 214 -48.89 -30.84 -2.04
C GLU E 214 -47.56 -30.15 -2.32
N LEU E 215 -47.23 -29.12 -1.53
CA LEU E 215 -46.02 -28.36 -1.81
C LEU E 215 -44.76 -29.18 -1.63
N GLN E 216 -44.77 -30.16 -0.74
CA GLN E 216 -43.59 -30.98 -0.54
C GLN E 216 -43.20 -31.73 -1.81
N GLU E 217 -44.18 -32.02 -2.67
CA GLU E 217 -43.93 -32.70 -3.93
C GLU E 217 -42.91 -31.95 -4.77
N ARG E 218 -42.98 -30.62 -4.76
CA ARG E 218 -42.06 -29.81 -5.54
C ARG E 218 -40.63 -29.87 -4.99
N VAL E 219 -40.45 -30.39 -3.78
CA VAL E 219 -39.13 -30.50 -3.16
C VAL E 219 -38.66 -31.95 -3.24
N LYS E 220 -39.60 -32.90 -3.27
CA LYS E 220 -39.26 -34.29 -3.48
C LYS E 220 -38.39 -34.48 -4.72
N GLU E 221 -38.67 -33.70 -5.77
CA GLU E 221 -37.78 -33.70 -6.92
C GLU E 221 -36.46 -33.03 -6.58
N LEU E 222 -36.50 -31.87 -5.91
CA LEU E 222 -35.27 -31.15 -5.59
C LEU E 222 -34.36 -31.99 -4.70
N LYS E 223 -34.93 -32.87 -3.88
CA LYS E 223 -34.12 -33.81 -3.14
C LYS E 223 -33.41 -34.79 -4.06
N GLU E 224 -33.95 -35.00 -5.26
CA GLU E 224 -33.33 -35.84 -6.27
C GLU E 224 -32.45 -35.06 -7.23
N ARG E 225 -32.54 -33.72 -7.24
CA ARG E 225 -31.78 -32.93 -8.20
C ARG E 225 -30.31 -32.82 -7.80
N ALA E 226 -30.04 -32.19 -6.65
CA ALA E 226 -28.69 -31.86 -6.23
C ALA E 226 -28.18 -32.77 -5.12
N GLY E 227 -28.91 -32.86 -4.01
CA GLY E 227 -28.49 -33.69 -2.90
C GLY E 227 -27.38 -33.07 -2.07
N ALA F 1 -10.91 -18.37 -4.18
CA ALA F 1 -12.35 -18.02 -4.33
C ALA F 1 -13.01 -18.03 -2.96
N GLU F 2 -12.70 -17.01 -2.19
CA GLU F 2 -13.19 -16.92 -0.82
C GLU F 2 -14.71 -16.89 -0.76
N GLU F 3 -15.36 -16.33 -1.78
CA GLU F 3 -16.82 -16.29 -1.82
C GLU F 3 -17.39 -17.69 -1.70
N LEU F 4 -16.84 -18.63 -2.47
CA LEU F 4 -17.30 -20.01 -2.39
C LEU F 4 -16.88 -20.64 -1.07
N LEU F 5 -15.69 -20.30 -0.59
CA LEU F 5 -15.15 -20.93 0.60
C LEU F 5 -16.05 -20.70 1.80
N LYS F 6 -16.41 -19.45 2.05
CA LYS F 6 -17.25 -19.13 3.20
C LYS F 6 -18.63 -19.72 3.04
N ARG F 7 -19.20 -19.65 1.84
CA ARG F 7 -20.56 -20.14 1.63
C ARG F 7 -20.64 -21.63 1.89
N VAL F 8 -19.66 -22.39 1.41
CA VAL F 8 -19.61 -23.81 1.73
C VAL F 8 -19.33 -23.99 3.21
N GLU F 9 -18.34 -23.27 3.73
CA GLU F 9 -18.05 -23.28 5.15
C GLU F 9 -19.27 -22.90 5.96
N LYS F 10 -20.10 -22.00 5.44
CA LYS F 10 -21.30 -21.60 6.15
C LYS F 10 -22.28 -22.75 6.28
N LEU F 11 -22.43 -23.55 5.20
CA LEU F 11 -23.35 -24.67 5.22
C LEU F 11 -23.08 -25.63 6.37
N VAL F 12 -21.80 -25.83 6.67
CA VAL F 12 -21.42 -26.75 7.73
C VAL F 12 -22.06 -26.32 9.04
N LYS F 13 -21.89 -25.05 9.40
CA LYS F 13 -22.35 -24.57 10.69
C LYS F 13 -23.87 -24.64 10.79
N GLU F 14 -24.57 -24.38 9.68
CA GLU F 14 -26.01 -24.53 9.69
C GLU F 14 -26.40 -25.98 9.94
N ALA F 15 -25.94 -26.89 9.08
CA ALA F 15 -26.30 -28.28 9.22
C ALA F 15 -25.80 -28.86 10.53
N GLU F 16 -24.59 -28.49 10.91
CA GLU F 16 -24.05 -28.97 12.17
C GLU F 16 -24.85 -28.42 13.33
N GLU F 17 -25.48 -27.26 13.15
CA GLU F 17 -26.41 -26.76 14.15
C GLU F 17 -27.76 -27.44 14.01
N LEU F 18 -28.18 -27.73 12.79
CA LEU F 18 -29.40 -28.50 12.59
C LEU F 18 -29.28 -29.87 13.22
N LEU F 19 -28.07 -30.41 13.25
CA LEU F 19 -27.84 -31.68 13.92
C LEU F 19 -28.29 -31.62 15.36
N ARG F 20 -27.93 -30.55 16.06
CA ARG F 20 -28.22 -30.41 17.47
C ARG F 20 -29.70 -30.15 17.71
N GLN F 21 -30.39 -29.53 16.76
CA GLN F 21 -31.83 -29.40 16.87
C GLN F 21 -32.49 -30.76 16.82
N ALA F 22 -31.90 -31.70 16.08
CA ALA F 22 -32.46 -33.04 15.99
C ALA F 22 -32.16 -33.86 17.23
N MET F 23 -30.97 -33.70 17.79
CA MET F 23 -30.62 -34.43 19.00
C MET F 23 -31.54 -34.05 20.15
N LYS F 24 -32.01 -32.81 20.18
CA LYS F 24 -32.92 -32.38 21.23
C LYS F 24 -34.32 -32.91 21.02
N LYS F 25 -34.72 -33.09 19.76
CA LYS F 25 -36.11 -33.30 19.38
C LYS F 25 -36.35 -34.59 18.63
N GLY F 26 -35.44 -34.99 17.76
CA GLY F 26 -35.56 -36.26 17.08
C GLY F 26 -36.46 -36.24 15.86
N SER F 27 -36.43 -35.15 15.10
CA SER F 27 -37.25 -34.99 13.91
C SER F 27 -36.47 -35.36 12.66
N GLU F 28 -36.95 -36.34 11.92
CA GLU F 28 -36.30 -36.71 10.66
C GLU F 28 -36.35 -35.58 9.65
N GLU F 29 -37.33 -34.68 9.76
CA GLU F 29 -37.39 -33.55 8.85
C GLU F 29 -36.16 -32.67 9.00
N LEU F 30 -35.67 -32.52 10.23
CA LEU F 30 -34.38 -31.86 10.43
C LEU F 30 -33.26 -32.63 9.76
N LEU F 31 -33.39 -33.96 9.71
CA LEU F 31 -32.32 -34.81 9.24
C LEU F 31 -32.33 -34.98 7.74
N GLU F 32 -33.53 -35.05 7.15
CA GLU F 32 -33.65 -35.02 5.70
C GLU F 32 -32.92 -33.80 5.14
N VAL F 33 -33.04 -32.67 5.82
CA VAL F 33 -32.37 -31.45 5.40
C VAL F 33 -30.86 -31.64 5.38
N ALA F 34 -30.32 -32.32 6.38
CA ALA F 34 -28.88 -32.49 6.44
C ALA F 34 -28.35 -33.27 5.25
N LEU F 35 -29.07 -34.30 4.84
CA LEU F 35 -28.73 -35.05 3.64
C LEU F 35 -28.97 -34.24 2.37
N VAL F 36 -29.62 -33.10 2.46
CA VAL F 36 -29.74 -32.16 1.36
C VAL F 36 -28.65 -31.11 1.43
N VAL F 37 -28.42 -30.55 2.61
CA VAL F 37 -27.46 -29.47 2.75
C VAL F 37 -26.06 -29.97 2.49
N ALA F 38 -25.59 -30.89 3.32
CA ALA F 38 -24.22 -31.34 3.21
C ALA F 38 -23.97 -32.08 1.91
N GLN F 39 -24.98 -32.78 1.41
CA GLN F 39 -24.77 -33.55 0.20
C GLN F 39 -24.65 -32.66 -1.02
N MET F 40 -25.15 -31.42 -0.93
CA MET F 40 -24.84 -30.40 -1.93
C MET F 40 -23.57 -29.64 -1.60
N ALA F 41 -23.06 -29.74 -0.38
CA ALA F 41 -21.76 -29.15 -0.09
C ALA F 41 -20.66 -29.81 -0.90
N ALA F 42 -20.73 -31.14 -1.02
CA ALA F 42 -19.78 -31.86 -1.85
C ALA F 42 -19.82 -31.35 -3.29
N ARG F 43 -21.00 -30.97 -3.78
CA ARG F 43 -21.11 -30.43 -5.12
C ARG F 43 -20.27 -29.17 -5.24
N GLU F 44 -20.50 -28.21 -4.35
CA GLU F 44 -19.83 -26.93 -4.43
C GLU F 44 -18.43 -26.96 -3.86
N ALA F 45 -18.17 -27.83 -2.90
CA ALA F 45 -16.83 -27.94 -2.36
C ALA F 45 -15.86 -28.48 -3.39
N LYS F 46 -16.23 -29.58 -4.04
CA LYS F 46 -15.41 -30.17 -5.08
C LYS F 46 -15.11 -29.17 -6.18
N LYS F 47 -16.04 -28.26 -6.46
CA LYS F 47 -15.78 -27.19 -7.41
C LYS F 47 -14.70 -26.26 -6.90
N VAL F 48 -14.71 -25.95 -5.60
CA VAL F 48 -13.69 -25.08 -5.06
C VAL F 48 -12.33 -25.72 -5.22
N LEU F 49 -12.27 -27.04 -5.11
CA LEU F 49 -11.03 -27.72 -5.38
C LEU F 49 -10.63 -27.57 -6.84
N THR F 50 -11.62 -27.65 -7.73
CA THR F 50 -11.36 -27.59 -9.15
C THR F 50 -10.74 -26.27 -9.54
N MET F 51 -11.49 -25.17 -9.38
CA MET F 51 -11.01 -23.87 -9.77
C MET F 51 -9.75 -23.48 -9.01
N ALA F 52 -9.58 -24.00 -7.81
CA ALA F 52 -8.34 -23.78 -7.08
C ALA F 52 -7.21 -24.61 -7.67
N GLU F 53 -7.52 -25.82 -8.14
CA GLU F 53 -6.51 -26.66 -8.76
C GLU F 53 -6.00 -26.06 -10.06
N VAL F 54 -6.74 -25.11 -10.63
CA VAL F 54 -6.30 -24.43 -11.84
C VAL F 54 -5.14 -23.49 -11.53
N GLU F 55 -5.41 -22.48 -10.72
CA GLU F 55 -4.46 -21.39 -10.55
C GLU F 55 -3.21 -21.82 -9.81
N GLY F 56 -3.26 -22.95 -9.10
CA GLY F 56 -2.15 -23.36 -8.28
C GLY F 56 -2.19 -22.67 -6.95
N ASP F 57 -3.38 -22.65 -6.34
CA ASP F 57 -3.60 -22.04 -5.03
C ASP F 57 -3.79 -23.15 -4.01
N PRO F 58 -2.71 -23.74 -3.48
CA PRO F 58 -2.85 -25.02 -2.79
C PRO F 58 -3.52 -24.90 -1.44
N GLU F 59 -3.21 -23.84 -0.70
CA GLU F 59 -3.69 -23.70 0.67
C GLU F 59 -5.21 -23.69 0.73
N VAL F 60 -5.85 -23.23 -0.34
CA VAL F 60 -7.31 -23.22 -0.38
C VAL F 60 -7.85 -24.64 -0.30
N ALA F 61 -7.22 -25.56 -1.03
CA ALA F 61 -7.73 -26.92 -1.09
C ALA F 61 -7.62 -27.61 0.25
N LEU F 62 -6.50 -27.44 0.94
CA LEU F 62 -6.32 -28.02 2.25
C LEU F 62 -7.42 -27.56 3.20
N ARG F 63 -7.77 -26.29 3.14
CA ARG F 63 -8.87 -25.76 3.93
C ARG F 63 -10.23 -26.13 3.37
N ALA F 64 -10.28 -26.89 2.26
CA ALA F 64 -11.54 -27.27 1.66
C ALA F 64 -11.80 -28.75 1.85
N VAL F 65 -10.84 -29.58 1.47
CA VAL F 65 -10.99 -31.02 1.59
C VAL F 65 -11.15 -31.41 3.06
N GLU F 66 -10.48 -30.69 3.94
CA GLU F 66 -10.69 -30.86 5.37
C GLU F 66 -12.16 -30.69 5.72
N LEU F 67 -12.85 -29.81 5.03
CA LEU F 67 -14.26 -29.55 5.33
C LEU F 67 -15.14 -30.64 4.77
N VAL F 68 -14.70 -31.27 3.68
CA VAL F 68 -15.42 -32.41 3.16
C VAL F 68 -15.46 -33.53 4.18
N VAL F 69 -14.36 -33.73 4.89
CA VAL F 69 -14.31 -34.77 5.89
C VAL F 69 -15.31 -34.48 7.00
N ARG F 70 -15.44 -33.21 7.39
CA ARG F 70 -16.41 -32.84 8.40
C ARG F 70 -17.81 -33.25 7.98
N VAL F 71 -18.10 -33.20 6.69
CA VAL F 71 -19.39 -33.70 6.22
C VAL F 71 -19.50 -35.18 6.52
N ALA F 72 -18.46 -35.93 6.20
CA ALA F 72 -18.43 -37.34 6.48
C ALA F 72 -18.64 -37.60 7.96
N GLU F 73 -18.06 -36.76 8.81
CA GLU F 73 -18.31 -36.85 10.24
C GLU F 73 -19.78 -36.62 10.53
N LEU F 74 -20.39 -35.69 9.81
CA LEU F 74 -21.79 -35.37 10.06
C LEU F 74 -22.70 -36.46 9.51
N LEU F 75 -22.51 -36.83 8.25
CA LEU F 75 -23.31 -37.87 7.65
C LEU F 75 -23.20 -39.18 8.40
N LEU F 76 -22.04 -39.43 9.00
CA LEU F 76 -21.89 -40.60 9.85
C LEU F 76 -22.89 -40.56 10.99
N ARG F 77 -22.86 -39.47 11.76
CA ARG F 77 -23.76 -39.32 12.90
C ARG F 77 -25.21 -39.51 12.50
N ILE F 78 -25.58 -39.07 11.31
CA ILE F 78 -26.94 -39.25 10.83
C ILE F 78 -27.27 -40.72 10.77
N ALA F 79 -26.44 -41.48 10.04
CA ALA F 79 -26.69 -42.90 9.87
C ALA F 79 -26.63 -43.63 11.20
N LEU F 80 -25.80 -43.17 12.13
CA LEU F 80 -25.81 -43.75 13.46
C LEU F 80 -27.12 -43.45 14.17
N VAL F 81 -27.54 -42.19 14.14
CA VAL F 81 -28.77 -41.80 14.82
C VAL F 81 -29.97 -42.42 14.11
N SER F 82 -29.93 -42.45 12.79
CA SER F 82 -31.07 -42.92 12.02
C SER F 82 -31.04 -44.44 11.86
N GLY F 83 -29.90 -44.98 11.49
CA GLY F 83 -29.77 -46.39 11.20
C GLY F 83 -29.98 -46.77 9.76
N SER F 84 -30.14 -45.80 8.87
CA SER F 84 -30.39 -46.10 7.47
C SER F 84 -29.14 -46.69 6.84
N GLU F 85 -29.26 -47.92 6.33
CA GLU F 85 -28.15 -48.54 5.63
C GLU F 85 -27.77 -47.78 4.37
N GLU F 86 -28.72 -47.05 3.77
CA GLU F 86 -28.37 -46.18 2.67
C GLU F 86 -27.42 -45.09 3.12
N ALA F 87 -27.76 -44.42 4.23
CA ALA F 87 -26.98 -43.29 4.70
C ALA F 87 -25.54 -43.68 5.00
N LEU F 88 -25.34 -44.90 5.48
CA LEU F 88 -23.99 -45.47 5.48
C LEU F 88 -23.42 -45.45 4.09
N GLU F 89 -24.14 -46.01 3.14
CA GLU F 89 -23.65 -46.08 1.78
C GLU F 89 -23.65 -44.73 1.10
N ARG F 90 -24.38 -43.76 1.63
CA ARG F 90 -24.20 -42.38 1.22
C ARG F 90 -22.87 -41.86 1.71
N ALA F 91 -22.70 -41.84 3.04
CA ALA F 91 -21.47 -41.38 3.66
C ALA F 91 -20.27 -42.20 3.21
N LEU F 92 -20.49 -43.46 2.83
CA LEU F 92 -19.41 -44.28 2.31
C LEU F 92 -18.83 -43.68 1.05
N ARG F 93 -19.67 -43.51 0.04
CA ARG F 93 -19.22 -43.04 -1.26
C ARG F 93 -18.61 -41.66 -1.18
N VAL F 94 -19.25 -40.78 -0.41
CA VAL F 94 -18.71 -39.46 -0.16
C VAL F 94 -17.33 -39.58 0.47
N ALA F 95 -17.21 -40.44 1.47
CA ALA F 95 -15.94 -40.61 2.16
C ALA F 95 -14.91 -41.21 1.22
N GLU F 96 -15.29 -42.23 0.47
CA GLU F 96 -14.35 -42.88 -0.44
C GLU F 96 -13.87 -41.91 -1.50
N GLU F 97 -14.76 -41.08 -2.01
CA GLU F 97 -14.37 -40.10 -3.02
C GLU F 97 -13.42 -39.07 -2.47
N ALA F 98 -13.47 -38.83 -1.15
CA ALA F 98 -12.51 -37.94 -0.53
C ALA F 98 -11.09 -38.42 -0.73
N ALA F 99 -10.90 -39.73 -0.81
CA ALA F 99 -9.59 -40.29 -1.06
C ALA F 99 -9.02 -39.77 -2.38
N ARG F 100 -9.80 -39.90 -3.45
CA ARG F 100 -9.39 -39.38 -4.74
C ARG F 100 -9.09 -37.89 -4.66
N LEU F 101 -9.95 -37.14 -4.01
CA LEU F 101 -9.76 -35.70 -3.89
C LEU F 101 -8.50 -35.38 -3.13
N ALA F 102 -8.17 -36.20 -2.15
CA ALA F 102 -6.91 -36.04 -1.45
C ALA F 102 -5.74 -36.36 -2.37
N LYS F 103 -5.80 -37.52 -3.04
CA LYS F 103 -4.77 -37.89 -3.99
C LYS F 103 -4.71 -36.88 -5.13
N ARG F 104 -5.84 -36.28 -5.47
CA ARG F 104 -5.87 -35.21 -6.45
C ARG F 104 -5.05 -34.02 -5.99
N VAL F 105 -4.97 -33.82 -4.67
CA VAL F 105 -4.29 -32.66 -4.12
C VAL F 105 -2.80 -32.91 -4.05
N LEU F 106 -2.39 -34.15 -3.79
CA LEU F 106 -1.01 -34.40 -3.43
C LEU F 106 -0.08 -34.04 -4.56
N GLU F 107 -0.34 -34.58 -5.74
CA GLU F 107 0.55 -34.35 -6.88
C GLU F 107 0.52 -32.92 -7.37
N LEU F 108 -0.45 -32.12 -6.92
CA LEU F 108 -0.43 -30.70 -7.20
C LEU F 108 0.83 -30.05 -6.69
N ALA F 109 1.09 -30.20 -5.39
CA ALA F 109 2.07 -29.36 -4.72
C ALA F 109 3.49 -29.65 -5.19
N GLU F 110 3.74 -30.85 -5.69
CA GLU F 110 5.06 -31.15 -6.24
C GLU F 110 5.38 -30.24 -7.41
N SER F 111 4.38 -29.94 -8.24
CA SER F 111 4.57 -28.92 -9.27
C SER F 111 4.82 -27.56 -8.64
N GLN F 112 4.22 -27.29 -7.49
CA GLN F 112 4.46 -26.07 -6.74
C GLN F 112 5.68 -26.17 -5.84
N GLY F 113 6.10 -27.37 -5.49
CA GLY F 113 7.19 -27.53 -4.55
C GLY F 113 6.86 -27.12 -3.12
N ASP F 114 5.58 -27.12 -2.76
CA ASP F 114 5.13 -26.69 -1.43
C ASP F 114 4.71 -27.91 -0.61
N PRO F 115 5.62 -28.55 0.12
CA PRO F 115 5.29 -29.85 0.73
C PRO F 115 4.36 -29.78 1.91
N GLU F 116 4.47 -28.74 2.75
CA GLU F 116 3.72 -28.68 3.99
C GLU F 116 2.23 -28.79 3.77
N VAL F 117 1.74 -28.36 2.61
CA VAL F 117 0.32 -28.46 2.33
C VAL F 117 -0.09 -29.91 2.21
N ALA F 118 0.85 -30.79 1.86
CA ALA F 118 0.52 -32.19 1.71
C ALA F 118 0.19 -32.82 3.05
N LEU F 119 1.08 -32.64 4.02
CA LEU F 119 1.10 -33.52 5.19
C LEU F 119 -0.20 -33.44 5.96
N ARG F 120 -0.72 -32.22 6.15
CA ARG F 120 -2.03 -32.10 6.76
C ARG F 120 -3.11 -32.66 5.86
N ALA F 121 -2.91 -32.66 4.54
CA ALA F 121 -3.88 -33.24 3.65
C ALA F 121 -3.84 -34.76 3.73
N VAL F 122 -2.64 -35.31 3.80
CA VAL F 122 -2.48 -36.76 3.90
C VAL F 122 -3.18 -37.28 5.14
N GLU F 123 -3.03 -36.57 6.25
CA GLU F 123 -3.63 -37.02 7.49
C GLU F 123 -5.15 -37.04 7.42
N LEU F 124 -5.74 -36.23 6.55
CA LEU F 124 -7.18 -36.31 6.35
C LEU F 124 -7.59 -37.67 5.85
N VAL F 125 -6.83 -38.24 4.92
CA VAL F 125 -7.11 -39.57 4.41
C VAL F 125 -7.11 -40.57 5.54
N VAL F 126 -6.18 -40.43 6.47
CA VAL F 126 -5.98 -41.41 7.51
C VAL F 126 -7.22 -41.50 8.39
N ARG F 127 -7.83 -40.37 8.68
CA ARG F 127 -9.06 -40.40 9.46
C ARG F 127 -10.16 -41.11 8.71
N VAL F 128 -10.14 -41.07 7.39
CA VAL F 128 -11.18 -41.72 6.62
C VAL F 128 -11.08 -43.23 6.80
N ALA F 129 -9.87 -43.74 6.86
CA ALA F 129 -9.69 -45.14 7.22
C ALA F 129 -10.23 -45.41 8.60
N GLU F 130 -9.90 -44.55 9.56
CA GLU F 130 -10.52 -44.62 10.87
C GLU F 130 -12.02 -44.44 10.76
N LEU F 131 -12.45 -43.61 9.81
CA LEU F 131 -13.87 -43.33 9.68
C LEU F 131 -14.62 -44.55 9.17
N LEU F 132 -14.14 -45.14 8.08
CA LEU F 132 -14.77 -46.35 7.57
C LEU F 132 -14.67 -47.48 8.57
N LEU F 133 -13.57 -47.52 9.32
CA LEU F 133 -13.40 -48.54 10.34
C LEU F 133 -14.59 -48.56 11.28
N LEU F 134 -15.05 -47.38 11.69
CA LEU F 134 -16.25 -47.32 12.52
C LEU F 134 -17.45 -47.86 11.77
N ILE F 135 -17.51 -47.62 10.46
CA ILE F 135 -18.64 -48.07 9.68
C ILE F 135 -18.59 -49.58 9.50
N ALA F 136 -17.39 -50.12 9.27
CA ALA F 136 -17.28 -51.54 9.05
C ALA F 136 -17.66 -52.31 10.30
N LYS F 137 -17.28 -51.80 11.47
CA LYS F 137 -17.68 -52.43 12.71
C LYS F 137 -19.18 -52.35 12.95
N VAL F 138 -19.87 -51.43 12.27
CA VAL F 138 -21.31 -51.36 12.39
C VAL F 138 -21.96 -52.43 11.52
N SER F 139 -21.69 -52.40 10.22
CA SER F 139 -22.28 -53.37 9.31
C SER F 139 -21.65 -54.74 9.49
N GLY F 140 -20.39 -54.79 9.93
CA GLY F 140 -19.66 -56.03 9.98
C GLY F 140 -19.17 -56.55 8.65
N SER F 141 -19.43 -55.83 7.56
CA SER F 141 -19.07 -56.29 6.23
C SER F 141 -17.55 -56.25 6.05
N GLU F 142 -17.08 -56.99 5.03
CA GLU F 142 -15.68 -56.99 4.64
C GLU F 142 -15.43 -56.15 3.40
N GLU F 143 -16.47 -55.81 2.66
CA GLU F 143 -16.36 -54.86 1.56
C GLU F 143 -15.67 -53.58 2.02
N ALA F 144 -16.27 -52.90 2.99
CA ALA F 144 -15.72 -51.66 3.51
C ALA F 144 -14.36 -51.86 4.13
N LEU F 145 -14.14 -53.00 4.77
CA LEU F 145 -12.82 -53.31 5.31
C LEU F 145 -11.77 -53.31 4.21
N GLU F 146 -12.12 -53.83 3.04
CA GLU F 146 -11.20 -53.79 1.92
C GLU F 146 -11.01 -52.36 1.42
N ARG F 147 -12.12 -51.62 1.32
CA ARG F 147 -12.05 -50.21 0.96
C ARG F 147 -11.12 -49.47 1.90
N ALA F 148 -11.31 -49.67 3.20
CA ALA F 148 -10.39 -49.16 4.20
C ALA F 148 -8.98 -49.66 3.93
N LEU F 149 -8.85 -50.92 3.60
CA LEU F 149 -7.53 -51.52 3.45
C LEU F 149 -6.81 -50.92 2.26
N ARG F 150 -7.52 -50.76 1.15
CA ARG F 150 -6.89 -50.24 -0.06
C ARG F 150 -6.58 -48.77 0.06
N VAL F 151 -7.39 -48.03 0.79
CA VAL F 151 -7.16 -46.60 0.96
C VAL F 151 -5.84 -46.37 1.68
N ALA F 152 -5.71 -46.95 2.86
CA ALA F 152 -4.59 -46.61 3.72
C ALA F 152 -3.27 -47.10 3.14
N GLU F 153 -3.22 -48.34 2.66
CA GLU F 153 -1.99 -48.84 2.09
C GLU F 153 -1.63 -48.07 0.83
N GLU F 154 -2.64 -47.65 0.08
CA GLU F 154 -2.40 -46.66 -0.97
C GLU F 154 -1.96 -45.35 -0.36
N ALA F 155 -2.58 -44.94 0.74
CA ALA F 155 -2.17 -43.72 1.42
C ALA F 155 -0.77 -43.85 1.96
N ALA F 156 -0.37 -45.06 2.35
CA ALA F 156 0.98 -45.27 2.84
C ALA F 156 2.00 -45.03 1.74
N ARG F 157 1.69 -45.44 0.51
CA ARG F 157 2.58 -45.17 -0.61
C ARG F 157 2.82 -43.68 -0.79
N LEU F 158 1.84 -42.86 -0.45
CA LEU F 158 1.90 -41.44 -0.76
C LEU F 158 3.03 -40.77 -0.02
N ALA F 159 3.26 -41.17 1.22
CA ALA F 159 4.30 -40.54 2.03
C ALA F 159 5.67 -40.68 1.38
N LYS F 160 5.88 -41.74 0.62
CA LYS F 160 7.15 -41.91 -0.06
C LYS F 160 7.38 -40.80 -1.06
N ARG F 161 6.33 -40.35 -1.74
CA ARG F 161 6.45 -39.14 -2.55
C ARG F 161 6.77 -37.95 -1.68
N VAL F 162 6.13 -37.87 -0.52
CA VAL F 162 6.33 -36.74 0.37
C VAL F 162 7.75 -36.75 0.89
N LEU F 163 8.19 -37.89 1.39
CA LEU F 163 9.56 -38.05 1.81
C LEU F 163 10.51 -37.74 0.66
N GLU F 164 10.13 -38.15 -0.55
CA GLU F 164 10.89 -37.78 -1.72
C GLU F 164 10.76 -36.29 -2.00
N LEU F 165 9.60 -35.72 -1.72
CA LEU F 165 9.41 -34.30 -1.96
C LEU F 165 10.26 -33.46 -1.03
N ALA F 166 10.39 -33.90 0.23
CA ALA F 166 11.18 -33.13 1.18
C ALA F 166 12.66 -33.20 0.85
N GLU F 167 13.17 -34.39 0.53
CA GLU F 167 14.59 -34.57 0.27
C GLU F 167 15.08 -33.72 -0.90
N LYS F 168 14.19 -33.36 -1.82
CA LYS F 168 14.51 -32.30 -2.76
C LYS F 168 14.84 -31.03 -2.01
N GLN F 169 13.86 -30.50 -1.29
CA GLN F 169 14.04 -29.27 -0.54
C GLN F 169 14.95 -29.45 0.66
N GLY F 170 15.19 -30.68 1.08
CA GLY F 170 15.92 -30.91 2.31
C GLY F 170 15.21 -30.40 3.56
N ASP F 171 13.89 -30.23 3.49
CA ASP F 171 13.13 -29.72 4.63
C ASP F 171 12.87 -30.86 5.61
N PRO F 172 13.31 -30.77 6.88
CA PRO F 172 12.95 -31.82 7.84
C PRO F 172 11.55 -31.71 8.38
N ALA F 173 10.91 -30.55 8.23
CA ALA F 173 9.62 -30.29 8.86
C ALA F 173 8.60 -31.34 8.46
N VAL F 174 8.32 -31.46 7.18
CA VAL F 174 7.41 -32.48 6.70
C VAL F 174 8.05 -33.86 6.83
N ALA F 175 9.38 -33.91 6.85
CA ALA F 175 10.10 -35.17 6.74
C ALA F 175 9.78 -36.11 7.88
N ILE F 176 9.97 -35.65 9.12
CA ILE F 176 9.92 -36.54 10.25
C ILE F 176 8.49 -36.98 10.51
N LEU F 177 7.55 -36.04 10.45
CA LEU F 177 6.16 -36.35 10.66
C LEU F 177 5.64 -37.37 9.67
N ALA F 178 6.10 -37.29 8.42
CA ALA F 178 5.72 -38.24 7.40
C ALA F 178 5.96 -39.67 7.85
N VAL F 179 7.08 -39.90 8.51
CA VAL F 179 7.37 -41.22 9.06
C VAL F 179 6.36 -41.57 10.13
N MET F 180 6.07 -40.61 11.01
CA MET F 180 5.22 -40.87 12.16
C MET F 180 3.81 -41.26 11.75
N LEU F 181 3.32 -40.73 10.63
CA LEU F 181 1.99 -41.09 10.15
C LEU F 181 1.88 -42.58 9.88
N VAL F 182 2.97 -43.18 9.42
CA VAL F 182 2.94 -44.59 9.11
C VAL F 182 2.75 -45.39 10.39
N LYS F 183 3.42 -44.95 11.45
CA LYS F 183 3.15 -45.53 12.76
C LYS F 183 1.74 -45.22 13.20
N ARG F 184 1.25 -44.04 12.85
CA ARG F 184 -0.14 -43.71 13.12
C ARG F 184 -1.08 -44.56 12.29
N VAL F 185 -0.58 -45.09 11.17
CA VAL F 185 -1.35 -46.05 10.38
C VAL F 185 -1.27 -47.43 11.00
N ALA F 186 -0.08 -47.82 11.47
CA ALA F 186 0.15 -49.17 11.93
C ALA F 186 -0.82 -49.59 13.03
N GLU F 187 -1.30 -48.64 13.82
CA GLU F 187 -2.41 -48.90 14.73
C GLU F 187 -3.61 -49.43 13.97
N LEU F 188 -3.89 -48.88 12.78
CA LEU F 188 -5.07 -49.28 12.04
C LEU F 188 -4.91 -50.68 11.49
N LEU F 189 -3.80 -50.91 10.79
CA LEU F 189 -3.54 -52.17 10.14
C LEU F 189 -3.51 -53.29 11.15
N GLU F 190 -2.97 -53.01 12.33
CA GLU F 190 -3.15 -53.90 13.46
C GLU F 190 -4.63 -54.17 13.70
N ASN F 191 -5.39 -53.10 13.95
CA ASN F 191 -6.71 -53.25 14.53
C ASN F 191 -7.69 -53.93 13.59
N ILE F 192 -7.59 -53.65 12.29
CA ILE F 192 -8.43 -54.40 11.36
C ILE F 192 -7.96 -55.85 11.30
N ALA F 193 -6.64 -56.05 11.36
CA ALA F 193 -6.10 -57.40 11.32
C ALA F 193 -6.28 -58.12 12.64
N ARG F 194 -6.45 -57.38 13.75
CA ARG F 194 -6.91 -58.01 14.98
C ARG F 194 -8.24 -58.73 14.74
N GLU F 195 -9.16 -58.07 14.05
CA GLU F 195 -10.54 -58.50 13.97
C GLU F 195 -10.75 -59.56 12.91
N SER F 196 -10.48 -59.23 11.65
CA SER F 196 -10.78 -60.12 10.55
C SER F 196 -9.85 -61.33 10.52
N GLY F 197 -8.65 -61.20 11.08
CA GLY F 197 -7.74 -62.32 11.14
C GLY F 197 -7.06 -62.68 9.84
N SER F 198 -7.36 -61.97 8.75
CA SER F 198 -6.70 -62.22 7.48
C SER F 198 -5.22 -61.92 7.62
N GLU F 199 -4.39 -62.95 7.41
CA GLU F 199 -2.94 -62.76 7.49
C GLU F 199 -2.44 -61.78 6.44
N GLU F 200 -3.21 -61.57 5.36
CA GLU F 200 -2.82 -60.58 4.36
C GLU F 200 -2.80 -59.19 4.97
N ALA F 201 -3.82 -58.84 5.74
CA ALA F 201 -3.78 -57.58 6.47
C ALA F 201 -2.59 -57.52 7.40
N LYS F 202 -2.30 -58.62 8.09
CA LYS F 202 -1.12 -58.70 8.93
C LYS F 202 0.14 -58.56 8.09
N GLU F 203 0.20 -59.27 6.95
CA GLU F 203 1.30 -59.10 6.01
C GLU F 203 1.39 -57.65 5.56
N ARG F 204 0.29 -57.10 5.05
CA ARG F 204 0.19 -55.68 4.77
C ARG F 204 0.62 -54.86 6.00
N ALA F 205 0.19 -55.28 7.17
CA ALA F 205 0.51 -54.54 8.38
C ALA F 205 1.99 -54.56 8.69
N GLU F 206 2.60 -55.75 8.65
CA GLU F 206 4.01 -55.87 8.97
C GLU F 206 4.86 -55.06 8.01
N ARG F 207 4.60 -55.20 6.71
CA ARG F 207 5.35 -54.47 5.70
C ARG F 207 5.30 -52.97 5.96
N VAL F 208 4.11 -52.46 6.27
CA VAL F 208 3.95 -51.05 6.54
C VAL F 208 4.74 -50.64 7.78
N ARG F 209 4.50 -51.32 8.90
CA ARG F 209 5.19 -50.98 10.13
C ARG F 209 6.69 -51.22 10.00
N GLU F 210 7.08 -52.22 9.21
CA GLU F 210 8.48 -52.42 8.91
C GLU F 210 9.03 -51.35 7.98
N GLU F 211 8.16 -50.76 7.15
CA GLU F 211 8.63 -49.76 6.20
C GLU F 211 9.06 -48.49 6.92
N ALA F 212 8.25 -48.01 7.87
CA ALA F 212 8.58 -46.78 8.59
C ALA F 212 9.87 -46.94 9.36
N ARG F 213 10.07 -48.12 9.95
CA ARG F 213 11.34 -48.46 10.56
C ARG F 213 12.49 -48.25 9.59
N GLU F 214 12.26 -48.59 8.32
CA GLU F 214 13.29 -48.39 7.30
C GLU F 214 13.31 -46.94 6.82
N LEU F 215 12.13 -46.35 6.62
CA LEU F 215 12.06 -45.00 6.08
C LEU F 215 12.67 -43.98 7.01
N GLN F 216 12.60 -44.19 8.32
CA GLN F 216 13.17 -43.24 9.25
C GLN F 216 14.67 -43.07 9.04
N GLU F 217 15.33 -44.11 8.53
CA GLU F 217 16.76 -44.06 8.25
C GLU F 217 17.10 -42.91 7.31
N ARG F 218 16.26 -42.67 6.32
CA ARG F 218 16.50 -41.59 5.37
C ARG F 218 16.37 -40.22 6.00
N VAL F 219 15.80 -40.13 7.21
CA VAL F 219 15.63 -38.87 7.91
C VAL F 219 16.69 -38.74 9.00
N LYS F 220 17.13 -39.89 9.54
CA LYS F 220 18.23 -39.89 10.49
C LYS F 220 19.44 -39.13 9.96
N GLU F 221 19.70 -39.23 8.66
CA GLU F 221 20.73 -38.40 8.05
C GLU F 221 20.28 -36.95 7.99
N LEU F 222 19.04 -36.70 7.56
CA LEU F 222 18.55 -35.32 7.44
C LEU F 222 18.56 -34.62 8.79
N LYS F 223 18.40 -35.37 9.88
CA LYS F 223 18.57 -34.77 11.20
C LYS F 223 20.00 -34.35 11.44
N GLU F 224 20.96 -34.95 10.72
CA GLU F 224 22.36 -34.57 10.79
C GLU F 224 22.75 -33.56 9.72
N ARG F 225 21.90 -33.33 8.72
CA ARG F 225 22.26 -32.43 7.62
C ARG F 225 22.13 -30.97 8.05
N ALA F 226 20.92 -30.53 8.37
CA ALA F 226 20.64 -29.12 8.62
C ALA F 226 20.45 -28.82 10.10
N GLY F 227 19.54 -29.52 10.77
CA GLY F 227 19.29 -29.28 12.19
C GLY F 227 18.47 -28.02 12.45
N ALA G 1 6.50 17.80 4.27
CA ALA G 1 7.72 17.13 4.81
C ALA G 1 7.30 15.89 5.59
N GLU G 2 6.90 14.87 4.84
CA GLU G 2 6.38 13.65 5.44
C GLU G 2 7.42 12.98 6.33
N GLU G 3 8.71 13.12 5.99
CA GLU G 3 9.76 12.54 6.80
C GLU G 3 9.68 13.03 8.24
N LEU G 4 9.50 14.34 8.42
CA LEU G 4 9.34 14.89 9.76
C LEU G 4 8.02 14.48 10.37
N LEU G 5 6.97 14.43 9.55
CA LEU G 5 5.63 14.15 10.05
C LEU G 5 5.57 12.80 10.74
N LYS G 6 6.05 11.76 10.07
CA LYS G 6 5.99 10.43 10.63
C LYS G 6 6.89 10.30 11.84
N ARG G 7 8.08 10.89 11.78
CA ARG G 7 9.02 10.78 12.89
C ARG G 7 8.46 11.41 14.15
N VAL G 8 7.85 12.59 14.02
CA VAL G 8 7.18 13.19 15.16
C VAL G 8 5.98 12.35 15.55
N GLU G 9 5.17 11.97 14.57
CA GLU G 9 4.05 11.08 14.82
C GLU G 9 4.49 9.79 15.47
N LYS G 10 5.68 9.31 15.11
CA LYS G 10 6.20 8.09 15.70
C LYS G 10 6.45 8.27 17.19
N LEU G 11 7.01 9.42 17.58
CA LEU G 11 7.31 9.68 18.99
C LEU G 11 6.10 9.53 19.88
N VAL G 12 4.94 9.95 19.38
CA VAL G 12 3.70 9.87 20.14
C VAL G 12 3.44 8.43 20.56
N LYS G 13 3.48 7.52 19.59
CA LYS G 13 3.13 6.13 19.86
C LYS G 13 4.10 5.50 20.83
N GLU G 14 5.38 5.84 20.74
CA GLU G 14 6.36 5.34 21.69
C GLU G 14 6.03 5.83 23.09
N ALA G 15 5.98 7.16 23.27
CA ALA G 15 5.73 7.72 24.58
C ALA G 15 4.36 7.32 25.10
N GLU G 16 3.37 7.33 24.22
CA GLU G 16 2.04 6.92 24.61
C GLU G 16 2.02 5.45 25.00
N GLU G 17 2.93 4.66 24.43
CA GLU G 17 3.09 3.29 24.88
C GLU G 17 3.93 3.22 26.14
N LEU G 18 4.93 4.10 26.26
CA LEU G 18 5.67 4.18 27.50
C LEU G 18 4.78 4.56 28.66
N LEU G 19 3.73 5.35 28.37
CA LEU G 19 2.77 5.69 29.40
C LEU G 19 2.16 4.45 30.01
N ARG G 20 1.79 3.49 29.17
CA ARG G 20 1.14 2.28 29.65
C ARG G 20 2.09 1.36 30.37
N GLN G 21 3.37 1.40 30.04
CA GLN G 21 4.36 0.67 30.81
C GLN G 21 4.45 1.21 32.23
N ALA G 22 4.22 2.51 32.38
CA ALA G 22 4.27 3.14 33.70
C ALA G 22 3.02 2.83 34.50
N MET G 23 1.86 2.83 33.84
CA MET G 23 0.62 2.52 34.54
C MET G 23 0.64 1.11 35.11
N LYS G 24 1.32 0.19 34.44
CA LYS G 24 1.42 -1.17 34.94
C LYS G 24 2.39 -1.28 36.11
N LYS G 25 3.42 -0.45 36.12
CA LYS G 25 4.58 -0.63 36.98
C LYS G 25 4.84 0.56 37.90
N GLY G 26 4.64 1.78 37.43
CA GLY G 26 4.78 2.94 38.27
C GLY G 26 6.20 3.43 38.44
N SER G 27 7.00 3.38 37.38
CA SER G 27 8.39 3.79 37.40
C SER G 27 8.52 5.21 36.87
N GLU G 28 9.05 6.10 37.69
CA GLU G 28 9.29 7.47 37.25
C GLU G 28 10.31 7.53 36.13
N GLU G 29 11.21 6.53 36.05
CA GLU G 29 12.17 6.51 34.95
C GLU G 29 11.48 6.40 33.61
N LEU G 30 10.39 5.63 33.56
CA LEU G 30 9.55 5.63 32.36
C LEU G 30 8.96 7.01 32.11
N LEU G 31 8.68 7.76 33.18
CA LEU G 31 7.97 9.02 33.08
C LEU G 31 8.90 10.17 32.79
N GLU G 32 10.09 10.16 33.38
CA GLU G 32 11.12 11.11 33.01
C GLU G 32 11.33 11.11 31.50
N VAL G 33 11.33 9.93 30.90
CA VAL G 33 11.50 9.80 29.46
C VAL G 33 10.39 10.53 28.73
N ALA G 34 9.16 10.43 29.20
CA ALA G 34 8.05 11.07 28.51
C ALA G 34 8.22 12.57 28.46
N LEU G 35 8.67 13.16 29.56
CA LEU G 35 8.98 14.58 29.59
C LEU G 35 10.20 14.94 28.75
N VAL G 36 10.94 13.94 28.28
CA VAL G 36 12.02 14.15 27.33
C VAL G 36 11.53 13.94 25.91
N VAL G 37 10.78 12.87 25.68
CA VAL G 37 10.34 12.53 24.34
C VAL G 37 9.37 13.57 23.83
N ALA G 38 8.24 13.70 24.50
CA ALA G 38 7.20 14.59 24.00
C ALA G 38 7.64 16.03 24.05
N GLN G 39 8.46 16.39 25.04
CA GLN G 39 8.85 17.78 25.17
C GLN G 39 9.82 18.18 24.07
N MET G 40 10.48 17.20 23.44
CA MET G 40 11.22 17.46 22.21
C MET G 40 10.35 17.31 20.98
N ALA G 41 9.17 16.69 21.10
CA ALA G 41 8.25 16.68 19.97
C ALA G 41 7.79 18.08 19.61
N ALA G 42 7.51 18.90 20.62
CA ALA G 42 7.17 20.29 20.38
C ALA G 42 8.27 21.02 19.62
N ARG G 43 9.53 20.66 19.87
CA ARG G 43 10.63 21.27 19.14
C ARG G 43 10.51 20.97 17.66
N GLU G 44 10.38 19.69 17.32
CA GLU G 44 10.35 19.28 15.93
C GLU G 44 8.99 19.46 15.30
N ALA G 45 7.92 19.38 16.08
CA ALA G 45 6.60 19.60 15.54
C ALA G 45 6.43 21.04 15.09
N LYS G 46 6.77 21.98 15.96
CA LYS G 46 6.68 23.39 15.64
C LYS G 46 7.47 23.73 14.39
N LYS G 47 8.59 23.02 14.16
CA LYS G 47 9.33 23.19 12.93
C LYS G 47 8.53 22.73 11.73
N VAL G 48 7.79 21.63 11.87
CA VAL G 48 6.99 21.16 10.76
C VAL G 48 5.94 22.19 10.40
N LEU G 49 5.43 22.88 11.41
CA LEU G 49 4.52 23.98 11.13
C LEU G 49 5.23 25.08 10.37
N THR G 50 6.47 25.37 10.76
CA THR G 50 7.22 26.46 10.16
C THR G 50 7.44 26.22 8.68
N MET G 51 8.19 25.18 8.33
CA MET G 51 8.51 24.90 6.94
C MET G 51 7.25 24.64 6.13
N ALA G 52 6.19 24.16 6.77
CA ALA G 52 4.92 24.02 6.08
C ALA G 52 4.25 25.37 5.89
N GLU G 53 4.41 26.27 6.85
CA GLU G 53 3.85 27.60 6.73
C GLU G 53 4.50 28.39 5.61
N VAL G 54 5.67 27.95 5.16
CA VAL G 54 6.34 28.61 4.04
C VAL G 54 5.62 28.31 2.74
N GLU G 55 5.59 27.04 2.36
CA GLU G 55 5.14 26.67 1.02
C GLU G 55 3.65 26.91 0.83
N GLY G 56 2.89 27.03 1.92
CA GLY G 56 1.46 27.13 1.80
C GLY G 56 0.84 25.76 1.68
N ASP G 57 1.29 24.84 2.53
CA ASP G 57 0.79 23.47 2.56
C ASP G 57 -0.07 23.31 3.80
N PRO G 58 -1.35 23.70 3.77
CA PRO G 58 -2.08 23.88 5.02
C PRO G 58 -2.44 22.58 5.70
N GLU G 59 -2.81 21.57 4.92
CA GLU G 59 -3.31 20.33 5.49
C GLU G 59 -2.28 19.66 6.38
N VAL G 60 -1.00 19.91 6.11
CA VAL G 60 0.06 19.34 6.94
C VAL G 60 -0.05 19.87 8.36
N ALA G 61 -0.29 21.17 8.49
CA ALA G 61 -0.31 21.79 9.80
C ALA G 61 -1.45 21.28 10.64
N LEU G 62 -2.64 21.14 10.05
CA LEU G 62 -3.78 20.61 10.75
C LEU G 62 -3.48 19.23 11.32
N ARG G 63 -2.81 18.40 10.54
CA ARG G 63 -2.38 17.09 11.00
C ARG G 63 -1.18 17.15 11.92
N ALA G 64 -0.66 18.34 12.21
CA ALA G 64 0.50 18.50 13.06
C ALA G 64 0.12 19.10 14.40
N VAL G 65 -0.57 20.23 14.36
CA VAL G 65 -0.98 20.90 15.59
C VAL G 65 -1.92 20.03 16.39
N GLU G 66 -2.75 19.25 15.69
CA GLU G 66 -3.57 18.26 16.35
C GLU G 66 -2.72 17.30 17.18
N LEU G 67 -1.51 17.02 16.71
CA LEU G 67 -0.64 16.09 17.42
C LEU G 67 0.01 16.76 18.61
N VAL G 68 0.20 18.07 18.52
CA VAL G 68 0.72 18.81 19.67
C VAL G 68 -0.25 18.70 20.83
N VAL G 69 -1.54 18.75 20.54
CA VAL G 69 -2.55 18.65 21.59
C VAL G 69 -2.47 17.29 22.26
N ARG G 70 -2.24 16.25 21.48
CA ARG G 70 -2.09 14.91 22.04
C ARG G 70 -0.96 14.87 23.06
N VAL G 71 0.09 15.66 22.83
CA VAL G 71 1.15 15.75 23.83
C VAL G 71 0.60 16.34 25.10
N ALA G 72 -0.17 17.42 24.97
CA ALA G 72 -0.80 18.04 26.11
C ALA G 72 -1.68 17.05 26.85
N GLU G 73 -2.37 16.20 26.11
CA GLU G 73 -3.14 15.14 26.73
C GLU G 73 -2.23 14.20 27.49
N LEU G 74 -1.05 13.93 26.93
CA LEU G 74 -0.13 13.01 27.58
C LEU G 74 0.53 13.65 28.78
N LEU G 75 1.10 14.84 28.60
CA LEU G 75 1.74 15.54 29.70
C LEU G 75 0.77 15.80 30.84
N LEU G 76 -0.50 15.98 30.52
CA LEU G 76 -1.51 16.11 31.56
C LEU G 76 -1.52 14.86 32.43
N ARG G 77 -1.70 13.70 31.81
CA ARG G 77 -1.77 12.45 32.54
C ARG G 77 -0.55 12.25 33.42
N ILE G 78 0.61 12.70 32.96
CA ILE G 78 1.83 12.59 33.75
C ILE G 78 1.65 13.35 35.06
N ALA G 79 1.31 14.63 34.94
CA ALA G 79 1.17 15.47 36.12
C ALA G 79 0.05 14.97 37.02
N LEU G 80 -0.99 14.38 36.45
CA LEU G 80 -2.03 13.76 37.27
C LEU G 80 -1.47 12.55 37.99
N VAL G 81 -0.78 11.68 37.28
CA VAL G 81 -0.22 10.48 37.89
C VAL G 81 0.88 10.85 38.86
N SER G 82 1.70 11.83 38.49
CA SER G 82 2.86 12.18 39.30
C SER G 82 2.49 13.17 40.39
N GLY G 83 1.74 14.21 40.03
CA GLY G 83 1.41 15.28 40.95
C GLY G 83 2.38 16.44 40.96
N SER G 84 3.36 16.45 40.07
CA SER G 84 4.35 17.52 40.04
C SER G 84 3.68 18.82 39.58
N GLU G 85 3.73 19.84 40.46
CA GLU G 85 3.21 21.14 40.08
C GLU G 85 3.99 21.75 38.92
N GLU G 86 5.26 21.39 38.75
CA GLU G 86 5.99 21.80 37.57
C GLU G 86 5.35 21.24 36.31
N ALA G 87 5.08 19.93 36.32
CA ALA G 87 4.58 19.27 35.13
C ALA G 87 3.25 19.86 34.67
N LEU G 88 2.42 20.30 35.62
CA LEU G 88 1.31 21.17 35.27
C LEU G 88 1.81 22.38 34.52
N GLU G 89 2.76 23.08 35.11
CA GLU G 89 3.27 24.29 34.50
C GLU G 89 4.11 24.00 33.27
N ARG G 90 4.57 22.76 33.11
CA ARG G 90 5.13 22.35 31.83
C ARG G 90 4.03 22.23 30.80
N ALA G 91 3.07 21.35 31.07
CA ALA G 91 1.94 21.14 30.17
C ALA G 91 1.14 22.41 29.97
N LEU G 92 1.15 23.32 30.95
CA LEU G 92 0.48 24.59 30.80
C LEU G 92 1.06 25.39 29.65
N ARG G 93 2.36 25.67 29.72
CA ARG G 93 3.01 26.51 28.73
C ARG G 93 2.95 25.90 27.35
N VAL G 94 3.18 24.59 27.27
CA VAL G 94 3.03 23.88 26.02
C VAL G 94 1.62 24.05 25.49
N ALA G 95 0.63 23.88 26.35
CA ALA G 95 -0.75 24.00 25.93
C ALA G 95 -1.06 25.43 25.52
N GLU G 96 -0.62 26.40 26.32
CA GLU G 96 -0.90 27.79 26.00
C GLU G 96 -0.26 28.19 24.68
N GLU G 97 0.95 27.71 24.43
CA GLU G 97 1.62 28.04 23.18
C GLU G 97 0.90 27.44 21.98
N ALA G 98 0.17 26.34 22.20
CA ALA G 98 -0.63 25.77 21.14
C ALA G 98 -1.66 26.76 20.62
N ALA G 99 -2.13 27.66 21.49
CA ALA G 99 -3.06 28.68 21.07
C ALA G 99 -2.46 29.56 19.98
N ARG G 100 -1.26 30.07 20.22
CA ARG G 100 -0.57 30.86 19.23
C ARG G 100 -0.37 30.08 17.94
N LEU G 101 0.04 28.82 18.05
CA LEU G 101 0.27 28.00 16.89
C LEU G 101 -1.02 27.78 16.11
N ALA G 102 -2.13 27.70 16.83
CA ALA G 102 -3.41 27.62 16.16
C ALA G 102 -3.73 28.93 15.47
N LYS G 103 -3.63 30.03 16.20
CA LYS G 103 -3.85 31.34 15.60
C LYS G 103 -2.85 31.61 14.49
N ARG G 104 -1.66 31.03 14.59
CA ARG G 104 -0.68 31.12 13.52
C ARG G 104 -1.20 30.44 12.27
N VAL G 105 -2.04 29.41 12.44
CA VAL G 105 -2.52 28.63 11.31
C VAL G 105 -3.69 29.32 10.64
N LEU G 106 -4.52 30.01 11.43
CA LEU G 106 -5.81 30.47 10.91
C LEU G 106 -5.62 31.44 9.78
N GLU G 107 -4.84 32.49 10.01
CA GLU G 107 -4.66 33.53 9.00
C GLU G 107 -3.89 33.04 7.79
N LEU G 108 -3.26 31.87 7.87
CA LEU G 108 -2.66 31.26 6.69
C LEU G 108 -3.69 31.04 5.61
N ALA G 109 -4.75 30.30 5.94
CA ALA G 109 -5.62 29.74 4.91
C ALA G 109 -6.40 30.82 4.17
N GLU G 110 -6.61 31.96 4.81
CA GLU G 110 -7.28 33.06 4.10
C GLU G 110 -6.48 33.49 2.89
N SER G 111 -5.15 33.52 3.01
CA SER G 111 -4.32 33.74 1.84
C SER G 111 -4.48 32.62 0.83
N GLN G 112 -4.72 31.40 1.31
CA GLN G 112 -5.00 30.26 0.45
C GLN G 112 -6.46 30.16 0.06
N GLY G 113 -7.36 30.78 0.83
CA GLY G 113 -8.78 30.64 0.58
C GLY G 113 -9.34 29.26 0.86
N ASP G 114 -8.67 28.48 1.71
CA ASP G 114 -9.07 27.10 2.02
C ASP G 114 -9.67 27.05 3.43
N PRO G 115 -10.98 27.26 3.59
CA PRO G 115 -11.53 27.44 4.94
C PRO G 115 -11.61 26.18 5.76
N GLU G 116 -11.92 25.04 5.14
CA GLU G 116 -12.17 23.81 5.89
C GLU G 116 -11.01 23.43 6.78
N VAL G 117 -9.80 23.81 6.40
CA VAL G 117 -8.65 23.49 7.23
C VAL G 117 -8.72 24.24 8.54
N ALA G 118 -9.41 25.37 8.57
CA ALA G 118 -9.51 26.15 9.79
C ALA G 118 -10.34 25.43 10.84
N LEU G 119 -11.53 25.00 10.46
CA LEU G 119 -12.55 24.68 11.43
C LEU G 119 -12.11 23.54 12.35
N ARG G 120 -11.50 22.51 11.79
CA ARG G 120 -10.93 21.47 12.62
C ARG G 120 -9.76 22.00 13.44
N ALA G 121 -9.06 23.02 12.94
CA ALA G 121 -7.97 23.60 13.71
C ALA G 121 -8.52 24.42 14.85
N VAL G 122 -9.57 25.18 14.60
CA VAL G 122 -10.18 26.00 15.63
C VAL G 122 -10.65 25.13 16.78
N GLU G 123 -11.26 23.99 16.46
CA GLU G 123 -11.77 23.12 17.51
C GLU G 123 -10.66 22.58 18.39
N LEU G 124 -9.43 22.49 17.87
CA LEU G 124 -8.33 22.10 18.72
C LEU G 124 -8.12 23.06 19.87
N VAL G 125 -8.23 24.36 19.58
CA VAL G 125 -8.11 25.38 20.61
C VAL G 125 -9.13 25.14 21.70
N VAL G 126 -10.33 24.78 21.30
CA VAL G 126 -11.44 24.67 22.23
C VAL G 126 -11.17 23.62 23.27
N ARG G 127 -10.58 22.49 22.85
CA ARG G 127 -10.23 21.46 23.81
C ARG G 127 -9.18 21.95 24.78
N VAL G 128 -8.35 22.89 24.36
CA VAL G 128 -7.32 23.39 25.26
C VAL G 128 -7.95 24.15 26.40
N ALA G 129 -9.00 24.91 26.10
CA ALA G 129 -9.78 25.53 27.16
C ALA G 129 -10.37 24.47 28.07
N GLU G 130 -10.96 23.43 27.48
CA GLU G 130 -11.38 22.28 28.27
C GLU G 130 -10.19 21.66 28.98
N LEU G 131 -9.04 21.68 28.34
CA LEU G 131 -7.87 21.04 28.91
C LEU G 131 -7.39 21.80 30.13
N LEU G 132 -7.20 23.11 30.00
CA LEU G 132 -6.80 23.91 31.14
C LEU G 132 -7.85 23.90 32.23
N LEU G 133 -9.11 23.82 31.83
CA LEU G 133 -10.19 23.75 32.79
C LEU G 133 -9.98 22.61 33.77
N LEU G 134 -9.56 21.45 33.25
CA LEU G 134 -9.22 20.35 34.14
C LEU G 134 -8.06 20.69 35.03
N ILE G 135 -7.11 21.47 34.52
CA ILE G 135 -5.94 21.84 35.31
C ILE G 135 -6.32 22.84 36.38
N ALA G 136 -7.18 23.80 36.02
CA ALA G 136 -7.55 24.82 36.98
C ALA G 136 -8.32 24.22 38.14
N LYS G 137 -9.18 23.24 37.85
CA LYS G 137 -9.89 22.56 38.92
C LYS G 137 -8.96 21.74 39.80
N VAL G 138 -7.77 21.42 39.32
CA VAL G 138 -6.80 20.71 40.13
C VAL G 138 -6.11 21.68 41.08
N SER G 139 -5.45 22.69 40.53
CA SER G 139 -4.75 23.65 41.36
C SER G 139 -5.72 24.58 42.09
N GLY G 140 -6.91 24.80 41.51
CA GLY G 140 -7.84 25.76 42.05
C GLY G 140 -7.47 27.21 41.78
N SER G 141 -6.37 27.47 41.08
CA SER G 141 -5.92 28.83 40.85
C SER G 141 -6.85 29.55 39.88
N GLU G 142 -6.74 30.88 39.88
CA GLU G 142 -7.48 31.73 38.96
C GLU G 142 -6.61 32.24 37.82
N GLU G 143 -5.29 32.14 37.96
CA GLU G 143 -4.38 32.43 36.86
C GLU G 143 -4.78 31.64 35.62
N ALA G 144 -4.77 30.32 35.72
CA ALA G 144 -5.12 29.47 34.60
C ALA G 144 -6.54 29.68 34.13
N LEU G 145 -7.46 29.99 35.05
CA LEU G 145 -8.82 30.30 34.67
C LEU G 145 -8.86 31.51 33.75
N GLU G 146 -8.01 32.49 34.02
CA GLU G 146 -7.93 33.64 33.13
C GLU G 146 -7.30 33.26 31.80
N ARG G 147 -6.23 32.46 31.85
CA ARG G 147 -5.63 31.94 30.63
C ARG G 147 -6.66 31.21 29.79
N ALA G 148 -7.42 30.33 30.43
CA ALA G 148 -8.56 29.70 29.77
C ALA G 148 -9.53 30.74 29.26
N LEU G 149 -9.79 31.76 30.06
CA LEU G 149 -10.80 32.73 29.70
C LEU G 149 -10.37 33.53 28.48
N ARG G 150 -9.11 33.96 28.46
CA ARG G 150 -8.62 34.76 27.36
C ARG G 150 -8.46 33.97 26.08
N VAL G 151 -8.14 32.69 26.21
CA VAL G 151 -7.99 31.84 25.03
C VAL G 151 -9.29 31.73 24.29
N ALA G 152 -10.34 31.27 24.99
CA ALA G 152 -11.56 30.92 24.31
C ALA G 152 -12.27 32.14 23.75
N GLU G 153 -12.36 33.22 24.54
CA GLU G 153 -13.03 34.40 24.03
C GLU G 153 -12.23 35.01 22.88
N GLU G 154 -10.91 34.89 22.94
CA GLU G 154 -10.11 35.18 21.75
C GLU G 154 -10.41 34.17 20.67
N ALA G 155 -10.56 32.90 21.05
CA ALA G 155 -10.91 31.88 20.06
C ALA G 155 -12.29 32.13 19.49
N ALA G 156 -13.18 32.71 20.28
CA ALA G 156 -14.51 33.03 19.79
C ALA G 156 -14.46 34.09 18.70
N ARG G 157 -13.57 35.08 18.85
CA ARG G 157 -13.39 36.09 17.82
C ARG G 157 -13.00 35.45 16.49
N LEU G 158 -12.27 34.35 16.54
CA LEU G 158 -11.69 33.78 15.34
C LEU G 158 -12.76 33.32 14.36
N ALA G 159 -13.84 32.76 14.88
CA ALA G 159 -14.90 32.24 14.02
C ALA G 159 -15.48 33.33 13.15
N LYS G 160 -15.46 34.57 13.62
CA LYS G 160 -15.98 35.67 12.82
C LYS G 160 -15.16 35.84 11.55
N ARG G 161 -13.85 35.63 11.63
CA ARG G 161 -13.04 35.57 10.42
C ARG G 161 -13.48 34.39 9.56
N VAL G 162 -13.75 33.27 10.21
CA VAL G 162 -14.11 32.07 9.48
C VAL G 162 -15.45 32.26 8.80
N LEU G 163 -16.43 32.74 9.56
CA LEU G 163 -17.72 33.10 9.00
C LEU G 163 -17.54 34.12 7.88
N GLU G 164 -16.62 35.07 8.08
CA GLU G 164 -16.30 36.00 7.02
C GLU G 164 -15.58 35.29 5.88
N LEU G 165 -14.76 34.28 6.21
CA LEU G 165 -14.05 33.58 5.17
C LEU G 165 -15.00 32.78 4.29
N ALA G 166 -16.02 32.18 4.90
CA ALA G 166 -16.96 31.39 4.12
C ALA G 166 -17.81 32.26 3.22
N GLU G 167 -18.32 33.37 3.74
CA GLU G 167 -19.20 34.23 2.98
C GLU G 167 -18.54 34.77 1.73
N LYS G 168 -17.22 34.87 1.70
CA LYS G 168 -16.52 35.06 0.44
C LYS G 168 -16.85 33.93 -0.51
N GLN G 169 -16.46 32.71 -0.14
CA GLN G 169 -16.70 31.54 -0.97
C GLN G 169 -18.17 31.17 -1.03
N GLY G 170 -18.98 31.67 -0.11
CA GLY G 170 -20.35 31.21 -0.01
C GLY G 170 -20.50 29.76 0.36
N ASP G 171 -19.47 29.17 0.99
CA ASP G 171 -19.53 27.76 1.37
C ASP G 171 -20.31 27.60 2.66
N PRO G 172 -21.40 26.82 2.69
CA PRO G 172 -22.09 26.60 3.97
C PRO G 172 -21.42 25.58 4.85
N ALA G 173 -20.51 24.77 4.30
CA ALA G 173 -19.94 23.65 5.03
C ALA G 173 -19.28 24.12 6.32
N VAL G 174 -18.29 24.99 6.21
CA VAL G 174 -17.66 25.55 7.39
C VAL G 174 -18.60 26.51 8.10
N ALA G 175 -19.57 27.06 7.36
CA ALA G 175 -20.39 28.15 7.88
C ALA G 175 -21.18 27.75 9.10
N ILE G 176 -21.97 26.68 8.98
CA ILE G 176 -22.93 26.36 10.01
C ILE G 176 -22.22 25.85 11.25
N LEU G 177 -21.25 24.97 11.06
CA LEU G 177 -20.48 24.44 12.18
C LEU G 177 -19.80 25.53 12.98
N ALA G 178 -19.30 26.55 12.29
CA ALA G 178 -18.66 27.68 12.96
C ALA G 178 -19.55 28.26 14.03
N VAL G 179 -20.83 28.38 13.74
CA VAL G 179 -21.78 28.86 14.73
C VAL G 179 -21.87 27.89 15.89
N MET G 180 -21.94 26.60 15.57
CA MET G 180 -22.16 25.58 16.59
C MET G 180 -21.02 25.53 17.60
N LEU G 181 -19.79 25.82 17.17
CA LEU G 181 -18.66 25.83 18.08
C LEU G 181 -18.87 26.83 19.19
N VAL G 182 -19.51 27.95 18.89
CA VAL G 182 -19.71 28.96 19.90
C VAL G 182 -20.65 28.44 20.96
N LYS G 183 -21.67 27.69 20.56
CA LYS G 183 -22.50 26.99 21.52
C LYS G 183 -21.69 25.93 22.23
N ARG G 184 -20.76 25.30 21.51
CA ARG G 184 -19.86 24.35 22.16
C ARG G 184 -18.92 25.06 23.12
N VAL G 185 -18.71 26.37 22.91
CA VAL G 185 -17.95 27.16 23.87
C VAL G 185 -18.83 27.55 25.05
N ALA G 186 -20.08 27.92 24.78
CA ALA G 186 -20.95 28.45 25.81
C ALA G 186 -21.10 27.52 27.00
N GLU G 187 -20.99 26.21 26.78
CA GLU G 187 -20.87 25.28 27.87
C GLU G 187 -19.69 25.64 28.78
N LEU G 188 -18.57 26.04 28.18
CA LEU G 188 -17.38 26.33 28.97
C LEU G 188 -17.57 27.59 29.78
N LEU G 189 -17.96 28.66 29.11
CA LEU G 189 -18.11 29.95 29.74
C LEU G 189 -19.12 29.90 30.86
N GLU G 190 -20.17 29.11 30.66
CA GLU G 190 -21.04 28.75 31.77
C GLU G 190 -20.24 28.12 32.90
N ASN G 191 -19.54 27.03 32.60
CA ASN G 191 -19.03 26.16 33.65
C ASN G 191 -17.94 26.83 34.47
N ILE G 192 -17.09 27.64 33.84
CA ILE G 192 -16.13 28.39 34.64
C ILE G 192 -16.86 29.45 35.44
N ALA G 193 -17.88 30.06 34.85
CA ALA G 193 -18.65 31.08 35.55
C ALA G 193 -19.59 30.47 36.58
N ARG G 194 -19.95 29.20 36.43
CA ARG G 194 -20.62 28.50 37.52
C ARG G 194 -19.76 28.53 38.78
N GLU G 195 -18.45 28.29 38.61
CA GLU G 195 -17.56 28.02 39.73
C GLU G 195 -17.04 29.31 40.37
N SER G 196 -16.33 30.12 39.59
CA SER G 196 -15.68 31.30 40.14
C SER G 196 -16.68 32.38 40.51
N GLY G 197 -17.84 32.40 39.87
CA GLY G 197 -18.87 33.37 40.21
C GLY G 197 -18.61 34.77 39.71
N SER G 198 -17.48 35.02 39.04
CA SER G 198 -17.22 36.34 38.50
C SER G 198 -18.26 36.67 37.44
N GLU G 199 -19.02 37.74 37.68
CA GLU G 199 -20.03 38.16 36.71
C GLU G 199 -19.41 38.54 35.37
N GLU G 200 -18.12 38.89 35.36
CA GLU G 200 -17.44 39.19 34.10
C GLU G 200 -17.43 37.97 33.19
N ALA G 201 -17.11 36.80 33.74
CA ALA G 201 -17.22 35.58 32.97
C ALA G 201 -18.64 35.37 32.49
N LYS G 202 -19.61 35.62 33.36
CA LYS G 202 -21.01 35.55 32.96
C LYS G 202 -21.32 36.58 31.88
N GLU G 203 -20.84 37.81 32.07
CA GLU G 203 -20.94 38.83 31.03
C GLU G 203 -20.29 38.36 29.75
N ARG G 204 -19.03 37.97 29.83
CA ARG G 204 -18.35 37.30 28.72
C ARG G 204 -19.19 36.13 28.20
N ALA G 205 -19.77 35.36 29.10
CA ALA G 205 -20.55 34.20 28.68
C ALA G 205 -21.80 34.61 27.93
N GLU G 206 -22.55 35.56 28.47
CA GLU G 206 -23.79 35.96 27.83
C GLU G 206 -23.53 36.52 26.44
N ARG G 207 -22.55 37.43 26.33
CA ARG G 207 -22.22 38.04 25.05
C ARG G 207 -21.88 36.97 24.01
N VAL G 208 -21.10 35.98 24.41
CA VAL G 208 -20.73 34.91 23.49
C VAL G 208 -21.96 34.11 23.08
N ARG G 209 -22.71 33.61 24.05
CA ARG G 209 -23.90 32.81 23.73
C ARG G 209 -24.93 33.65 23.00
N GLU G 210 -25.00 34.94 23.31
CA GLU G 210 -25.86 35.84 22.56
C GLU G 210 -25.32 36.12 21.17
N GLU G 211 -24.00 36.02 21.00
CA GLU G 211 -23.41 36.30 19.69
C GLU G 211 -23.80 35.24 18.67
N ALA G 212 -23.69 33.96 19.05
CA ALA G 212 -24.01 32.87 18.13
C ALA G 212 -25.47 32.95 17.71
N ARG G 213 -26.35 33.27 18.65
CA ARG G 213 -27.74 33.55 18.34
C ARG G 213 -27.85 34.59 17.24
N GLU G 214 -26.98 35.59 17.27
CA GLU G 214 -26.99 36.62 16.24
C GLU G 214 -26.25 36.14 14.99
N LEU G 215 -25.11 35.46 15.17
CA LEU G 215 -24.31 35.05 14.03
C LEU G 215 -25.02 34.05 13.15
N GLN G 216 -25.89 33.22 13.73
CA GLN G 216 -26.60 32.23 12.93
C GLN G 216 -27.47 32.89 11.87
N GLU G 217 -27.92 34.12 12.14
CA GLU G 217 -28.73 34.86 11.18
C GLU G 217 -28.03 35.01 9.84
N ARG G 218 -26.71 35.24 9.87
CA ARG G 218 -25.95 35.40 8.65
C ARG G 218 -25.85 34.10 7.85
N VAL G 219 -26.20 32.96 8.46
CA VAL G 219 -26.15 31.67 7.79
C VAL G 219 -27.56 31.25 7.40
N LYS G 220 -28.56 31.70 8.15
CA LYS G 220 -29.95 31.47 7.78
C LYS G 220 -30.23 31.90 6.34
N GLU G 221 -29.61 33.00 5.91
CA GLU G 221 -29.69 33.37 4.50
C GLU G 221 -28.89 32.41 3.64
N LEU G 222 -27.67 32.07 4.05
CA LEU G 222 -26.84 31.16 3.25
C LEU G 222 -27.50 29.80 3.09
N LYS G 223 -28.30 29.38 4.06
CA LYS G 223 -29.09 28.17 3.87
C LYS G 223 -30.13 28.34 2.79
N GLU G 224 -30.52 29.58 2.49
CA GLU G 224 -31.44 29.88 1.40
C GLU G 224 -30.73 30.22 0.10
N ARG G 225 -29.40 30.46 0.15
CA ARG G 225 -28.68 30.86 -1.06
C ARG G 225 -28.44 29.68 -1.99
N ALA G 226 -27.65 28.70 -1.53
CA ALA G 226 -27.18 27.61 -2.35
C ALA G 226 -27.91 26.30 -2.06
N GLY G 227 -27.91 25.85 -0.81
CA GLY G 227 -28.57 24.61 -0.44
C GLY G 227 -27.79 23.38 -0.85
N ALA H 1 -12.40 17.13 -15.54
CA ALA H 1 -12.18 18.16 -14.50
C ALA H 1 -12.07 17.49 -13.15
N GLU H 2 -10.92 16.82 -12.95
CA GLU H 2 -10.70 16.06 -11.73
C GLU H 2 -10.78 16.93 -10.49
N GLU H 3 -10.38 18.20 -10.61
CA GLU H 3 -10.45 19.12 -9.47
C GLU H 3 -11.87 19.18 -8.91
N LEU H 4 -12.85 19.33 -9.79
CA LEU H 4 -14.23 19.34 -9.34
C LEU H 4 -14.67 17.97 -8.86
N LEU H 5 -14.20 16.92 -9.52
CA LEU H 5 -14.64 15.56 -9.22
C LEU H 5 -14.33 15.21 -7.78
N LYS H 6 -13.07 15.40 -7.37
CA LYS H 6 -12.68 15.04 -6.02
C LYS H 6 -13.36 15.92 -4.99
N ARG H 7 -13.48 17.21 -5.28
CA ARG H 7 -14.08 18.13 -4.32
C ARG H 7 -15.53 17.78 -4.06
N VAL H 8 -16.28 17.45 -5.12
CA VAL H 8 -17.65 16.97 -4.94
C VAL H 8 -17.61 15.62 -4.25
N GLU H 9 -16.77 14.71 -4.73
CA GLU H 9 -16.60 13.43 -4.11
C GLU H 9 -16.20 13.57 -2.64
N LYS H 10 -15.43 14.60 -2.33
CA LYS H 10 -15.02 14.83 -0.95
C LYS H 10 -16.22 15.15 -0.08
N LEU H 11 -17.14 15.98 -0.58
CA LEU H 11 -18.31 16.37 0.19
C LEU H 11 -19.10 15.17 0.68
N VAL H 12 -19.19 14.14 -0.15
CA VAL H 12 -19.93 12.94 0.22
C VAL H 12 -19.39 12.36 1.50
N LYS H 13 -18.08 12.15 1.56
CA LYS H 13 -17.48 11.49 2.70
C LYS H 13 -17.64 12.31 3.96
N GLU H 14 -17.56 13.63 3.85
CA GLU H 14 -17.80 14.49 5.00
C GLU H 14 -19.23 14.32 5.50
N ALA H 15 -20.20 14.59 4.63
CA ALA H 15 -21.60 14.52 5.03
C ALA H 15 -21.97 13.11 5.44
N GLU H 16 -21.48 12.12 4.70
CA GLU H 16 -21.76 10.74 5.04
C GLU H 16 -21.13 10.38 6.38
N GLU H 17 -20.05 11.06 6.74
CA GLU H 17 -19.49 10.90 8.07
C GLU H 17 -20.26 11.73 9.07
N LEU H 18 -20.74 12.92 8.67
CA LEU H 18 -21.60 13.70 9.54
C LEU H 18 -22.87 12.95 9.86
N LEU H 19 -23.33 12.11 8.94
CA LEU H 19 -24.48 11.28 9.18
C LEU H 19 -24.27 10.41 10.40
N ARG H 20 -23.10 9.81 10.52
CA ARG H 20 -22.82 8.89 11.61
C ARG H 20 -22.63 9.62 12.92
N GLN H 21 -22.17 10.87 12.88
CA GLN H 21 -22.13 11.67 14.09
C GLN H 21 -23.53 11.92 14.62
N ALA H 22 -24.50 12.02 13.72
CA ALA H 22 -25.88 12.25 14.13
C ALA H 22 -26.52 10.99 14.67
N MET H 23 -26.22 9.84 14.05
CA MET H 23 -26.76 8.57 14.52
C MET H 23 -26.31 8.28 15.95
N LYS H 24 -25.11 8.71 16.31
CA LYS H 24 -24.61 8.49 17.67
C LYS H 24 -25.25 9.44 18.66
N LYS H 25 -25.61 10.64 18.21
CA LYS H 25 -25.95 11.74 19.11
C LYS H 25 -27.35 12.30 18.87
N GLY H 26 -27.79 12.39 17.61
CA GLY H 26 -29.13 12.82 17.33
C GLY H 26 -29.32 14.32 17.32
N SER H 27 -28.34 15.05 16.80
CA SER H 27 -28.38 16.50 16.73
C SER H 27 -28.85 16.96 15.35
N GLU H 28 -29.94 17.70 15.32
CA GLU H 28 -30.42 18.25 14.06
C GLU H 28 -29.43 19.23 13.45
N GLU H 29 -28.59 19.85 14.27
CA GLU H 29 -27.58 20.76 13.74
C GLU H 29 -26.62 20.01 12.83
N LEU H 30 -26.28 18.77 13.18
CA LEU H 30 -25.52 17.94 12.26
C LEU H 30 -26.30 17.68 10.99
N LEU H 31 -27.62 17.61 11.10
CA LEU H 31 -28.46 17.22 9.98
C LEU H 31 -28.80 18.39 9.08
N GLU H 32 -29.03 19.56 9.68
CA GLU H 32 -29.17 20.78 8.89
C GLU H 32 -27.99 20.95 7.95
N VAL H 33 -26.79 20.64 8.43
CA VAL H 33 -25.60 20.73 7.61
C VAL H 33 -25.69 19.82 6.41
N ALA H 34 -26.20 18.61 6.60
CA ALA H 34 -26.28 17.66 5.50
C ALA H 34 -27.15 18.19 4.38
N LEU H 35 -28.27 18.79 4.72
CA LEU H 35 -29.13 19.43 3.73
C LEU H 35 -28.52 20.68 3.13
N VAL H 36 -27.41 21.16 3.68
CA VAL H 36 -26.62 22.22 3.09
C VAL H 36 -25.50 21.66 2.23
N VAL H 37 -24.79 20.66 2.76
CA VAL H 37 -23.63 20.13 2.06
C VAL H 37 -24.07 19.43 0.79
N ALA H 38 -24.85 18.37 0.95
CA ALA H 38 -25.22 17.56 -0.19
C ALA H 38 -26.09 18.34 -1.17
N GLN H 39 -26.92 19.24 -0.65
CA GLN H 39 -27.82 19.95 -1.52
C GLN H 39 -27.07 20.97 -2.38
N MET H 40 -25.86 21.35 -1.96
CA MET H 40 -24.97 22.09 -2.84
C MET H 40 -24.08 21.19 -3.67
N ALA H 41 -23.99 19.90 -3.33
CA ALA H 41 -23.29 18.98 -4.20
C ALA H 41 -23.98 18.86 -5.54
N ALA H 42 -25.31 18.81 -5.54
CA ALA H 42 -26.06 18.80 -6.78
C ALA H 42 -25.75 20.01 -7.63
N ARG H 43 -25.51 21.15 -7.00
CA ARG H 43 -25.13 22.35 -7.74
C ARG H 43 -23.85 22.12 -8.51
N GLU H 44 -22.81 21.68 -7.80
CA GLU H 44 -21.49 21.52 -8.41
C GLU H 44 -21.38 20.23 -9.19
N ALA H 45 -22.10 19.20 -8.78
CA ALA H 45 -22.06 17.94 -9.52
C ALA H 45 -22.65 18.10 -10.91
N LYS H 46 -23.85 18.68 -10.98
CA LYS H 46 -24.50 18.93 -12.25
C LYS H 46 -23.62 19.74 -13.18
N LYS H 47 -22.83 20.65 -12.63
CA LYS H 47 -21.86 21.38 -13.43
C LYS H 47 -20.81 20.46 -14.00
N VAL H 48 -20.34 19.50 -13.22
CA VAL H 48 -19.34 18.57 -13.73
C VAL H 48 -19.91 17.78 -14.89
N LEU H 49 -21.20 17.49 -14.84
CA LEU H 49 -21.83 16.85 -15.98
C LEU H 49 -21.82 17.78 -17.17
N THR H 50 -22.09 19.06 -16.92
CA THR H 50 -22.18 20.04 -18.00
C THR H 50 -20.87 20.15 -18.76
N MET H 51 -19.82 20.63 -18.08
CA MET H 51 -18.54 20.83 -18.74
C MET H 51 -17.98 19.53 -19.28
N ALA H 52 -18.35 18.40 -18.67
CA ALA H 52 -17.96 17.12 -19.23
C ALA H 52 -18.77 16.79 -20.47
N GLU H 53 -20.05 17.17 -20.47
CA GLU H 53 -20.89 16.94 -21.64
C GLU H 53 -20.42 17.74 -22.85
N VAL H 54 -19.60 18.76 -22.63
CA VAL H 54 -19.05 19.53 -23.73
C VAL H 54 -18.00 18.73 -24.48
N GLU H 55 -16.92 18.38 -23.78
CA GLU H 55 -15.76 17.83 -24.46
C GLU H 55 -16.02 16.43 -25.00
N GLY H 56 -17.04 15.75 -24.51
CA GLY H 56 -17.28 14.38 -24.90
C GLY H 56 -16.43 13.46 -24.07
N ASP H 57 -16.41 13.70 -22.76
CA ASP H 57 -15.66 12.89 -21.79
C ASP H 57 -16.66 12.04 -21.01
N PRO H 58 -17.10 10.90 -21.53
CA PRO H 58 -18.30 10.27 -20.97
C PRO H 58 -18.06 9.61 -19.62
N GLU H 59 -16.90 8.99 -19.44
CA GLU H 59 -16.62 8.23 -18.23
C GLU H 59 -16.69 9.10 -16.99
N VAL H 60 -16.43 10.39 -17.14
CA VAL H 60 -16.52 11.31 -16.01
C VAL H 60 -17.94 11.36 -15.50
N ALA H 61 -18.90 11.44 -16.41
CA ALA H 61 -20.29 11.60 -16.02
C ALA H 61 -20.81 10.39 -15.27
N LEU H 62 -20.47 9.20 -15.76
CA LEU H 62 -20.88 7.98 -15.08
C LEU H 62 -20.38 7.96 -13.66
N ARG H 63 -19.15 8.39 -13.44
CA ARG H 63 -18.60 8.51 -12.09
C ARG H 63 -19.13 9.72 -11.34
N ALA H 64 -20.01 10.51 -11.96
CA ALA H 64 -20.55 11.70 -11.32
C ALA H 64 -22.01 11.49 -10.95
N VAL H 65 -22.81 11.10 -11.93
CA VAL H 65 -24.24 10.90 -11.70
C VAL H 65 -24.45 9.79 -10.69
N GLU H 66 -23.58 8.79 -10.70
CA GLU H 66 -23.60 7.77 -9.66
C GLU H 66 -23.48 8.40 -8.27
N LEU H 67 -22.73 9.49 -8.17
CA LEU H 67 -22.54 10.14 -6.88
C LEU H 67 -23.74 10.96 -6.49
N VAL H 68 -24.48 11.45 -7.48
CA VAL H 68 -25.71 12.15 -7.21
C VAL H 68 -26.69 11.23 -6.52
N VAL H 69 -26.74 9.97 -6.97
CA VAL H 69 -27.64 9.00 -6.37
C VAL H 69 -27.29 8.78 -4.92
N ARG H 70 -25.99 8.73 -4.61
CA ARG H 70 -25.56 8.57 -3.23
C ARG H 70 -26.11 9.68 -2.36
N VAL H 71 -26.24 10.88 -2.91
CA VAL H 71 -26.87 11.96 -2.16
C VAL H 71 -28.31 11.59 -1.85
N ALA H 72 -29.01 11.11 -2.87
CA ALA H 72 -30.39 10.67 -2.68
C ALA H 72 -30.48 9.60 -1.61
N GLU H 73 -29.49 8.70 -1.59
CA GLU H 73 -29.43 7.72 -0.51
C GLU H 73 -29.26 8.41 0.83
N LEU H 74 -28.47 9.47 0.85
CA LEU H 74 -28.21 10.16 2.11
C LEU H 74 -29.42 10.98 2.53
N LEU H 75 -29.93 11.81 1.61
CA LEU H 75 -31.09 12.63 1.91
C LEU H 75 -32.27 11.79 2.31
N LEU H 76 -32.37 10.58 1.77
CA LEU H 76 -33.42 9.67 2.18
C LEU H 76 -33.30 9.38 3.66
N ARG H 77 -32.12 8.91 4.08
CA ARG H 77 -31.90 8.57 5.48
C ARG H 77 -32.24 9.72 6.41
N ILE H 78 -31.97 10.95 5.96
CA ILE H 78 -32.30 12.12 6.76
C ILE H 78 -33.79 12.18 7.02
N ALA H 79 -34.57 12.13 5.95
CA ALA H 79 -36.01 12.23 6.07
C ALA H 79 -36.57 11.05 6.85
N LEU H 80 -35.94 9.89 6.73
CA LEU H 80 -36.35 8.75 7.55
C LEU H 80 -36.05 9.02 9.02
N VAL H 81 -34.84 9.47 9.31
CA VAL H 81 -34.46 9.74 10.69
C VAL H 81 -35.23 10.93 11.23
N SER H 82 -35.42 11.94 10.39
CA SER H 82 -36.05 13.17 10.85
C SER H 82 -37.58 13.07 10.77
N GLY H 83 -38.08 12.59 9.63
CA GLY H 83 -39.51 12.55 9.39
C GLY H 83 -40.08 13.76 8.69
N SER H 84 -39.24 14.70 8.27
CA SER H 84 -39.72 15.91 7.61
C SER H 84 -40.31 15.56 6.26
N GLU H 85 -41.59 15.87 6.07
CA GLU H 85 -42.22 15.67 4.77
C GLU H 85 -41.59 16.54 3.70
N GLU H 86 -41.01 17.67 4.07
CA GLU H 86 -40.25 18.46 3.10
C GLU H 86 -39.05 17.67 2.61
N ALA H 87 -38.28 17.10 3.53
CA ALA H 87 -37.05 16.42 3.16
C ALA H 87 -37.31 15.25 2.21
N LEU H 88 -38.45 14.58 2.37
CA LEU H 88 -38.93 13.70 1.32
C LEU H 88 -39.03 14.45 0.01
N GLU H 89 -39.75 15.56 0.03
CA GLU H 89 -39.96 16.33 -1.19
C GLU H 89 -38.70 17.04 -1.63
N ARG H 90 -37.72 17.20 -0.74
CA ARG H 90 -36.39 17.60 -1.18
C ARG H 90 -35.72 16.47 -1.94
N ALA H 91 -35.54 15.34 -1.27
CA ALA H 91 -34.94 14.17 -1.89
C ALA H 91 -35.72 13.70 -3.09
N LEU H 92 -37.02 13.94 -3.11
CA LEU H 92 -37.84 13.59 -4.27
C LEU H 92 -37.35 14.32 -5.51
N ARG H 93 -37.36 15.65 -5.47
CA ARG H 93 -37.03 16.45 -6.63
C ARG H 93 -35.60 16.21 -7.09
N VAL H 94 -34.68 16.12 -6.14
CA VAL H 94 -33.31 15.77 -6.44
C VAL H 94 -33.26 14.43 -7.15
N ALA H 95 -33.99 13.45 -6.62
CA ALA H 95 -33.98 12.13 -7.21
C ALA H 95 -34.63 12.16 -8.59
N GLU H 96 -35.76 12.83 -8.72
CA GLU H 96 -36.45 12.89 -10.00
C GLU H 96 -35.58 13.57 -11.05
N GLU H 97 -34.89 14.63 -10.67
CA GLU H 97 -34.03 15.32 -11.60
C GLU H 97 -32.87 14.45 -12.05
N ALA H 98 -32.47 13.49 -11.22
CA ALA H 98 -31.44 12.54 -11.63
C ALA H 98 -31.85 11.77 -12.87
N ALA H 99 -33.16 11.55 -13.04
CA ALA H 99 -33.65 10.87 -14.23
C ALA H 99 -33.26 11.63 -15.48
N ARG H 100 -33.56 12.93 -15.51
CA ARG H 100 -33.18 13.77 -16.63
C ARG H 100 -31.68 13.73 -16.86
N LEU H 101 -30.91 13.83 -15.78
CA LEU H 101 -29.46 13.83 -15.89
C LEU H 101 -28.97 12.51 -16.45
N ALA H 102 -29.64 11.43 -16.10
CA ALA H 102 -29.32 10.14 -16.69
C ALA H 102 -29.67 10.13 -18.17
N LYS H 103 -30.89 10.51 -18.48
CA LYS H 103 -31.31 10.60 -19.88
C LYS H 103 -30.45 11.59 -20.64
N ARG H 104 -29.98 12.63 -19.95
CA ARG H 104 -29.04 13.56 -20.55
C ARG H 104 -27.75 12.86 -20.96
N VAL H 105 -27.38 11.81 -20.23
CA VAL H 105 -26.13 11.12 -20.46
C VAL H 105 -26.26 10.14 -21.60
N LEU H 106 -27.42 9.51 -21.72
CA LEU H 106 -27.55 8.36 -22.61
C LEU H 106 -27.26 8.75 -24.05
N GLU H 107 -27.95 9.76 -24.54
CA GLU H 107 -27.82 10.15 -25.93
C GLU H 107 -26.46 10.75 -26.24
N LEU H 108 -25.68 11.09 -25.21
CA LEU H 108 -24.30 11.50 -25.44
C LEU H 108 -23.52 10.41 -26.14
N ALA H 109 -23.48 9.22 -25.55
CA ALA H 109 -22.51 8.22 -25.96
C ALA H 109 -22.76 7.70 -27.35
N GLU H 110 -24.00 7.77 -27.84
CA GLU H 110 -24.27 7.37 -29.21
C GLU H 110 -23.49 8.22 -30.19
N SER H 111 -23.36 9.51 -29.92
CA SER H 111 -22.47 10.34 -30.70
C SER H 111 -21.02 9.88 -30.56
N GLN H 112 -20.67 9.39 -29.39
CA GLN H 112 -19.34 8.82 -29.16
C GLN H 112 -19.24 7.37 -29.57
N GLY H 113 -20.37 6.67 -29.67
CA GLY H 113 -20.34 5.25 -29.97
C GLY H 113 -19.78 4.38 -28.85
N ASP H 114 -19.81 4.86 -27.60
CA ASP H 114 -19.26 4.16 -26.45
C ASP H 114 -20.40 3.60 -25.59
N PRO H 115 -20.88 2.38 -25.86
CA PRO H 115 -22.12 1.93 -25.21
C PRO H 115 -21.97 1.57 -23.74
N GLU H 116 -20.83 0.99 -23.36
CA GLU H 116 -20.66 0.46 -22.00
C GLU H 116 -20.89 1.53 -20.94
N VAL H 117 -20.63 2.79 -21.28
CA VAL H 117 -20.86 3.85 -20.31
C VAL H 117 -22.35 3.99 -20.02
N ALA H 118 -23.19 3.60 -20.96
CA ALA H 118 -24.62 3.70 -20.76
C ALA H 118 -25.12 2.77 -19.68
N LEU H 119 -24.75 1.49 -19.79
CA LEU H 119 -25.47 0.44 -19.09
C LEU H 119 -25.38 0.63 -17.59
N ARG H 120 -24.20 0.96 -17.09
CA ARG H 120 -24.08 1.29 -15.68
C ARG H 120 -24.83 2.57 -15.35
N ALA H 121 -24.96 3.48 -16.31
CA ALA H 121 -25.72 4.70 -16.06
C ALA H 121 -27.21 4.40 -16.01
N VAL H 122 -27.67 3.54 -16.92
CA VAL H 122 -29.07 3.17 -16.94
C VAL H 122 -29.48 2.54 -15.62
N GLU H 123 -28.63 1.68 -15.09
CA GLU H 123 -28.97 1.01 -13.86
C GLU H 123 -29.09 1.97 -12.70
N LEU H 124 -28.44 3.13 -12.76
CA LEU H 124 -28.64 4.13 -11.73
C LEU H 124 -30.08 4.59 -11.67
N VAL H 125 -30.70 4.79 -12.84
CA VAL H 125 -32.10 5.18 -12.90
C VAL H 125 -32.96 4.15 -12.18
N VAL H 126 -32.63 2.88 -12.37
CA VAL H 126 -33.47 1.81 -11.87
C VAL H 126 -33.53 1.85 -10.36
N ARG H 127 -32.41 2.15 -9.71
CA ARG H 127 -32.44 2.27 -8.26
C ARG H 127 -33.30 3.43 -7.82
N VAL H 128 -33.43 4.45 -8.66
CA VAL H 128 -34.23 5.60 -8.27
C VAL H 128 -35.69 5.19 -8.19
N ALA H 129 -36.11 4.33 -9.12
CA ALA H 129 -37.44 3.75 -9.02
C ALA H 129 -37.58 2.95 -7.74
N GLU H 130 -36.58 2.12 -7.45
CA GLU H 130 -36.54 1.46 -6.15
C GLU H 130 -36.47 2.48 -5.04
N LEU H 131 -35.79 3.60 -5.28
CA LEU H 131 -35.63 4.58 -4.24
C LEU H 131 -36.94 5.27 -3.92
N LEU H 132 -37.63 5.76 -4.96
CA LEU H 132 -38.93 6.37 -4.74
C LEU H 132 -39.92 5.38 -4.19
N LEU H 133 -39.80 4.12 -4.60
CA LEU H 133 -40.67 3.08 -4.10
C LEU H 133 -40.65 3.04 -2.58
N LEU H 134 -39.47 3.16 -1.99
CA LEU H 134 -39.38 3.26 -0.54
C LEU H 134 -40.08 4.49 -0.03
N ILE H 135 -40.01 5.58 -0.78
CA ILE H 135 -40.64 6.82 -0.34
C ILE H 135 -42.13 6.71 -0.45
N ALA H 136 -42.62 6.11 -1.53
CA ALA H 136 -44.06 6.01 -1.73
C ALA H 136 -44.70 5.15 -0.65
N LYS H 137 -44.02 4.08 -0.25
CA LYS H 137 -44.51 3.25 0.83
C LYS H 137 -44.50 3.98 2.16
N VAL H 138 -43.72 5.05 2.28
CA VAL H 138 -43.73 5.85 3.50
C VAL H 138 -44.94 6.77 3.51
N SER H 139 -45.05 7.64 2.51
CA SER H 139 -46.16 8.57 2.45
C SER H 139 -47.45 7.87 2.08
N GLY H 140 -47.37 6.75 1.34
CA GLY H 140 -48.55 6.10 0.84
C GLY H 140 -49.19 6.78 -0.35
N SER H 141 -48.63 7.89 -0.82
CA SER H 141 -49.23 8.65 -1.91
C SER H 141 -49.11 7.89 -3.23
N GLU H 142 -49.94 8.31 -4.19
CA GLU H 142 -49.89 7.77 -5.54
C GLU H 142 -49.19 8.70 -6.52
N GLU H 143 -49.02 9.97 -6.14
CA GLU H 143 -48.19 10.89 -6.91
C GLU H 143 -46.83 10.29 -7.22
N ALA H 144 -46.08 9.98 -6.16
CA ALA H 144 -44.75 9.42 -6.32
C ALA H 144 -44.78 8.07 -7.03
N LEU H 145 -45.83 7.28 -6.80
CA LEU H 145 -45.97 6.02 -7.50
C LEU H 145 -46.05 6.25 -9.00
N GLU H 146 -46.72 7.31 -9.42
CA GLU H 146 -46.75 7.64 -10.84
C GLU H 146 -45.40 8.12 -11.31
N ARG H 147 -44.74 8.97 -10.52
CA ARG H 147 -43.38 9.40 -10.83
C ARG H 147 -42.48 8.20 -11.00
N ALA H 148 -42.53 7.27 -10.05
CA ALA H 148 -41.84 6.00 -10.20
C ALA H 148 -42.27 5.29 -11.46
N LEU H 149 -43.57 5.30 -11.74
CA LEU H 149 -44.08 4.55 -12.87
C LEU H 149 -43.59 5.12 -14.18
N ARG H 150 -43.61 6.44 -14.31
CA ARG H 150 -43.21 7.09 -15.54
C ARG H 150 -41.71 7.01 -15.75
N VAL H 151 -40.94 7.03 -14.68
CA VAL H 151 -39.50 6.95 -14.79
C VAL H 151 -39.09 5.63 -15.39
N ALA H 152 -39.50 4.53 -14.77
CA ALA H 152 -39.00 3.23 -15.16
C ALA H 152 -39.46 2.82 -16.55
N GLU H 153 -40.75 3.00 -16.84
CA GLU H 153 -41.23 2.64 -18.17
C GLU H 153 -40.59 3.52 -19.22
N GLU H 154 -40.33 4.78 -18.89
CA GLU H 154 -39.48 5.59 -19.74
C GLU H 154 -38.08 5.03 -19.75
N ALA H 155 -37.58 4.59 -18.59
CA ALA H 155 -36.26 3.98 -18.54
C ALA H 155 -36.22 2.69 -19.33
N ALA H 156 -37.34 1.98 -19.37
CA ALA H 156 -37.41 0.75 -20.16
C ALA H 156 -37.23 1.03 -21.64
N ARG H 157 -37.81 2.13 -22.12
CA ARG H 157 -37.63 2.52 -23.52
C ARG H 157 -36.16 2.71 -23.85
N LEU H 158 -35.37 3.15 -22.87
CA LEU H 158 -34.01 3.56 -23.15
C LEU H 158 -33.16 2.38 -23.62
N ALA H 159 -33.39 1.21 -23.03
CA ALA H 159 -32.61 0.03 -23.38
C ALA H 159 -32.72 -0.30 -24.85
N LYS H 160 -33.86 0.03 -25.47
CA LYS H 160 -34.03 -0.23 -26.89
C LYS H 160 -33.04 0.57 -27.71
N ARG H 161 -32.74 1.80 -27.29
CA ARG H 161 -31.64 2.54 -27.90
C ARG H 161 -30.33 1.81 -27.65
N VAL H 162 -30.16 1.29 -26.44
CA VAL H 162 -28.91 0.64 -26.09
C VAL H 162 -28.76 -0.63 -26.90
N LEU H 163 -29.81 -1.44 -26.93
CA LEU H 163 -29.83 -2.62 -27.77
C LEU H 163 -29.60 -2.25 -29.21
N GLU H 164 -30.18 -1.13 -29.63
CA GLU H 164 -29.90 -0.61 -30.97
C GLU H 164 -28.47 -0.11 -31.07
N LEU H 165 -27.95 0.44 -29.97
CA LEU H 165 -26.59 0.95 -30.01
C LEU H 165 -25.58 -0.19 -30.14
N ALA H 166 -25.84 -1.31 -29.47
CA ALA H 166 -24.93 -2.43 -29.54
C ALA H 166 -24.93 -3.07 -30.92
N GLU H 167 -26.12 -3.28 -31.48
CA GLU H 167 -26.23 -3.96 -32.77
C GLU H 167 -25.50 -3.22 -33.87
N LYS H 168 -25.32 -1.91 -33.74
CA LYS H 168 -24.37 -1.23 -34.59
C LYS H 168 -22.99 -1.84 -34.43
N GLN H 169 -22.44 -1.74 -33.22
CA GLN H 169 -21.12 -2.27 -32.95
C GLN H 169 -21.09 -3.79 -32.94
N GLY H 170 -22.24 -4.44 -32.84
CA GLY H 170 -22.27 -5.87 -32.66
C GLY H 170 -21.66 -6.35 -31.37
N ASP H 171 -21.59 -5.49 -30.36
CA ASP H 171 -21.00 -5.85 -29.08
C ASP H 171 -22.02 -6.61 -28.25
N PRO H 172 -21.74 -7.86 -27.83
CA PRO H 172 -22.69 -8.55 -26.94
C PRO H 172 -22.60 -8.12 -25.49
N ALA H 173 -21.51 -7.45 -25.11
CA ALA H 173 -21.28 -7.14 -23.70
C ALA H 173 -22.43 -6.35 -23.10
N VAL H 174 -22.71 -5.19 -23.67
CA VAL H 174 -23.85 -4.41 -23.21
C VAL H 174 -25.15 -5.08 -23.61
N ALA H 175 -25.11 -5.91 -24.66
CA ALA H 175 -26.33 -6.43 -25.27
C ALA H 175 -27.14 -7.27 -24.30
N ILE H 176 -26.51 -8.29 -23.72
CA ILE H 176 -27.27 -9.26 -22.96
C ILE H 176 -27.77 -8.66 -21.66
N LEU H 177 -26.90 -7.93 -20.97
CA LEU H 177 -27.27 -7.29 -19.72
C LEU H 177 -28.45 -6.35 -19.90
N ALA H 178 -28.48 -5.63 -21.02
CA ALA H 178 -29.58 -4.72 -21.32
C ALA H 178 -30.93 -5.43 -21.20
N VAL H 179 -31.00 -6.66 -21.69
CA VAL H 179 -32.22 -7.43 -21.55
C VAL H 179 -32.50 -7.72 -20.09
N MET H 180 -31.47 -8.10 -19.35
CA MET H 180 -31.63 -8.52 -17.97
C MET H 180 -32.16 -7.41 -17.10
N LEU H 181 -31.80 -6.16 -17.39
CA LEU H 181 -32.31 -5.04 -16.61
C LEU H 181 -33.82 -4.96 -16.66
N VAL H 182 -34.40 -5.33 -17.79
CA VAL H 182 -35.84 -5.26 -17.92
C VAL H 182 -36.48 -6.27 -16.98
N LYS H 183 -35.88 -7.45 -16.87
CA LYS H 183 -36.31 -8.39 -15.86
C LYS H 183 -36.03 -7.84 -14.48
N ARG H 184 -34.95 -7.11 -14.32
CA ARG H 184 -34.67 -6.44 -13.06
C ARG H 184 -35.68 -5.34 -12.80
N VAL H 185 -36.32 -4.83 -13.86
CA VAL H 185 -37.41 -3.88 -13.70
C VAL H 185 -38.69 -4.60 -13.36
N ALA H 186 -38.94 -5.74 -14.02
CA ALA H 186 -40.21 -6.43 -13.89
C ALA H 186 -40.55 -6.77 -12.45
N GLU H 187 -39.55 -6.97 -11.61
CA GLU H 187 -39.77 -7.05 -10.18
C GLU H 187 -40.47 -5.80 -9.67
N LEU H 188 -40.08 -4.63 -10.17
CA LEU H 188 -40.65 -3.38 -9.68
C LEU H 188 -42.10 -3.26 -10.10
N LEU H 189 -42.32 -3.40 -11.41
CA LEU H 189 -43.64 -3.20 -11.98
C LEU H 189 -44.63 -4.18 -11.36
N GLU H 190 -44.17 -5.39 -11.08
CA GLU H 190 -44.93 -6.29 -10.24
C GLU H 190 -45.25 -5.63 -8.91
N ASN H 191 -44.22 -5.22 -8.18
CA ASN H 191 -44.37 -4.90 -6.77
C ASN H 191 -45.23 -3.66 -6.55
N ILE H 192 -45.11 -2.66 -7.41
CA ILE H 192 -46.02 -1.53 -7.31
C ILE H 192 -47.43 -1.97 -7.67
N ALA H 193 -47.55 -2.83 -8.69
CA ALA H 193 -48.85 -3.32 -9.11
C ALA H 193 -49.41 -4.35 -8.14
N ARG H 194 -48.55 -5.00 -7.36
CA ARG H 194 -49.06 -5.79 -6.23
C ARG H 194 -49.88 -4.91 -5.30
N GLU H 195 -49.37 -3.71 -5.02
CA GLU H 195 -49.90 -2.87 -3.95
C GLU H 195 -51.10 -2.05 -4.40
N SER H 196 -50.89 -1.18 -5.39
CA SER H 196 -51.95 -0.26 -5.79
C SER H 196 -53.08 -0.96 -6.52
N GLY H 197 -52.81 -2.11 -7.13
CA GLY H 197 -53.85 -2.86 -7.81
C GLY H 197 -54.31 -2.29 -9.13
N SER H 198 -53.77 -1.16 -9.56
CA SER H 198 -54.14 -0.60 -10.85
C SER H 198 -53.72 -1.56 -11.95
N GLU H 199 -54.70 -2.03 -12.72
CA GLU H 199 -54.41 -2.94 -13.83
C GLU H 199 -53.53 -2.28 -14.88
N GLU H 200 -53.52 -0.95 -14.93
CA GLU H 200 -52.63 -0.26 -15.85
C GLU H 200 -51.18 -0.55 -15.55
N ALA H 201 -50.81 -0.50 -14.27
CA ALA H 201 -49.47 -0.92 -13.88
C ALA H 201 -49.21 -2.37 -14.28
N LYS H 202 -50.21 -3.24 -14.06
CA LYS H 202 -50.10 -4.62 -14.50
C LYS H 202 -49.98 -4.69 -16.01
N GLU H 203 -50.82 -3.94 -16.73
CA GLU H 203 -50.69 -3.82 -18.17
C GLU H 203 -49.31 -3.33 -18.56
N ARG H 204 -48.90 -2.19 -18.00
CA ARG H 204 -47.53 -1.73 -18.13
C ARG H 204 -46.54 -2.83 -17.74
N ALA H 205 -46.84 -3.55 -16.66
CA ALA H 205 -45.94 -4.60 -16.21
C ALA H 205 -45.83 -5.73 -17.21
N GLU H 206 -46.97 -6.23 -17.68
CA GLU H 206 -46.96 -7.35 -18.61
C GLU H 206 -46.21 -6.99 -19.88
N ARG H 207 -46.53 -5.84 -20.46
CA ARG H 207 -45.88 -5.40 -21.69
C ARG H 207 -44.37 -5.37 -21.52
N VAL H 208 -43.91 -4.82 -20.40
CA VAL H 208 -42.48 -4.75 -20.14
C VAL H 208 -41.88 -6.14 -20.03
N ARG H 209 -42.43 -6.97 -19.14
CA ARG H 209 -41.89 -8.31 -18.95
C ARG H 209 -42.05 -9.14 -20.22
N GLU H 210 -43.10 -8.88 -20.99
CA GLU H 210 -43.25 -9.53 -22.28
C GLU H 210 -42.27 -8.97 -23.30
N GLU H 211 -41.84 -7.72 -23.13
CA GLU H 211 -40.94 -7.12 -24.10
C GLU H 211 -39.56 -7.78 -24.03
N ALA H 212 -39.03 -7.96 -22.82
CA ALA H 212 -37.71 -8.56 -22.67
C ALA H 212 -37.69 -9.96 -23.24
N ARG H 213 -38.76 -10.71 -23.01
CA ARG H 213 -38.94 -12.00 -23.64
C ARG H 213 -38.78 -11.89 -25.15
N GLU H 214 -39.29 -10.81 -25.73
CA GLU H 214 -39.14 -10.60 -27.17
C GLU H 214 -37.77 -10.04 -27.50
N LEU H 215 -37.29 -9.09 -26.69
CA LEU H 215 -36.02 -8.44 -27.00
C LEU H 215 -34.84 -9.39 -26.94
N GLN H 216 -34.91 -10.41 -26.10
CA GLN H 216 -33.81 -11.35 -26.01
C GLN H 216 -33.57 -12.07 -27.33
N GLU H 217 -34.62 -12.21 -28.14
CA GLU H 217 -34.50 -12.85 -29.44
C GLU H 217 -33.47 -12.17 -30.31
N ARG H 218 -33.41 -10.83 -30.24
CA ARG H 218 -32.44 -10.08 -31.03
C ARG H 218 -31.01 -10.32 -30.58
N VAL H 219 -30.81 -10.91 -29.40
CA VAL H 219 -29.48 -11.19 -28.87
C VAL H 219 -29.15 -12.67 -29.05
N LYS H 220 -30.20 -13.51 -29.06
CA LYS H 220 -30.01 -14.93 -29.36
C LYS H 220 -29.24 -15.13 -30.65
N GLU H 221 -29.49 -14.28 -31.64
CA GLU H 221 -28.67 -14.30 -32.85
C GLU H 221 -27.27 -13.78 -32.57
N LEU H 222 -27.16 -12.68 -31.84
CA LEU H 222 -25.85 -12.10 -31.56
C LEU H 222 -24.98 -13.07 -30.77
N LYS H 223 -25.59 -13.92 -29.96
CA LYS H 223 -24.84 -14.98 -29.31
C LYS H 223 -24.29 -15.98 -30.31
N GLU H 224 -24.91 -16.08 -31.49
CA GLU H 224 -24.44 -16.92 -32.57
C GLU H 224 -23.55 -16.17 -33.55
N ARG H 225 -23.49 -14.84 -33.49
CA ARG H 225 -22.71 -14.07 -34.46
C ARG H 225 -21.22 -14.13 -34.14
N ALA H 226 -20.83 -13.60 -32.99
CA ALA H 226 -19.42 -13.43 -32.64
C ALA H 226 -18.95 -14.43 -31.59
N GLY H 227 -19.62 -14.51 -30.45
CA GLY H 227 -19.22 -15.44 -29.40
C GLY H 227 -18.00 -14.98 -28.63
N ALA I 1 -0.25 -1.91 -31.06
CA ALA I 1 -1.65 -1.42 -31.11
C ALA I 1 -2.24 -1.44 -29.71
N GLU I 2 -1.78 -0.48 -28.90
CA GLU I 2 -2.18 -0.42 -27.50
C GLU I 2 -3.68 -0.25 -27.35
N GLU I 3 -4.33 0.43 -28.30
CA GLU I 3 -5.77 0.61 -28.25
C GLU I 3 -6.48 -0.73 -28.16
N LEU I 4 -6.08 -1.67 -29.01
CA LEU I 4 -6.67 -3.01 -28.96
C LEU I 4 -6.24 -3.74 -27.70
N LEU I 5 -5.00 -3.55 -27.28
CA LEU I 5 -4.46 -4.29 -26.15
C LEU I 5 -5.27 -4.03 -24.89
N LYS I 6 -5.49 -2.76 -24.56
CA LYS I 6 -6.22 -2.42 -23.35
C LYS I 6 -7.67 -2.85 -23.45
N ARG I 7 -8.28 -2.66 -24.61
CA ARG I 7 -9.69 -3.01 -24.76
C ARG I 7 -9.92 -4.50 -24.56
N VAL I 8 -9.05 -5.32 -25.13
CA VAL I 8 -9.12 -6.75 -24.88
C VAL I 8 -8.79 -7.04 -23.43
N GLU I 9 -7.70 -6.45 -22.95
CA GLU I 9 -7.33 -6.57 -21.54
C GLU I 9 -8.46 -6.11 -20.64
N LYS I 10 -9.21 -5.10 -21.07
CA LYS I 10 -10.33 -4.61 -20.28
C LYS I 10 -11.40 -5.68 -20.13
N LEU I 11 -11.70 -6.39 -21.23
CA LEU I 11 -12.74 -7.42 -21.21
C LEU I 11 -12.49 -8.45 -20.14
N VAL I 12 -11.24 -8.80 -19.91
CA VAL I 12 -10.89 -9.80 -18.92
C VAL I 12 -11.40 -9.38 -17.55
N LYS I 13 -11.08 -8.15 -17.16
CA LYS I 13 -11.43 -7.70 -15.82
C LYS I 13 -12.93 -7.64 -15.63
N GLU I 14 -13.65 -7.24 -16.67
CA GLU I 14 -15.12 -7.24 -16.59
C GLU I 14 -15.63 -8.66 -16.38
N ALA I 15 -15.31 -9.56 -17.30
CA ALA I 15 -15.82 -10.92 -17.22
C ALA I 15 -15.30 -11.61 -15.97
N GLU I 16 -14.03 -11.39 -15.65
CA GLU I 16 -13.48 -11.98 -14.44
C GLU I 16 -14.15 -11.41 -13.20
N GLU I 17 -14.67 -10.19 -13.30
CA GLU I 17 -15.48 -9.65 -12.21
C GLU I 17 -16.90 -10.18 -12.30
N LEU I 18 -17.41 -10.37 -13.52
CA LEU I 18 -18.72 -11.00 -13.67
C LEU I 18 -18.72 -12.40 -13.11
N LEU I 19 -17.56 -13.06 -13.18
CA LEU I 19 -17.43 -14.38 -12.59
C LEU I 19 -17.78 -14.35 -11.11
N ARG I 20 -17.28 -13.35 -10.41
CA ARG I 20 -17.48 -13.26 -8.97
C ARG I 20 -18.90 -12.87 -8.62
N GLN I 21 -19.57 -12.12 -9.50
CA GLN I 21 -20.99 -11.87 -9.30
C GLN I 21 -21.79 -13.15 -9.37
N ALA I 22 -21.35 -14.10 -10.18
CA ALA I 22 -22.03 -15.37 -10.30
C ALA I 22 -21.75 -16.29 -9.12
N MET I 23 -20.53 -16.28 -8.63
CA MET I 23 -20.18 -17.09 -7.48
C MET I 23 -20.99 -16.69 -6.25
N LYS I 24 -21.32 -15.41 -6.14
CA LYS I 24 -22.12 -14.95 -5.02
C LYS I 24 -23.59 -15.32 -5.17
N LYS I 25 -24.08 -15.39 -6.41
CA LYS I 25 -25.50 -15.44 -6.71
C LYS I 25 -25.91 -16.66 -7.50
N GLY I 26 -25.10 -17.10 -8.45
CA GLY I 26 -25.39 -18.32 -9.18
C GLY I 26 -26.34 -18.14 -10.33
N SER I 27 -26.25 -17.02 -11.05
CA SER I 27 -27.12 -16.73 -12.17
C SER I 27 -26.44 -17.11 -13.48
N GLU I 28 -27.07 -17.99 -14.24
CA GLU I 28 -26.53 -18.36 -15.54
C GLU I 28 -26.52 -17.18 -16.50
N GLU I 29 -27.40 -16.20 -16.29
CA GLU I 29 -27.38 -15.00 -17.14
C GLU I 29 -26.06 -14.28 -17.03
N LEU I 30 -25.49 -14.23 -15.83
CA LEU I 30 -24.14 -13.72 -15.67
C LEU I 30 -23.14 -14.57 -16.45
N LEU I 31 -23.41 -15.87 -16.55
CA LEU I 31 -22.45 -16.81 -17.12
C LEU I 31 -22.58 -16.89 -18.63
N GLU I 32 -23.80 -16.82 -19.15
CA GLU I 32 -24.00 -16.68 -20.58
C GLU I 32 -23.19 -15.53 -21.13
N VAL I 33 -23.15 -14.42 -20.39
CA VAL I 33 -22.38 -13.25 -20.80
C VAL I 33 -20.91 -13.59 -20.91
N ALA I 34 -20.37 -14.38 -19.99
CA ALA I 34 -18.96 -14.70 -20.01
C ALA I 34 -18.59 -15.46 -21.27
N LEU I 35 -19.44 -16.40 -21.68
CA LEU I 35 -19.24 -17.10 -22.93
C LEU I 35 -19.46 -16.22 -24.15
N VAL I 36 -19.98 -15.01 -23.96
CA VAL I 36 -20.06 -14.02 -25.02
C VAL I 36 -18.87 -13.08 -24.97
N VAL I 37 -18.52 -12.62 -23.78
CA VAL I 37 -17.45 -11.64 -23.65
C VAL I 37 -16.13 -12.27 -24.02
N ALA I 38 -15.71 -13.27 -23.26
CA ALA I 38 -14.39 -13.85 -23.47
C ALA I 38 -14.30 -14.54 -24.82
N GLN I 39 -15.41 -15.11 -25.28
CA GLN I 39 -15.34 -15.84 -26.54
C GLN I 39 -15.21 -14.90 -27.72
N MET I 40 -15.56 -13.62 -27.54
CA MET I 40 -15.21 -12.59 -28.51
C MET I 40 -13.85 -11.98 -28.23
N ALA I 41 -13.29 -12.19 -27.05
CA ALA I 41 -11.92 -11.74 -26.81
C ALA I 41 -10.94 -12.47 -27.71
N ALA I 42 -11.15 -13.78 -27.89
CA ALA I 42 -10.33 -14.56 -28.82
C ALA I 42 -10.40 -13.97 -30.23
N ARG I 43 -11.55 -13.45 -30.62
CA ARG I 43 -11.68 -12.82 -31.93
C ARG I 43 -10.72 -11.65 -32.04
N GLU I 44 -10.80 -10.72 -31.08
CA GLU I 44 -10.02 -9.51 -31.16
C GLU I 44 -8.60 -9.72 -30.67
N ALA I 45 -8.37 -10.66 -29.77
CA ALA I 45 -7.02 -10.93 -29.32
C ALA I 45 -6.18 -11.50 -30.43
N LYS I 46 -6.69 -12.53 -31.10
CA LYS I 46 -5.99 -13.14 -32.22
C LYS I 46 -5.65 -12.12 -33.29
N LYS I 47 -6.50 -11.11 -33.47
CA LYS I 47 -6.19 -10.03 -34.38
C LYS I 47 -4.99 -9.23 -33.90
N VAL I 48 -4.89 -9.00 -32.60
CA VAL I 48 -3.75 -8.26 -32.07
C VAL I 48 -2.47 -9.02 -32.35
N LEU I 49 -2.55 -10.34 -32.31
CA LEU I 49 -1.40 -11.14 -32.68
C LEU I 49 -1.08 -10.94 -34.15
N THR I 50 -2.11 -10.89 -34.98
CA THR I 50 -1.93 -10.78 -36.41
C THR I 50 -1.20 -9.50 -36.77
N MET I 51 -1.83 -8.35 -36.52
CA MET I 51 -1.24 -7.08 -36.88
C MET I 51 0.09 -6.86 -36.18
N ALA I 52 0.28 -7.46 -35.01
CA ALA I 52 1.58 -7.41 -34.36
C ALA I 52 2.57 -8.31 -35.05
N GLU I 53 2.12 -9.45 -35.55
CA GLU I 53 3.00 -10.36 -36.28
C GLU I 53 3.49 -9.74 -37.58
N VAL I 54 2.83 -8.69 -38.05
CA VAL I 54 3.27 -8.01 -39.26
C VAL I 54 4.53 -7.20 -38.98
N GLU I 55 4.42 -6.22 -38.10
CA GLU I 55 5.48 -5.24 -37.94
C GLU I 55 6.72 -5.83 -37.30
N GLY I 56 6.59 -6.98 -36.64
CA GLY I 56 7.70 -7.55 -35.92
C GLY I 56 7.81 -6.92 -34.55
N ASP I 57 6.66 -6.81 -33.87
CA ASP I 57 6.58 -6.25 -32.52
C ASP I 57 6.34 -7.40 -31.55
N PRO I 58 7.38 -8.11 -31.11
CA PRO I 58 7.14 -9.41 -30.47
C PRO I 58 6.57 -9.29 -29.08
N GLU I 59 7.02 -8.30 -28.31
CA GLU I 59 6.63 -8.20 -26.91
C GLU I 59 5.13 -8.02 -26.75
N VAL I 60 4.48 -7.46 -27.77
CA VAL I 60 3.03 -7.30 -27.72
C VAL I 60 2.36 -8.66 -27.66
N ALA I 61 2.83 -9.60 -28.47
CA ALA I 61 2.19 -10.90 -28.57
C ALA I 61 2.31 -11.67 -27.27
N LEU I 62 3.48 -11.64 -26.65
CA LEU I 62 3.66 -12.30 -25.37
C LEU I 62 2.68 -11.79 -24.33
N ARG I 63 2.45 -10.48 -24.32
CA ARG I 63 1.46 -9.89 -23.44
C ARG I 63 0.04 -10.09 -23.94
N ALA I 64 -0.15 -10.77 -25.06
CA ALA I 64 -1.47 -11.00 -25.61
C ALA I 64 -1.88 -12.46 -25.47
N VAL I 65 -1.03 -13.36 -25.94
CA VAL I 65 -1.32 -14.78 -25.88
C VAL I 65 -1.44 -15.23 -24.43
N GLU I 66 -0.64 -14.62 -23.55
CA GLU I 66 -0.80 -14.85 -22.13
C GLU I 66 -2.21 -14.55 -21.67
N LEU I 67 -2.85 -13.57 -22.29
CA LEU I 67 -4.20 -13.18 -21.89
C LEU I 67 -5.22 -14.16 -22.44
N VAL I 68 -4.91 -14.77 -23.58
CA VAL I 68 -5.77 -15.80 -24.11
C VAL I 68 -5.88 -16.96 -23.14
N VAL I 69 -4.76 -17.30 -22.51
CA VAL I 69 -4.76 -18.39 -21.56
C VAL I 69 -5.66 -18.07 -20.38
N ARG I 70 -5.63 -16.82 -19.93
CA ARG I 70 -6.50 -16.40 -18.85
C ARG I 70 -7.96 -16.64 -19.19
N VAL I 71 -8.32 -16.50 -20.46
CA VAL I 71 -9.68 -16.84 -20.87
C VAL I 71 -9.92 -18.31 -20.64
N ALA I 72 -8.98 -19.14 -21.05
CA ALA I 72 -9.08 -20.56 -20.83
C ALA I 72 -9.24 -20.88 -19.36
N GLU I 73 -8.52 -20.15 -18.51
CA GLU I 73 -8.70 -20.28 -17.08
C GLU I 73 -10.12 -19.93 -16.69
N LEU I 74 -10.68 -18.90 -17.33
CA LEU I 74 -12.01 -18.46 -16.98
C LEU I 74 -13.06 -19.42 -17.52
N LEU I 75 -12.98 -19.74 -18.80
CA LEU I 75 -13.93 -20.66 -19.40
C LEU I 75 -13.90 -22.01 -18.71
N LEU I 76 -12.74 -22.40 -18.20
CA LEU I 76 -12.66 -23.62 -17.43
C LEU I 76 -13.59 -23.55 -16.23
N ARG I 77 -13.41 -22.50 -15.40
CA ARG I 77 -14.22 -22.32 -14.20
C ARG I 77 -15.70 -22.35 -14.51
N ILE I 78 -16.09 -21.82 -15.67
CA ILE I 78 -17.49 -21.83 -16.07
C ILE I 78 -17.98 -23.26 -16.18
N ALA I 79 -17.27 -24.05 -16.99
CA ALA I 79 -17.68 -25.43 -17.21
C ALA I 79 -17.62 -26.23 -15.92
N LEU I 80 -16.69 -25.90 -15.02
CA LEU I 80 -16.68 -26.55 -13.72
C LEU I 80 -17.90 -26.16 -12.92
N VAL I 81 -18.20 -24.87 -12.86
CA VAL I 81 -19.34 -24.40 -12.10
C VAL I 81 -20.63 -24.85 -12.76
N SER I 82 -20.67 -24.81 -14.09
CA SER I 82 -21.90 -25.13 -14.80
C SER I 82 -22.04 -26.62 -15.03
N GLY I 83 -20.97 -27.26 -15.49
CA GLY I 83 -21.01 -28.66 -15.85
C GLY I 83 -21.35 -28.94 -17.29
N SER I 84 -21.46 -27.92 -18.13
CA SER I 84 -21.80 -28.11 -19.53
C SER I 84 -20.67 -28.80 -20.26
N GLU I 85 -20.95 -29.98 -20.81
CA GLU I 85 -19.95 -30.67 -21.61
C GLU I 85 -19.56 -29.89 -22.86
N GLU I 86 -20.46 -29.04 -23.36
CA GLU I 86 -20.09 -28.14 -24.44
C GLU I 86 -19.00 -27.18 -23.99
N ALA I 87 -19.21 -26.55 -22.84
CA ALA I 87 -18.29 -25.53 -22.37
C ALA I 87 -16.89 -26.07 -22.17
N LEU I 88 -16.78 -27.33 -21.76
CA LEU I 88 -15.51 -28.03 -21.87
C LEU I 88 -15.01 -27.99 -23.29
N GLU I 89 -15.85 -28.43 -24.22
CA GLU I 89 -15.44 -28.49 -25.61
C GLU I 89 -15.33 -27.11 -26.22
N ARG I 90 -15.94 -26.09 -25.61
CA ARG I 90 -15.63 -24.71 -25.97
C ARG I 90 -14.22 -24.36 -25.52
N ALA I 91 -13.99 -24.43 -24.21
CA ALA I 91 -12.68 -24.13 -23.65
C ALA I 91 -11.60 -25.04 -24.22
N LEU I 92 -11.97 -26.25 -24.63
CA LEU I 92 -11.02 -27.15 -25.25
C LEU I 92 -10.45 -26.55 -26.52
N ARG I 93 -11.31 -26.24 -27.47
CA ARG I 93 -10.89 -25.75 -28.77
C ARG I 93 -10.14 -24.44 -28.66
N VAL I 94 -10.65 -23.54 -27.83
CA VAL I 94 -9.95 -22.30 -27.54
C VAL I 94 -8.57 -22.59 -27.00
N ALA I 95 -8.48 -23.51 -26.05
CA ALA I 95 -7.20 -23.84 -25.45
C ALA I 95 -6.28 -24.49 -26.47
N GLU I 96 -6.81 -25.44 -27.25
CA GLU I 96 -5.99 -26.12 -28.24
C GLU I 96 -5.47 -25.15 -29.28
N GLU I 97 -6.31 -24.20 -29.71
CA GLU I 97 -5.88 -23.23 -30.69
C GLU I 97 -4.78 -22.32 -30.15
N ALA I 98 -4.75 -22.14 -28.82
CA ALA I 98 -3.67 -21.38 -28.22
C ALA I 98 -2.31 -22.00 -28.52
N ALA I 99 -2.27 -23.33 -28.68
CA ALA I 99 -1.03 -24.00 -29.04
C ALA I 99 -0.49 -23.47 -30.36
N ARG I 100 -1.34 -23.45 -31.38
CA ARG I 100 -0.95 -22.91 -32.67
C ARG I 100 -0.49 -21.48 -32.55
N LEU I 101 -1.24 -20.67 -31.80
CA LEU I 101 -0.90 -19.27 -31.63
C LEU I 101 0.44 -19.11 -30.94
N ALA I 102 0.74 -20.02 -30.02
CA ALA I 102 2.05 -20.02 -29.40
C ALA I 102 3.12 -20.41 -30.41
N LYS I 103 2.91 -21.52 -31.11
CA LYS I 103 3.84 -21.94 -32.14
C LYS I 103 3.94 -20.89 -33.24
N ARG I 104 2.85 -20.16 -33.47
CA ARG I 104 2.87 -19.04 -34.41
C ARG I 104 3.85 -17.97 -33.93
N VAL I 105 4.01 -17.84 -32.62
CA VAL I 105 4.85 -16.79 -32.07
C VAL I 105 6.31 -17.19 -32.09
N LEU I 106 6.59 -18.47 -31.91
CA LEU I 106 7.97 -18.88 -31.65
C LEU I 106 8.87 -18.57 -32.82
N GLU I 107 8.48 -19.00 -34.01
CA GLU I 107 9.31 -18.81 -35.19
C GLU I 107 9.41 -17.36 -35.61
N LEU I 108 8.56 -16.49 -35.06
CA LEU I 108 8.70 -15.06 -35.28
C LEU I 108 10.06 -14.57 -34.81
N ALA I 109 10.37 -14.82 -33.54
CA ALA I 109 11.47 -14.11 -32.90
C ALA I 109 12.82 -14.52 -33.47
N GLU I 110 12.92 -15.72 -34.04
CA GLU I 110 14.17 -16.12 -34.68
C GLU I 110 14.52 -15.18 -35.82
N SER I 111 13.51 -14.74 -36.58
CA SER I 111 13.75 -13.70 -37.56
C SER I 111 14.17 -12.40 -36.90
N GLN I 112 13.66 -12.14 -35.70
CA GLN I 112 14.06 -10.98 -34.91
C GLN I 112 15.32 -11.25 -34.09
N GLY I 113 15.63 -12.50 -33.82
CA GLY I 113 16.75 -12.82 -32.96
C GLY I 113 16.55 -12.46 -31.49
N ASP I 114 15.30 -12.34 -31.05
CA ASP I 114 14.96 -11.95 -29.68
C ASP I 114 14.47 -13.16 -28.90
N PRO I 115 15.35 -13.92 -28.25
CA PRO I 115 14.93 -15.21 -27.68
C PRO I 115 14.07 -15.11 -26.45
N GLU I 116 14.33 -14.13 -25.57
CA GLU I 116 13.66 -14.06 -24.28
C GLU I 116 12.16 -14.00 -24.41
N VAL I 117 11.66 -13.46 -25.52
CA VAL I 117 10.22 -13.40 -25.71
C VAL I 117 9.66 -14.81 -25.88
N ALA I 118 10.47 -15.75 -26.33
CA ALA I 118 10.00 -17.10 -26.51
C ALA I 118 9.69 -17.78 -25.20
N LEU I 119 10.63 -17.73 -24.27
CA LEU I 119 10.64 -18.66 -23.16
C LEU I 119 9.40 -18.49 -22.29
N ARG I 120 9.02 -17.25 -22.02
CA ARG I 120 7.76 -17.02 -21.33
C ARG I 120 6.57 -17.42 -22.18
N ALA I 121 6.71 -17.37 -23.51
CA ALA I 121 5.63 -17.82 -24.37
C ALA I 121 5.52 -19.32 -24.36
N VAL I 122 6.66 -20.00 -24.39
CA VAL I 122 6.67 -21.45 -24.37
C VAL I 122 6.00 -21.96 -23.11
N GLU I 123 6.28 -21.33 -21.97
CA GLU I 123 5.71 -21.78 -20.72
C GLU I 123 4.20 -21.65 -20.71
N LEU I 124 3.64 -20.73 -21.51
CA LEU I 124 2.19 -20.67 -21.61
C LEU I 124 1.61 -21.95 -22.14
N VAL I 125 2.25 -22.54 -23.15
CA VAL I 125 1.81 -23.81 -23.70
C VAL I 125 1.76 -24.86 -22.62
N VAL I 126 2.76 -24.86 -21.75
CA VAL I 126 2.91 -25.91 -20.76
C VAL I 126 1.73 -25.93 -19.83
N ARG I 127 1.25 -24.75 -19.43
CA ARG I 127 0.08 -24.70 -18.59
C ARG I 127 -1.14 -25.26 -19.30
N VAL I 128 -1.18 -25.16 -20.62
CA VAL I 128 -2.33 -25.66 -21.34
C VAL I 128 -2.38 -27.17 -21.24
N ALA I 129 -1.23 -27.80 -21.28
CA ALA I 129 -1.16 -29.22 -21.00
C ALA I 129 -1.66 -29.52 -19.60
N GLU I 130 -1.18 -28.75 -18.62
CA GLU I 130 -1.74 -28.82 -17.28
C GLU I 130 -3.22 -28.48 -17.30
N LEU I 131 -3.61 -27.57 -18.17
CA LEU I 131 -4.99 -27.14 -18.20
C LEU I 131 -5.89 -28.25 -18.72
N LEU I 132 -5.55 -28.83 -19.86
CA LEU I 132 -6.32 -29.95 -20.39
C LEU I 132 -6.28 -31.13 -19.45
N LEU I 133 -5.16 -31.32 -18.77
CA LEU I 133 -5.03 -32.40 -17.82
C LEU I 133 -6.16 -32.35 -16.80
N LEU I 134 -6.48 -31.15 -16.31
CA LEU I 134 -7.62 -31.01 -15.41
C LEU I 134 -8.91 -31.39 -16.11
N ILE I 135 -9.01 -31.08 -17.41
CA ILE I 135 -10.23 -31.37 -18.14
C ILE I 135 -10.35 -32.86 -18.38
N ALA I 136 -9.23 -33.51 -18.71
CA ALA I 136 -9.27 -34.93 -19.00
C ALA I 136 -9.65 -35.72 -17.77
N LYS I 137 -9.16 -35.31 -16.60
CA LYS I 137 -9.55 -35.95 -15.36
C LYS I 137 -11.02 -35.74 -15.04
N VAL I 138 -11.64 -34.72 -15.62
CA VAL I 138 -13.07 -34.51 -15.42
C VAL I 138 -13.87 -35.47 -16.29
N SER I 139 -13.67 -35.38 -17.61
CA SER I 139 -14.41 -36.25 -18.52
C SER I 139 -13.91 -37.69 -18.45
N GLY I 140 -12.64 -37.88 -18.08
CA GLY I 140 -12.04 -39.20 -18.13
C GLY I 140 -11.69 -39.69 -19.51
N SER I 141 -11.93 -38.90 -20.55
CA SER I 141 -11.68 -39.32 -21.92
C SER I 141 -10.19 -39.42 -22.20
N GLU I 142 -9.86 -40.14 -23.27
CA GLU I 142 -8.49 -40.27 -23.75
C GLU I 142 -8.22 -39.39 -24.96
N GLU I 143 -9.27 -38.91 -25.62
CA GLU I 143 -9.11 -37.92 -26.68
C GLU I 143 -8.28 -36.75 -26.20
N ALA I 144 -8.75 -36.06 -25.16
CA ALA I 144 -8.05 -34.91 -24.63
C ALA I 144 -6.67 -35.28 -24.09
N LEU I 145 -6.53 -36.48 -23.53
CA LEU I 145 -5.23 -36.94 -23.08
C LEU I 145 -4.25 -36.98 -24.24
N GLU I 146 -4.72 -37.40 -25.42
CA GLU I 146 -3.86 -37.40 -26.58
C GLU I 146 -3.56 -35.97 -27.03
N ARG I 147 -4.59 -35.11 -27.02
CA ARG I 147 -4.38 -33.71 -27.33
C ARG I 147 -3.33 -33.12 -26.41
N ALA I 148 -3.48 -33.37 -25.11
CA ALA I 148 -2.45 -33.00 -24.16
C ALA I 148 -1.12 -33.62 -24.52
N LEU I 149 -1.14 -34.88 -24.92
CA LEU I 149 0.10 -35.59 -25.18
C LEU I 149 0.82 -35.01 -26.38
N ARG I 150 0.07 -34.72 -27.44
CA ARG I 150 0.68 -34.20 -28.66
C ARG I 150 1.15 -32.77 -28.50
N VAL I 151 0.45 -32.00 -27.68
CA VAL I 151 0.84 -30.62 -27.45
C VAL I 151 2.21 -30.55 -26.81
N ALA I 152 2.35 -31.20 -25.67
CA ALA I 152 3.55 -31.02 -24.87
C ALA I 152 4.77 -31.61 -25.54
N GLU I 153 4.66 -32.82 -26.08
CA GLU I 153 5.81 -33.41 -26.75
C GLU I 153 6.17 -32.62 -27.99
N GLU I 154 5.17 -32.05 -28.67
CA GLU I 154 5.45 -31.05 -29.68
C GLU I 154 6.07 -29.82 -29.04
N ALA I 155 5.55 -29.42 -27.88
CA ALA I 155 6.12 -28.28 -27.18
C ALA I 155 7.53 -28.58 -26.72
N ALA I 156 7.82 -29.83 -26.42
CA ALA I 156 9.17 -30.20 -26.03
C ALA I 156 10.15 -30.00 -27.18
N ARG I 157 9.73 -30.32 -28.40
CA ARG I 157 10.57 -30.09 -29.56
C ARG I 157 10.96 -28.62 -29.69
N LEU I 158 10.08 -27.73 -29.25
CA LEU I 158 10.26 -26.31 -29.49
C LEU I 158 11.50 -25.78 -28.79
N ALA I 159 11.76 -26.27 -27.59
CA ALA I 159 12.90 -25.80 -26.82
C ALA I 159 14.21 -26.03 -27.55
N LYS I 160 14.27 -27.07 -28.37
CA LYS I 160 15.47 -27.33 -29.13
C LYS I 160 15.77 -26.20 -30.10
N ARG I 161 14.72 -25.61 -30.69
CA ARG I 161 14.93 -24.39 -31.45
C ARG I 161 15.43 -23.28 -30.54
N VAL I 162 14.86 -23.20 -29.35
CA VAL I 162 15.23 -22.14 -28.42
C VAL I 162 16.66 -22.31 -27.98
N LEU I 163 17.00 -23.53 -27.57
CA LEU I 163 18.38 -23.84 -27.24
C LEU I 163 19.28 -23.57 -28.44
N GLU I 164 18.79 -23.87 -29.64
CA GLU I 164 19.53 -23.52 -30.83
C GLU I 164 19.54 -22.02 -31.03
N LEU I 165 18.46 -21.35 -30.65
CA LEU I 165 18.41 -19.91 -30.82
C LEU I 165 19.39 -19.20 -29.91
N ALA I 166 19.54 -19.72 -28.68
CA ALA I 166 20.46 -19.08 -27.75
C ALA I 166 21.91 -19.28 -28.17
N GLU I 167 22.27 -20.50 -28.57
CA GLU I 167 23.64 -20.81 -28.93
C GLU I 167 24.15 -19.95 -30.08
N LYS I 168 23.25 -19.46 -30.93
CA LYS I 168 23.63 -18.38 -31.84
C LYS I 168 24.13 -17.19 -31.05
N GLN I 169 23.25 -16.61 -30.25
CA GLN I 169 23.60 -15.44 -29.46
C GLN I 169 24.56 -15.78 -28.33
N GLY I 170 24.69 -17.05 -27.98
CA GLY I 170 25.45 -17.41 -26.80
C GLY I 170 24.88 -16.90 -25.50
N ASP I 171 23.58 -16.59 -25.47
CA ASP I 171 22.94 -16.07 -24.26
C ASP I 171 22.62 -17.23 -23.32
N PRO I 172 23.13 -17.24 -22.09
CA PRO I 172 22.73 -18.31 -21.15
C PRO I 172 21.38 -18.07 -20.52
N ALA I 173 20.85 -16.86 -20.58
CA ALA I 173 19.63 -16.51 -19.86
C ALA I 173 18.49 -17.42 -20.24
N VAL I 174 18.13 -17.44 -21.52
CA VAL I 174 17.09 -18.34 -21.98
C VAL I 174 17.59 -19.78 -21.96
N ALA I 175 18.91 -19.96 -22.03
CA ALA I 175 19.48 -21.29 -22.23
C ALA I 175 19.14 -22.25 -21.11
N ILE I 176 19.45 -21.87 -19.88
CA ILE I 176 19.36 -22.81 -18.78
C ILE I 176 17.91 -23.13 -18.46
N LEU I 177 17.08 -22.09 -18.41
CA LEU I 177 15.67 -22.26 -18.13
C LEU I 177 15.00 -23.18 -19.14
N ALA I 178 15.39 -23.08 -20.41
CA ALA I 178 14.86 -23.94 -21.45
C ALA I 178 14.98 -25.40 -21.07
N VAL I 179 16.11 -25.79 -20.49
CA VAL I 179 16.28 -27.14 -20.03
C VAL I 179 15.30 -27.45 -18.91
N MET I 180 15.16 -26.51 -17.97
CA MET I 180 14.35 -26.74 -16.80
C MET I 180 12.89 -26.98 -17.13
N LEU I 181 12.40 -26.34 -18.19
CA LEU I 181 11.01 -26.54 -18.60
C LEU I 181 10.74 -27.99 -18.93
N VAL I 182 11.72 -28.66 -19.49
CA VAL I 182 11.53 -30.06 -19.86
C VAL I 182 11.34 -30.88 -18.61
N LYS I 183 12.10 -30.57 -17.57
CA LYS I 183 11.85 -31.19 -16.28
C LYS I 183 10.51 -30.77 -15.73
N ARG I 184 10.12 -29.53 -16.00
CA ARG I 184 8.79 -29.07 -15.63
C ARG I 184 7.72 -29.79 -16.44
N VAL I 185 8.10 -30.30 -17.62
CA VAL I 185 7.20 -31.13 -18.39
C VAL I 185 7.17 -32.55 -17.85
N ALA I 186 8.33 -33.08 -17.47
CA ALA I 186 8.45 -34.47 -17.08
C ALA I 186 7.50 -34.85 -15.95
N GLU I 187 7.18 -33.89 -15.09
CA GLU I 187 6.09 -34.09 -14.14
C GLU I 187 4.80 -34.46 -14.83
N LEU I 188 4.52 -33.81 -15.97
CA LEU I 188 3.26 -34.06 -16.67
C LEU I 188 3.24 -35.44 -17.28
N LEU I 189 4.29 -35.74 -18.06
CA LEU I 189 4.37 -36.98 -18.78
C LEU I 189 4.34 -38.15 -17.83
N GLU I 190 4.97 -37.99 -16.68
CA GLU I 190 4.77 -38.92 -15.58
C GLU I 190 3.29 -39.05 -15.26
N ASN I 191 2.66 -37.93 -14.91
CA ASN I 191 1.36 -37.97 -14.26
C ASN I 191 0.27 -38.49 -15.17
N ILE I 192 0.31 -38.16 -16.46
CA ILE I 192 -0.64 -38.77 -17.37
C ILE I 192 -0.32 -40.25 -17.52
N ALA I 193 0.96 -40.60 -17.56
CA ALA I 193 1.36 -41.98 -17.68
C ALA I 193 1.18 -42.75 -16.39
N ARG I 194 1.14 -42.06 -15.25
CA ARG I 194 0.69 -42.71 -14.02
C ARG I 194 -0.70 -43.27 -14.20
N GLU I 195 -1.59 -42.48 -14.81
CA GLU I 195 -3.02 -42.77 -14.82
C GLU I 195 -3.40 -43.75 -15.92
N SER I 196 -3.16 -43.38 -17.18
CA SER I 196 -3.62 -44.18 -18.30
C SER I 196 -2.82 -45.47 -18.44
N GLY I 197 -1.58 -45.50 -17.94
CA GLY I 197 -0.78 -46.70 -17.99
C GLY I 197 -0.22 -47.05 -19.35
N SER I 198 -0.52 -46.27 -20.39
CA SER I 198 0.04 -46.52 -21.70
C SER I 198 1.56 -46.37 -21.64
N GLU I 199 2.27 -47.47 -21.95
CA GLU I 199 3.72 -47.43 -21.95
C GLU I 199 4.27 -46.45 -22.97
N GLU I 200 3.47 -46.11 -24.00
CA GLU I 200 3.89 -45.11 -24.97
C GLU I 200 4.10 -43.77 -24.31
N ALA I 201 3.17 -43.35 -23.46
CA ALA I 201 3.37 -42.14 -22.67
C ALA I 201 4.61 -42.26 -21.82
N LYS I 202 4.82 -43.41 -21.20
CA LYS I 202 6.03 -43.65 -20.44
C LYS I 202 7.26 -43.60 -21.35
N GLU I 203 7.17 -44.25 -22.51
CA GLU I 203 8.22 -44.14 -23.52
C GLU I 203 8.45 -42.69 -23.91
N ARG I 204 7.38 -42.01 -24.32
CA ARG I 204 7.42 -40.57 -24.52
C ARG I 204 7.99 -39.86 -23.30
N ALA I 205 7.59 -40.30 -22.11
CA ALA I 205 8.05 -39.64 -20.89
C ALA I 205 9.54 -39.85 -20.68
N GLU I 206 10.02 -41.08 -20.81
CA GLU I 206 11.42 -41.37 -20.58
C GLU I 206 12.29 -40.59 -21.55
N ARG I 207 11.95 -40.64 -22.84
CA ARG I 207 12.71 -39.94 -23.86
C ARG I 207 12.84 -38.46 -23.53
N VAL I 208 11.73 -37.84 -23.13
CA VAL I 208 11.73 -36.43 -22.79
C VAL I 208 12.62 -36.17 -21.57
N ARG I 209 12.37 -36.89 -20.48
CA ARG I 209 13.18 -36.68 -19.27
C ARG I 209 14.63 -37.06 -19.51
N GLU I 210 14.86 -38.04 -20.37
CA GLU I 210 16.23 -38.37 -20.76
C GLU I 210 16.81 -37.32 -21.68
N GLU I 211 15.97 -36.61 -22.42
CA GLU I 211 16.48 -35.61 -23.34
C GLU I 211 17.09 -34.43 -22.60
N ALA I 212 16.37 -33.92 -21.58
CA ALA I 212 16.88 -32.78 -20.82
C ALA I 212 18.20 -33.10 -20.15
N ARG I 213 18.29 -34.32 -19.62
CA ARG I 213 19.56 -34.82 -19.10
C ARG I 213 20.67 -34.68 -20.14
N GLU I 214 20.34 -34.92 -21.41
CA GLU I 214 21.32 -34.77 -22.47
C GLU I 214 21.46 -33.32 -22.89
N LEU I 215 20.33 -32.60 -22.99
CA LEU I 215 20.37 -31.22 -23.46
C LEU I 215 21.14 -30.30 -22.53
N GLN I 216 21.12 -30.58 -21.22
CA GLN I 216 21.84 -29.74 -20.28
C GLN I 216 23.33 -29.71 -20.58
N GLU I 217 23.85 -30.79 -21.17
CA GLU I 217 25.26 -30.86 -21.53
C GLU I 217 25.67 -29.71 -22.44
N ARG I 218 24.79 -29.34 -23.37
CA ARG I 218 25.09 -28.24 -24.28
C ARG I 218 25.15 -26.89 -23.58
N VAL I 219 24.66 -26.81 -22.34
CA VAL I 219 24.66 -25.57 -21.56
C VAL I 219 25.78 -25.61 -20.54
N LYS I 220 26.13 -26.83 -20.08
CA LYS I 220 27.28 -26.99 -19.20
C LYS I 220 28.53 -26.33 -19.77
N GLU I 221 28.70 -26.39 -21.09
CA GLU I 221 29.78 -25.64 -21.72
C GLU I 221 29.48 -24.14 -21.69
N LEU I 222 28.25 -23.75 -22.03
CA LEU I 222 27.91 -22.33 -22.05
C LEU I 222 28.06 -21.70 -20.67
N LYS I 223 27.88 -22.48 -19.61
CA LYS I 223 28.19 -21.98 -18.29
C LYS I 223 29.68 -21.72 -18.11
N GLU I 224 30.51 -22.37 -18.91
CA GLU I 224 31.95 -22.14 -18.92
C GLU I 224 32.38 -21.12 -19.96
N ARG I 225 31.51 -20.75 -20.89
CA ARG I 225 31.89 -19.84 -21.97
C ARG I 225 31.95 -18.40 -21.47
N ALA I 226 30.80 -17.85 -21.06
CA ALA I 226 30.68 -16.44 -20.73
C ALA I 226 30.61 -16.19 -19.21
N GLY I 227 29.67 -16.83 -18.52
CA GLY I 227 29.52 -16.64 -17.09
C GLY I 227 28.86 -15.33 -16.72
N ALA J 1 25.58 4.95 -25.08
CA ALA J 1 25.07 3.71 -25.71
C ALA J 1 23.92 3.17 -24.88
N GLU J 2 22.79 3.87 -24.98
CA GLU J 2 21.62 3.53 -24.19
C GLU J 2 21.13 2.12 -24.46
N GLU J 3 21.32 1.63 -25.69
CA GLU J 3 20.91 0.27 -26.03
C GLU J 3 21.56 -0.74 -25.09
N LEU J 4 22.86 -0.59 -24.88
CA LEU J 4 23.55 -1.48 -23.95
C LEU J 4 23.14 -1.21 -22.52
N LEU J 5 22.91 0.05 -22.19
CA LEU J 5 22.62 0.43 -20.81
C LEU J 5 21.36 -0.26 -20.31
N LYS J 6 20.28 -0.16 -21.08
CA LYS J 6 19.02 -0.75 -20.65
C LYS J 6 19.11 -2.27 -20.63
N ARG J 7 19.77 -2.85 -21.63
CA ARG J 7 19.86 -4.30 -21.71
C ARG J 7 20.60 -4.87 -20.51
N VAL J 8 21.71 -4.24 -20.14
CA VAL J 8 22.40 -4.64 -18.92
C VAL J 8 21.54 -4.36 -17.71
N GLU J 9 20.99 -3.14 -17.65
CA GLU J 9 20.06 -2.77 -16.59
C GLU J 9 18.89 -3.74 -16.52
N LYS J 10 18.45 -4.24 -17.67
CA LYS J 10 17.35 -5.19 -17.70
C LYS J 10 17.73 -6.48 -17.00
N LEU J 11 18.95 -6.97 -17.23
CA LEU J 11 19.41 -8.22 -16.64
C LEU J 11 19.29 -8.20 -15.12
N VAL J 12 19.55 -7.06 -14.52
CA VAL J 12 19.49 -6.93 -13.07
C VAL J 12 18.11 -7.29 -12.57
N LYS J 13 17.09 -6.68 -13.16
CA LYS J 13 15.73 -6.88 -12.69
C LYS J 13 15.28 -8.31 -12.87
N GLU J 14 15.69 -8.96 -13.95
CA GLU J 14 15.38 -10.37 -14.13
C GLU J 14 16.01 -11.20 -13.04
N ALA J 15 17.34 -11.13 -12.92
CA ALA J 15 18.04 -11.94 -11.94
C ALA J 15 17.61 -11.57 -10.54
N GLU J 16 17.46 -10.27 -10.27
CA GLU J 16 17.01 -9.85 -8.96
C GLU J 16 15.60 -10.34 -8.68
N GLU J 17 14.81 -10.55 -9.73
CA GLU J 17 13.51 -11.17 -9.57
C GLU J 17 13.66 -12.69 -9.46
N LEU J 18 14.61 -13.26 -10.20
CA LEU J 18 14.90 -14.68 -10.04
C LEU J 18 15.36 -14.99 -8.64
N LEU J 19 16.03 -14.04 -8.00
CA LEU J 19 16.43 -14.21 -6.63
C LEU J 19 15.24 -14.49 -5.74
N ARG J 20 14.15 -13.75 -5.93
CA ARG J 20 12.98 -13.90 -5.09
C ARG J 20 12.21 -15.17 -5.39
N GLN J 21 12.30 -15.67 -6.63
CA GLN J 21 11.73 -16.98 -6.91
C GLN J 21 12.46 -18.06 -6.14
N ALA J 22 13.75 -17.87 -5.90
CA ALA J 22 14.53 -18.84 -5.15
C ALA J 22 14.24 -18.76 -3.67
N MET J 23 14.08 -17.56 -3.15
CA MET J 23 13.78 -17.38 -1.73
C MET J 23 12.46 -18.04 -1.37
N LYS J 24 11.51 -18.07 -2.29
CA LYS J 24 10.22 -18.70 -2.03
C LYS J 24 10.32 -20.21 -2.10
N LYS J 25 11.23 -20.74 -2.94
CA LYS J 25 11.22 -22.14 -3.32
C LYS J 25 12.52 -22.85 -3.00
N GLY J 26 13.66 -22.19 -3.16
CA GLY J 26 14.93 -22.78 -2.79
C GLY J 26 15.53 -23.70 -3.82
N SER J 27 15.39 -23.36 -5.10
CA SER J 27 15.90 -24.15 -6.20
C SER J 27 17.25 -23.62 -6.66
N GLU J 28 18.27 -24.47 -6.60
CA GLU J 28 19.58 -24.07 -7.08
C GLU J 28 19.57 -23.80 -8.58
N GLU J 29 18.63 -24.40 -9.32
CA GLU J 29 18.54 -24.13 -10.75
C GLU J 29 18.22 -22.68 -11.00
N LEU J 30 17.39 -22.08 -10.16
CA LEU J 30 17.19 -20.64 -10.22
C LEU J 30 18.47 -19.90 -9.93
N LEU J 31 19.32 -20.47 -9.08
CA LEU J 31 20.51 -19.78 -8.60
C LEU J 31 21.69 -19.96 -9.54
N GLU J 32 21.81 -21.14 -10.13
CA GLU J 32 22.79 -21.34 -11.20
C GLU J 32 22.61 -20.29 -12.28
N VAL J 33 21.37 -19.97 -12.62
CA VAL J 33 21.08 -18.96 -13.61
C VAL J 33 21.64 -17.61 -13.20
N ALA J 34 21.52 -17.26 -11.92
CA ALA J 34 21.98 -15.96 -11.47
C ALA J 34 23.49 -15.81 -11.67
N LEU J 35 24.24 -16.86 -11.39
CA LEU J 35 25.67 -16.88 -11.65
C LEU J 35 26.00 -16.92 -13.13
N VAL J 36 25.00 -17.13 -13.99
CA VAL J 36 25.16 -17.01 -15.41
C VAL J 36 24.75 -15.62 -15.89
N VAL J 37 23.61 -15.14 -15.40
CA VAL J 37 23.08 -13.86 -15.86
C VAL J 37 23.99 -12.73 -15.42
N ALA J 38 24.13 -12.55 -14.12
CA ALA J 38 24.87 -11.42 -13.61
C ALA J 38 26.34 -11.53 -13.96
N GLN J 39 26.86 -12.74 -14.03
CA GLN J 39 28.28 -12.90 -14.29
C GLN J 39 28.61 -12.56 -15.74
N MET J 40 27.61 -12.60 -16.62
CA MET J 40 27.75 -12.04 -17.95
C MET J 40 27.40 -10.56 -18.01
N ALA J 41 26.73 -10.04 -16.99
CA ALA J 41 26.51 -8.60 -16.95
C ALA J 41 27.83 -7.86 -16.83
N ALA J 42 28.75 -8.36 -16.01
CA ALA J 42 30.07 -7.77 -15.91
C ALA J 42 30.77 -7.74 -17.26
N ARG J 43 30.53 -8.76 -18.10
CA ARG J 43 31.11 -8.76 -19.43
C ARG J 43 30.62 -7.56 -20.22
N GLU J 44 29.31 -7.38 -20.30
CA GLU J 44 28.73 -6.34 -21.11
C GLU J 44 28.74 -4.99 -20.42
N ALA J 45 28.69 -4.98 -19.09
CA ALA J 45 28.76 -3.72 -18.37
C ALA J 45 30.11 -3.06 -18.54
N LYS J 46 31.18 -3.83 -18.30
CA LYS J 46 32.53 -3.33 -18.46
C LYS J 46 32.76 -2.78 -19.86
N LYS J 47 32.11 -3.37 -20.86
CA LYS J 47 32.17 -2.83 -22.21
C LYS J 47 31.52 -1.46 -22.29
N VAL J 48 30.40 -1.28 -21.60
CA VAL J 48 29.74 0.02 -21.62
C VAL J 48 30.64 1.07 -21.02
N LEU J 49 31.43 0.69 -20.02
CA LEU J 49 32.41 1.60 -19.50
C LEU J 49 33.46 1.92 -20.54
N THR J 50 33.87 0.90 -21.29
CA THR J 50 34.93 1.07 -22.29
C THR J 50 34.52 2.08 -23.35
N MET J 51 33.50 1.75 -24.13
CA MET J 51 33.08 2.62 -25.22
C MET J 51 32.65 3.98 -24.70
N ALA J 52 32.17 4.04 -23.46
CA ALA J 52 31.86 5.34 -22.87
C ALA J 52 33.14 6.08 -22.48
N GLU J 53 34.15 5.35 -22.03
CA GLU J 53 35.43 5.96 -21.70
C GLU J 53 36.10 6.56 -22.92
N VAL J 54 35.69 6.15 -24.12
CA VAL J 54 36.25 6.71 -25.34
C VAL J 54 35.76 8.13 -25.54
N GLU J 55 34.45 8.28 -25.72
CA GLU J 55 33.88 9.54 -26.17
C GLU J 55 34.00 10.62 -25.10
N GLY J 56 34.20 10.24 -23.85
CA GLY J 56 34.20 11.22 -22.78
C GLY J 56 32.78 11.49 -22.33
N ASP J 57 32.01 10.43 -22.16
CA ASP J 57 30.61 10.51 -21.71
C ASP J 57 30.56 10.04 -20.26
N PRO J 58 30.86 10.89 -19.28
CA PRO J 58 31.14 10.37 -17.95
C PRO J 58 29.91 9.87 -17.21
N GLU J 59 28.79 10.57 -17.36
CA GLU J 59 27.59 10.25 -16.60
C GLU J 59 27.11 8.85 -16.87
N VAL J 60 27.41 8.32 -18.06
CA VAL J 60 27.02 6.96 -18.38
C VAL J 60 27.71 5.97 -17.45
N ALA J 61 29.00 6.19 -17.20
CA ALA J 61 29.77 5.26 -16.41
C ALA J 61 29.29 5.22 -14.96
N LEU J 62 29.00 6.38 -14.39
CA LEU J 62 28.49 6.43 -13.03
C LEU J 62 27.21 5.63 -12.91
N ARG J 63 26.34 5.72 -13.90
CA ARG J 63 25.13 4.92 -13.93
C ARG J 63 25.37 3.48 -14.33
N ALA J 64 26.63 3.11 -14.59
CA ALA J 64 26.96 1.75 -15.00
C ALA J 64 27.70 1.01 -13.89
N VAL J 65 28.78 1.62 -13.40
CA VAL J 65 29.56 1.00 -12.34
C VAL J 65 28.73 0.81 -11.10
N GLU J 66 27.82 1.75 -10.84
CA GLU J 66 26.85 1.58 -9.77
C GLU J 66 26.07 0.29 -9.92
N LEU J 67 25.81 -0.11 -11.17
CA LEU J 67 25.03 -1.31 -11.40
C LEU J 67 25.88 -2.55 -11.22
N VAL J 68 27.19 -2.43 -11.44
CA VAL J 68 28.09 -3.53 -11.18
C VAL J 68 28.06 -3.87 -9.70
N VAL J 69 28.00 -2.86 -8.85
CA VAL J 69 27.96 -3.09 -7.42
C VAL J 69 26.71 -3.85 -7.04
N ARG J 70 25.58 -3.52 -7.68
CA ARG J 70 24.35 -4.24 -7.42
C ARG J 70 24.51 -5.72 -7.70
N VAL J 71 25.32 -6.07 -8.69
CA VAL J 71 25.61 -7.48 -8.93
C VAL J 71 26.31 -8.07 -7.73
N ALA J 72 27.31 -7.35 -7.23
CA ALA J 72 28.03 -7.79 -6.04
C ALA J 72 27.08 -7.98 -4.88
N GLU J 73 26.10 -7.08 -4.76
CA GLU J 73 25.07 -7.26 -3.74
C GLU J 73 24.30 -8.54 -3.99
N LEU J 74 24.03 -8.84 -5.26
CA LEU J 74 23.26 -10.03 -5.58
C LEU J 74 24.09 -11.29 -5.39
N LEU J 75 25.28 -11.32 -5.98
CA LEU J 75 26.16 -12.47 -5.84
C LEU J 75 26.48 -12.75 -4.39
N LEU J 76 26.54 -11.71 -3.56
CA LEU J 76 26.74 -11.91 -2.15
C LEU J 76 25.61 -12.75 -1.57
N ARG J 77 24.37 -12.31 -1.79
CA ARG J 77 23.21 -13.02 -1.27
C ARG J 77 23.20 -14.47 -1.69
N ILE J 78 23.67 -14.74 -2.90
CA ILE J 78 23.74 -16.12 -3.38
C ILE J 78 24.64 -16.94 -2.48
N ALA J 79 25.87 -16.47 -2.29
CA ALA J 79 26.84 -17.19 -1.48
C ALA J 79 26.37 -17.30 -0.04
N LEU J 80 25.65 -16.29 0.44
CA LEU J 80 25.07 -16.40 1.77
C LEU J 80 24.00 -17.47 1.81
N VAL J 81 23.10 -17.45 0.84
CA VAL J 81 22.02 -18.43 0.81
C VAL J 81 22.58 -19.81 0.50
N SER J 82 23.55 -19.87 -0.40
CA SER J 82 24.07 -21.16 -0.83
C SER J 82 25.17 -21.66 0.10
N GLY J 83 26.11 -20.79 0.45
CA GLY J 83 27.26 -21.16 1.24
C GLY J 83 28.47 -21.59 0.46
N SER J 84 28.43 -21.49 -0.87
CA SER J 84 29.56 -21.90 -1.69
C SER J 84 30.74 -20.98 -1.47
N GLU J 85 31.86 -21.54 -1.01
CA GLU J 85 33.07 -20.76 -0.85
C GLU J 85 33.58 -20.23 -2.18
N GLU J 86 33.28 -20.91 -3.27
CA GLU J 86 33.60 -20.36 -4.59
C GLU J 86 32.84 -19.07 -4.83
N ALA J 87 31.53 -19.09 -4.58
CA ALA J 87 30.70 -17.94 -4.89
C ALA J 87 31.14 -16.71 -4.12
N LEU J 88 31.64 -16.89 -2.90
CA LEU J 88 32.38 -15.82 -2.24
C LEU J 88 33.53 -15.37 -3.12
N GLU J 89 34.36 -16.31 -3.54
CA GLU J 89 35.52 -15.97 -4.34
C GLU J 89 35.13 -15.55 -5.75
N ARG J 90 33.91 -15.89 -6.19
CA ARG J 90 33.38 -15.26 -7.40
C ARG J 90 33.07 -13.80 -7.14
N ALA J 91 32.16 -13.56 -6.20
CA ALA J 91 31.78 -12.20 -5.84
C ALA J 91 32.96 -11.39 -5.35
N LEU J 92 33.96 -12.04 -4.78
CA LEU J 92 35.17 -11.35 -4.37
C LEU J 92 35.85 -10.68 -5.56
N ARG J 93 36.23 -11.47 -6.54
CA ARG J 93 36.99 -10.97 -7.68
C ARG J 93 36.20 -9.94 -8.46
N VAL J 94 34.92 -10.20 -8.66
CA VAL J 94 34.04 -9.21 -9.28
C VAL J 94 34.06 -7.92 -8.49
N ALA J 95 33.93 -8.04 -7.17
CA ALA J 95 33.91 -6.85 -6.33
C ALA J 95 35.26 -6.15 -6.37
N GLU J 96 36.34 -6.91 -6.26
CA GLU J 96 37.67 -6.30 -6.25
C GLU J 96 37.94 -5.59 -7.57
N GLU J 97 37.52 -6.18 -8.68
CA GLU J 97 37.73 -5.57 -9.97
C GLU J 97 36.93 -4.28 -10.11
N ALA J 98 35.83 -4.15 -9.38
CA ALA J 98 35.08 -2.91 -9.37
C ALA J 98 35.93 -1.75 -8.88
N ALA J 99 36.89 -2.03 -8.01
CA ALA J 99 37.80 -1.00 -7.54
C ALA J 99 38.57 -0.39 -8.70
N ARG J 100 39.19 -1.23 -9.52
CA ARG J 100 39.89 -0.75 -10.70
C ARG J 100 38.97 0.03 -11.61
N LEU J 101 37.77 -0.48 -11.83
CA LEU J 101 36.82 0.19 -12.72
C LEU J 101 36.43 1.54 -12.15
N ALA J 102 36.35 1.64 -10.83
CA ALA J 102 36.11 2.93 -10.21
C ALA J 102 37.31 3.85 -10.41
N LYS J 103 38.50 3.36 -10.07
CA LYS J 103 39.71 4.13 -10.29
C LYS J 103 39.89 4.45 -11.76
N ARG J 104 39.42 3.57 -12.63
CA ARG J 104 39.43 3.83 -14.06
C ARG J 104 38.58 5.04 -14.40
N VAL J 105 37.53 5.27 -13.61
CA VAL J 105 36.59 6.34 -13.88
C VAL J 105 37.12 7.67 -13.37
N LEU J 106 37.83 7.64 -12.25
CA LEU J 106 38.13 8.88 -11.55
C LEU J 106 38.98 9.80 -12.42
N GLU J 107 40.09 9.29 -12.92
CA GLU J 107 41.00 10.12 -13.69
C GLU J 107 40.42 10.55 -15.03
N LEU J 108 39.32 9.94 -15.45
CA LEU J 108 38.62 10.42 -16.63
C LEU J 108 38.19 11.86 -16.46
N ALA J 109 37.43 12.13 -15.40
CA ALA J 109 36.70 13.39 -15.33
C ALA J 109 37.62 14.58 -15.18
N GLU J 110 38.83 14.39 -14.65
CA GLU J 110 39.77 15.48 -14.56
C GLU J 110 40.11 16.01 -15.94
N SER J 111 40.23 15.13 -16.93
CA SER J 111 40.36 15.57 -18.30
C SER J 111 39.11 16.31 -18.76
N GLN J 112 37.95 15.91 -18.26
CA GLN J 112 36.71 16.59 -18.53
C GLN J 112 36.47 17.77 -17.60
N GLY J 113 37.10 17.78 -16.44
CA GLY J 113 36.85 18.83 -15.46
C GLY J 113 35.48 18.75 -14.81
N ASP J 114 34.85 17.58 -14.81
CA ASP J 114 33.51 17.38 -14.27
C ASP J 114 33.59 16.63 -12.94
N PRO J 115 33.72 17.32 -11.80
CA PRO J 115 34.04 16.62 -10.56
C PRO J 115 32.88 15.84 -9.96
N GLU J 116 31.65 16.36 -10.07
CA GLU J 116 30.51 15.76 -9.39
C GLU J 116 30.32 14.30 -9.76
N VAL J 117 30.73 13.92 -10.97
CA VAL J 117 30.58 12.54 -11.38
C VAL J 117 31.49 11.64 -10.53
N ALA J 118 32.57 12.21 -10.00
CA ALA J 118 33.49 11.41 -9.19
C ALA J 118 32.84 10.98 -7.89
N LEU J 119 32.28 11.94 -7.16
CA LEU J 119 32.02 11.75 -5.74
C LEU J 119 31.04 10.61 -5.52
N ARG J 120 30.00 10.54 -6.32
CA ARG J 120 29.10 9.40 -6.25
C ARG J 120 29.80 8.13 -6.69
N ALA J 121 30.79 8.23 -7.57
CA ALA J 121 31.53 7.05 -7.98
C ALA J 121 32.46 6.59 -6.88
N VAL J 122 33.11 7.54 -6.21
CA VAL J 122 34.00 7.20 -5.11
C VAL J 122 33.25 6.45 -4.03
N GLU J 123 32.05 6.92 -3.71
CA GLU J 123 31.29 6.29 -2.66
C GLU J 123 30.92 4.86 -2.99
N LEU J 124 30.86 4.51 -4.27
CA LEU J 124 30.64 3.11 -4.63
C LEU J 124 31.75 2.23 -4.12
N VAL J 125 33.00 2.69 -4.25
CA VAL J 125 34.14 1.95 -3.74
C VAL J 125 33.97 1.67 -2.26
N VAL J 126 33.47 2.67 -1.53
CA VAL J 126 33.42 2.60 -0.08
C VAL J 126 32.51 1.46 0.35
N ARG J 127 31.39 1.29 -0.35
CA ARG J 127 30.52 0.18 -0.02
C ARG J 127 31.18 -1.15 -0.28
N VAL J 128 32.13 -1.20 -1.22
CA VAL J 128 32.79 -2.45 -1.51
C VAL J 128 33.64 -2.86 -0.33
N ALA J 129 34.28 -1.89 0.32
CA ALA J 129 34.97 -2.16 1.55
C ALA J 129 34.01 -2.67 2.61
N GLU J 130 32.87 -2.00 2.74
CA GLU J 130 31.80 -2.53 3.59
C GLU J 130 31.35 -3.87 3.08
N LEU J 131 31.37 -4.06 1.77
CA LEU J 131 30.87 -5.31 1.21
C LEU J 131 31.80 -6.46 1.55
N LEU J 132 33.10 -6.28 1.28
CA LEU J 132 34.06 -7.32 1.63
C LEU J 132 34.11 -7.54 3.13
N LEU J 133 33.90 -6.47 3.89
CA LEU J 133 33.88 -6.59 5.34
C LEU J 133 32.88 -7.64 5.79
N LEU J 134 31.70 -7.66 5.17
CA LEU J 134 30.74 -8.69 5.46
C LEU J 134 31.27 -10.06 5.07
N ILE J 135 32.04 -10.12 3.98
CA ILE J 135 32.57 -11.40 3.53
C ILE J 135 33.67 -11.86 4.45
N ALA J 136 34.52 -10.94 4.90
CA ALA J 136 35.62 -11.33 5.75
C ALA J 136 35.12 -11.86 7.08
N LYS J 137 34.07 -11.25 7.62
CA LYS J 137 33.46 -11.75 8.84
C LYS J 137 32.83 -13.11 8.65
N VAL J 138 32.52 -13.50 7.41
CA VAL J 138 31.99 -14.83 7.16
C VAL J 138 33.11 -15.86 7.15
N SER J 139 34.09 -15.67 6.28
CA SER J 139 35.19 -16.62 6.20
C SER J 139 36.14 -16.48 7.40
N GLY J 140 36.20 -15.29 7.98
CA GLY J 140 37.16 -15.02 9.03
C GLY J 140 38.58 -14.82 8.55
N SER J 141 38.83 -14.90 7.25
CA SER J 141 40.18 -14.80 6.71
C SER J 141 40.72 -13.38 6.84
N GLU J 142 42.04 -13.26 6.75
CA GLU J 142 42.71 -11.98 6.74
C GLU J 142 43.14 -11.54 5.35
N GLU J 143 43.14 -12.45 4.39
CA GLU J 143 43.35 -12.10 2.99
C GLU J 143 42.40 -10.99 2.57
N ALA J 144 41.10 -11.25 2.66
CA ALA J 144 40.10 -10.29 2.27
C ALA J 144 40.16 -9.02 3.11
N LEU J 145 40.51 -9.16 4.39
CA LEU J 145 40.69 -7.99 5.24
C LEU J 145 41.77 -7.08 4.69
N GLU J 146 42.84 -7.67 4.15
CA GLU J 146 43.87 -6.87 3.52
C GLU J 146 43.36 -6.25 2.24
N ARG J 147 42.65 -7.04 1.42
CA ARG J 147 42.03 -6.52 0.22
C ARG J 147 41.14 -5.34 0.55
N ALA J 148 40.28 -5.50 1.57
CA ALA J 148 39.50 -4.39 2.08
C ALA J 148 40.41 -3.25 2.52
N LEU J 149 41.50 -3.58 3.19
CA LEU J 149 42.36 -2.55 3.75
C LEU J 149 43.03 -1.75 2.65
N ARG J 150 43.52 -2.43 1.62
CA ARG J 150 44.23 -1.76 0.55
C ARG J 150 43.29 -0.96 -0.33
N VAL J 151 42.05 -1.42 -0.47
CA VAL J 151 41.09 -0.71 -1.30
C VAL J 151 40.79 0.64 -0.70
N ALA J 152 40.36 0.66 0.55
CA ALA J 152 39.85 1.88 1.14
C ALA J 152 40.95 2.92 1.32
N GLU J 153 42.10 2.50 1.86
CA GLU J 153 43.17 3.47 2.04
C GLU J 153 43.68 3.97 0.70
N GLU J 154 43.67 3.12 -0.31
CA GLU J 154 43.85 3.60 -1.67
C GLU J 154 42.70 4.50 -2.06
N ALA J 155 41.48 4.12 -1.69
CA ALA J 155 40.33 4.98 -1.99
C ALA J 155 40.42 6.29 -1.24
N ALA J 156 41.02 6.28 -0.05
CA ALA J 156 41.20 7.51 0.69
C ALA J 156 42.11 8.47 -0.04
N ARG J 157 43.17 7.96 -0.67
CA ARG J 157 44.05 8.81 -1.47
C ARG J 157 43.30 9.52 -2.57
N LEU J 158 42.24 8.89 -3.09
CA LEU J 158 41.57 9.41 -4.27
C LEU J 158 40.92 10.75 -4.00
N ALA J 159 40.36 10.92 -2.81
CA ALA J 159 39.68 12.16 -2.48
C ALA J 159 40.61 13.36 -2.56
N LYS J 160 41.90 13.14 -2.33
CA LYS J 160 42.85 14.24 -2.43
C LYS J 160 42.93 14.76 -3.85
N ARG J 161 42.81 13.88 -4.84
CA ARG J 161 42.66 14.33 -6.21
C ARG J 161 41.36 15.10 -6.36
N VAL J 162 40.30 14.61 -5.72
CA VAL J 162 39.00 15.24 -5.84
C VAL J 162 39.03 16.61 -5.21
N LEU J 163 39.53 16.66 -3.97
CA LEU J 163 39.72 17.94 -3.31
C LEU J 163 40.62 18.83 -4.14
N GLU J 164 41.64 18.26 -4.77
CA GLU J 164 42.45 19.03 -5.70
C GLU J 164 41.66 19.39 -6.94
N LEU J 165 40.76 18.51 -7.36
CA LEU J 165 39.97 18.80 -8.54
C LEU J 165 39.01 19.94 -8.31
N ALA J 166 38.43 20.01 -7.11
CA ALA J 166 37.49 21.07 -6.81
C ALA J 166 38.18 22.41 -6.72
N GLU J 167 39.31 22.46 -6.01
CA GLU J 167 40.02 23.71 -5.79
C GLU J 167 40.44 24.38 -7.09
N LYS J 168 40.62 23.60 -8.16
CA LYS J 168 40.70 24.20 -9.48
C LYS J 168 39.44 25.00 -9.78
N GLN J 169 38.31 24.31 -9.83
CA GLN J 169 37.04 24.94 -10.12
C GLN J 169 36.56 25.82 -8.97
N GLY J 170 37.11 25.65 -7.78
CA GLY J 170 36.58 26.34 -6.62
C GLY J 170 35.17 25.94 -6.25
N ASP J 171 34.74 24.75 -6.66
CA ASP J 171 33.39 24.29 -6.37
C ASP J 171 33.33 23.72 -4.96
N PRO J 172 32.50 24.26 -4.05
CA PRO J 172 32.39 23.63 -2.73
C PRO J 172 31.53 22.39 -2.71
N ALA J 173 30.72 22.17 -3.74
CA ALA J 173 29.74 21.08 -3.72
C ALA J 173 30.41 19.75 -3.47
N VAL J 174 31.32 19.37 -4.35
CA VAL J 174 32.06 18.12 -4.15
C VAL J 174 33.03 18.28 -3.00
N ALA J 175 33.43 19.51 -2.69
CA ALA J 175 34.52 19.75 -1.75
C ALA J 175 34.21 19.22 -0.37
N ILE J 176 33.09 19.63 0.21
CA ILE J 176 32.84 19.35 1.62
C ILE J 176 32.53 17.87 1.81
N LEU J 177 31.70 17.32 0.94
CA LEU J 177 31.36 15.91 1.02
C LEU J 177 32.58 15.02 0.94
N ALA J 178 33.54 15.40 0.10
CA ALA J 178 34.79 14.64 -0.04
C ALA J 178 35.44 14.41 1.32
N VAL J 179 35.43 15.44 2.16
CA VAL J 179 35.97 15.30 3.51
C VAL J 179 35.14 14.30 4.30
N MET J 180 33.82 14.41 4.19
CA MET J 180 32.92 13.61 4.99
C MET J 180 33.08 12.12 4.70
N LEU J 181 33.39 11.77 3.46
CA LEU J 181 33.58 10.36 3.12
C LEU J 181 34.70 9.74 3.93
N VAL J 182 35.73 10.53 4.23
CA VAL J 182 36.85 10.00 4.98
C VAL J 182 36.39 9.65 6.39
N LYS J 183 35.53 10.49 6.96
CA LYS J 183 34.90 10.14 8.22
C LYS J 183 33.99 8.95 8.03
N ARG J 184 33.34 8.86 6.88
CA ARG J 184 32.54 7.68 6.57
C ARG J 184 33.42 6.46 6.39
N VAL J 185 34.70 6.66 6.07
CA VAL J 185 35.65 5.57 6.04
C VAL J 185 36.12 5.22 7.44
N ALA J 186 36.38 6.24 8.26
CA ALA J 186 36.98 6.03 9.56
C ALA J 186 36.19 5.05 10.42
N GLU J 187 34.88 4.99 10.23
CA GLU J 187 34.09 3.91 10.82
C GLU J 187 34.63 2.55 10.42
N LEU J 188 35.03 2.40 9.16
CA LEU J 188 35.50 1.11 8.68
C LEU J 188 36.83 0.75 9.30
N LEU J 189 37.78 1.66 9.18
CA LEU J 189 39.14 1.43 9.64
C LEU J 189 39.14 1.14 11.13
N GLU J 190 38.27 1.83 11.86
CA GLU J 190 37.99 1.44 13.24
C GLU J 190 37.57 -0.02 13.29
N ASN J 191 36.49 -0.36 12.58
CA ASN J 191 35.79 -1.60 12.83
C ASN J 191 36.63 -2.81 12.46
N ILE J 192 37.40 -2.73 11.38
CA ILE J 192 38.31 -3.82 11.07
C ILE J 192 39.41 -3.88 12.13
N ALA J 193 39.88 -2.71 12.57
CA ALA J 193 40.92 -2.66 13.58
C ALA J 193 40.38 -2.98 14.96
N ARG J 194 39.09 -2.82 15.18
CA ARG J 194 38.48 -3.38 16.39
C ARG J 194 38.73 -4.88 16.46
N GLU J 195 38.54 -5.56 15.33
CA GLU J 195 38.48 -7.01 15.30
C GLU J 195 39.86 -7.65 15.25
N SER J 196 40.62 -7.36 14.19
CA SER J 196 41.89 -8.02 13.99
C SER J 196 42.96 -7.56 14.98
N GLY J 197 42.81 -6.35 15.53
CA GLY J 197 43.75 -5.86 16.51
C GLY J 197 45.09 -5.44 15.98
N SER J 198 45.33 -5.57 14.68
CA SER J 198 46.58 -5.11 14.11
C SER J 198 46.71 -3.61 14.28
N GLU J 199 47.75 -3.19 15.00
CA GLU J 199 47.99 -1.76 15.21
C GLU J 199 48.24 -1.04 13.90
N GLU J 200 48.66 -1.75 12.86
CA GLU J 200 48.85 -1.13 11.55
C GLU J 200 47.54 -0.59 11.02
N ALA J 201 46.47 -1.38 11.12
CA ALA J 201 45.15 -0.87 10.77
C ALA J 201 44.80 0.33 11.61
N LYS J 202 45.09 0.27 12.92
CA LYS J 202 44.88 1.42 13.78
C LYS J 202 45.75 2.60 13.35
N GLU J 203 47.02 2.33 13.06
CA GLU J 203 47.89 3.34 12.49
C GLU J 203 47.31 3.90 11.20
N ARG J 204 47.02 3.02 10.25
CA ARG J 204 46.27 3.39 9.06
C ARG J 204 45.00 4.15 9.43
N ALA J 205 44.30 3.67 10.46
CA ALA J 205 43.04 4.32 10.85
C ALA J 205 43.27 5.72 11.37
N GLU J 206 44.23 5.87 12.28
CA GLU J 206 44.48 7.19 12.88
C GLU J 206 44.89 8.20 11.81
N ARG J 207 45.83 7.81 10.95
CA ARG J 207 46.29 8.70 9.89
C ARG J 207 45.13 9.17 9.03
N VAL J 208 44.25 8.25 8.67
CA VAL J 208 43.10 8.60 7.84
C VAL J 208 42.19 9.56 8.58
N ARG J 209 41.75 9.18 9.79
CA ARG J 209 40.84 10.04 10.55
C ARG J 209 41.52 11.34 10.91
N GLU J 210 42.84 11.32 11.12
CA GLU J 210 43.57 12.56 11.33
C GLU J 210 43.71 13.35 10.05
N GLU J 211 43.67 12.69 8.89
CA GLU J 211 43.84 13.40 7.64
C GLU J 211 42.63 14.28 7.35
N ALA J 212 41.43 13.74 7.52
CA ALA J 212 40.21 14.51 7.25
C ALA J 212 40.14 15.74 8.14
N ARG J 213 40.52 15.57 9.40
CA ARG J 213 40.67 16.69 10.32
C ARG J 213 41.55 17.77 9.72
N GLU J 214 42.61 17.35 9.02
CA GLU J 214 43.50 18.31 8.37
C GLU J 214 42.92 18.78 7.06
N LEU J 215 42.35 17.86 6.28
CA LEU J 215 41.85 18.22 4.95
C LEU J 215 40.70 19.20 5.01
N GLN J 216 39.89 19.15 6.06
CA GLN J 216 38.77 20.07 6.16
C GLN J 216 39.23 21.52 6.19
N GLU J 217 40.45 21.76 6.69
CA GLU J 217 41.02 23.10 6.75
C GLU J 217 41.05 23.74 5.37
N ARG J 218 41.36 22.96 4.34
CA ARG J 218 41.41 23.48 2.98
C ARG J 218 40.05 23.87 2.45
N VAL J 219 38.97 23.45 3.12
CA VAL J 219 37.62 23.77 2.70
C VAL J 219 37.06 24.87 3.59
N LYS J 220 37.53 24.94 4.84
CA LYS J 220 37.16 26.05 5.72
C LYS J 220 37.40 27.40 5.06
N GLU J 221 38.46 27.51 4.28
CA GLU J 221 38.66 28.72 3.49
C GLU J 221 37.65 28.79 2.35
N LEU J 222 37.44 27.67 1.64
CA LEU J 222 36.50 27.67 0.52
C LEU J 222 35.09 28.02 0.97
N LYS J 223 34.74 27.69 2.21
CA LYS J 223 33.48 28.13 2.76
C LYS J 223 33.44 29.64 2.92
N GLU J 224 34.60 30.28 3.02
CA GLU J 224 34.70 31.73 3.08
C GLU J 224 34.94 32.36 1.72
N ARG J 225 35.26 31.58 0.69
CA ARG J 225 35.57 32.15 -0.62
C ARG J 225 34.29 32.56 -1.36
N ALA J 226 33.44 31.58 -1.67
CA ALA J 226 32.27 31.81 -2.53
C ALA J 226 30.97 31.83 -1.74
N GLY J 227 30.68 30.79 -0.96
CA GLY J 227 29.46 30.73 -0.20
C GLY J 227 28.23 30.41 -1.04
N ALA K 1 21.25 31.83 -22.04
CA ALA K 1 22.42 31.02 -21.61
C ALA K 1 21.92 29.79 -20.87
N GLU K 2 21.36 28.86 -21.63
CA GLU K 2 20.77 27.66 -21.05
C GLU K 2 21.78 26.84 -20.26
N GLU K 3 23.06 26.88 -20.67
CA GLU K 3 24.09 26.15 -19.96
C GLU K 3 24.13 26.57 -18.50
N LEU K 4 24.11 27.87 -18.24
CA LEU K 4 24.08 28.36 -16.87
C LEU K 4 22.76 28.06 -16.21
N LEU K 5 21.67 28.15 -16.96
CA LEU K 5 20.34 28.00 -16.39
C LEU K 5 20.18 26.62 -15.76
N LYS K 6 20.50 25.57 -16.51
CA LYS K 6 20.34 24.22 -16.00
C LYS K 6 21.29 23.94 -14.86
N ARG K 7 22.52 24.42 -14.96
CA ARG K 7 23.51 24.16 -13.93
C ARG K 7 23.09 24.78 -12.60
N VAL K 8 22.60 26.01 -12.64
CA VAL K 8 22.06 26.62 -11.45
C VAL K 8 20.81 25.88 -11.01
N GLU K 9 19.90 25.64 -11.96
CA GLU K 9 18.71 24.86 -11.69
C GLU K 9 19.06 23.49 -11.12
N LYS K 10 20.17 22.92 -11.57
CA LYS K 10 20.59 21.62 -11.07
C LYS K 10 20.95 21.70 -9.59
N LEU K 11 21.63 22.77 -9.19
CA LEU K 11 22.05 22.91 -7.79
C LEU K 11 20.88 22.84 -6.84
N VAL K 12 19.73 23.40 -7.25
CA VAL K 12 18.54 23.40 -6.41
C VAL K 12 18.16 21.98 -6.04
N LYS K 13 18.05 21.13 -7.05
CA LYS K 13 17.57 19.77 -6.83
C LYS K 13 18.52 18.99 -5.94
N GLU K 14 19.83 19.21 -6.12
CA GLU K 14 20.79 18.56 -5.24
C GLU K 14 20.59 19.02 -3.80
N ALA K 15 20.70 20.32 -3.56
CA ALA K 15 20.59 20.83 -2.20
C ALA K 15 19.21 20.55 -1.63
N GLU K 16 18.18 20.70 -2.45
CA GLU K 16 16.83 20.41 -1.98
C GLU K 16 16.68 18.93 -1.67
N GLU K 17 17.48 18.09 -2.33
CA GLU K 17 17.52 16.68 -1.95
C GLU K 17 18.42 16.47 -0.75
N LEU K 18 19.50 17.23 -0.65
CA LEU K 18 20.33 17.18 0.54
C LEU K 18 19.54 17.59 1.77
N LEU K 19 18.58 18.48 1.59
CA LEU K 19 17.70 18.87 2.68
C LEU K 19 17.01 17.67 3.28
N ARG K 20 16.50 16.79 2.42
CA ARG K 20 15.75 15.64 2.88
C ARG K 20 16.64 14.58 3.50
N GLN K 21 17.90 14.52 3.08
CA GLN K 21 18.85 13.65 3.77
C GLN K 21 19.07 14.11 5.19
N ALA K 22 18.99 15.41 5.43
CA ALA K 22 19.17 15.96 6.77
C ALA K 22 17.94 15.75 7.63
N MET K 23 16.75 15.89 7.05
CA MET K 23 15.53 15.67 7.78
C MET K 23 15.44 14.25 8.30
N LYS K 24 15.98 13.29 7.55
CA LYS K 24 15.96 11.90 7.98
C LYS K 24 16.99 11.63 9.08
N LYS K 25 18.10 12.36 9.07
CA LYS K 25 19.28 12.02 9.85
C LYS K 25 19.71 13.12 10.80
N GLY K 26 19.61 14.38 10.40
CA GLY K 26 19.92 15.48 11.29
C GLY K 26 21.39 15.81 11.38
N SER K 27 22.12 15.73 10.27
CA SER K 27 23.54 16.01 10.24
C SER K 27 23.78 17.42 9.76
N GLU K 28 24.46 18.22 10.59
CA GLU K 28 24.81 19.58 10.19
C GLU K 28 25.76 19.59 9.02
N GLU K 29 26.55 18.52 8.83
CA GLU K 29 27.44 18.46 7.69
C GLU K 29 26.66 18.49 6.39
N LEU K 30 25.50 17.84 6.36
CA LEU K 30 24.61 17.98 5.23
C LEU K 30 24.14 19.42 5.07
N LEU K 31 24.00 20.13 6.19
CA LEU K 31 23.41 21.46 6.18
C LEU K 31 24.44 22.53 5.90
N GLU K 32 25.66 22.36 6.41
CA GLU K 32 26.76 23.22 6.02
C GLU K 32 26.90 23.28 4.51
N VAL K 33 26.73 22.14 3.86
CA VAL K 33 26.80 22.07 2.40
C VAL K 33 25.73 22.95 1.77
N ALA K 34 24.52 22.95 2.32
CA ALA K 34 23.45 23.72 1.72
C ALA K 34 23.77 25.20 1.73
N LEU K 35 24.35 25.70 2.83
CA LEU K 35 24.80 27.07 2.90
C LEU K 35 26.00 27.35 2.01
N VAL K 36 26.61 26.31 1.45
CA VAL K 36 27.65 26.45 0.44
C VAL K 36 27.07 26.37 -0.95
N VAL K 37 26.20 25.39 -1.17
CA VAL K 37 25.65 25.17 -2.50
C VAL K 37 24.77 26.33 -2.92
N ALA K 38 23.69 26.54 -2.18
CA ALA K 38 22.72 27.55 -2.56
C ALA K 38 23.31 28.94 -2.46
N GLN K 39 24.22 29.16 -1.52
CA GLN K 39 24.76 30.49 -1.35
C GLN K 39 25.70 30.84 -2.48
N MET K 40 26.22 29.84 -3.20
CA MET K 40 26.91 30.09 -4.46
C MET K 40 25.96 30.10 -5.64
N ALA K 41 24.74 29.59 -5.48
CA ALA K 41 23.75 29.73 -6.55
C ALA K 41 23.43 31.18 -6.81
N ALA K 42 23.29 31.98 -5.75
CA ALA K 42 23.09 33.41 -5.91
C ALA K 42 24.20 34.05 -6.70
N ARG K 43 25.43 33.56 -6.53
CA ARG K 43 26.55 34.09 -7.31
C ARG K 43 26.31 33.88 -8.79
N GLU K 44 26.03 32.64 -9.18
CA GLU K 44 25.89 32.30 -10.59
C GLU K 44 24.51 32.66 -11.12
N ALA K 45 23.49 32.64 -10.28
CA ALA K 45 22.17 33.02 -10.73
C ALA K 45 22.11 34.49 -11.10
N LYS K 46 22.60 35.35 -10.21
CA LYS K 46 22.65 36.78 -10.46
C LYS K 46 23.40 37.09 -11.75
N LYS K 47 24.42 36.30 -12.06
CA LYS K 47 25.11 36.45 -13.33
C LYS K 47 24.19 36.14 -14.50
N VAL K 48 23.36 35.11 -14.37
CA VAL K 48 22.45 34.77 -15.45
C VAL K 48 21.49 35.93 -15.69
N LEU K 49 21.12 36.62 -14.63
CA LEU K 49 20.31 37.81 -14.80
C LEU K 49 21.08 38.88 -15.55
N THR K 50 22.36 39.02 -15.22
CA THR K 50 23.19 40.05 -15.81
C THR K 50 23.30 39.88 -17.32
N MET K 51 23.93 38.78 -17.76
CA MET K 51 24.13 38.55 -19.18
C MET K 51 22.81 38.46 -19.92
N ALA K 52 21.74 38.04 -19.24
CA ALA K 52 20.42 38.07 -19.86
C ALA K 52 19.89 39.50 -19.94
N GLU K 53 20.18 40.32 -18.95
CA GLU K 53 19.76 41.71 -18.98
C GLU K 53 20.44 42.48 -20.11
N VAL K 54 21.53 41.95 -20.65
CA VAL K 54 22.20 42.60 -21.77
C VAL K 54 21.37 42.45 -23.03
N GLU K 55 21.18 41.21 -23.47
CA GLU K 55 20.64 40.96 -24.79
C GLU K 55 19.17 41.35 -24.88
N GLY K 56 18.50 41.49 -23.75
CA GLY K 56 17.07 41.74 -23.76
C GLY K 56 16.30 40.45 -23.91
N ASP K 57 16.71 39.45 -23.14
CA ASP K 57 16.07 38.13 -23.14
C ASP K 57 15.27 38.00 -21.85
N PRO K 58 14.04 38.51 -21.79
CA PRO K 58 13.41 38.70 -20.48
C PRO K 58 12.94 37.41 -19.85
N GLU K 59 12.42 36.48 -20.65
CA GLU K 59 11.83 35.26 -20.11
C GLU K 59 12.85 34.44 -19.32
N VAL K 60 14.12 34.58 -19.65
CA VAL K 60 15.16 33.87 -18.93
C VAL K 60 15.19 34.34 -17.48
N ALA K 61 15.09 35.65 -17.27
CA ALA K 61 15.21 36.20 -15.93
C ALA K 61 14.06 35.76 -15.04
N LEU K 62 12.84 35.78 -15.58
CA LEU K 62 11.69 35.32 -14.82
C LEU K 62 11.88 33.89 -14.34
N ARG K 63 12.42 33.04 -15.20
CA ARG K 63 12.74 31.66 -14.82
C ARG K 63 14.00 31.56 -13.98
N ALA K 64 14.64 32.68 -13.67
CA ALA K 64 15.86 32.67 -12.87
C ALA K 64 15.61 33.23 -11.49
N VAL K 65 15.05 34.44 -11.43
CA VAL K 65 14.78 35.08 -10.16
C VAL K 65 13.80 34.27 -9.35
N GLU K 66 12.86 33.61 -10.02
CA GLU K 66 11.98 32.67 -9.36
C GLU K 66 12.77 31.60 -8.64
N LEU K 67 13.92 31.21 -9.18
CA LEU K 67 14.73 30.16 -8.57
C LEU K 67 15.50 30.70 -7.39
N VAL K 68 15.83 31.99 -7.43
CA VAL K 68 16.47 32.61 -6.29
C VAL K 68 15.57 32.54 -5.07
N VAL K 69 14.27 32.74 -5.28
CA VAL K 69 13.33 32.69 -4.19
C VAL K 69 13.30 31.30 -3.58
N ARG K 70 13.39 30.27 -4.43
CA ARG K 70 13.42 28.90 -3.93
C ARG K 70 14.59 28.70 -2.98
N VAL K 71 15.71 29.38 -3.24
CA VAL K 71 16.83 29.32 -2.31
C VAL K 71 16.41 29.90 -0.97
N ALA K 72 15.76 31.05 -1.02
CA ALA K 72 15.25 31.67 0.20
C ALA K 72 14.32 30.74 0.94
N GLU K 73 13.50 30.00 0.20
CA GLU K 73 12.66 28.99 0.82
C GLU K 73 13.51 27.93 1.48
N LEU K 74 14.62 27.57 0.84
CA LEU K 74 15.48 26.53 1.39
C LEU K 74 16.27 27.04 2.58
N LEU K 75 16.94 28.17 2.41
CA LEU K 75 17.71 28.75 3.50
C LEU K 75 16.85 29.04 4.70
N LEU K 76 15.58 29.36 4.47
CA LEU K 76 14.66 29.54 5.57
C LEU K 76 14.56 28.27 6.39
N ARG K 77 14.22 27.16 5.72
CA ARG K 77 14.07 25.87 6.40
C ARG K 77 15.31 25.51 7.20
N ILE K 78 16.49 25.87 6.69
CA ILE K 78 17.72 25.60 7.40
C ILE K 78 17.71 26.30 8.75
N ALA K 79 17.49 27.61 8.72
CA ALA K 79 17.50 28.40 9.94
C ALA K 79 16.39 27.96 10.88
N LEU K 80 15.27 27.51 10.34
CA LEU K 80 14.22 26.95 11.19
C LEU K 80 14.69 25.66 11.83
N VAL K 81 15.25 24.77 11.03
CA VAL K 81 15.70 23.49 11.56
C VAL K 81 16.90 23.70 12.48
N SER K 82 17.79 24.61 12.09
CA SER K 82 19.02 24.80 12.85
C SER K 82 18.81 25.76 14.01
N GLY K 83 18.17 26.89 13.75
CA GLY K 83 18.00 27.94 14.73
C GLY K 83 19.08 28.99 14.73
N SER K 84 20.01 28.95 13.78
CA SER K 84 21.09 29.93 13.74
C SER K 84 20.54 31.29 13.39
N GLU K 85 20.74 32.26 14.30
CA GLU K 85 20.35 33.63 14.01
C GLU K 85 21.11 34.21 12.84
N GLU K 86 22.32 33.73 12.58
CA GLU K 86 23.03 34.13 11.38
C GLU K 86 22.27 33.70 10.14
N ALA K 87 21.86 32.43 10.10
CA ALA K 87 21.23 31.88 8.91
C ALA K 87 19.94 32.63 8.57
N LEU K 88 19.22 33.10 9.58
CA LEU K 88 18.18 34.09 9.34
C LEU K 88 18.76 35.29 8.62
N GLU K 89 19.82 35.86 9.17
CA GLU K 89 20.41 37.04 8.60
C GLU K 89 21.14 36.73 7.31
N ARG K 90 21.47 35.47 7.06
CA ARG K 90 21.91 35.06 5.73
C ARG K 90 20.74 35.10 4.77
N ALA K 91 19.71 34.31 5.05
CA ALA K 91 18.52 34.27 4.22
C ALA K 91 17.85 35.63 4.12
N LEU K 92 18.01 36.46 5.14
CA LEU K 92 17.46 37.81 5.09
C LEU K 92 18.06 38.60 3.95
N ARG K 93 19.38 38.74 3.95
CA ARG K 93 20.05 39.57 2.96
C ARG K 93 19.86 39.04 1.55
N VAL K 94 19.95 37.73 1.40
CA VAL K 94 19.64 37.09 0.14
C VAL K 94 18.23 37.44 -0.30
N ALA K 95 17.29 37.32 0.62
CA ALA K 95 15.91 37.61 0.28
C ALA K 95 15.72 39.07 -0.04
N GLU K 96 16.31 39.95 0.77
CA GLU K 96 16.16 41.38 0.54
C GLU K 96 16.76 41.78 -0.80
N GLU K 97 17.90 41.20 -1.15
CA GLU K 97 18.52 41.52 -2.42
C GLU K 97 17.68 41.05 -3.60
N ALA K 98 16.85 40.03 -3.38
CA ALA K 98 15.94 39.59 -4.42
C ALA K 98 14.99 40.71 -4.83
N ALA K 99 14.67 41.59 -3.89
CA ALA K 99 13.82 42.74 -4.21
C ALA K 99 14.45 43.60 -5.29
N ARG K 100 15.71 43.97 -5.09
CA ARG K 100 16.43 44.74 -6.09
C ARG K 100 16.46 44.02 -7.43
N LEU K 101 16.75 42.72 -7.39
CA LEU K 101 16.82 41.93 -8.61
C LEU K 101 15.48 41.89 -9.31
N ALA K 102 14.41 41.87 -8.54
CA ALA K 102 13.09 41.97 -9.13
C ALA K 102 12.86 43.33 -9.74
N LYS K 103 13.13 44.38 -8.97
CA LYS K 103 13.01 45.74 -9.48
C LYS K 103 13.96 45.95 -10.65
N ARG K 104 15.10 45.27 -10.64
CA ARG K 104 16.02 45.30 -11.77
C ARG K 104 15.36 44.75 -13.02
N VAL K 105 14.43 43.80 -12.84
CA VAL K 105 13.80 43.14 -13.97
C VAL K 105 12.67 43.98 -14.53
N LEU K 106 11.97 44.70 -13.67
CA LEU K 106 10.71 45.31 -14.08
C LEU K 106 10.93 46.33 -15.19
N GLU K 107 11.84 47.26 -14.96
CA GLU K 107 12.06 48.33 -15.92
C GLU K 107 12.70 47.83 -17.20
N LEU K 108 13.22 46.60 -17.21
CA LEU K 108 13.69 46.01 -18.45
C LEU K 108 12.57 45.94 -19.48
N ALA K 109 11.47 45.29 -19.12
CA ALA K 109 10.50 44.88 -20.12
C ALA K 109 9.79 46.07 -20.75
N GLU K 110 9.72 47.19 -20.05
CA GLU K 110 9.13 48.39 -20.66
C GLU K 110 9.91 48.81 -21.90
N SER K 111 11.23 48.69 -21.86
CA SER K 111 12.01 48.88 -23.07
C SER K 111 11.68 47.84 -24.12
N GLN K 112 11.35 46.62 -23.68
CA GLN K 112 10.91 45.57 -24.57
C GLN K 112 9.42 45.64 -24.87
N GLY K 113 8.64 46.30 -24.03
CA GLY K 113 7.20 46.32 -24.20
C GLY K 113 6.52 45.00 -23.95
N ASP K 114 7.14 44.10 -23.18
CA ASP K 114 6.63 42.75 -22.90
C ASP K 114 6.10 42.70 -21.47
N PRO K 115 4.83 43.02 -21.22
CA PRO K 115 4.38 43.20 -19.83
C PRO K 115 4.21 41.90 -19.06
N GLU K 116 3.76 40.83 -19.71
CA GLU K 116 3.42 39.59 -19.01
C GLU K 116 4.59 39.05 -18.21
N VAL K 117 5.81 39.33 -18.64
CA VAL K 117 6.97 38.85 -17.91
C VAL K 117 7.05 39.54 -16.55
N ALA K 118 6.47 40.74 -16.44
CA ALA K 118 6.51 41.46 -15.18
C ALA K 118 5.70 40.76 -14.12
N LEU K 119 4.44 40.47 -14.44
CA LEU K 119 3.44 40.21 -13.42
C LEU K 119 3.81 38.99 -12.58
N ARG K 120 4.28 37.93 -13.24
CA ARG K 120 4.79 36.80 -12.49
C ARG K 120 6.05 37.16 -11.72
N ALA K 121 6.82 38.13 -12.21
CA ALA K 121 8.00 38.56 -11.48
C ALA K 121 7.62 39.37 -10.26
N VAL K 122 6.64 40.24 -10.43
CA VAL K 122 6.17 41.06 -9.32
C VAL K 122 5.68 40.18 -8.19
N GLU K 123 4.95 39.13 -8.52
CA GLU K 123 4.41 38.28 -7.48
C GLU K 123 5.50 37.57 -6.70
N LEU K 124 6.68 37.40 -7.29
CA LEU K 124 7.79 36.84 -6.53
C LEU K 124 8.15 37.73 -5.36
N VAL K 125 8.16 39.04 -5.57
CA VAL K 125 8.45 39.98 -4.50
C VAL K 125 7.47 39.80 -3.36
N VAL K 126 6.21 39.58 -3.71
CA VAL K 126 5.15 39.53 -2.72
C VAL K 126 5.37 38.39 -1.76
N ARG K 127 5.82 37.24 -2.25
CA ARG K 127 6.11 36.14 -1.37
C ARG K 127 7.26 36.47 -0.44
N VAL K 128 8.17 37.34 -0.86
CA VAL K 128 9.29 37.68 -0.01
C VAL K 128 8.80 38.45 1.19
N ALA K 129 7.81 39.31 0.99
CA ALA K 129 7.16 39.96 2.12
C ALA K 129 6.52 38.93 3.03
N GLU K 130 5.79 37.98 2.43
CA GLU K 130 5.31 36.84 3.20
C GLU K 130 6.46 36.06 3.80
N LEU K 131 7.57 36.01 3.08
CA LEU K 131 8.70 35.22 3.56
C LEU K 131 9.33 35.86 4.78
N LEU K 132 9.64 37.15 4.69
CA LEU K 132 10.19 37.85 5.84
C LEU K 132 9.21 37.88 7.00
N LEU K 133 7.92 37.95 6.67
CA LEU K 133 6.88 37.94 7.69
C LEU K 133 7.04 36.73 8.60
N LEU K 134 7.31 35.57 8.01
CA LEU K 134 7.57 34.39 8.82
C LEU K 134 8.82 34.58 9.66
N ILE K 135 9.82 35.28 9.12
CA ILE K 135 11.05 35.48 9.85
C ILE K 135 10.84 36.46 10.99
N ALA K 136 10.07 37.52 10.73
CA ALA K 136 9.86 38.52 11.75
C ALA K 136 9.10 37.94 12.93
N LYS K 137 8.13 37.07 12.66
CA LYS K 137 7.41 36.41 13.72
C LYS K 137 8.31 35.46 14.51
N VAL K 138 9.43 35.04 13.94
CA VAL K 138 10.36 34.20 14.66
C VAL K 138 11.19 35.04 15.61
N SER K 139 11.93 36.02 15.07
CA SER K 139 12.77 36.86 15.91
C SER K 139 11.94 37.83 16.72
N GLY K 140 10.76 38.20 16.24
CA GLY K 140 9.96 39.23 16.87
C GLY K 140 10.46 40.64 16.65
N SER K 141 11.53 40.82 15.90
CA SER K 141 12.11 42.14 15.70
C SER K 141 11.22 43.00 14.82
N GLU K 142 11.45 44.31 14.88
CA GLU K 142 10.76 45.27 14.04
C GLU K 142 11.61 45.75 12.87
N GLU K 143 12.91 45.52 12.93
CA GLU K 143 13.78 45.77 11.79
C GLU K 143 13.24 45.10 10.54
N ALA K 144 13.11 43.77 10.58
CA ALA K 144 12.62 43.02 9.45
C ALA K 144 11.20 43.40 9.07
N LEU K 145 10.38 43.75 10.06
CA LEU K 145 9.04 44.21 9.78
C LEU K 145 9.08 45.46 8.92
N GLU K 146 10.03 46.35 9.18
CA GLU K 146 10.19 47.53 8.34
C GLU K 146 10.69 47.15 6.96
N ARG K 147 11.67 46.24 6.91
CA ARG K 147 12.15 45.73 5.63
C ARG K 147 11.00 45.15 4.83
N ALA K 148 10.19 44.32 5.47
CA ALA K 148 8.96 43.84 4.86
C ALA K 148 8.07 45.00 4.45
N LEU K 149 7.96 46.00 5.31
CA LEU K 149 7.04 47.09 5.06
C LEU K 149 7.49 47.90 3.85
N ARG K 150 8.78 48.19 3.77
CA ARG K 150 9.29 49.01 2.68
C ARG K 150 9.29 48.27 1.36
N VAL K 151 9.48 46.95 1.41
CA VAL K 151 9.49 46.16 0.19
C VAL K 151 8.13 46.22 -0.47
N ALA K 152 7.10 45.83 0.25
CA ALA K 152 5.79 45.65 -0.35
C ALA K 152 5.19 46.96 -0.81
N GLU K 153 5.25 47.99 0.03
CA GLU K 153 4.69 49.28 -0.38
C GLU K 153 5.47 49.85 -1.54
N GLU K 154 6.78 49.60 -1.58
CA GLU K 154 7.53 49.87 -2.79
C GLU K 154 7.07 48.95 -3.91
N ALA K 155 6.81 47.68 -3.59
CA ALA K 155 6.30 46.76 -4.59
C ALA K 155 4.92 47.18 -5.06
N ALA K 156 4.14 47.80 -4.19
CA ALA K 156 2.83 48.28 -4.59
C ALA K 156 2.94 49.38 -5.63
N ARG K 157 3.93 50.26 -5.48
CA ARG K 157 4.15 51.30 -6.48
C ARG K 157 4.40 50.70 -7.86
N LEU K 158 5.00 49.52 -7.90
CA LEU K 158 5.46 48.96 -9.17
C LEU K 158 4.30 48.66 -10.09
N ALA K 159 3.20 48.18 -9.53
CA ALA K 159 2.04 47.83 -10.34
C ALA K 159 1.52 49.01 -11.13
N LYS K 160 1.70 50.22 -10.60
CA LYS K 160 1.26 51.39 -11.32
C LYS K 160 2.01 51.56 -12.63
N ARG K 161 3.30 51.22 -12.63
CA ARG K 161 4.02 51.14 -13.89
C ARG K 161 3.42 50.06 -14.78
N VAL K 162 3.07 48.93 -14.17
CA VAL K 162 2.55 47.81 -14.93
C VAL K 162 1.20 48.17 -15.51
N LEU K 163 0.33 48.71 -14.68
CA LEU K 163 -0.94 49.22 -15.15
C LEU K 163 -0.74 50.28 -16.22
N GLU K 164 0.28 51.11 -16.04
CA GLU K 164 0.64 52.06 -17.07
C GLU K 164 1.22 51.34 -18.28
N LEU K 165 1.94 50.25 -18.05
CA LEU K 165 2.53 49.52 -19.16
C LEU K 165 1.45 48.87 -20.02
N ALA K 166 0.41 48.35 -19.38
CA ALA K 166 -0.65 47.70 -20.12
C ALA K 166 -1.45 48.70 -20.95
N GLU K 167 -1.81 49.83 -20.33
CA GLU K 167 -2.65 50.82 -21.00
C GLU K 167 -2.01 51.34 -22.28
N LYS K 168 -0.68 51.31 -22.37
CA LYS K 168 -0.04 51.49 -23.66
C LYS K 168 -0.54 50.45 -24.64
N GLN K 169 -0.26 49.18 -24.34
CA GLN K 169 -0.66 48.10 -25.21
C GLN K 169 -2.16 47.87 -25.20
N GLY K 170 -2.87 48.40 -24.21
CA GLY K 170 -4.27 48.08 -24.05
C GLY K 170 -4.54 46.62 -23.74
N ASP K 171 -3.56 45.91 -23.21
CA ASP K 171 -3.73 44.49 -22.89
C ASP K 171 -4.45 44.35 -21.55
N PRO K 172 -5.62 43.69 -21.49
CA PRO K 172 -6.24 43.47 -20.20
C PRO K 172 -5.64 42.33 -19.40
N ALA K 173 -4.85 41.47 -20.04
CA ALA K 173 -4.36 40.26 -19.39
C ALA K 173 -3.58 40.60 -18.13
N VAL K 174 -2.52 41.37 -18.27
CA VAL K 174 -1.77 41.80 -17.10
C VAL K 174 -2.56 42.81 -16.29
N ALA K 175 -3.51 43.50 -16.94
CA ALA K 175 -4.18 44.63 -16.32
C ALA K 175 -4.95 44.25 -15.08
N ILE K 176 -5.84 43.28 -15.20
CA ILE K 176 -6.77 43.00 -14.12
C ILE K 176 -6.05 42.36 -12.95
N LEU K 177 -5.19 41.40 -13.23
CA LEU K 177 -4.42 40.73 -12.20
C LEU K 177 -3.58 41.70 -11.40
N ALA K 178 -3.02 42.71 -12.06
CA ALA K 178 -2.23 43.72 -11.39
C ALA K 178 -2.99 44.34 -10.23
N VAL K 179 -4.27 44.60 -10.44
CA VAL K 179 -5.11 45.13 -9.37
C VAL K 179 -5.23 44.11 -8.26
N MET K 180 -5.45 42.85 -8.62
CA MET K 180 -5.71 41.81 -7.65
C MET K 180 -4.53 41.59 -6.71
N LEU K 181 -3.31 41.78 -7.21
CA LEU K 181 -2.13 41.62 -6.37
C LEU K 181 -2.17 42.58 -5.19
N VAL K 182 -2.71 43.77 -5.41
CA VAL K 182 -2.75 44.75 -4.34
C VAL K 182 -3.68 44.27 -3.25
N LYS K 183 -4.78 43.65 -3.63
CA LYS K 183 -5.63 42.99 -2.66
C LYS K 183 -4.90 41.81 -2.04
N ARG K 184 -4.08 41.13 -2.83
CA ARG K 184 -3.25 40.06 -2.30
C ARG K 184 -2.19 40.62 -1.36
N VAL K 185 -1.85 41.91 -1.52
CA VAL K 185 -0.97 42.58 -0.57
C VAL K 185 -1.73 42.98 0.67
N ALA K 186 -2.95 43.49 0.50
CA ALA K 186 -3.70 44.05 1.61
C ALA K 186 -3.87 43.09 2.75
N GLU K 187 -3.91 41.79 2.46
CA GLU K 187 -3.82 40.78 3.51
C GLU K 187 -2.58 40.98 4.36
N LEU K 188 -1.45 41.31 3.71
CA LEU K 188 -0.19 41.43 4.44
C LEU K 188 -0.21 42.65 5.32
N LEU K 189 -0.53 43.79 4.72
CA LEU K 189 -0.49 45.06 5.42
C LEU K 189 -1.44 45.04 6.59
N GLU K 190 -2.59 44.38 6.43
CA GLU K 190 -3.42 44.05 7.56
C GLU K 190 -2.63 43.29 8.62
N ASN K 191 -2.06 42.15 8.23
CA ASN K 191 -1.58 41.18 9.20
C ASN K 191 -0.39 41.69 9.98
N ILE K 192 0.51 42.44 9.34
CA ILE K 192 1.58 43.05 10.11
C ILE K 192 1.00 44.14 11.01
N ALA K 193 0.03 44.89 10.51
CA ALA K 193 -0.60 45.93 11.30
C ALA K 193 -1.53 45.37 12.35
N ARG K 194 -2.04 44.14 12.17
CA ARG K 194 -2.70 43.46 13.27
C ARG K 194 -1.77 43.34 14.46
N GLU K 195 -0.51 42.99 14.20
CA GLU K 195 0.40 42.56 15.25
C GLU K 195 1.09 43.76 15.92
N SER K 196 1.84 44.54 15.14
CA SER K 196 2.63 45.62 15.70
C SER K 196 1.78 46.78 16.17
N GLY K 197 0.58 46.93 15.61
CA GLY K 197 -0.32 47.98 16.05
C GLY K 197 0.05 49.38 15.61
N SER K 198 1.17 49.55 14.89
CA SER K 198 1.54 50.86 14.38
C SER K 198 0.48 51.35 13.41
N GLU K 199 -0.15 52.47 13.74
CA GLU K 199 -1.16 53.05 12.87
C GLU K 199 -0.59 53.43 11.51
N GLU K 200 0.73 53.65 11.43
CA GLU K 200 1.36 53.94 10.15
C GLU K 200 1.19 52.78 9.19
N ALA K 201 1.43 51.55 9.66
CA ALA K 201 1.14 50.38 8.84
C ALA K 201 -0.32 50.35 8.44
N LYS K 202 -1.21 50.66 9.38
CA LYS K 202 -2.62 50.75 9.07
C LYS K 202 -2.89 51.86 8.05
N GLU K 203 -2.28 53.02 8.27
CA GLU K 203 -2.33 54.10 7.29
C GLU K 203 -1.80 53.63 5.94
N ARG K 204 -0.57 53.11 5.94
CA ARG K 204 -0.04 52.44 4.75
C ARG K 204 -1.01 51.40 4.23
N ALA K 205 -1.63 50.63 5.13
CA ALA K 205 -2.54 49.58 4.71
C ALA K 205 -3.78 50.14 4.05
N GLU K 206 -4.40 51.14 4.68
CA GLU K 206 -5.63 51.70 4.14
C GLU K 206 -5.39 52.31 2.77
N ARG K 207 -4.33 53.11 2.63
CA ARG K 207 -4.00 53.74 1.37
C ARG K 207 -3.85 52.71 0.26
N VAL K 208 -3.15 51.62 0.56
CA VAL K 208 -2.95 50.57 -0.43
C VAL K 208 -4.26 49.92 -0.80
N ARG K 209 -5.02 49.44 0.19
CA ARG K 209 -6.29 48.80 -0.09
C ARG K 209 -7.27 49.77 -0.71
N GLU K 210 -7.19 51.04 -0.34
CA GLU K 210 -7.99 52.06 -1.00
C GLU K 210 -7.50 52.35 -2.40
N GLU K 211 -6.21 52.13 -2.67
CA GLU K 211 -5.68 52.42 -3.98
C GLU K 211 -6.23 51.46 -5.03
N ALA K 212 -6.22 50.15 -4.71
CA ALA K 212 -6.72 49.16 -5.66
C ALA K 212 -8.18 49.41 -5.99
N ARG K 213 -8.96 49.76 -4.97
CA ARG K 213 -10.33 50.19 -5.19
C ARG K 213 -10.40 51.29 -6.23
N GLU K 214 -9.42 52.21 -6.21
CA GLU K 214 -9.39 53.27 -7.20
C GLU K 214 -8.78 52.79 -8.50
N LEU K 215 -7.71 52.00 -8.42
CA LEU K 215 -7.01 51.57 -9.63
C LEU K 215 -7.87 50.68 -10.51
N GLN K 216 -8.78 49.91 -9.92
CA GLN K 216 -9.65 49.04 -10.72
C GLN K 216 -10.49 49.84 -11.69
N GLU K 217 -10.80 51.09 -11.34
CA GLU K 217 -11.59 51.96 -12.21
C GLU K 217 -10.95 52.12 -13.58
N ARG K 218 -9.62 52.20 -13.62
CA ARG K 218 -8.91 52.35 -14.88
C ARG K 218 -9.00 51.10 -15.75
N VAL K 219 -9.42 49.97 -15.18
CA VAL K 219 -9.54 48.71 -15.90
C VAL K 219 -11.00 48.46 -16.23
N LYS K 220 -11.91 48.97 -15.39
CA LYS K 220 -13.34 48.90 -15.68
C LYS K 220 -13.65 49.42 -17.08
N GLU K 221 -12.94 50.47 -17.50
CA GLU K 221 -13.07 50.93 -18.88
C GLU K 221 -12.42 49.93 -19.84
N LEU K 222 -11.22 49.45 -19.51
CA LEU K 222 -10.53 48.51 -20.40
C LEU K 222 -11.33 47.23 -20.58
N LYS K 223 -12.13 46.85 -19.58
CA LYS K 223 -13.05 45.74 -19.78
C LYS K 223 -14.12 46.06 -20.79
N GLU K 224 -14.40 47.35 -21.01
CA GLU K 224 -15.34 47.80 -22.03
C GLU K 224 -14.66 48.14 -23.34
N ARG K 225 -13.33 48.23 -23.38
CA ARG K 225 -12.64 48.63 -24.60
C ARG K 225 -12.57 47.47 -25.60
N ALA K 226 -11.86 46.40 -25.22
CA ALA K 226 -11.56 45.31 -26.14
C ALA K 226 -12.40 44.06 -25.86
N GLY K 227 -12.39 43.56 -24.63
CA GLY K 227 -13.14 42.36 -24.28
C GLY K 227 -12.52 41.08 -24.79
N ALA L 1 1.30 34.09 -40.67
CA ALA L 1 1.68 35.04 -39.60
C ALA L 1 1.80 34.29 -38.29
N GLU L 2 2.88 33.51 -38.19
CA GLU L 2 3.09 32.66 -37.02
C GLU L 2 3.17 33.47 -35.74
N GLU L 3 3.68 34.70 -35.82
CA GLU L 3 3.78 35.56 -34.64
C GLU L 3 2.41 35.73 -33.99
N LEU L 4 1.40 36.02 -34.81
CA LEU L 4 0.05 36.15 -34.28
C LEU L 4 -0.50 34.80 -33.83
N LEU L 5 -0.17 33.75 -34.57
CA LEU L 5 -0.74 32.44 -34.30
C LEU L 5 -0.38 31.97 -32.90
N LYS L 6 0.90 32.02 -32.56
CA LYS L 6 1.34 31.56 -31.26
C LYS L 6 0.81 32.44 -30.14
N ARG L 7 0.81 33.75 -30.36
CA ARG L 7 0.36 34.68 -29.33
C ARG L 7 -1.10 34.45 -29.00
N VAL L 8 -1.94 34.27 -30.02
CA VAL L 8 -3.33 33.92 -29.78
C VAL L 8 -3.41 32.54 -29.16
N GLU L 9 -2.69 31.58 -29.74
CA GLU L 9 -2.61 30.24 -29.17
C GLU L 9 -2.12 30.26 -27.74
N LYS L 10 -1.23 31.20 -27.42
CA LYS L 10 -0.72 31.31 -26.06
C LYS L 10 -1.83 31.71 -25.11
N LEU L 11 -2.68 32.64 -25.51
CA LEU L 11 -3.77 33.12 -24.66
C LEU L 11 -4.65 31.98 -24.17
N VAL L 12 -4.88 31.00 -25.04
CA VAL L 12 -5.73 29.88 -24.68
C VAL L 12 -5.18 29.17 -23.46
N LYS L 13 -3.90 28.82 -23.50
CA LYS L 13 -3.30 28.05 -22.43
C LYS L 13 -3.31 28.82 -21.12
N GLU L 14 -3.10 30.13 -21.18
CA GLU L 14 -3.18 30.94 -19.97
C GLU L 14 -4.59 30.89 -19.40
N ALA L 15 -5.58 31.31 -20.20
CA ALA L 15 -6.94 31.35 -19.72
C ALA L 15 -7.44 29.97 -19.35
N GLU L 16 -7.10 28.98 -20.17
CA GLU L 16 -7.50 27.62 -19.86
C GLU L 16 -6.84 27.12 -18.59
N GLU L 17 -5.67 27.68 -18.26
CA GLU L 17 -5.05 27.39 -16.98
C GLU L 17 -5.69 28.25 -15.89
N LEU L 18 -6.06 29.49 -16.21
CA LEU L 18 -6.78 30.30 -15.25
C LEU L 18 -8.10 29.67 -14.89
N LEU L 19 -8.70 28.93 -15.82
CA LEU L 19 -9.92 28.22 -15.55
C LEU L 19 -9.73 27.27 -14.38
N ARG L 20 -8.62 26.54 -14.37
CA ARG L 20 -8.37 25.55 -13.34
C ARG L 20 -8.04 26.18 -12.01
N GLN L 21 -7.45 27.38 -12.02
CA GLN L 21 -7.26 28.11 -10.78
C GLN L 21 -8.59 28.47 -10.15
N ALA L 22 -9.60 28.71 -10.99
CA ALA L 22 -10.92 29.06 -10.49
C ALA L 22 -11.66 27.83 -9.97
N MET L 23 -11.52 26.71 -10.65
CA MET L 23 -12.16 25.48 -10.20
C MET L 23 -11.66 25.06 -8.83
N LYS L 24 -10.40 25.35 -8.52
CA LYS L 24 -9.86 25.01 -7.21
C LYS L 24 -10.34 25.97 -6.13
N LYS L 25 -10.59 27.22 -6.50
CA LYS L 25 -10.78 28.31 -5.54
C LYS L 25 -12.11 29.01 -5.66
N GLY L 26 -12.61 29.21 -6.88
CA GLY L 26 -13.92 29.79 -7.06
C GLY L 26 -13.95 31.30 -7.00
N SER L 27 -12.93 31.95 -7.54
CA SER L 27 -12.82 33.40 -7.54
C SER L 27 -13.31 33.97 -8.86
N GLU L 28 -14.33 34.83 -8.79
CA GLU L 28 -14.81 35.47 -10.00
C GLU L 28 -13.77 36.39 -10.62
N GLU L 29 -12.82 36.88 -9.82
CA GLU L 29 -11.75 37.70 -10.37
C GLU L 29 -10.92 36.92 -11.37
N LEU L 30 -10.70 35.64 -11.10
CA LEU L 30 -10.08 34.77 -12.10
C LEU L 30 -10.96 34.66 -13.34
N LEU L 31 -12.26 34.72 -13.16
CA LEU L 31 -13.21 34.47 -14.24
C LEU L 31 -13.47 35.71 -15.06
N GLU L 32 -13.55 36.87 -14.39
CA GLU L 32 -13.61 38.14 -15.11
C GLU L 32 -12.47 38.24 -16.11
N VAL L 33 -11.29 37.79 -15.73
CA VAL L 33 -10.13 37.80 -16.60
C VAL L 33 -10.38 36.96 -17.85
N ALA L 34 -11.02 35.80 -17.68
CA ALA L 34 -11.24 34.92 -18.82
C ALA L 34 -12.12 35.59 -19.86
N LEU L 35 -13.16 36.29 -19.42
CA LEU L 35 -14.00 37.07 -20.32
C LEU L 35 -13.29 38.27 -20.90
N VAL L 36 -12.10 38.60 -20.40
CA VAL L 36 -11.26 39.61 -20.99
C VAL L 36 -10.24 38.99 -21.93
N VAL L 37 -9.61 37.91 -21.49
CA VAL L 37 -8.56 37.29 -22.29
C VAL L 37 -9.14 36.70 -23.56
N ALA L 38 -10.02 35.72 -23.41
CA ALA L 38 -10.52 35.01 -24.57
C ALA L 38 -11.37 35.92 -25.44
N GLN L 39 -12.07 36.88 -24.84
CA GLN L 39 -12.94 37.72 -25.62
C GLN L 39 -12.13 38.69 -26.47
N MET L 40 -10.88 38.94 -26.11
CA MET L 40 -9.95 39.63 -27.00
C MET L 40 -9.22 38.67 -27.93
N ALA L 41 -9.24 37.38 -27.66
CA ALA L 41 -8.69 36.44 -28.61
C ALA L 41 -9.46 36.45 -29.91
N ALA L 42 -10.79 36.53 -29.83
CA ALA L 42 -11.61 36.66 -31.03
C ALA L 42 -11.22 37.88 -31.83
N ARG L 43 -10.81 38.97 -31.16
CA ARG L 43 -10.37 40.16 -31.87
C ARG L 43 -9.15 39.83 -32.72
N GLU L 44 -8.13 39.26 -32.11
CA GLU L 44 -6.88 39.01 -32.80
C GLU L 44 -6.93 37.74 -33.64
N ALA L 45 -7.74 36.76 -33.24
CA ALA L 45 -7.87 35.56 -34.03
C ALA L 45 -8.52 35.85 -35.38
N LYS L 46 -9.65 36.54 -35.34
CA LYS L 46 -10.35 36.93 -36.56
C LYS L 46 -9.45 37.70 -37.51
N LYS L 47 -8.52 38.49 -36.95
CA LYS L 47 -7.53 39.16 -37.79
C LYS L 47 -6.62 38.17 -38.47
N VAL L 48 -6.21 37.12 -37.76
CA VAL L 48 -5.35 36.13 -38.37
C VAL L 48 -6.05 35.47 -39.52
N LEU L 49 -7.36 35.29 -39.41
CA LEU L 49 -8.11 34.79 -40.54
C LEU L 49 -8.09 35.78 -41.68
N THR L 50 -8.20 37.06 -41.37
CA THR L 50 -8.26 38.09 -42.39
C THR L 50 -6.98 38.11 -43.22
N MET L 51 -5.86 38.45 -42.59
CA MET L 51 -4.60 38.56 -43.31
C MET L 51 -4.21 37.23 -43.95
N ALA L 52 -4.65 36.12 -43.38
CA ALA L 52 -4.43 34.83 -44.01
C ALA L 52 -5.34 34.65 -45.21
N GLU L 53 -6.57 35.15 -45.11
CA GLU L 53 -7.49 35.08 -46.24
C GLU L 53 -7.01 35.88 -47.43
N VAL L 54 -6.08 36.80 -47.22
CA VAL L 54 -5.52 37.57 -48.31
C VAL L 54 -4.60 36.71 -49.16
N GLU L 55 -3.52 36.22 -48.56
CA GLU L 55 -2.46 35.58 -49.32
C GLU L 55 -2.90 34.26 -49.91
N GLY L 56 -3.96 33.66 -49.38
CA GLY L 56 -4.35 32.34 -49.82
C GLY L 56 -3.57 31.29 -49.09
N ASP L 57 -3.45 31.46 -47.77
CA ASP L 57 -2.73 30.53 -46.90
C ASP L 57 -3.77 29.76 -46.10
N PRO L 58 -4.36 28.68 -46.64
CA PRO L 58 -5.57 28.14 -46.04
C PRO L 58 -5.32 27.41 -44.74
N GLU L 59 -4.23 26.66 -44.66
CA GLU L 59 -3.97 25.82 -43.50
C GLU L 59 -3.88 26.62 -42.22
N VAL L 60 -3.48 27.89 -42.32
CA VAL L 60 -3.41 28.74 -41.15
C VAL L 60 -4.80 28.92 -40.55
N ALA L 61 -5.80 29.14 -41.40
CA ALA L 61 -7.13 29.43 -40.91
C ALA L 61 -7.74 28.22 -40.19
N LEU L 62 -7.56 27.04 -40.75
CA LEU L 62 -8.05 25.82 -40.11
C LEU L 62 -7.47 25.68 -38.72
N ARG L 63 -6.18 25.98 -38.55
CA ARG L 63 -5.56 25.98 -37.24
C ARG L 63 -5.92 27.19 -36.41
N ALA L 64 -6.75 28.09 -36.93
CA ALA L 64 -7.13 29.29 -36.21
C ALA L 64 -8.58 29.22 -35.76
N VAL L 65 -9.47 28.96 -36.71
CA VAL L 65 -10.89 28.89 -36.39
C VAL L 65 -11.16 27.77 -35.42
N GLU L 66 -10.40 26.68 -35.54
CA GLU L 66 -10.46 25.62 -34.54
C GLU L 66 -10.20 26.15 -33.14
N LEU L 67 -9.34 27.17 -33.04
CA LEU L 67 -9.00 27.71 -31.73
C LEU L 67 -10.10 28.62 -31.24
N VAL L 68 -10.83 29.24 -32.15
CA VAL L 68 -11.97 30.05 -31.77
C VAL L 68 -12.99 29.20 -31.07
N VAL L 69 -13.19 27.97 -31.57
CA VAL L 69 -14.16 27.07 -30.97
C VAL L 69 -13.75 26.74 -29.55
N ARG L 70 -12.45 26.55 -29.32
CA ARG L 70 -11.97 26.27 -27.99
C ARG L 70 -12.34 27.39 -27.02
N VAL L 71 -12.39 28.62 -27.51
CA VAL L 71 -12.85 29.71 -26.68
C VAL L 71 -14.30 29.48 -26.30
N ALA L 72 -15.11 29.12 -27.29
CA ALA L 72 -16.51 28.82 -27.04
C ALA L 72 -16.65 27.70 -26.02
N GLU L 73 -15.77 26.71 -26.09
CA GLU L 73 -15.74 25.67 -25.08
C GLU L 73 -15.43 26.27 -23.71
N LEU L 74 -14.53 27.25 -23.69
CA LEU L 74 -14.14 27.84 -22.43
C LEU L 74 -15.22 28.76 -21.90
N LEU L 75 -15.69 29.69 -22.73
CA LEU L 75 -16.74 30.59 -22.32
C LEU L 75 -17.99 29.86 -21.90
N LEU L 76 -18.24 28.69 -22.50
CA LEU L 76 -19.35 27.87 -22.06
C LEU L 76 -19.19 27.50 -20.59
N ARG L 77 -18.04 26.89 -20.27
CA ARG L 77 -17.77 26.45 -18.90
C ARG L 77 -17.93 27.59 -17.91
N ILE L 78 -17.57 28.81 -18.31
CA ILE L 78 -17.72 29.95 -17.44
C ILE L 78 -19.19 30.14 -17.10
N ALA L 79 -20.03 30.24 -18.12
CA ALA L 79 -21.45 30.47 -17.91
C ALA L 79 -22.09 29.32 -17.15
N LEU L 80 -21.58 28.10 -17.36
CA LEU L 80 -22.06 26.98 -16.56
C LEU L 80 -21.65 27.14 -15.11
N VAL L 81 -20.38 27.45 -14.87
CA VAL L 81 -19.90 27.61 -13.51
C VAL L 81 -20.52 28.84 -12.87
N SER L 82 -20.64 29.91 -13.64
CA SER L 82 -21.12 31.16 -13.08
C SER L 82 -22.64 31.23 -13.08
N GLY L 83 -23.26 30.86 -14.20
CA GLY L 83 -24.70 30.98 -14.36
C GLY L 83 -25.17 32.27 -14.96
N SER L 84 -24.27 33.14 -15.39
CA SER L 84 -24.66 34.43 -15.96
C SER L 84 -25.35 34.21 -17.30
N GLU L 85 -26.60 34.66 -17.39
CA GLU L 85 -27.32 34.59 -18.65
C GLU L 85 -26.67 35.44 -19.72
N GLU L 86 -25.95 36.49 -19.33
CA GLU L 86 -25.17 37.24 -20.31
C GLU L 86 -24.09 36.37 -20.92
N ALA L 87 -23.34 35.67 -20.07
CA ALA L 87 -22.20 34.89 -20.54
C ALA L 87 -22.63 33.82 -21.53
N LEU L 88 -23.83 33.25 -21.33
CA LEU L 88 -24.45 32.47 -22.39
C LEU L 88 -24.55 33.30 -23.66
N GLU L 89 -25.15 34.48 -23.54
CA GLU L 89 -25.35 35.31 -24.71
C GLU L 89 -24.05 35.92 -25.20
N ARG L 90 -23.01 35.94 -24.35
CA ARG L 90 -21.67 36.23 -24.85
C ARG L 90 -21.17 35.08 -25.71
N ALA L 91 -21.07 33.90 -25.11
CA ALA L 91 -20.62 32.72 -25.81
C ALA L 91 -21.52 32.37 -26.99
N LEU L 92 -22.79 32.75 -26.92
CA LEU L 92 -23.69 32.54 -28.03
C LEU L 92 -23.21 33.29 -29.27
N ARG L 93 -23.08 34.60 -29.17
CA ARG L 93 -22.73 35.44 -30.31
C ARG L 93 -21.37 35.07 -30.86
N VAL L 94 -20.41 34.85 -29.97
CA VAL L 94 -19.10 34.37 -30.38
C VAL L 94 -19.23 33.08 -31.15
N ALA L 95 -20.02 32.15 -30.62
CA ALA L 95 -20.19 30.86 -31.27
C ALA L 95 -20.90 31.02 -32.61
N GLU L 96 -21.96 31.83 -32.63
CA GLU L 96 -22.71 32.01 -33.87
C GLU L 96 -21.85 32.65 -34.93
N GLU L 97 -21.02 33.61 -34.54
CA GLU L 97 -20.14 34.26 -35.50
C GLU L 97 -19.11 33.30 -36.06
N ALA L 98 -18.77 32.27 -35.30
CA ALA L 98 -17.87 31.25 -35.81
C ALA L 98 -18.43 30.58 -37.06
N ALA L 99 -19.75 30.50 -37.15
CA ALA L 99 -20.38 29.94 -38.34
C ALA L 99 -19.99 30.73 -39.58
N ARG L 100 -20.15 32.04 -39.53
CA ARG L 100 -19.75 32.90 -40.63
C ARG L 100 -18.28 32.72 -40.96
N LEU L 101 -17.43 32.69 -39.93
CA LEU L 101 -16.00 32.55 -40.13
C LEU L 101 -15.69 31.22 -40.77
N ALA L 102 -16.45 30.19 -40.43
CA ALA L 102 -16.29 28.91 -41.10
C ALA L 102 -16.72 29.00 -42.55
N LYS L 103 -17.92 29.53 -42.79
CA LYS L 103 -18.40 29.72 -44.14
C LYS L 103 -17.49 30.67 -44.91
N ARG L 104 -16.86 31.60 -44.20
CA ARG L 104 -15.88 32.48 -44.81
C ARG L 104 -14.69 31.68 -45.32
N VAL L 105 -14.39 30.56 -44.66
CA VAL L 105 -13.23 29.76 -45.01
C VAL L 105 -13.53 28.85 -46.19
N LEU L 106 -14.75 28.36 -46.27
CA LEU L 106 -15.05 27.27 -47.18
C LEU L 106 -14.81 27.69 -48.63
N GLU L 107 -15.42 28.80 -49.03
CA GLU L 107 -15.32 29.25 -50.41
C GLU L 107 -13.92 29.72 -50.77
N LEU L 108 -13.06 29.92 -49.78
CA LEU L 108 -11.66 30.21 -50.07
C LEU L 108 -11.03 29.08 -50.86
N ALA L 109 -11.09 27.87 -50.34
CA ALA L 109 -10.25 26.79 -50.84
C ALA L 109 -10.63 26.38 -52.25
N GLU L 110 -11.88 26.60 -52.65
CA GLU L 110 -12.27 26.30 -54.02
C GLU L 110 -11.46 27.11 -55.00
N SER L 111 -11.18 28.37 -54.68
CA SER L 111 -10.26 29.16 -55.49
C SER L 111 -8.87 28.55 -55.45
N GLN L 112 -8.49 27.95 -54.32
CA GLN L 112 -7.23 27.25 -54.20
C GLN L 112 -7.30 25.80 -54.69
N GLY L 113 -8.50 25.23 -54.74
CA GLY L 113 -8.62 23.83 -55.11
C GLY L 113 -8.11 22.86 -54.07
N ASP L 114 -8.01 23.28 -52.81
CA ASP L 114 -7.47 22.47 -51.72
C ASP L 114 -8.61 21.98 -50.82
N PRO L 115 -9.23 20.83 -51.12
CA PRO L 115 -10.46 20.47 -50.41
C PRO L 115 -10.27 20.01 -48.98
N GLU L 116 -9.18 19.31 -48.68
CA GLU L 116 -9.00 18.70 -47.37
C GLU L 116 -9.06 19.72 -46.25
N VAL L 117 -8.69 20.97 -46.54
CA VAL L 117 -8.75 22.00 -45.51
C VAL L 117 -10.19 22.27 -45.13
N ALA L 118 -11.13 22.01 -46.04
CA ALA L 118 -12.53 22.26 -45.74
C ALA L 118 -13.05 21.31 -44.67
N LEU L 119 -12.83 20.03 -44.87
CA LEU L 119 -13.61 19.01 -44.17
C LEU L 119 -13.41 19.10 -42.67
N ARG L 120 -12.17 19.30 -42.23
CA ARG L 120 -11.95 19.54 -40.82
C ARG L 120 -12.53 20.87 -40.38
N ALA L 121 -12.63 21.83 -41.29
CA ALA L 121 -13.25 23.10 -40.94
C ALA L 121 -14.75 22.96 -40.82
N VAL L 122 -15.35 22.21 -41.73
CA VAL L 122 -16.78 21.98 -41.68
C VAL L 122 -17.18 21.32 -40.37
N GLU L 123 -16.40 20.35 -39.93
CA GLU L 123 -16.73 19.65 -38.71
C GLU L 123 -16.69 20.56 -37.50
N LEU L 124 -15.92 21.65 -37.56
CA LEU L 124 -15.96 22.62 -36.47
C LEU L 124 -17.35 23.21 -36.30
N VAL L 125 -18.00 23.53 -37.42
CA VAL L 125 -19.35 24.06 -37.38
C VAL L 125 -20.27 23.09 -36.65
N VAL L 126 -20.09 21.80 -36.92
CA VAL L 126 -21.01 20.80 -36.42
C VAL L 126 -20.98 20.76 -34.91
N ARG L 127 -19.80 20.91 -34.32
CA ARG L 127 -19.73 20.96 -32.87
C ARG L 127 -20.44 22.18 -32.32
N VAL L 128 -20.51 23.25 -33.10
CA VAL L 128 -21.16 24.45 -32.61
C VAL L 128 -22.65 24.19 -32.46
N ALA L 129 -23.22 23.43 -33.39
CA ALA L 129 -24.59 22.99 -33.24
C ALA L 129 -24.73 22.14 -32.00
N GLU L 130 -23.81 21.19 -31.81
CA GLU L 130 -23.77 20.46 -30.55
C GLU L 130 -23.53 21.42 -29.39
N LEU L 131 -22.75 22.46 -29.63
CA LEU L 131 -22.43 23.37 -28.55
C LEU L 131 -23.65 24.17 -28.13
N LEU L 132 -24.34 24.78 -29.09
CA LEU L 132 -25.56 25.51 -28.77
C LEU L 132 -26.61 24.60 -28.20
N LEU L 133 -26.64 23.35 -28.68
CA LEU L 133 -27.59 22.38 -28.17
C LEU L 133 -27.48 22.26 -26.66
N LEU L 134 -26.26 22.23 -26.13
CA LEU L 134 -26.09 22.24 -24.70
C LEU L 134 -26.63 23.51 -24.08
N ILE L 135 -26.49 24.63 -24.78
CA ILE L 135 -26.95 25.90 -24.25
C ILE L 135 -28.46 25.95 -24.28
N ALA L 136 -29.07 25.46 -25.36
CA ALA L 136 -30.51 25.51 -25.47
C ALA L 136 -31.18 24.67 -24.39
N LYS L 137 -30.58 23.51 -24.08
CA LYS L 137 -31.11 22.68 -23.01
C LYS L 137 -30.95 23.34 -21.66
N VAL L 138 -30.05 24.32 -21.54
CA VAL L 138 -29.92 25.05 -20.29
C VAL L 138 -31.02 26.08 -20.16
N SER L 139 -31.09 27.01 -21.11
CA SER L 139 -32.10 28.05 -21.05
C SER L 139 -33.48 27.50 -21.37
N GLY L 140 -33.55 26.42 -22.16
CA GLY L 140 -34.82 25.90 -22.63
C GLY L 140 -35.45 26.72 -23.74
N SER L 141 -34.81 27.79 -24.19
CA SER L 141 -35.38 28.67 -25.21
C SER L 141 -35.42 27.97 -26.57
N GLU L 142 -36.25 28.51 -27.46
CA GLU L 142 -36.33 28.05 -28.84
C GLU L 142 -35.61 28.96 -29.80
N GLU L 143 -35.27 30.17 -29.38
CA GLU L 143 -34.41 31.05 -30.16
C GLU L 143 -33.13 30.33 -30.57
N ALA L 144 -32.36 29.89 -29.58
CA ALA L 144 -31.11 29.20 -29.85
C ALA L 144 -31.31 27.90 -30.61
N LEU L 145 -32.42 27.21 -30.35
CA LEU L 145 -32.74 26.01 -31.11
C LEU L 145 -32.87 26.32 -32.58
N GLU L 146 -33.45 27.47 -32.91
CA GLU L 146 -33.53 27.87 -34.31
C GLU L 146 -32.16 28.23 -34.84
N ARG L 147 -31.38 28.98 -34.05
CA ARG L 147 -30.00 29.28 -34.42
C ARG L 147 -29.24 28.01 -34.70
N ALA L 148 -29.34 27.04 -33.80
CA ALA L 148 -28.79 25.71 -34.05
C ALA L 148 -29.36 25.12 -35.31
N LEU L 149 -30.66 25.27 -35.51
CA LEU L 149 -31.32 24.64 -36.64
C LEU L 149 -30.84 25.23 -37.95
N ARG L 150 -30.74 26.55 -38.01
CA ARG L 150 -30.34 27.21 -39.24
C ARG L 150 -28.86 26.99 -39.55
N VAL L 151 -28.04 26.87 -38.52
CA VAL L 151 -26.62 26.67 -38.72
C VAL L 151 -26.39 25.33 -39.42
N ALA L 152 -26.88 24.26 -38.82
CA ALA L 152 -26.53 22.93 -39.29
C ALA L 152 -27.11 22.65 -40.67
N GLU L 153 -28.39 22.97 -40.88
CA GLU L 153 -28.98 22.73 -42.18
C GLU L 153 -28.31 23.60 -43.24
N GLU L 154 -27.91 24.80 -42.86
CA GLU L 154 -27.03 25.56 -43.72
C GLU L 154 -25.68 24.86 -43.85
N ALA L 155 -25.18 24.32 -42.75
CA ALA L 155 -23.93 23.59 -42.80
C ALA L 155 -24.07 22.33 -43.64
N ALA L 156 -25.26 21.74 -43.66
CA ALA L 156 -25.49 20.57 -44.49
C ALA L 156 -25.37 20.91 -45.96
N ARG L 157 -25.86 22.08 -46.37
CA ARG L 157 -25.72 22.52 -47.75
C ARG L 157 -24.25 22.59 -48.16
N LEU L 158 -23.37 22.89 -47.21
CA LEU L 158 -21.99 23.17 -47.55
C LEU L 158 -21.30 21.95 -48.13
N ALA L 159 -21.62 20.78 -47.58
CA ALA L 159 -20.97 19.55 -48.04
C ALA L 159 -21.22 19.30 -49.51
N LYS L 160 -22.34 19.78 -50.04
CA LYS L 160 -22.62 19.61 -51.46
C LYS L 160 -21.60 20.35 -52.30
N ARG L 161 -21.15 21.51 -51.84
CA ARG L 161 -20.02 22.17 -52.48
C ARG L 161 -18.78 21.30 -52.35
N VAL L 162 -18.59 20.71 -51.18
CA VAL L 162 -17.40 19.91 -50.93
C VAL L 162 -17.42 18.68 -51.81
N LEU L 163 -18.54 17.98 -51.80
CA LEU L 163 -18.73 16.85 -52.69
C LEU L 163 -18.56 17.28 -54.14
N GLU L 164 -19.04 18.47 -54.47
CA GLU L 164 -18.78 19.02 -55.79
C GLU L 164 -17.32 19.39 -55.95
N LEU L 165 -16.68 19.82 -54.87
CA LEU L 165 -15.27 20.19 -54.97
C LEU L 165 -14.41 18.97 -55.21
N ALA L 166 -14.75 17.85 -54.58
CA ALA L 166 -13.95 16.65 -54.76
C ALA L 166 -14.10 16.08 -56.16
N GLU L 167 -15.33 16.02 -56.65
CA GLU L 167 -15.59 15.43 -57.97
C GLU L 167 -14.85 16.14 -59.08
N LYS L 168 -14.52 17.42 -58.90
CA LYS L 168 -13.55 18.05 -59.77
C LYS L 168 -12.24 17.29 -59.72
N GLN L 169 -11.62 17.27 -58.55
CA GLN L 169 -10.34 16.60 -58.38
C GLN L 169 -10.48 15.08 -58.44
N GLY L 170 -11.69 14.55 -58.30
CA GLY L 170 -11.85 13.12 -58.20
C GLY L 170 -11.22 12.52 -56.96
N ASP L 171 -11.00 13.31 -55.91
CA ASP L 171 -10.37 12.82 -54.69
C ASP L 171 -11.42 12.13 -53.83
N PRO L 172 -11.26 10.84 -53.50
CA PRO L 172 -12.22 10.20 -52.59
C PRO L 172 -12.01 10.55 -51.14
N ALA L 173 -10.83 11.09 -50.78
CA ALA L 173 -10.49 11.29 -49.38
C ALA L 173 -11.51 12.16 -48.67
N VAL L 174 -11.72 13.38 -49.17
CA VAL L 174 -12.73 14.24 -48.59
C VAL L 174 -14.12 13.73 -48.95
N ALA L 175 -14.22 12.96 -50.04
CA ALA L 175 -15.52 12.59 -50.59
C ALA L 175 -16.35 11.79 -49.62
N ILE L 176 -15.81 10.69 -49.12
CA ILE L 176 -16.62 9.74 -48.36
C ILE L 176 -16.98 10.33 -47.01
N LEU L 177 -16.00 10.93 -46.34
CA LEU L 177 -16.24 11.54 -45.04
C LEU L 177 -17.31 12.61 -45.11
N ALA L 178 -17.34 13.38 -46.20
CA ALA L 178 -18.35 14.40 -46.38
C ALA L 178 -19.75 13.84 -46.20
N VAL L 179 -19.98 12.65 -46.75
CA VAL L 179 -21.26 12.00 -46.58
C VAL L 179 -21.48 11.66 -45.12
N MET L 180 -20.46 11.14 -44.45
CA MET L 180 -20.59 10.66 -43.09
C MET L 180 -20.96 11.78 -42.13
N LEU L 181 -20.48 13.00 -42.39
CA LEU L 181 -20.82 14.13 -41.54
C LEU L 181 -22.32 14.35 -41.48
N VAL L 182 -23.00 14.10 -42.60
CA VAL L 182 -24.43 14.32 -42.63
C VAL L 182 -25.11 13.34 -41.71
N LYS L 183 -24.63 12.11 -41.68
CA LYS L 183 -25.10 11.15 -40.69
C LYS L 183 -24.70 11.60 -39.31
N ARG L 184 -23.52 12.22 -39.19
CA ARG L 184 -23.12 12.78 -37.91
C ARG L 184 -24.00 13.97 -37.54
N VAL L 185 -24.63 14.59 -38.54
CA VAL L 185 -25.61 15.64 -38.28
C VAL L 185 -26.94 15.02 -37.88
N ALA L 186 -27.34 13.96 -38.58
CA ALA L 186 -28.66 13.39 -38.40
C ALA L 186 -28.96 13.02 -36.96
N GLU L 187 -27.93 12.67 -36.19
CA GLU L 187 -28.08 12.54 -34.75
C GLU L 187 -28.62 13.83 -34.14
N LEU L 188 -28.14 14.97 -34.62
CA LEU L 188 -28.55 16.25 -34.04
C LEU L 188 -29.99 16.55 -34.37
N LEU L 189 -30.31 16.50 -35.65
CA LEU L 189 -31.63 16.84 -36.13
C LEU L 189 -32.68 15.95 -35.50
N GLU L 190 -32.33 14.68 -35.32
CA GLU L 190 -33.13 13.81 -34.46
C GLU L 190 -33.31 14.44 -33.09
N ASN L 191 -32.20 14.71 -32.41
CA ASN L 191 -32.24 14.97 -30.97
C ASN L 191 -32.95 16.26 -30.65
N ILE L 192 -32.77 17.29 -31.46
CA ILE L 192 -33.56 18.50 -31.26
C ILE L 192 -35.02 18.23 -31.56
N ALA L 193 -35.28 17.44 -32.59
CA ALA L 193 -36.65 17.10 -32.96
C ALA L 193 -37.26 16.09 -32.01
N ARG L 194 -36.43 15.31 -31.31
CA ARG L 194 -36.96 14.52 -30.19
C ARG L 194 -37.62 15.43 -29.17
N GLU L 195 -36.98 16.56 -28.86
CA GLU L 195 -37.36 17.39 -27.73
C GLU L 195 -38.49 18.35 -28.07
N SER L 196 -38.25 19.24 -29.03
CA SER L 196 -39.23 20.28 -29.32
C SER L 196 -40.46 19.74 -30.02
N GLY L 197 -40.35 18.60 -30.70
CA GLY L 197 -41.49 17.99 -31.34
C GLY L 197 -41.97 18.68 -32.60
N SER L 198 -41.34 19.77 -33.01
CA SER L 198 -41.71 20.43 -34.25
C SER L 198 -41.46 19.49 -35.42
N GLU L 199 -42.53 19.16 -36.14
CA GLU L 199 -42.41 18.29 -37.31
C GLU L 199 -41.52 18.90 -38.38
N GLU L 200 -41.37 20.23 -38.36
CA GLU L 200 -40.47 20.88 -39.32
C GLU L 200 -39.04 20.42 -39.11
N ALA L 201 -38.59 20.36 -37.86
CA ALA L 201 -37.29 19.79 -37.58
C ALA L 201 -37.22 18.35 -38.06
N LYS L 202 -38.28 17.58 -37.81
CA LYS L 202 -38.33 16.22 -38.32
C LYS L 202 -38.31 16.21 -39.84
N GLU L 203 -39.10 17.09 -40.46
CA GLU L 203 -39.05 17.26 -41.91
C GLU L 203 -37.64 17.63 -42.35
N ARG L 204 -37.09 18.69 -41.77
CA ARG L 204 -35.68 19.02 -41.96
C ARG L 204 -34.80 17.81 -41.68
N ALA L 205 -35.11 17.06 -40.63
CA ALA L 205 -34.29 15.91 -40.27
C ALA L 205 -34.36 14.82 -41.33
N GLU L 206 -35.57 14.47 -41.75
CA GLU L 206 -35.72 13.40 -42.73
C GLU L 206 -35.02 13.75 -44.03
N ARG L 207 -35.25 14.96 -44.53
CA ARG L 207 -34.62 15.40 -45.78
C ARG L 207 -33.11 15.27 -45.70
N VAL L 208 -32.53 15.70 -44.59
CA VAL L 208 -31.09 15.62 -44.42
C VAL L 208 -30.63 14.17 -44.41
N ARG L 209 -31.22 13.36 -43.52
CA ARG L 209 -30.81 11.95 -43.43
C ARG L 209 -31.12 11.22 -44.72
N GLU L 210 -32.19 11.61 -45.41
CA GLU L 210 -32.47 11.06 -46.72
C GLU L 210 -31.50 11.57 -47.77
N GLU L 211 -30.94 12.76 -47.57
CA GLU L 211 -30.03 13.32 -48.56
C GLU L 211 -28.74 12.52 -48.61
N ALA L 212 -28.15 12.22 -47.45
CA ALA L 212 -26.89 11.48 -47.40
C ALA L 212 -27.04 10.11 -48.04
N ARG L 213 -28.18 9.47 -47.78
CA ARG L 213 -28.53 8.23 -48.46
C ARG L 213 -28.43 8.40 -49.97
N GLU L 214 -28.86 9.57 -50.46
CA GLU L 214 -28.78 9.84 -51.89
C GLU L 214 -27.38 10.27 -52.28
N LEU L 215 -26.76 11.12 -51.47
CA LEU L 215 -25.44 11.66 -51.83
C LEU L 215 -24.38 10.59 -51.88
N GLN L 216 -24.49 9.55 -51.08
CA GLN L 216 -23.50 8.48 -51.10
C GLN L 216 -23.40 7.83 -52.46
N GLU L 217 -24.51 7.82 -53.22
CA GLU L 217 -24.54 7.25 -54.55
C GLU L 217 -23.48 7.87 -55.45
N ARG L 218 -23.27 9.18 -55.33
CA ARG L 218 -22.29 9.87 -56.13
C ARG L 218 -20.87 9.46 -55.78
N VAL L 219 -20.67 8.80 -54.65
CA VAL L 219 -19.34 8.36 -54.21
C VAL L 219 -19.18 6.87 -54.47
N LYS L 220 -20.31 6.14 -54.46
CA LYS L 220 -20.28 4.73 -54.83
C LYS L 220 -19.61 4.52 -56.18
N GLU L 221 -19.83 5.44 -57.12
CA GLU L 221 -19.09 5.39 -58.38
C GLU L 221 -17.63 5.75 -58.16
N LEU L 222 -17.36 6.82 -57.39
CA LEU L 222 -15.98 7.23 -57.15
C LEU L 222 -15.17 6.15 -56.46
N LYS L 223 -15.83 5.32 -55.66
CA LYS L 223 -15.14 4.15 -55.10
C LYS L 223 -14.77 3.15 -56.19
N GLU L 224 -15.46 3.19 -57.32
CA GLU L 224 -15.14 2.36 -58.47
C GLU L 224 -14.23 3.06 -59.48
N ARG L 225 -14.03 4.38 -59.35
CA ARG L 225 -13.23 5.11 -60.33
C ARG L 225 -11.74 4.89 -60.11
N ALA L 226 -11.23 5.32 -58.96
CA ALA L 226 -9.80 5.33 -58.69
C ALA L 226 -9.38 4.22 -57.72
N GLY L 227 -9.99 4.15 -56.54
CA GLY L 227 -9.63 3.15 -55.56
C GLY L 227 -8.32 3.44 -54.84
N ALA M 1 10.52 14.76 -57.76
CA ALA M 1 9.17 15.39 -57.70
C ALA M 1 8.67 15.36 -56.27
N GLU M 2 9.27 16.22 -55.45
CA GLU M 2 8.96 16.25 -54.02
C GLU M 2 7.49 16.57 -53.77
N GLU M 3 6.87 17.35 -54.65
CA GLU M 3 5.46 17.68 -54.50
C GLU M 3 4.62 16.42 -54.43
N LEU M 4 4.87 15.48 -55.34
CA LEU M 4 4.16 14.21 -55.32
C LEU M 4 4.56 13.38 -54.12
N LEU M 5 5.85 13.42 -53.77
CA LEU M 5 6.37 12.56 -52.71
C LEU M 5 5.66 12.83 -51.40
N LYS M 6 5.60 14.11 -50.99
CA LYS M 6 4.98 14.45 -49.73
C LYS M 6 3.49 14.18 -49.75
N ARG M 7 2.83 14.48 -50.87
CA ARG M 7 1.39 14.29 -50.96
C ARG M 7 1.02 12.83 -50.80
N VAL M 8 1.77 11.95 -51.47
CA VAL M 8 1.57 10.52 -51.28
C VAL M 8 1.94 10.12 -49.87
N GLU M 9 3.11 10.58 -49.42
CA GLU M 9 3.54 10.35 -48.04
C GLU M 9 2.52 10.88 -47.06
N LYS M 10 1.85 11.97 -47.40
CA LYS M 10 0.83 12.53 -46.51
C LYS M 10 -0.33 11.57 -46.35
N LEU M 11 -0.76 10.95 -47.46
CA LEU M 11 -1.90 10.04 -47.42
C LEU M 11 -1.71 8.93 -46.42
N VAL M 12 -0.48 8.44 -46.29
CA VAL M 12 -0.17 7.36 -45.37
C VAL M 12 -0.57 7.75 -43.95
N LYS M 13 -0.10 8.92 -43.52
CA LYS M 13 -0.32 9.34 -42.14
C LYS M 13 -1.79 9.54 -41.86
N GLU M 14 -2.53 10.07 -42.84
CA GLU M 14 -3.98 10.20 -42.66
C GLU M 14 -4.63 8.84 -42.48
N ALA M 15 -4.46 7.97 -43.48
CA ALA M 15 -5.09 6.66 -43.41
C ALA M 15 -4.58 5.85 -42.23
N GLU M 16 -3.28 5.93 -41.98
CA GLU M 16 -2.72 5.23 -40.84
C GLU M 16 -3.26 5.79 -39.54
N GLU M 17 -3.65 7.06 -39.54
CA GLU M 17 -4.34 7.63 -38.40
C GLU M 17 -5.82 7.25 -38.41
N LEU M 18 -6.41 7.17 -39.60
CA LEU M 18 -7.78 6.69 -39.71
C LEU M 18 -7.89 5.26 -39.21
N LEU M 19 -6.82 4.49 -39.38
CA LEU M 19 -6.80 3.13 -38.87
C LEU M 19 -7.05 3.13 -37.37
N ARG M 20 -6.40 4.03 -36.65
CA ARG M 20 -6.52 4.06 -35.20
C ARG M 20 -7.87 4.58 -34.75
N GLN M 21 -8.51 5.43 -35.55
CA GLN M 21 -9.88 5.83 -35.24
C GLN M 21 -10.81 4.63 -35.33
N ALA M 22 -10.51 3.68 -36.20
CA ALA M 22 -11.33 2.49 -36.35
C ALA M 22 -11.09 1.50 -35.23
N MET M 23 -9.83 1.35 -34.81
CA MET M 23 -9.51 0.46 -33.72
C MET M 23 -10.21 0.87 -32.43
N LYS M 24 -10.40 2.17 -32.24
CA LYS M 24 -11.08 2.66 -31.05
C LYS M 24 -12.59 2.44 -31.13
N LYS M 25 -13.15 2.48 -32.34
CA LYS M 25 -14.59 2.59 -32.55
C LYS M 25 -15.16 1.46 -33.37
N GLY M 26 -14.46 0.99 -34.39
CA GLY M 26 -14.91 -0.16 -35.15
C GLY M 26 -15.91 0.18 -36.24
N SER M 27 -15.73 1.32 -36.91
CA SER M 27 -16.63 1.76 -37.96
C SER M 27 -16.07 1.38 -39.32
N GLU M 28 -16.83 0.60 -40.09
CA GLU M 28 -16.41 0.25 -41.43
C GLU M 28 -16.33 1.47 -42.33
N GLU M 29 -17.08 2.53 -42.03
CA GLU M 29 -17.00 3.75 -42.82
C GLU M 29 -15.60 4.34 -42.75
N LEU M 30 -14.96 4.26 -41.59
CA LEU M 30 -13.56 4.63 -41.49
C LEU M 30 -12.70 3.72 -42.37
N LEU M 31 -13.11 2.47 -42.51
CA LEU M 31 -12.29 1.47 -43.18
C LEU M 31 -12.50 1.47 -44.68
N GLU M 32 -13.74 1.70 -45.12
CA GLU M 32 -14.00 1.93 -46.54
C GLU M 32 -13.10 3.02 -47.07
N VAL M 33 -12.91 4.08 -46.29
CA VAL M 33 -12.05 5.18 -46.69
C VAL M 33 -10.63 4.70 -46.91
N ALA M 34 -10.14 3.82 -46.06
CA ALA M 34 -8.76 3.37 -46.18
C ALA M 34 -8.54 2.63 -47.50
N LEU M 35 -9.50 1.81 -47.90
CA LEU M 35 -9.45 1.15 -49.19
C LEU M 35 -9.64 2.12 -50.35
N VAL M 36 -10.03 3.35 -50.07
CA VAL M 36 -10.07 4.40 -51.07
C VAL M 36 -8.78 5.21 -51.06
N VAL M 37 -8.32 5.59 -49.87
CA VAL M 37 -7.15 6.44 -49.76
C VAL M 37 -5.91 5.70 -50.25
N ALA M 38 -5.57 4.62 -49.57
CA ALA M 38 -4.34 3.93 -49.87
C ALA M 38 -4.39 3.30 -51.25
N GLN M 39 -5.57 2.86 -51.68
CA GLN M 39 -5.66 2.20 -52.96
C GLN M 39 -5.49 3.19 -54.10
N MET M 40 -5.69 4.48 -53.86
CA MET M 40 -5.29 5.51 -54.79
C MET M 40 -3.86 5.98 -54.57
N ALA M 41 -3.26 5.65 -53.42
CA ALA M 41 -1.85 5.94 -53.26
C ALA M 41 -1.00 5.16 -54.25
N ALA M 42 -1.35 3.89 -54.48
CA ALA M 42 -0.67 3.10 -55.49
C ALA M 42 -0.75 3.75 -56.86
N ARG M 43 -1.87 4.41 -57.15
CA ARG M 43 -2.00 5.11 -58.42
C ARG M 43 -0.94 6.19 -58.54
N GLU M 44 -0.87 7.06 -57.54
CA GLU M 44 0.03 8.20 -57.60
C GLU M 44 1.45 7.82 -57.23
N ALA M 45 1.63 6.81 -56.38
CA ALA M 45 2.97 6.38 -56.02
C ALA M 45 3.68 5.78 -57.21
N LYS M 46 3.02 4.86 -57.90
CA LYS M 46 3.59 4.23 -59.09
C LYS M 46 3.97 5.27 -60.13
N LYS M 47 3.22 6.37 -60.20
CA LYS M 47 3.60 7.46 -61.08
C LYS M 47 4.90 8.10 -60.64
N VAL M 48 5.09 8.26 -59.33
CA VAL M 48 6.33 8.86 -58.84
C VAL M 48 7.51 7.98 -59.23
N LEU M 49 7.29 6.68 -59.25
CA LEU M 49 8.33 5.79 -59.73
C LEU M 49 8.58 6.03 -61.20
N THR M 50 7.52 6.22 -61.96
CA THR M 50 7.63 6.39 -63.40
C THR M 50 8.47 7.61 -63.75
N MET M 51 7.99 8.80 -63.40
CA MET M 51 8.68 10.03 -63.75
C MET M 51 10.06 10.07 -63.11
N ALA M 52 10.25 9.40 -61.99
CA ALA M 52 11.58 9.28 -61.42
C ALA M 52 12.44 8.32 -62.21
N GLU M 53 11.84 7.25 -62.74
CA GLU M 53 12.58 6.31 -63.55
C GLU M 53 13.06 6.94 -64.85
N VAL M 54 12.49 8.07 -65.24
CA VAL M 54 12.93 8.78 -66.44
C VAL M 54 14.28 9.43 -66.20
N GLU M 55 14.32 10.38 -65.26
CA GLU M 55 15.47 11.24 -65.12
C GLU M 55 16.69 10.49 -64.59
N GLY M 56 16.48 9.32 -63.98
CA GLY M 56 17.57 8.61 -63.34
C GLY M 56 17.80 9.15 -61.96
N ASP M 57 16.72 9.34 -61.21
CA ASP M 57 16.77 9.84 -59.83
C ASP M 57 16.46 8.67 -58.90
N PRO M 58 17.45 7.84 -58.56
CA PRO M 58 17.11 6.54 -57.97
C PRO M 58 16.63 6.64 -56.54
N GLU M 59 17.24 7.53 -55.75
CA GLU M 59 16.94 7.61 -54.33
C GLU M 59 15.48 7.92 -54.08
N VAL M 60 14.83 8.60 -55.01
CA VAL M 60 13.42 8.90 -54.87
C VAL M 60 12.61 7.62 -54.85
N ALA M 61 12.94 6.68 -55.72
CA ALA M 61 12.16 5.46 -55.83
C ALA M 61 12.26 4.62 -54.58
N LEU M 62 13.47 4.49 -54.03
CA LEU M 62 13.66 3.74 -52.80
C LEU M 62 12.78 4.30 -51.69
N ARG M 63 12.70 5.63 -51.60
CA ARG M 63 11.82 6.27 -50.63
C ARG M 63 10.36 6.23 -51.05
N ALA M 64 10.04 5.63 -52.19
CA ALA M 64 8.67 5.57 -52.67
C ALA M 64 8.13 4.15 -52.56
N VAL M 65 8.86 3.20 -53.13
CA VAL M 65 8.42 1.81 -53.12
C VAL M 65 8.34 1.31 -51.69
N GLU M 66 9.24 1.78 -50.83
CA GLU M 66 9.15 1.49 -49.41
C GLU M 66 7.80 1.91 -48.86
N LEU M 67 7.23 2.98 -49.39
CA LEU M 67 5.95 3.47 -48.89
C LEU M 67 4.81 2.65 -49.43
N VAL M 68 4.99 2.06 -50.60
CA VAL M 68 3.98 1.15 -51.13
C VAL M 68 3.82 -0.03 -50.21
N VAL M 69 4.93 -0.52 -49.67
CA VAL M 69 4.88 -1.66 -48.76
C VAL M 69 4.08 -1.31 -47.52
N ARG M 70 4.26 -0.07 -47.02
CA ARG M 70 3.50 0.36 -45.86
C ARG M 70 2.00 0.28 -46.12
N VAL M 71 1.59 0.53 -47.37
CA VAL M 71 0.19 0.35 -47.72
C VAL M 71 -0.20 -1.11 -47.53
N ALA M 72 0.63 -1.99 -48.04
CA ALA M 72 0.40 -3.42 -47.88
C ALA M 72 0.29 -3.79 -46.41
N GLU M 73 1.13 -3.18 -45.58
CA GLU M 73 1.01 -3.37 -44.14
C GLU M 73 -0.34 -2.89 -43.65
N LEU M 74 -0.82 -1.78 -44.21
CA LEU M 74 -2.08 -1.23 -43.76
C LEU M 74 -3.25 -2.05 -44.28
N LEU M 75 -3.28 -2.31 -45.57
CA LEU M 75 -4.34 -3.11 -46.16
C LEU M 75 -4.42 -4.48 -45.53
N LEU M 76 -3.29 -5.01 -45.11
CA LEU M 76 -3.29 -6.27 -44.40
C LEU M 76 -4.13 -6.16 -43.14
N ARG M 77 -3.80 -5.19 -42.29
CA ARG M 77 -4.51 -4.99 -41.03
C ARG M 77 -6.00 -4.86 -41.25
N ILE M 78 -6.40 -4.23 -42.35
CA ILE M 78 -7.81 -4.08 -42.67
C ILE M 78 -8.46 -5.44 -42.82
N ALA M 79 -7.88 -6.26 -43.70
CA ALA M 79 -8.43 -7.58 -43.96
C ALA M 79 -8.39 -8.45 -42.72
N LEU M 80 -7.39 -8.27 -41.87
CA LEU M 80 -7.37 -8.98 -40.59
C LEU M 80 -8.50 -8.50 -39.70
N VAL M 81 -8.65 -7.19 -39.58
CA VAL M 81 -9.69 -6.65 -38.72
C VAL M 81 -11.06 -6.93 -39.31
N SER M 82 -11.18 -6.82 -40.64
CA SER M 82 -12.47 -6.97 -41.28
C SER M 82 -12.77 -8.44 -41.57
N GLY M 83 -11.81 -9.16 -42.12
CA GLY M 83 -12.01 -10.53 -42.55
C GLY M 83 -12.45 -10.70 -43.99
N SER M 84 -12.51 -9.62 -44.76
CA SER M 84 -12.95 -9.71 -46.15
C SER M 84 -11.92 -10.47 -46.97
N GLU M 85 -12.35 -11.59 -47.56
CA GLU M 85 -11.48 -12.32 -48.45
C GLU M 85 -11.09 -11.52 -49.68
N GLU M 86 -11.92 -10.57 -50.09
CA GLU M 86 -11.52 -9.66 -51.15
C GLU M 86 -10.32 -8.83 -50.72
N ALA M 87 -10.39 -8.24 -49.53
CA ALA M 87 -9.34 -7.34 -49.07
C ALA M 87 -8.00 -8.03 -48.99
N LEU M 88 -8.00 -9.32 -48.64
CA LEU M 88 -6.82 -10.14 -48.86
C LEU M 88 -6.39 -10.08 -50.31
N GLU M 89 -7.33 -10.38 -51.20
CA GLU M 89 -7.01 -10.40 -52.61
C GLU M 89 -6.79 -9.00 -53.18
N ARG M 90 -7.25 -7.97 -52.47
CA ARG M 90 -6.83 -6.61 -52.79
C ARG M 90 -5.37 -6.43 -52.41
N ALA M 91 -5.07 -6.59 -51.12
CA ALA M 91 -3.71 -6.46 -50.63
C ALA M 91 -2.75 -7.44 -51.30
N LEU M 92 -3.27 -8.58 -51.74
CA LEU M 92 -2.45 -9.54 -52.47
C LEU M 92 -1.90 -8.92 -53.74
N ARG M 93 -2.79 -8.49 -54.62
CA ARG M 93 -2.37 -7.98 -55.92
C ARG M 93 -1.50 -6.75 -55.80
N VAL M 94 -1.85 -5.85 -54.89
CA VAL M 94 -1.02 -4.71 -54.58
C VAL M 94 0.35 -5.16 -54.15
N ALA M 95 0.40 -6.14 -53.25
CA ALA M 95 1.67 -6.61 -52.75
C ALA M 95 2.45 -7.31 -53.86
N GLU M 96 1.78 -8.15 -54.64
CA GLU M 96 2.47 -8.87 -55.71
C GLU M 96 3.04 -7.90 -56.73
N GLU M 97 2.28 -6.85 -57.06
CA GLU M 97 2.75 -5.87 -58.02
C GLU M 97 3.96 -5.11 -57.51
N ALA M 98 4.10 -5.01 -56.19
CA ALA M 98 5.28 -4.40 -55.61
C ALA M 98 6.54 -5.13 -56.03
N ALA M 99 6.43 -6.44 -56.24
CA ALA M 99 7.58 -7.21 -56.71
C ALA M 99 8.09 -6.67 -58.04
N ARG M 100 7.19 -6.52 -59.00
CA ARG M 100 7.57 -5.95 -60.29
C ARG M 100 8.18 -4.57 -60.13
N LEU M 101 7.56 -3.74 -59.30
CA LEU M 101 8.05 -2.40 -59.09
C LEU M 101 9.44 -2.41 -58.47
N ALA M 102 9.69 -3.39 -57.62
CA ALA M 102 11.03 -3.55 -57.08
C ALA M 102 11.99 -3.99 -58.16
N LYS M 103 11.63 -5.04 -58.90
CA LYS M 103 12.44 -5.49 -60.01
C LYS M 103 12.60 -4.40 -61.05
N ARG M 104 11.58 -3.55 -61.19
CA ARG M 104 11.67 -2.40 -62.07
C ARG M 104 12.76 -1.46 -61.62
N VAL M 105 13.02 -1.41 -60.30
CA VAL M 105 13.99 -0.49 -59.75
C VAL M 105 15.40 -1.02 -59.89
N LEU M 106 15.56 -2.34 -59.78
CA LEU M 106 16.89 -2.90 -59.63
C LEU M 106 17.75 -2.60 -60.85
N GLU M 107 17.26 -2.95 -62.03
CA GLU M 107 18.04 -2.78 -63.23
C GLU M 107 18.26 -1.32 -63.59
N LEU M 108 17.53 -0.40 -62.95
CA LEU M 108 17.82 1.01 -63.13
C LEU M 108 19.24 1.34 -62.71
N ALA M 109 19.60 1.00 -61.47
CA ALA M 109 20.79 1.56 -60.87
C ALA M 109 22.06 1.04 -61.54
N GLU M 110 22.00 -0.13 -62.17
CA GLU M 110 23.16 -0.61 -62.90
C GLU M 110 23.54 0.34 -64.02
N SER M 111 22.55 0.91 -64.69
CA SER M 111 22.84 1.98 -65.64
C SER M 111 23.43 3.20 -64.94
N GLN M 112 23.01 3.44 -63.70
CA GLN M 112 23.58 4.51 -62.89
C GLN M 112 24.84 4.07 -62.16
N GLY M 113 25.04 2.78 -61.97
CA GLY M 113 26.17 2.31 -61.19
C GLY M 113 26.09 2.62 -59.71
N ASP M 114 24.89 2.83 -59.18
CA ASP M 114 24.66 3.19 -57.78
C ASP M 114 24.09 2.00 -57.03
N PRO M 115 24.93 1.12 -56.46
CA PRO M 115 24.40 -0.15 -55.93
C PRO M 115 23.63 -0.03 -54.64
N GLU M 116 24.05 0.86 -53.74
CA GLU M 116 23.47 0.93 -52.40
C GLU M 116 21.97 1.16 -52.45
N VAL M 117 21.47 1.79 -53.50
CA VAL M 117 20.03 2.01 -53.60
C VAL M 117 19.32 0.68 -53.79
N ALA M 118 20.00 -0.31 -54.34
CA ALA M 118 19.38 -1.61 -54.55
C ALA M 118 19.08 -2.30 -53.25
N LEU M 119 20.07 -2.41 -52.39
CA LEU M 119 20.05 -3.39 -51.31
C LEU M 119 18.88 -3.14 -50.37
N ARG M 120 18.64 -1.88 -50.01
CA ARG M 120 17.46 -1.56 -49.25
C ARG M 120 16.19 -1.81 -50.04
N ALA M 121 16.25 -1.69 -51.37
CA ALA M 121 15.08 -1.98 -52.18
C ALA M 121 14.82 -3.47 -52.23
N VAL M 122 15.88 -4.26 -52.36
CA VAL M 122 15.75 -5.70 -52.40
C VAL M 122 15.09 -6.20 -51.13
N GLU M 123 15.50 -5.67 -49.99
CA GLU M 123 14.97 -6.12 -48.74
C GLU M 123 13.47 -5.84 -48.61
N LEU M 124 12.97 -4.83 -49.33
CA LEU M 124 11.53 -4.61 -49.35
C LEU M 124 10.80 -5.81 -49.90
N VAL M 125 11.32 -6.40 -50.97
CA VAL M 125 10.72 -7.59 -51.55
C VAL M 125 10.62 -8.68 -50.52
N VAL M 126 11.67 -8.83 -49.71
CA VAL M 126 11.76 -9.94 -48.78
C VAL M 126 10.64 -9.88 -47.78
N ARG M 127 10.30 -8.69 -47.30
CA ARG M 127 9.18 -8.56 -46.39
C ARG M 127 7.88 -8.95 -47.04
N VAL M 128 7.78 -8.78 -48.35
CA VAL M 128 6.55 -9.14 -49.03
C VAL M 128 6.35 -10.63 -48.99
N ALA M 129 7.43 -11.38 -49.13
CA ALA M 129 7.36 -12.82 -48.93
C ALA M 129 6.91 -13.13 -47.51
N GLU M 130 7.52 -12.45 -46.53
CA GLU M 130 7.04 -12.55 -45.16
C GLU M 130 5.61 -12.06 -45.07
N LEU M 131 5.26 -11.07 -45.88
CA LEU M 131 3.93 -10.50 -45.80
C LEU M 131 2.89 -11.49 -46.32
N LEU M 132 3.10 -12.04 -47.51
CA LEU M 132 2.20 -13.04 -48.04
C LEU M 132 2.16 -14.27 -47.16
N LEU M 133 3.29 -14.60 -46.56
CA LEU M 133 3.36 -15.74 -45.66
C LEU M 133 2.31 -15.63 -44.57
N LEU M 134 2.14 -14.44 -44.02
CA LEU M 134 1.08 -14.22 -43.04
C LEU M 134 -0.28 -14.44 -43.68
N ILE M 135 -0.42 -14.05 -44.94
CA ILE M 135 -1.71 -14.18 -45.61
C ILE M 135 -1.99 -15.64 -45.91
N ALA M 136 -0.96 -16.37 -46.34
CA ALA M 136 -1.16 -17.77 -46.69
C ALA M 136 -1.56 -18.58 -45.48
N LYS M 137 -0.97 -18.27 -44.33
CA LYS M 137 -1.35 -18.95 -43.10
C LYS M 137 -2.76 -18.60 -42.68
N VAL M 138 -3.32 -17.50 -43.17
CA VAL M 138 -4.70 -17.16 -42.88
C VAL M 138 -5.64 -17.98 -43.74
N SER M 139 -5.50 -17.85 -45.06
CA SER M 139 -6.39 -18.59 -45.96
C SER M 139 -6.03 -20.06 -45.99
N GLY M 140 -4.77 -20.41 -45.71
CA GLY M 140 -4.32 -21.77 -45.85
C GLY M 140 -4.09 -22.23 -47.28
N SER M 141 -4.31 -21.36 -48.26
CA SER M 141 -4.19 -21.74 -49.66
C SER M 141 -2.74 -21.97 -50.04
N GLU M 142 -2.54 -22.67 -51.15
CA GLU M 142 -1.22 -22.90 -51.72
C GLU M 142 -0.93 -22.00 -52.91
N GLU M 143 -1.96 -21.38 -53.48
CA GLU M 143 -1.76 -20.36 -54.50
C GLU M 143 -0.78 -19.30 -54.02
N ALA M 144 -1.11 -18.63 -52.93
CA ALA M 144 -0.27 -17.58 -52.39
C ALA M 144 1.08 -18.11 -51.95
N LEU M 145 1.14 -19.34 -51.46
CA LEU M 145 2.41 -19.96 -51.11
C LEU M 145 3.31 -20.05 -52.33
N GLU M 146 2.73 -20.34 -53.48
CA GLU M 146 3.53 -20.37 -54.71
C GLU M 146 3.94 -18.96 -55.10
N ARG M 147 3.01 -18.01 -54.99
CA ARG M 147 3.34 -16.61 -55.24
C ARG M 147 4.49 -16.17 -54.36
N ALA M 148 4.40 -16.48 -53.07
CA ALA M 148 5.51 -16.27 -52.17
C ALA M 148 6.75 -16.99 -52.64
N LEU M 149 6.58 -18.23 -53.10
CA LEU M 149 7.71 -19.04 -53.46
C LEU M 149 8.42 -18.47 -54.68
N ARG M 150 7.65 -18.06 -55.67
CA ARG M 150 8.24 -17.55 -56.91
C ARG M 150 8.86 -16.18 -56.71
N VAL M 151 8.29 -15.38 -55.81
CA VAL M 151 8.83 -14.06 -55.55
C VAL M 151 10.24 -14.17 -54.99
N ALA M 152 10.38 -14.88 -53.88
CA ALA M 152 11.63 -14.87 -53.15
C ALA M 152 12.75 -15.54 -53.93
N GLU M 153 12.48 -16.71 -54.51
CA GLU M 153 13.53 -17.37 -55.28
C GLU M 153 13.89 -16.55 -56.50
N GLU M 154 12.92 -15.86 -57.09
CA GLU M 154 13.25 -14.84 -58.07
C GLU M 154 14.02 -13.71 -57.41
N ALA M 155 13.61 -13.32 -56.20
CA ALA M 155 14.34 -12.29 -55.49
C ALA M 155 15.73 -12.74 -55.13
N ALA M 156 15.91 -14.03 -54.90
CA ALA M 156 17.23 -14.56 -54.62
C ALA M 156 18.16 -14.41 -55.81
N ARG M 157 17.63 -14.61 -57.02
CA ARG M 157 18.43 -14.41 -58.22
C ARG M 157 18.97 -12.98 -58.31
N LEU M 158 18.21 -12.02 -57.77
CA LEU M 158 18.53 -10.62 -57.96
C LEU M 158 19.85 -10.26 -57.32
N ALA M 159 20.13 -10.83 -56.15
CA ALA M 159 21.35 -10.51 -55.43
C ALA M 159 22.58 -10.85 -56.25
N LYS M 160 22.49 -11.84 -57.12
CA LYS M 160 23.62 -12.19 -57.97
C LYS M 160 23.97 -11.04 -58.90
N ARG M 161 22.96 -10.31 -59.39
CA ARG M 161 23.24 -9.08 -60.11
C ARG M 161 23.90 -8.07 -59.19
N VAL M 162 23.43 -8.00 -57.95
CA VAL M 162 23.94 -7.03 -57.00
C VAL M 162 25.38 -7.37 -56.66
N LEU M 163 25.61 -8.63 -56.32
CA LEU M 163 26.97 -9.10 -56.10
C LEU M 163 27.82 -8.86 -57.34
N GLU M 164 27.24 -9.06 -58.51
CA GLU M 164 27.94 -8.71 -59.74
C GLU M 164 28.09 -7.22 -59.87
N LEU M 165 27.11 -6.45 -59.39
CA LEU M 165 27.20 -5.01 -59.49
C LEU M 165 28.30 -4.46 -58.61
N ALA M 166 28.47 -5.03 -57.42
CA ALA M 166 29.50 -4.56 -56.52
C ALA M 166 30.88 -4.88 -57.03
N GLU M 167 31.09 -6.10 -57.51
CA GLU M 167 32.41 -6.53 -57.97
C GLU M 167 32.93 -5.67 -59.11
N LYS M 168 32.05 -5.04 -59.88
CA LYS M 168 32.49 -3.97 -60.76
C LYS M 168 33.15 -2.88 -59.94
N GLN M 169 32.38 -2.25 -59.06
CA GLN M 169 32.90 -1.16 -58.24
C GLN M 169 33.88 -1.65 -57.19
N GLY M 170 33.90 -2.95 -56.90
CA GLY M 170 34.69 -3.45 -55.80
C GLY M 170 34.24 -2.95 -54.44
N ASP M 171 32.98 -2.52 -54.32
CA ASP M 171 32.47 -2.00 -53.06
C ASP M 171 32.08 -3.16 -52.15
N PRO M 172 32.66 -3.29 -50.94
CA PRO M 172 32.20 -4.35 -50.05
C PRO M 172 30.91 -4.02 -49.32
N ALA M 173 30.52 -2.75 -49.29
CA ALA M 173 29.39 -2.32 -48.48
C ALA M 173 28.13 -3.10 -48.83
N VAL M 174 27.70 -3.01 -50.08
CA VAL M 174 26.55 -3.79 -50.52
C VAL M 174 26.90 -5.26 -50.59
N ALA M 175 28.20 -5.57 -50.75
CA ALA M 175 28.62 -6.94 -51.05
C ALA M 175 28.23 -7.92 -49.96
N ILE M 176 28.65 -7.63 -48.73
CA ILE M 176 28.53 -8.62 -47.67
C ILE M 176 27.07 -8.79 -47.27
N LEU M 177 26.35 -7.69 -47.13
CA LEU M 177 24.95 -7.73 -46.78
C LEU M 177 24.14 -8.52 -47.78
N ALA M 178 24.47 -8.39 -49.06
CA ALA M 178 23.79 -9.15 -50.11
C ALA M 178 23.77 -10.63 -49.81
N VAL M 179 24.89 -11.15 -49.32
CA VAL M 179 24.94 -12.55 -48.93
C VAL M 179 24.00 -12.81 -47.77
N MET M 180 24.02 -11.91 -46.78
CA MET M 180 23.26 -12.12 -45.56
C MET M 180 21.76 -12.18 -45.82
N LEU M 181 21.27 -11.45 -46.82
CA LEU M 181 19.86 -11.49 -47.16
C LEU M 181 19.43 -12.89 -47.53
N VAL M 182 20.30 -13.63 -48.18
CA VAL M 182 19.93 -14.97 -48.60
C VAL M 182 19.73 -15.84 -47.39
N LYS M 183 20.59 -15.67 -46.38
CA LYS M 183 20.35 -16.32 -45.11
C LYS M 183 19.08 -15.79 -44.46
N ARG M 184 18.81 -14.51 -44.65
CA ARG M 184 17.56 -13.94 -44.17
C ARG M 184 16.38 -14.50 -44.95
N VAL M 185 16.64 -14.99 -46.17
CA VAL M 185 15.60 -15.68 -46.93
C VAL M 185 15.46 -17.11 -46.45
N ALA M 186 16.59 -17.77 -46.17
CA ALA M 186 16.58 -19.20 -45.85
C ALA M 186 15.66 -19.52 -44.69
N GLU M 187 15.48 -18.58 -43.76
CA GLU M 187 14.45 -18.73 -42.75
C GLU M 187 13.08 -18.93 -43.38
N LEU M 188 12.81 -18.21 -44.47
CA LEU M 188 11.50 -18.28 -45.09
C LEU M 188 11.30 -19.62 -45.77
N LEU M 189 12.26 -19.98 -46.62
CA LEU M 189 12.18 -21.19 -47.41
C LEU M 189 12.07 -22.40 -46.51
N GLU M 190 12.79 -22.36 -45.39
CA GLU M 190 12.55 -23.31 -44.33
C GLU M 190 11.08 -23.31 -43.92
N ASN M 191 10.59 -22.15 -43.49
CA ASN M 191 9.34 -22.09 -42.76
C ASN M 191 8.15 -22.46 -43.62
N ILE M 192 8.15 -22.07 -44.90
CA ILE M 192 7.09 -22.54 -45.78
C ILE M 192 7.25 -24.04 -46.01
N ALA M 193 8.48 -24.50 -46.15
CA ALA M 193 8.73 -25.92 -46.36
C ALA M 193 8.54 -26.73 -45.09
N ARG M 194 8.65 -26.10 -43.92
CA ARG M 194 8.19 -26.76 -42.70
C ARG M 194 6.74 -27.16 -42.82
N GLU M 195 5.91 -26.27 -43.34
CA GLU M 195 4.46 -26.40 -43.27
C GLU M 195 3.92 -27.29 -44.39
N SER M 196 4.12 -26.86 -45.64
CA SER M 196 3.52 -27.57 -46.77
C SER M 196 4.18 -28.91 -47.02
N GLY M 197 5.43 -29.09 -46.60
CA GLY M 197 6.10 -30.37 -46.75
C GLY M 197 6.53 -30.70 -48.15
N SER M 198 6.27 -29.84 -49.14
CA SER M 198 6.73 -30.08 -50.49
C SER M 198 8.25 -30.09 -50.52
N GLU M 199 8.83 -31.23 -50.91
CA GLU M 199 10.27 -31.35 -51.01
C GLU M 199 10.85 -30.36 -52.01
N GLU M 200 10.03 -29.89 -52.97
CA GLU M 200 10.51 -28.90 -53.92
C GLU M 200 10.89 -27.61 -53.21
N ALA M 201 10.05 -27.15 -52.29
CA ALA M 201 10.43 -26.02 -51.47
C ALA M 201 11.70 -26.30 -50.69
N LYS M 202 11.82 -27.51 -50.14
CA LYS M 202 13.05 -27.91 -49.47
C LYS M 202 14.21 -27.92 -50.45
N GLU M 203 14.00 -28.50 -51.63
CA GLU M 203 14.99 -28.44 -52.70
C GLU M 203 15.34 -27.00 -53.04
N ARG M 204 14.34 -26.19 -53.35
CA ARG M 204 14.51 -24.76 -53.48
C ARG M 204 15.22 -24.18 -52.27
N ALA M 205 14.84 -24.63 -51.07
CA ALA M 205 15.43 -24.10 -49.86
C ALA M 205 16.90 -24.45 -49.74
N GLU M 206 17.24 -25.73 -49.97
CA GLU M 206 18.62 -26.16 -49.83
C GLU M 206 19.52 -25.43 -50.82
N ARG M 207 19.09 -25.37 -52.08
CA ARG M 207 19.86 -24.69 -53.11
C ARG M 207 20.16 -23.26 -52.73
N VAL M 208 19.15 -22.56 -52.23
CA VAL M 208 19.32 -21.18 -51.82
C VAL M 208 20.29 -21.08 -50.66
N ARG M 209 20.04 -21.81 -49.58
CA ARG M 209 20.92 -21.75 -48.42
C ARG M 209 22.31 -22.26 -48.76
N GLU M 210 22.39 -23.22 -49.68
CA GLU M 210 23.69 -23.66 -50.17
C GLU M 210 24.33 -22.63 -51.07
N GLU M 211 23.53 -21.79 -51.73
CA GLU M 211 24.09 -20.80 -52.63
C GLU M 211 24.85 -19.73 -51.87
N ALA M 212 24.26 -19.21 -50.79
CA ALA M 212 24.91 -18.16 -50.02
C ALA M 212 26.23 -18.65 -49.44
N ARG M 213 26.23 -19.90 -48.97
CA ARG M 213 27.46 -20.55 -48.56
C ARG M 213 28.52 -20.46 -49.65
N GLU M 214 28.09 -20.60 -50.91
CA GLU M 214 29.02 -20.50 -52.02
C GLU M 214 29.29 -19.05 -52.38
N LEU M 215 28.24 -18.22 -52.38
CA LEU M 215 28.40 -16.83 -52.79
C LEU M 215 29.30 -16.05 -51.87
N GLN M 216 29.34 -16.39 -50.57
CA GLN M 216 30.19 -15.67 -49.64
C GLN M 216 31.66 -15.78 -50.03
N GLU M 217 32.03 -16.87 -50.70
CA GLU M 217 33.41 -17.07 -51.15
C GLU M 217 33.88 -15.92 -52.02
N ARG M 218 32.99 -15.41 -52.88
CA ARG M 218 33.35 -14.30 -53.76
C ARG M 218 33.58 -13.01 -53.00
N VAL M 219 33.17 -12.94 -51.73
CA VAL M 219 33.35 -11.75 -50.91
C VAL M 219 34.51 -11.96 -49.95
N LYS M 220 34.77 -13.22 -49.58
CA LYS M 220 35.94 -13.54 -48.77
C LYS M 220 37.21 -12.98 -49.38
N GLU M 221 37.31 -12.99 -50.72
CA GLU M 221 38.41 -12.32 -51.38
C GLU M 221 38.28 -10.81 -51.25
N LEU M 222 37.07 -10.27 -51.50
CA LEU M 222 36.88 -8.83 -51.44
C LEU M 222 37.17 -8.29 -50.05
N LYS M 223 36.97 -9.10 -49.01
CA LYS M 223 37.41 -8.69 -47.68
C LYS M 223 38.92 -8.60 -47.59
N GLU M 224 39.63 -9.29 -48.47
CA GLU M 224 41.08 -9.20 -48.55
C GLU M 224 41.56 -8.18 -49.57
N ARG M 225 40.67 -7.68 -50.43
CA ARG M 225 41.10 -6.75 -51.48
C ARG M 225 41.33 -5.35 -50.93
N ALA M 226 40.28 -4.72 -50.41
CA ALA M 226 40.31 -3.32 -50.02
C ALA M 226 40.35 -3.15 -48.50
N GLY M 227 39.40 -3.73 -47.78
CA GLY M 227 39.35 -3.59 -46.32
C GLY M 227 38.84 -2.24 -45.86
N ALA N 1 37.22 18.66 -53.07
CA ALA N 1 36.55 17.51 -53.72
C ALA N 1 35.39 17.06 -52.84
N GLU N 2 34.34 17.87 -52.84
CA GLU N 2 33.18 17.61 -52.00
C GLU N 2 32.54 16.27 -52.30
N GLU N 3 32.61 15.83 -53.56
CA GLU N 3 32.04 14.54 -53.94
C GLU N 3 32.64 13.42 -53.09
N LEU N 4 33.96 13.43 -52.95
CA LEU N 4 34.60 12.43 -52.11
C LEU N 4 34.30 12.66 -50.64
N LEU N 5 34.23 13.93 -50.23
CA LEU N 5 34.05 14.26 -48.83
C LEU N 5 32.76 13.67 -48.28
N LYS N 6 31.65 13.92 -48.98
CA LYS N 6 30.37 13.43 -48.52
C LYS N 6 30.30 11.91 -48.57
N ARG N 7 30.83 11.32 -49.62
CA ARG N 7 30.76 9.87 -49.78
C ARG N 7 31.51 9.17 -48.66
N VAL N 8 32.70 9.67 -48.32
CA VAL N 8 33.42 9.13 -47.17
C VAL N 8 32.66 9.45 -45.90
N GLU N 9 32.24 10.71 -45.75
CA GLU N 9 31.42 11.10 -44.62
C GLU N 9 30.15 10.26 -44.53
N LYS N 10 29.61 9.86 -45.67
CA LYS N 10 28.41 9.04 -45.67
C LYS N 10 28.69 7.68 -45.05
N LEU N 11 29.84 7.08 -45.38
CA LEU N 11 30.20 5.76 -44.87
C LEU N 11 30.16 5.72 -43.35
N VAL N 12 30.59 6.80 -42.71
CA VAL N 12 30.62 6.85 -41.26
C VAL N 12 29.23 6.61 -40.70
N LYS N 13 28.25 7.35 -41.19
CA LYS N 13 26.90 7.26 -40.65
C LYS N 13 26.30 5.90 -40.86
N GLU N 14 26.59 5.27 -42.00
CA GLU N 14 26.12 3.91 -42.23
C GLU N 14 26.73 2.97 -41.21
N ALA N 15 28.06 2.89 -41.18
CA ALA N 15 28.73 1.97 -40.27
C ALA N 15 28.42 2.31 -38.83
N GLU N 16 28.41 3.60 -38.50
CA GLU N 16 28.08 3.99 -37.14
C GLU N 16 26.64 3.63 -36.80
N GLU N 17 25.79 3.56 -37.81
CA GLU N 17 24.44 3.05 -37.59
C GLU N 17 24.44 1.53 -37.57
N LEU N 18 25.28 0.90 -38.39
CA LEU N 18 25.42 -0.54 -38.32
C LEU N 18 25.93 -0.97 -36.96
N LEU N 19 26.72 -0.12 -36.32
CA LEU N 19 27.19 -0.40 -34.98
C LEU N 19 26.02 -0.61 -34.04
N ARG N 20 25.02 0.24 -34.13
CA ARG N 20 23.88 0.18 -33.23
C ARG N 20 22.97 -1.00 -33.54
N GLN N 21 22.94 -1.44 -34.79
CA GLN N 21 22.22 -2.66 -35.11
C GLN N 21 22.87 -3.86 -34.43
N ALA N 22 24.18 -3.81 -34.26
CA ALA N 22 24.90 -4.89 -33.61
C ALA N 22 24.72 -4.87 -32.10
N MET N 23 24.70 -3.67 -31.52
CA MET N 23 24.51 -3.55 -30.08
C MET N 23 23.15 -4.09 -29.67
N LYS N 24 22.14 -3.96 -30.54
CA LYS N 24 20.82 -4.48 -30.23
C LYS N 24 20.76 -5.99 -30.38
N LYS N 25 21.55 -6.56 -31.28
CA LYS N 25 21.38 -7.93 -31.73
C LYS N 25 22.62 -8.79 -31.52
N GLY N 26 23.81 -8.23 -31.73
CA GLY N 26 25.03 -8.96 -31.45
C GLY N 26 25.46 -9.89 -32.57
N SER N 27 25.29 -9.46 -33.81
CA SER N 27 25.66 -10.25 -34.98
C SER N 27 27.02 -9.83 -35.50
N GLU N 28 27.95 -10.78 -35.53
CA GLU N 28 29.26 -10.49 -36.09
C GLU N 28 29.20 -10.15 -37.57
N GLU N 29 28.18 -10.62 -38.27
CA GLU N 29 28.02 -10.27 -39.68
C GLU N 29 27.84 -8.77 -39.84
N LEU N 30 27.12 -8.14 -38.92
CA LEU N 30 27.07 -6.68 -38.91
C LEU N 30 28.44 -6.10 -38.66
N LEU N 31 29.28 -6.79 -37.89
CA LEU N 31 30.55 -6.25 -37.45
C LEU N 31 31.65 -6.49 -38.48
N GLU N 32 31.62 -7.65 -39.12
CA GLU N 32 32.50 -7.88 -40.26
C GLU N 32 32.38 -6.77 -41.28
N VAL N 33 31.16 -6.31 -41.52
CA VAL N 33 30.91 -5.23 -42.45
C VAL N 33 31.64 -3.97 -42.01
N ALA N 34 31.63 -3.67 -40.71
CA ALA N 34 32.25 -2.45 -40.24
C ALA N 34 33.74 -2.45 -40.52
N LEU N 35 34.40 -3.58 -40.33
CA LEU N 35 35.80 -3.73 -40.68
C LEU N 35 36.05 -3.72 -42.17
N VAL N 36 34.99 -3.79 -42.98
CA VAL N 36 35.07 -3.60 -44.41
C VAL N 36 34.78 -2.16 -44.79
N VAL N 37 33.73 -1.59 -44.21
CA VAL N 37 33.31 -0.25 -44.58
C VAL N 37 34.35 0.76 -44.15
N ALA N 38 34.58 0.86 -42.85
CA ALA N 38 35.47 1.88 -42.33
C ALA N 38 36.90 1.64 -42.78
N GLN N 39 37.29 0.38 -42.93
CA GLN N 39 38.66 0.11 -43.28
C GLN N 39 38.94 0.48 -44.74
N MET N 40 37.90 0.59 -45.56
CA MET N 40 38.02 1.20 -46.87
C MET N 40 37.83 2.71 -46.84
N ALA N 41 37.27 3.25 -45.76
CA ALA N 41 37.21 4.69 -45.63
C ALA N 41 38.59 5.30 -45.55
N ALA N 42 39.50 4.66 -44.82
CA ALA N 42 40.88 5.09 -44.78
C ALA N 42 41.49 5.14 -46.16
N ARG N 43 41.11 4.20 -47.03
CA ARG N 43 41.61 4.20 -48.40
C ARG N 43 41.20 5.48 -49.11
N GLU N 44 39.92 5.79 -49.09
CA GLU N 44 39.41 6.93 -49.82
C GLU N 44 39.60 8.23 -49.06
N ALA N 45 39.61 8.18 -47.74
CA ALA N 45 39.85 9.39 -46.97
C ALA N 45 41.26 9.92 -47.18
N LYS N 46 42.24 9.03 -47.05
CA LYS N 46 43.63 9.40 -47.27
C LYS N 46 43.83 10.00 -48.65
N LYS N 47 43.08 9.53 -49.64
CA LYS N 47 43.12 10.13 -50.97
C LYS N 47 42.61 11.56 -50.94
N VAL N 48 41.56 11.82 -50.17
CA VAL N 48 41.03 13.18 -50.09
C VAL N 48 42.07 14.09 -49.50
N LEU N 49 42.87 13.58 -48.58
CA LEU N 49 43.98 14.37 -48.07
C LEU N 49 44.98 14.63 -49.16
N THR N 50 45.25 13.62 -49.98
CA THR N 50 46.26 13.73 -51.03
C THR N 50 45.90 14.83 -52.01
N MET N 51 44.80 14.64 -52.75
CA MET N 51 44.41 15.60 -53.77
C MET N 51 44.15 16.98 -53.17
N ALA N 52 43.76 17.03 -51.90
CA ALA N 52 43.62 18.31 -51.23
C ALA N 52 44.98 18.89 -50.89
N GLU N 53 45.93 18.04 -50.53
CA GLU N 53 47.28 18.52 -50.25
C GLU N 53 47.95 19.10 -51.48
N VAL N 54 47.44 18.80 -52.67
CA VAL N 54 47.98 19.36 -53.89
C VAL N 54 47.63 20.83 -54.00
N GLU N 55 46.33 21.12 -54.09
CA GLU N 55 45.87 22.45 -54.44
C GLU N 55 46.17 23.46 -53.34
N GLY N 56 46.39 23.00 -52.12
CA GLY N 56 46.55 23.91 -51.01
C GLY N 56 45.21 24.30 -50.46
N ASP N 57 44.33 23.32 -50.29
CA ASP N 57 42.98 23.52 -49.76
C ASP N 57 42.96 22.97 -48.33
N PRO N 58 43.40 23.73 -47.33
CA PRO N 58 43.71 23.12 -46.04
C PRO N 58 42.47 22.72 -45.27
N GLU N 59 41.42 23.53 -45.31
CA GLU N 59 40.25 23.30 -44.48
C GLU N 59 39.59 21.96 -44.80
N VAL N 60 39.77 21.47 -46.01
CA VAL N 60 39.22 20.17 -46.38
C VAL N 60 39.87 19.07 -45.54
N ALA N 61 41.18 19.16 -45.36
CA ALA N 61 41.90 18.11 -44.66
C ALA N 61 41.50 18.03 -43.19
N LEU N 62 41.37 19.19 -42.55
CA LEU N 62 40.94 19.22 -41.16
C LEU N 62 39.59 18.54 -41.00
N ARG N 63 38.67 18.78 -41.93
CA ARG N 63 37.39 18.10 -41.92
C ARG N 63 37.47 16.66 -42.40
N ALA N 64 38.67 16.19 -42.75
CA ALA N 64 38.83 14.83 -43.25
C ALA N 64 39.53 13.97 -42.22
N VAL N 65 40.70 14.43 -41.76
CA VAL N 65 41.48 13.68 -40.79
C VAL N 65 40.70 13.52 -39.50
N GLU N 66 39.91 14.52 -39.15
CA GLU N 66 38.99 14.41 -38.02
C GLU N 66 38.07 13.20 -38.20
N LEU N 67 37.71 12.89 -39.44
CA LEU N 67 36.80 11.80 -39.68
C LEU N 67 37.52 10.47 -39.60
N VAL N 68 38.81 10.47 -39.90
CA VAL N 68 39.62 9.28 -39.74
C VAL N 68 39.63 8.86 -38.29
N VAL N 69 39.72 9.83 -37.39
CA VAL N 69 39.74 9.52 -35.97
C VAL N 69 38.44 8.87 -35.56
N ARG N 70 37.32 9.35 -36.10
CA ARG N 70 36.03 8.74 -35.81
C ARG N 70 36.03 7.27 -36.16
N VAL N 71 36.74 6.89 -37.21
CA VAL N 71 36.87 5.48 -37.53
C VAL N 71 37.57 4.76 -36.40
N ALA N 72 38.66 5.35 -35.94
CA ALA N 72 39.40 4.78 -34.83
C ALA N 72 38.50 4.63 -33.61
N GLU N 73 37.63 5.61 -33.39
CA GLU N 73 36.65 5.48 -32.32
C GLU N 73 35.73 4.31 -32.58
N LEU N 74 35.37 4.09 -33.84
CA LEU N 74 34.47 3.00 -34.17
C LEU N 74 35.17 1.67 -34.08
N LEU N 75 36.31 1.54 -34.75
CA LEU N 75 37.07 0.30 -34.71
C LEU N 75 37.45 -0.08 -33.30
N LEU N 76 37.66 0.91 -32.44
CA LEU N 76 37.91 0.62 -31.04
C LEU N 76 36.74 -0.14 -30.44
N ARG N 77 35.54 0.44 -30.56
CA ARG N 77 34.34 -0.18 -30.00
C ARG N 77 34.17 -1.60 -30.49
N ILE N 78 34.53 -1.86 -31.74
CA ILE N 78 34.43 -3.21 -32.28
C ILE N 78 35.29 -4.16 -31.47
N ALA N 79 36.57 -3.82 -31.34
CA ALA N 79 37.49 -4.68 -30.63
C ALA N 79 37.12 -4.81 -29.17
N LEU N 80 36.53 -3.76 -28.59
CA LEU N 80 36.02 -3.88 -27.23
C LEU N 80 34.85 -4.85 -27.19
N VAL N 81 33.89 -4.68 -28.10
CA VAL N 81 32.72 -5.54 -28.11
C VAL N 81 33.11 -6.96 -28.51
N SER N 82 34.03 -7.06 -29.47
CA SER N 82 34.39 -8.38 -29.99
C SER N 82 35.47 -9.03 -29.15
N GLY N 83 36.51 -8.28 -28.82
CA GLY N 83 37.66 -8.81 -28.12
C GLY N 83 38.78 -9.32 -29.00
N SER N 84 38.68 -9.14 -30.31
CA SER N 84 39.71 -9.62 -31.22
C SER N 84 40.99 -8.83 -31.02
N GLU N 85 42.06 -9.53 -30.66
CA GLU N 85 43.36 -8.88 -30.54
C GLU N 85 43.85 -8.34 -31.87
N GLU N 86 43.41 -8.93 -32.98
CA GLU N 86 43.73 -8.35 -34.28
C GLU N 86 43.09 -6.98 -34.42
N ALA N 87 41.79 -6.88 -34.10
CA ALA N 87 41.07 -5.64 -34.29
C ALA N 87 41.68 -4.50 -33.50
N LEU N 88 42.22 -4.79 -32.32
CA LEU N 88 43.11 -3.85 -31.66
C LEU N 88 44.24 -3.45 -32.59
N GLU N 89 44.94 -4.45 -33.10
CA GLU N 89 46.08 -4.19 -33.96
C GLU N 89 45.66 -3.66 -35.31
N ARG N 90 44.40 -3.84 -35.70
CA ARG N 90 43.87 -3.12 -36.83
C ARG N 90 43.72 -1.64 -36.49
N ALA N 91 42.90 -1.36 -35.49
CA ALA N 91 42.67 0.01 -35.04
C ALA N 91 43.96 0.67 -34.59
N LEU N 92 44.93 -0.11 -34.12
CA LEU N 92 46.22 0.44 -33.75
C LEU N 92 46.90 1.10 -34.94
N ARG N 93 47.14 0.32 -35.99
CA ARG N 93 47.87 0.79 -37.15
C ARG N 93 47.16 1.95 -37.83
N VAL N 94 45.85 1.83 -37.96
CA VAL N 94 45.05 2.92 -38.48
C VAL N 94 45.24 4.16 -37.63
N ALA N 95 45.18 4.00 -36.32
CA ALA N 95 45.32 5.13 -35.42
C ALA N 95 46.74 5.70 -35.50
N GLU N 96 47.74 4.83 -35.50
CA GLU N 96 49.11 5.29 -35.55
C GLU N 96 49.38 6.05 -36.85
N GLU N 97 48.84 5.55 -37.95
CA GLU N 97 49.04 6.22 -39.22
C GLU N 97 48.38 7.58 -39.25
N ALA N 98 47.34 7.78 -38.45
CA ALA N 98 46.72 9.09 -38.34
C ALA N 98 47.72 10.13 -37.87
N ALA N 99 48.69 9.71 -37.06
CA ALA N 99 49.72 10.62 -36.60
C ALA N 99 50.48 11.21 -37.77
N ARG N 100 50.97 10.35 -38.67
CA ARG N 100 51.65 10.82 -39.86
C ARG N 100 50.76 11.74 -40.68
N LEU N 101 49.50 11.36 -40.85
CA LEU N 101 48.58 12.16 -41.64
C LEU N 101 48.36 13.51 -40.99
N ALA N 102 48.38 13.55 -39.67
CA ALA N 102 48.31 14.83 -38.98
C ALA N 102 49.57 15.63 -39.21
N LYS N 103 50.73 15.01 -38.96
CA LYS N 103 52.00 15.68 -39.22
C LYS N 103 52.13 16.05 -40.69
N ARG N 104 51.52 15.25 -41.56
CA ARG N 104 51.48 15.59 -42.98
C ARG N 104 50.73 16.90 -43.20
N VAL N 105 49.77 17.19 -42.34
CA VAL N 105 48.92 18.37 -42.51
C VAL N 105 49.62 19.60 -41.97
N LEU N 106 50.39 19.45 -40.90
CA LEU N 106 50.85 20.61 -40.16
C LEU N 106 51.74 21.49 -41.03
N GLU N 107 52.75 20.90 -41.63
CA GLU N 107 53.71 21.66 -42.41
C GLU N 107 53.10 22.21 -43.70
N LEU N 108 51.92 21.74 -44.07
CA LEU N 108 51.21 22.35 -45.18
C LEU N 108 50.94 23.81 -44.92
N ALA N 109 50.27 24.12 -43.82
CA ALA N 109 49.67 25.43 -43.64
C ALA N 109 50.73 26.52 -43.49
N GLU N 110 51.93 26.17 -43.04
CA GLU N 110 52.99 27.16 -42.96
C GLU N 110 53.30 27.73 -44.33
N SER N 111 53.28 26.88 -45.37
CA SER N 111 53.38 27.38 -46.73
C SER N 111 52.19 28.27 -47.07
N GLN N 112 51.03 27.96 -46.52
CA GLN N 112 49.84 28.79 -46.68
C GLN N 112 49.77 29.93 -45.68
N GLY N 113 50.48 29.82 -44.56
CA GLY N 113 50.38 30.82 -43.52
C GLY N 113 49.05 30.85 -42.79
N ASP N 114 48.30 29.75 -42.81
CA ASP N 114 46.98 29.66 -42.20
C ASP N 114 47.06 28.84 -40.91
N PRO N 115 47.33 29.46 -39.76
CA PRO N 115 47.64 28.66 -38.57
C PRO N 115 46.45 27.97 -37.93
N GLU N 116 45.27 28.61 -37.95
CA GLU N 116 44.12 28.10 -37.23
C GLU N 116 43.74 26.69 -37.65
N VAL N 117 44.06 26.33 -38.90
CA VAL N 117 43.74 24.99 -39.36
C VAL N 117 44.59 23.97 -38.61
N ALA N 118 45.76 24.39 -38.12
CA ALA N 118 46.62 23.48 -37.41
C ALA N 118 46.02 23.04 -36.09
N LEU N 119 45.61 24.02 -35.29
CA LEU N 119 45.41 23.78 -33.86
C LEU N 119 44.33 22.73 -33.63
N ARG N 120 43.24 22.81 -34.37
CA ARG N 120 42.23 21.76 -34.30
C ARG N 120 42.77 20.45 -34.84
N ALA N 121 43.72 20.50 -35.77
CA ALA N 121 44.31 19.27 -36.28
C ALA N 121 45.24 18.67 -35.26
N VAL N 122 46.02 19.50 -34.59
CA VAL N 122 46.94 19.02 -33.57
C VAL N 122 46.18 18.31 -32.47
N GLU N 123 45.05 18.86 -32.07
CA GLU N 123 44.29 18.26 -30.99
C GLU N 123 43.76 16.89 -31.37
N LEU N 124 43.58 16.62 -32.66
CA LEU N 124 43.20 15.28 -33.07
C LEU N 124 44.25 14.25 -32.67
N VAL N 125 45.52 14.60 -32.85
CA VAL N 125 46.61 13.72 -32.45
C VAL N 125 46.50 13.39 -30.97
N VAL N 126 46.15 14.39 -30.17
CA VAL N 126 46.16 14.24 -28.73
C VAL N 126 45.17 13.19 -28.29
N ARG N 127 44.00 13.17 -28.93
CA ARG N 127 43.04 12.14 -28.60
C ARG N 127 43.55 10.75 -28.96
N VAL N 128 44.42 10.66 -29.95
CA VAL N 128 44.93 9.37 -30.34
C VAL N 128 45.81 8.81 -29.23
N ALA N 129 46.57 9.68 -28.59
CA ALA N 129 47.31 9.28 -27.40
C ALA N 129 46.35 8.81 -26.32
N GLU N 130 45.30 9.59 -26.09
CA GLU N 130 44.23 9.13 -25.21
C GLU N 130 43.61 7.86 -25.75
N LEU N 131 43.53 7.74 -27.06
CA LEU N 131 42.89 6.58 -27.65
C LEU N 131 43.72 5.32 -27.42
N LEU N 132 45.01 5.38 -27.76
CA LEU N 132 45.88 4.24 -27.51
C LEU N 132 45.98 3.94 -26.03
N LEU N 133 45.93 4.97 -25.21
CA LEU N 133 45.98 4.79 -23.77
C LEU N 133 44.90 3.82 -23.32
N LEU N 134 43.70 3.97 -23.86
CA LEU N 134 42.65 3.01 -23.56
C LEU N 134 43.01 1.62 -24.04
N ILE N 135 43.70 1.54 -25.17
CA ILE N 135 44.08 0.24 -25.72
C ILE N 135 45.18 -0.38 -24.88
N ALA N 136 46.14 0.42 -24.46
CA ALA N 136 47.25 -0.11 -23.68
C ALA N 136 46.76 -0.66 -22.35
N LYS N 137 45.80 0.02 -21.73
CA LYS N 137 45.23 -0.48 -20.49
C LYS N 137 44.44 -1.76 -20.70
N VAL N 138 44.03 -2.04 -21.94
CA VAL N 138 43.36 -3.30 -22.23
C VAL N 138 44.36 -4.43 -22.34
N SER N 139 45.30 -4.30 -23.26
CA SER N 139 46.29 -5.35 -23.45
C SER N 139 47.31 -5.37 -22.31
N GLY N 140 47.54 -4.22 -21.68
CA GLY N 140 48.58 -4.10 -20.68
C GLY N 140 49.98 -4.03 -21.23
N SER N 141 50.14 -4.07 -22.55
CA SER N 141 51.46 -4.07 -23.17
C SER N 141 52.15 -2.72 -23.00
N GLU N 142 53.46 -2.74 -23.18
CA GLU N 142 54.27 -1.52 -23.17
C GLU N 142 54.66 -1.06 -24.55
N GLU N 143 54.52 -1.92 -25.55
CA GLU N 143 54.68 -1.52 -26.94
C GLU N 143 53.83 -0.29 -27.26
N ALA N 144 52.51 -0.44 -27.10
CA ALA N 144 51.60 0.66 -27.38
C ALA N 144 51.84 1.85 -26.49
N LEU N 145 52.24 1.62 -25.24
CA LEU N 145 52.59 2.72 -24.35
C LEU N 145 53.72 3.54 -24.92
N GLU N 146 54.69 2.88 -25.56
CA GLU N 146 55.76 3.61 -26.21
C GLU N 146 55.25 4.33 -27.43
N ARG N 147 54.42 3.67 -28.23
CA ARG N 147 53.79 4.31 -29.37
C ARG N 147 53.04 5.55 -28.93
N ALA N 148 52.24 5.42 -27.88
CA ALA N 148 51.61 6.58 -27.26
C ALA N 148 52.64 7.60 -26.83
N LEU N 149 53.74 7.12 -26.24
CA LEU N 149 54.73 8.03 -25.69
C LEU N 149 55.41 8.81 -26.79
N ARG N 150 55.77 8.14 -27.88
CA ARG N 150 56.48 8.80 -28.96
C ARG N 150 55.59 9.73 -29.74
N VAL N 151 54.31 9.40 -29.84
CA VAL N 151 53.37 10.25 -30.56
C VAL N 151 53.25 11.60 -29.88
N ALA N 152 52.89 11.59 -28.61
CA ALA N 152 52.55 12.84 -27.94
C ALA N 152 53.76 13.73 -27.77
N GLU N 153 54.89 13.18 -27.32
CA GLU N 153 56.06 14.02 -27.16
C GLU N 153 56.54 14.54 -28.51
N GLU N 154 56.38 13.74 -29.56
CA GLU N 154 56.54 14.28 -30.90
C GLU N 154 55.47 15.31 -31.18
N ALA N 155 54.23 15.04 -30.75
CA ALA N 155 53.16 16.01 -30.94
C ALA N 155 53.43 17.27 -30.14
N ALA N 156 54.09 17.13 -29.00
CA ALA N 156 54.44 18.30 -28.21
C ALA N 156 55.41 19.21 -28.95
N ARG N 157 56.36 18.62 -29.67
CA ARG N 157 57.28 19.42 -30.48
C ARG N 157 56.55 20.26 -31.50
N LEU N 158 55.41 19.77 -31.98
CA LEU N 158 54.73 20.41 -33.09
C LEU N 158 54.24 21.80 -32.73
N ALA N 159 53.77 21.96 -31.49
CA ALA N 159 53.23 23.25 -31.06
C ALA N 159 54.28 24.34 -31.15
N LYS N 160 55.55 23.99 -31.00
CA LYS N 160 56.61 24.98 -31.11
C LYS N 160 56.66 25.57 -32.51
N ARG N 161 56.39 24.75 -33.53
CA ARG N 161 56.21 25.30 -34.87
C ARG N 161 54.99 26.20 -34.89
N VAL N 162 53.93 25.79 -34.22
CA VAL N 162 52.69 26.55 -34.24
C VAL N 162 52.90 27.87 -33.54
N LEU N 163 53.48 27.81 -32.34
CA LEU N 163 53.83 29.01 -31.63
C LEU N 163 54.77 29.87 -32.46
N GLU N 164 55.68 29.23 -33.18
CA GLU N 164 56.51 29.96 -34.12
C GLU N 164 55.70 30.46 -35.30
N LEU N 165 54.69 29.70 -35.70
CA LEU N 165 53.87 30.13 -36.83
C LEU N 165 53.05 31.35 -36.47
N ALA N 166 52.54 31.40 -35.24
CA ALA N 166 51.73 32.54 -34.84
C ALA N 166 52.57 33.80 -34.72
N GLU N 167 53.74 33.70 -34.10
CA GLU N 167 54.58 34.87 -33.86
C GLU N 167 54.99 35.55 -35.14
N LYS N 168 55.03 34.82 -36.26
CA LYS N 168 55.10 35.47 -37.56
C LYS N 168 53.91 36.40 -37.73
N GLN N 169 52.72 35.83 -37.75
CA GLN N 169 51.50 36.60 -37.93
C GLN N 169 51.18 37.47 -36.73
N GLY N 170 51.79 37.18 -35.57
CA GLY N 170 51.40 37.87 -34.36
C GLY N 170 49.98 37.58 -33.91
N ASP N 171 49.39 36.47 -34.35
CA ASP N 171 48.03 36.12 -34.00
C ASP N 171 48.00 35.49 -32.62
N PRO N 172 47.27 36.07 -31.63
CA PRO N 172 47.17 35.38 -30.34
C PRO N 172 46.19 34.24 -30.32
N ALA N 173 45.31 34.15 -31.31
CA ALA N 173 44.22 33.18 -31.28
C ALA N 173 44.75 31.77 -31.13
N VAL N 174 45.58 31.33 -32.09
CA VAL N 174 46.18 30.02 -31.99
C VAL N 174 47.24 30.01 -30.89
N ALA N 175 47.78 31.18 -30.55
CA ALA N 175 48.93 31.26 -29.67
C ALA N 175 48.66 30.69 -28.29
N ILE N 176 47.62 31.18 -27.63
CA ILE N 176 47.42 30.86 -26.23
C ILE N 176 46.98 29.42 -26.08
N LEU N 177 46.04 28.99 -26.93
CA LEU N 177 45.56 27.62 -26.89
C LEU N 177 46.67 26.62 -27.09
N ALA N 178 47.63 26.94 -27.97
CA ALA N 178 48.77 26.07 -28.21
C ALA N 178 49.47 25.71 -26.92
N VAL N 179 49.62 26.69 -26.03
CA VAL N 179 50.21 26.42 -24.72
C VAL N 179 49.33 25.48 -23.94
N MET N 180 48.02 25.72 -23.95
CA MET N 180 47.10 24.97 -23.13
C MET N 180 47.08 23.50 -23.50
N LEU N 181 47.28 23.17 -24.77
CA LEU N 181 47.30 21.78 -25.19
C LEU N 181 48.40 21.01 -24.47
N VAL N 182 49.52 21.68 -24.20
CA VAL N 182 50.61 20.99 -23.55
C VAL N 182 50.20 20.62 -22.13
N LYS N 183 49.47 21.51 -21.47
CA LYS N 183 48.88 21.16 -20.19
C LYS N 183 47.85 20.07 -20.38
N ARG N 184 47.12 20.11 -21.49
CA ARG N 184 46.19 19.05 -21.80
C ARG N 184 46.94 17.74 -22.10
N VAL N 185 48.20 17.84 -22.48
CA VAL N 185 49.03 16.65 -22.63
C VAL N 185 49.54 16.19 -21.29
N ALA N 186 49.94 17.13 -20.43
CA ALA N 186 50.59 16.80 -19.17
C ALA N 186 49.76 15.86 -18.31
N GLU N 187 48.44 15.93 -18.43
CA GLU N 187 47.57 14.92 -17.84
C GLU N 187 47.95 13.53 -18.33
N LEU N 188 48.27 13.41 -19.62
CA LEU N 188 48.57 12.10 -20.19
C LEU N 188 49.89 11.58 -19.67
N LEU N 189 50.92 12.40 -19.80
CA LEU N 189 52.26 12.01 -19.43
C LEU N 189 52.33 11.65 -17.97
N GLU N 190 51.58 12.38 -17.15
CA GLU N 190 51.33 11.94 -15.78
C GLU N 190 50.76 10.53 -15.77
N ASN N 191 49.63 10.35 -16.42
CA ASN N 191 48.81 9.16 -16.19
C ASN N 191 49.50 7.89 -16.68
N ILE N 192 50.21 7.96 -17.79
CA ILE N 192 50.99 6.80 -18.19
C ILE N 192 52.14 6.58 -17.22
N ALA N 193 52.75 7.66 -16.75
CA ALA N 193 53.83 7.56 -15.80
C ALA N 193 53.35 7.22 -14.41
N ARG N 194 52.09 7.51 -14.10
CA ARG N 194 51.49 6.95 -12.88
C ARG N 194 51.59 5.43 -12.90
N GLU N 195 51.28 4.83 -14.05
CA GLU N 195 51.06 3.39 -14.14
C GLU N 195 52.36 2.63 -14.31
N SER N 196 53.09 2.89 -15.40
CA SER N 196 54.27 2.11 -15.70
C SER N 196 55.43 2.42 -14.76
N GLY N 197 55.44 3.59 -14.15
CA GLY N 197 56.48 3.94 -13.20
C GLY N 197 57.83 4.26 -13.79
N SER N 198 57.97 4.17 -15.11
CA SER N 198 59.24 4.53 -15.75
C SER N 198 59.53 6.00 -15.51
N GLU N 199 60.65 6.27 -14.83
CA GLU N 199 61.04 7.65 -14.57
C GLU N 199 61.29 8.42 -15.86
N GLU N 200 61.58 7.71 -16.95
CA GLU N 200 61.76 8.39 -18.24
C GLU N 200 60.48 9.08 -18.67
N ALA N 201 59.35 8.41 -18.54
CA ALA N 201 58.06 9.06 -18.79
C ALA N 201 57.89 10.25 -17.86
N LYS N 202 58.24 10.09 -16.59
CA LYS N 202 58.20 11.21 -15.66
C LYS N 202 59.16 12.31 -16.09
N GLU N 203 60.38 11.93 -16.48
CA GLU N 203 61.32 12.88 -17.04
C GLU N 203 60.73 13.55 -18.27
N ARG N 204 60.29 12.75 -19.24
CA ARG N 204 59.52 13.27 -20.37
C ARG N 204 58.36 14.12 -19.88
N ALA N 205 57.67 13.68 -18.83
CA ALA N 205 56.51 14.41 -18.34
C ALA N 205 56.92 15.76 -17.77
N GLU N 206 57.93 15.77 -16.91
CA GLU N 206 58.35 17.02 -16.28
C GLU N 206 58.80 18.04 -17.32
N ARG N 207 59.65 17.60 -18.24
CA ARG N 207 60.14 18.50 -19.29
C ARG N 207 58.99 19.13 -20.06
N VAL N 208 57.99 18.32 -20.41
CA VAL N 208 56.84 18.83 -21.15
C VAL N 208 56.08 19.84 -20.31
N ARG N 209 55.67 19.44 -19.09
CA ARG N 209 54.91 20.34 -18.25
C ARG N 209 55.73 21.56 -17.86
N GLU N 210 57.04 21.39 -17.74
CA GLU N 210 57.92 22.52 -17.51
C GLU N 210 58.06 23.37 -18.77
N GLU N 211 57.89 22.78 -19.94
CA GLU N 211 58.06 23.54 -21.17
C GLU N 211 56.93 24.55 -21.34
N ALA N 212 55.69 24.12 -21.13
CA ALA N 212 54.56 25.03 -21.28
C ALA N 212 54.66 26.20 -20.33
N ARG N 213 55.09 25.92 -19.11
CA ARG N 213 55.40 26.98 -18.15
C ARG N 213 56.36 27.99 -18.76
N GLU N 214 57.33 27.51 -19.53
CA GLU N 214 58.27 28.41 -20.19
C GLU N 214 57.67 29.01 -21.45
N LEU N 215 56.97 28.19 -22.24
CA LEU N 215 56.44 28.66 -23.51
C LEU N 215 55.39 29.74 -23.34
N GLN N 216 54.65 29.73 -22.24
CA GLN N 216 53.64 30.75 -22.02
C GLN N 216 54.25 32.14 -21.96
N GLU N 217 55.51 32.23 -21.53
CA GLU N 217 56.20 33.50 -21.44
C GLU N 217 56.24 34.21 -22.78
N ARG N 218 56.41 33.45 -23.87
CA ARG N 218 56.44 34.03 -25.20
C ARG N 218 55.09 34.59 -25.63
N VAL N 219 54.01 34.24 -24.92
CA VAL N 219 52.67 34.72 -25.23
C VAL N 219 52.28 35.82 -24.27
N LYS N 220 52.83 35.78 -23.05
CA LYS N 220 52.64 36.86 -22.09
C LYS N 220 52.97 38.22 -22.70
N GLU N 221 54.00 38.27 -23.54
CA GLU N 221 54.28 39.49 -24.29
C GLU N 221 53.21 39.72 -25.36
N LEU N 222 52.85 38.67 -26.11
CA LEU N 222 51.86 38.82 -27.16
C LEU N 222 50.51 39.28 -26.62
N LYS N 223 50.20 38.92 -25.37
CA LYS N 223 49.02 39.46 -24.73
C LYS N 223 49.14 40.96 -24.49
N GLU N 224 50.38 41.48 -24.43
CA GLU N 224 50.63 42.90 -24.31
C GLU N 224 50.86 43.58 -25.66
N ARG N 225 51.04 42.82 -26.74
CA ARG N 225 51.32 43.41 -28.05
C ARG N 225 50.06 43.99 -28.68
N ALA N 226 49.09 43.13 -28.99
CA ALA N 226 47.91 43.51 -29.76
C ALA N 226 46.66 43.63 -28.88
N GLY N 227 46.31 42.58 -28.14
CA GLY N 227 45.13 42.61 -27.31
C GLY N 227 43.83 42.45 -28.09
N ALA O 1 35.87 45.66 -48.53
CA ALA O 1 36.97 44.71 -48.21
C ALA O 1 36.39 43.50 -47.50
N GLU O 2 35.70 42.67 -48.28
CA GLU O 2 35.01 41.51 -47.71
C GLU O 2 35.98 40.55 -47.03
N GLU O 3 37.22 40.49 -47.51
CA GLU O 3 38.22 39.62 -46.89
C GLU O 3 38.38 39.95 -45.42
N LEU O 4 38.51 41.24 -45.10
CA LEU O 4 38.61 41.66 -43.71
C LEU O 4 37.30 41.45 -42.99
N LEU O 5 36.18 41.69 -43.67
CA LEU O 5 34.88 41.64 -43.02
C LEU O 5 34.61 40.26 -42.45
N LYS O 6 34.79 39.22 -43.26
CA LYS O 6 34.51 37.88 -42.81
C LYS O 6 35.50 37.45 -41.73
N ARG O 7 36.76 37.80 -41.90
CA ARG O 7 37.78 37.38 -40.94
C ARG O 7 37.50 37.97 -39.56
N VAL O 8 37.14 39.25 -39.52
CA VAL O 8 36.73 39.85 -38.26
C VAL O 8 35.43 39.22 -37.78
N GLU O 9 34.46 39.11 -38.69
CA GLU O 9 33.20 38.44 -38.38
C GLU O 9 33.45 37.02 -37.90
N LYS O 10 34.47 36.36 -38.44
CA LYS O 10 34.77 35.01 -38.02
C LYS O 10 35.21 34.98 -36.57
N LEU O 11 36.04 35.94 -36.15
CA LEU O 11 36.53 35.98 -34.78
C LEU O 11 35.42 35.98 -33.77
N VAL O 12 34.32 36.66 -34.08
CA VAL O 12 33.20 36.74 -33.17
C VAL O 12 32.68 35.35 -32.84
N LYS O 13 32.42 34.56 -33.89
CA LYS O 13 31.82 33.26 -33.69
C LYS O 13 32.74 32.33 -32.91
N GLU O 14 34.04 32.44 -33.14
CA GLU O 14 34.99 31.65 -32.36
C GLU O 14 34.92 32.04 -30.89
N ALA O 15 35.18 33.32 -30.61
CA ALA O 15 35.19 33.77 -29.22
C ALA O 15 33.83 33.60 -28.58
N GLU O 16 32.76 33.89 -29.32
CA GLU O 16 31.43 33.71 -28.79
C GLU O 16 31.14 32.24 -28.54
N GLU O 17 31.81 31.36 -29.27
CA GLU O 17 31.73 29.94 -28.98
C GLU O 17 32.66 29.57 -27.84
N LEU O 18 33.82 30.22 -27.77
CA LEU O 18 34.71 30.02 -26.63
C LEU O 18 34.03 30.44 -25.34
N LEU O 19 33.15 31.43 -25.43
CA LEU O 19 32.40 31.85 -24.26
C LEU O 19 31.61 30.69 -23.68
N ARG O 20 30.96 29.92 -24.55
CA ARG O 20 30.13 28.82 -24.10
C ARG O 20 30.95 27.66 -23.57
N GLN O 21 32.17 27.48 -24.08
CA GLN O 21 33.05 26.49 -23.49
C GLN O 21 33.40 26.85 -22.06
N ALA O 22 33.47 28.14 -21.76
CA ALA O 22 33.78 28.59 -20.41
C ALA O 22 32.59 28.46 -19.49
N MET O 23 31.39 28.76 -19.99
CA MET O 23 30.19 28.63 -19.19
C MET O 23 29.98 27.19 -18.73
N LYS O 24 30.38 26.23 -19.56
CA LYS O 24 30.25 24.83 -19.19
C LYS O 24 31.29 24.40 -18.17
N LYS O 25 32.48 25.02 -18.22
CA LYS O 25 33.66 24.51 -17.52
C LYS O 25 34.25 25.52 -16.55
N GLY O 26 34.26 26.80 -16.90
CA GLY O 26 34.73 27.81 -15.97
C GLY O 26 36.23 27.98 -15.95
N SER O 27 36.88 27.89 -17.11
CA SER O 27 38.33 28.02 -17.22
C SER O 27 38.69 29.44 -17.64
N GLU O 28 39.48 30.12 -16.82
CA GLU O 28 39.94 31.45 -17.18
C GLU O 28 40.83 31.43 -18.40
N GLU O 29 41.49 30.29 -18.69
CA GLU O 29 42.30 30.20 -19.89
C GLU O 29 41.46 30.37 -21.13
N LEU O 30 40.23 29.85 -21.12
CA LEU O 30 39.29 30.14 -22.19
C LEU O 30 38.98 31.63 -22.25
N LEU O 31 38.98 32.29 -21.09
CA LEU O 31 38.53 33.67 -21.00
C LEU O 31 39.65 34.64 -21.30
N GLU O 32 40.87 34.32 -20.88
CA GLU O 32 42.03 35.10 -21.29
C GLU O 32 42.08 35.22 -22.80
N VAL O 33 41.77 34.13 -23.50
CA VAL O 33 41.75 34.13 -24.95
C VAL O 33 40.74 35.14 -25.48
N ALA O 34 39.57 35.23 -24.86
CA ALA O 34 38.55 36.15 -25.35
C ALA O 34 39.02 37.58 -25.29
N LEU O 35 39.71 37.96 -24.21
CA LEU O 35 40.30 39.28 -24.10
C LEU O 35 41.47 39.47 -25.05
N VAL O 36 41.94 38.41 -25.69
CA VAL O 36 42.93 38.50 -26.75
C VAL O 36 42.26 38.54 -28.11
N VAL O 37 41.28 37.67 -28.33
CA VAL O 37 40.64 37.58 -29.63
C VAL O 37 39.87 38.85 -29.93
N ALA O 38 38.85 39.13 -29.12
CA ALA O 38 37.98 40.25 -29.40
C ALA O 38 38.71 41.55 -29.28
N GLN O 39 39.69 41.63 -28.38
CA GLN O 39 40.38 42.89 -28.18
C GLN O 39 41.29 43.22 -29.34
N MET O 40 41.66 42.21 -30.15
CA MET O 40 42.29 42.44 -31.44
C MET O 40 41.28 42.60 -32.55
N ALA O 41 40.03 42.22 -32.33
CA ALA O 41 39.01 42.51 -33.33
C ALA O 41 38.82 44.00 -33.51
N ALA O 42 38.83 44.74 -32.41
CA ALA O 42 38.76 46.20 -32.49
C ALA O 42 39.89 46.77 -33.32
N ARG O 43 41.07 46.15 -33.25
CA ARG O 43 42.19 46.60 -34.06
C ARG O 43 41.85 46.50 -35.53
N GLU O 44 41.42 45.31 -35.96
CA GLU O 44 41.17 45.07 -37.37
C GLU O 44 39.81 45.59 -37.81
N ALA O 45 38.84 45.63 -36.90
CA ALA O 45 37.53 46.16 -37.26
C ALA O 45 37.61 47.64 -37.56
N LYS O 46 38.24 48.40 -36.66
CA LYS O 46 38.42 49.83 -36.85
C LYS O 46 39.13 50.13 -38.16
N LYS O 47 40.04 49.26 -38.57
CA LYS O 47 40.66 49.41 -39.88
C LYS O 47 39.66 49.25 -40.99
N VAL O 48 38.74 48.30 -40.86
CA VAL O 48 37.73 48.12 -41.90
C VAL O 48 36.89 49.37 -42.03
N LEU O 49 36.65 50.05 -40.92
CA LEU O 49 35.96 51.31 -40.99
C LEU O 49 36.80 52.34 -41.73
N THR O 50 38.11 52.33 -41.47
CA THR O 50 39.00 53.31 -42.07
C THR O 50 39.00 53.20 -43.59
N MET O 51 39.48 52.07 -44.11
CA MET O 51 39.58 51.90 -45.55
C MET O 51 38.22 51.98 -46.21
N ALA O 52 37.15 51.63 -45.49
CA ALA O 52 35.82 51.83 -46.02
C ALA O 52 35.43 53.29 -46.01
N GLU O 53 35.87 54.04 -45.00
CA GLU O 53 35.58 55.46 -44.93
C GLU O 53 36.27 56.22 -46.07
N VAL O 54 37.27 55.62 -46.70
CA VAL O 54 37.93 56.24 -47.83
C VAL O 54 37.03 56.25 -49.05
N GLU O 55 36.69 55.05 -49.53
CA GLU O 55 36.04 54.93 -50.82
C GLU O 55 34.62 55.47 -50.80
N GLY O 56 34.03 55.62 -49.63
CA GLY O 56 32.64 56.02 -49.55
C GLY O 56 31.74 54.81 -49.70
N ASP O 57 32.09 53.73 -49.01
CA ASP O 57 31.31 52.49 -49.02
C ASP O 57 30.58 52.37 -47.70
N PRO O 58 29.42 53.01 -47.54
CA PRO O 58 28.87 53.19 -46.19
C PRO O 58 28.32 51.92 -45.58
N GLU O 59 27.66 51.09 -46.39
CA GLU O 59 26.98 49.91 -45.87
C GLU O 59 27.94 48.96 -45.19
N VAL O 60 29.21 48.98 -45.59
CA VAL O 60 30.21 48.14 -44.96
C VAL O 60 30.37 48.52 -43.50
N ALA O 61 30.42 49.82 -43.22
CA ALA O 61 30.66 50.28 -41.87
C ALA O 61 29.53 49.92 -40.93
N LEU O 62 28.30 50.08 -41.39
CA LEU O 62 27.14 49.71 -40.59
C LEU O 62 27.21 48.24 -40.19
N ARG O 63 27.61 47.39 -41.13
CA ARG O 63 27.80 45.97 -40.82
C ARG O 63 29.08 45.70 -40.07
N ALA O 64 29.86 46.73 -39.74
CA ALA O 64 31.12 46.56 -39.03
C ALA O 64 31.01 47.07 -37.60
N VAL O 65 30.57 48.31 -37.46
CA VAL O 65 30.45 48.92 -36.14
C VAL O 65 29.43 48.17 -35.32
N GLU O 66 28.40 47.64 -35.96
CA GLU O 66 27.46 46.76 -35.28
C GLU O 66 28.18 45.58 -34.66
N LEU O 67 29.25 45.11 -35.29
CA LEU O 67 29.97 43.96 -34.78
C LEU O 67 30.87 44.35 -33.64
N VAL O 68 31.33 45.60 -33.62
CA VAL O 68 32.09 46.10 -32.51
C VAL O 68 31.26 46.05 -31.24
N VAL O 69 29.98 46.39 -31.37
CA VAL O 69 29.09 46.38 -30.21
C VAL O 69 28.96 44.97 -29.66
N ARG O 70 28.89 43.98 -30.56
CA ARG O 70 28.81 42.59 -30.13
C ARG O 70 30.00 42.22 -29.28
N VAL O 71 31.17 42.80 -29.56
CA VAL O 71 32.32 42.59 -28.71
C VAL O 71 32.04 43.12 -27.32
N ALA O 72 31.51 44.34 -27.27
CA ALA O 72 31.15 44.94 -26.00
C ALA O 72 30.17 44.07 -25.25
N GLU O 73 29.23 43.46 -25.96
CA GLU O 73 28.32 42.51 -25.35
C GLU O 73 29.11 41.33 -24.79
N LEU O 74 30.13 40.89 -25.51
CA LEU O 74 30.90 39.75 -25.06
C LEU O 74 31.81 40.12 -23.90
N LEU O 75 32.59 41.18 -24.06
CA LEU O 75 33.47 41.62 -22.99
C LEU O 75 32.71 41.94 -21.72
N LEU O 76 31.47 42.39 -21.87
CA LEU O 76 30.64 42.61 -20.70
C LEU O 76 30.45 41.31 -19.94
N ARG O 77 29.97 40.28 -20.63
CA ARG O 77 29.72 38.98 -20.01
C ARG O 77 30.96 38.46 -19.31
N ILE O 78 32.14 38.72 -19.88
CA ILE O 78 33.38 38.29 -19.24
C ILE O 78 33.51 38.92 -17.87
N ALA O 79 33.43 40.25 -17.83
CA ALA O 79 33.58 40.96 -16.58
C ALA O 79 32.50 40.60 -15.59
N LEU O 80 31.29 40.29 -16.08
CA LEU O 80 30.26 39.80 -15.20
C LEU O 80 30.62 38.43 -14.64
N VAL O 81 31.04 37.53 -15.52
CA VAL O 81 31.39 36.18 -15.08
C VAL O 81 32.64 36.22 -14.23
N SER O 82 33.61 37.06 -14.62
CA SER O 82 34.89 37.08 -13.93
C SER O 82 34.85 38.00 -12.72
N GLY O 83 34.30 39.20 -12.89
CA GLY O 83 34.30 40.20 -11.85
C GLY O 83 35.48 41.15 -11.87
N SER O 84 36.36 41.06 -12.87
CA SER O 84 37.53 41.92 -12.94
C SER O 84 37.10 43.36 -13.19
N GLU O 85 37.46 44.24 -12.26
CA GLU O 85 37.18 45.65 -12.45
C GLU O 85 37.94 46.22 -13.64
N GLU O 86 39.08 45.64 -13.99
CA GLU O 86 39.74 46.03 -15.22
C GLU O 86 38.88 45.74 -16.43
N ALA O 87 38.34 44.52 -16.50
CA ALA O 87 37.59 44.11 -17.67
C ALA O 87 36.37 44.99 -17.90
N LEU O 88 35.76 45.48 -16.82
CA LEU O 88 34.82 46.58 -16.95
C LEU O 88 35.48 47.75 -17.65
N GLU O 89 36.62 48.18 -17.14
CA GLU O 89 37.29 49.33 -17.70
C GLU O 89 37.92 49.01 -19.05
N ARG O 90 38.10 47.73 -19.36
CA ARG O 90 38.42 47.36 -20.74
C ARG O 90 37.21 47.56 -21.62
N ALA O 91 36.12 46.87 -21.31
CA ALA O 91 34.89 46.99 -22.07
C ALA O 91 34.36 48.41 -22.07
N LEU O 92 34.66 49.17 -21.02
CA LEU O 92 34.25 50.57 -20.98
C LEU O 92 34.86 51.35 -22.12
N ARG O 93 36.20 51.37 -22.19
CA ARG O 93 36.89 52.17 -23.18
C ARG O 93 36.56 51.74 -24.59
N VAL O 94 36.50 50.43 -24.81
CA VAL O 94 36.07 49.89 -26.09
C VAL O 94 34.68 50.39 -26.42
N ALA O 95 33.78 50.33 -25.45
CA ALA O 95 32.42 50.77 -25.68
C ALA O 95 32.36 52.26 -25.93
N GLU O 96 33.09 53.04 -25.12
CA GLU O 96 33.07 54.48 -25.27
C GLU O 96 33.63 54.89 -26.63
N GLU O 97 34.68 54.21 -27.08
CA GLU O 97 35.27 54.53 -28.36
C GLU O 97 34.32 54.22 -29.50
N ALA O 98 33.41 53.27 -29.29
CA ALA O 98 32.39 52.99 -30.28
C ALA O 98 31.54 54.22 -30.58
N ALA O 99 31.36 55.08 -29.59
CA ALA O 99 30.63 56.31 -29.80
C ALA O 99 31.28 57.17 -30.87
N ARG O 100 32.58 57.40 -30.74
CA ARG O 100 33.32 58.14 -31.76
C ARG O 100 33.19 57.48 -33.12
N LEU O 101 33.34 56.16 -33.16
CA LEU O 101 33.27 55.44 -34.41
C LEU O 101 31.90 55.57 -35.03
N ALA O 102 30.87 55.62 -34.19
CA ALA O 102 29.54 55.87 -34.70
C ALA O 102 29.42 57.29 -35.23
N LYS O 103 29.84 58.26 -34.43
CA LYS O 103 29.83 59.65 -34.87
C LYS O 103 30.72 59.84 -36.08
N ARG O 104 31.79 59.03 -36.17
CA ARG O 104 32.64 59.03 -37.35
C ARG O 104 31.86 58.61 -38.58
N VAL O 105 30.85 57.76 -38.39
CA VAL O 105 30.09 57.22 -39.52
C VAL O 105 29.03 58.20 -39.96
N LEU O 106 28.45 58.94 -39.02
CA LEU O 106 27.24 59.69 -39.34
C LEU O 106 27.51 60.74 -40.40
N GLU O 107 28.51 61.57 -40.19
CA GLU O 107 28.79 62.65 -41.11
C GLU O 107 29.31 62.16 -42.45
N LEU O 108 29.69 60.89 -42.55
CA LEU O 108 30.03 60.32 -43.84
C LEU O 108 28.86 60.40 -44.80
N ALA O 109 27.71 59.86 -44.40
CA ALA O 109 26.64 59.60 -45.36
C ALA O 109 26.03 60.88 -45.89
N GLU O 110 26.11 61.98 -45.14
CA GLU O 110 25.62 63.25 -45.66
C GLU O 110 26.36 63.66 -46.92
N SER O 111 27.66 63.40 -46.97
CA SER O 111 28.40 63.58 -48.21
C SER O 111 27.90 62.63 -49.29
N GLN O 112 27.47 61.43 -48.88
CA GLN O 112 26.87 60.48 -49.79
C GLN O 112 25.38 60.71 -50.00
N GLY O 113 24.72 61.40 -49.08
CA GLY O 113 23.29 61.57 -49.16
C GLY O 113 22.49 60.31 -48.93
N ASP O 114 23.06 59.32 -48.24
CA ASP O 114 22.42 58.03 -47.99
C ASP O 114 21.98 57.95 -46.54
N PRO O 115 20.77 58.38 -46.19
CA PRO O 115 20.42 58.52 -44.78
C PRO O 115 20.16 57.22 -44.06
N GLU O 116 19.56 56.23 -44.73
CA GLU O 116 19.13 55.01 -44.06
C GLU O 116 20.28 54.31 -43.36
N VAL O 117 21.51 54.48 -43.86
CA VAL O 117 22.65 53.85 -43.22
C VAL O 117 22.87 54.45 -41.84
N ALA O 118 22.43 55.69 -41.65
CA ALA O 118 22.62 56.34 -40.35
C ALA O 118 21.78 55.69 -39.27
N LEU O 119 20.49 55.54 -39.53
CA LEU O 119 19.53 55.31 -38.47
C LEU O 119 19.82 54.03 -37.71
N ARG O 120 20.15 52.96 -38.44
CA ARG O 120 20.57 51.75 -37.77
C ARG O 120 21.90 51.94 -37.07
N ALA O 121 22.74 52.85 -37.56
CA ALA O 121 24.00 53.12 -36.89
C ALA O 121 23.77 53.91 -35.61
N VAL O 122 22.87 54.89 -35.67
CA VAL O 122 22.56 55.68 -34.51
C VAL O 122 22.05 54.80 -33.38
N GLU O 123 21.19 53.85 -33.72
CA GLU O 123 20.62 52.99 -32.70
C GLU O 123 21.69 52.14 -32.01
N LEU O 124 22.80 51.88 -32.68
CA LEU O 124 23.89 51.18 -32.01
C LEU O 124 24.40 51.96 -30.83
N VAL O 125 24.55 53.27 -30.98
CA VAL O 125 24.98 54.13 -29.89
C VAL O 125 24.05 53.98 -28.71
N VAL O 126 22.76 53.91 -28.98
CA VAL O 126 21.77 53.92 -27.93
C VAL O 126 21.92 52.72 -27.03
N ARG O 127 22.21 51.56 -27.61
CA ARG O 127 22.45 50.39 -26.80
C ARG O 127 23.67 50.55 -25.92
N VAL O 128 24.63 51.35 -26.36
CA VAL O 128 25.83 51.52 -25.57
C VAL O 128 25.50 52.28 -24.30
N ALA O 129 24.59 53.24 -24.40
CA ALA O 129 24.09 53.90 -23.21
C ALA O 129 23.38 52.88 -22.31
N GLU O 130 22.53 52.05 -22.91
CA GLU O 130 21.97 50.93 -22.17
C GLU O 130 23.07 50.01 -21.67
N LEU O 131 24.13 49.88 -22.46
CA LEU O 131 25.19 48.95 -22.09
C LEU O 131 25.95 49.47 -20.87
N LEU O 132 26.39 50.72 -20.92
CA LEU O 132 27.08 51.30 -19.78
C LEU O 132 26.16 51.36 -18.57
N LEU O 133 24.87 51.59 -18.81
CA LEU O 133 23.91 51.62 -17.73
C LEU O 133 23.99 50.36 -16.89
N LEU O 134 24.10 49.22 -17.55
CA LEU O 134 24.29 47.97 -16.81
C LEU O 134 25.59 47.99 -16.04
N ILE O 135 26.62 48.61 -16.61
CA ILE O 135 27.91 48.64 -15.95
C ILE O 135 27.87 49.59 -14.76
N ALA O 136 27.20 50.73 -14.92
CA ALA O 136 27.15 51.70 -13.83
C ALA O 136 26.40 51.13 -12.64
N LYS O 137 25.34 50.38 -12.90
CA LYS O 137 24.61 49.73 -11.82
C LYS O 137 25.44 48.67 -11.13
N VAL O 138 26.48 48.17 -11.79
CA VAL O 138 27.36 47.19 -11.16
C VAL O 138 28.34 47.89 -10.23
N SER O 139 29.13 48.83 -10.77
CA SER O 139 30.11 49.53 -9.95
C SER O 139 29.43 50.55 -9.04
N GLY O 140 28.26 51.05 -9.45
CA GLY O 140 27.61 52.11 -8.71
C GLY O 140 28.24 53.48 -8.89
N SER O 141 29.28 53.59 -9.70
CA SER O 141 29.98 54.86 -9.88
C SER O 141 29.13 55.85 -10.65
N GLU O 142 29.50 57.13 -10.55
CA GLU O 142 28.87 58.20 -11.30
C GLU O 142 29.70 58.65 -12.49
N GLU O 143 30.97 58.27 -12.53
CA GLU O 143 31.80 58.50 -13.71
C GLU O 143 31.11 57.95 -14.95
N ALA O 144 30.86 56.64 -14.96
CA ALA O 144 30.23 56.00 -16.11
C ALA O 144 28.84 56.54 -16.36
N LEU O 145 28.12 56.92 -15.32
CA LEU O 145 26.82 57.53 -15.50
C LEU O 145 26.92 58.82 -16.30
N GLU O 146 27.99 59.59 -16.05
CA GLU O 146 28.21 60.79 -16.84
C GLU O 146 28.59 60.43 -18.27
N ARG O 147 29.47 59.44 -18.42
CA ARG O 147 29.82 58.94 -19.75
C ARG O 147 28.57 58.53 -20.51
N ALA O 148 27.72 57.75 -19.85
CA ALA O 148 26.42 57.43 -20.41
C ALA O 148 25.64 58.69 -20.71
N LEU O 149 25.67 59.65 -19.81
CA LEU O 149 24.86 60.84 -19.95
C LEU O 149 25.31 61.67 -21.14
N ARG O 150 26.63 61.83 -21.29
CA ARG O 150 27.16 62.65 -22.37
C ARG O 150 27.00 61.97 -23.71
N VAL O 151 27.06 60.65 -23.74
CA VAL O 151 26.92 59.92 -24.99
C VAL O 151 25.54 60.15 -25.56
N ALA O 152 24.51 59.83 -24.79
CA ALA O 152 23.16 59.81 -25.33
C ALA O 152 22.67 61.19 -25.69
N GLU O 153 22.89 62.18 -24.81
CA GLU O 153 22.44 63.53 -25.13
C GLU O 153 23.22 64.07 -26.30
N GLU O 154 24.48 63.71 -26.43
CA GLU O 154 25.19 63.95 -27.68
C GLU O 154 24.57 63.15 -28.80
N ALA O 155 24.20 61.90 -28.52
CA ALA O 155 23.55 61.09 -29.53
C ALA O 155 22.20 61.66 -29.91
N ALA O 156 21.53 62.31 -28.96
CA ALA O 156 20.26 62.95 -29.25
C ALA O 156 20.42 64.08 -30.24
N ARG O 157 21.50 64.85 -30.12
CA ARG O 157 21.77 65.91 -31.08
C ARG O 157 21.88 65.36 -32.50
N LEU O 158 22.37 64.13 -32.63
CA LEU O 158 22.68 63.60 -33.95
C LEU O 158 21.44 63.46 -34.81
N ALA O 159 20.33 63.07 -34.20
CA ALA O 159 19.10 62.87 -34.96
C ALA O 159 18.66 64.14 -35.66
N LYS O 160 18.99 65.29 -35.09
CA LYS O 160 18.63 66.55 -35.72
C LYS O 160 19.34 66.70 -37.06
N ARG O 161 20.58 66.23 -37.16
CA ARG O 161 21.21 66.14 -38.47
C ARG O 161 20.46 65.18 -39.37
N VAL O 162 20.02 64.06 -38.79
CA VAL O 162 19.35 63.04 -39.57
C VAL O 162 18.01 63.57 -40.05
N LEU O 163 17.25 64.15 -39.14
CA LEU O 163 16.01 64.81 -39.51
C LEU O 163 16.28 65.89 -40.53
N GLU O 164 17.37 66.61 -40.38
CA GLU O 164 17.78 67.57 -41.39
C GLU O 164 18.21 66.86 -42.66
N LEU O 165 18.82 65.69 -42.53
CA LEU O 165 19.27 64.97 -43.70
C LEU O 165 18.08 64.47 -44.52
N ALA O 166 17.02 64.02 -43.85
CA ALA O 166 15.87 63.52 -44.56
C ALA O 166 15.13 64.63 -45.28
N GLU O 167 14.92 65.76 -44.59
CA GLU O 167 14.16 66.86 -45.17
C GLU O 167 14.77 67.39 -46.45
N LYS O 168 16.08 67.23 -46.63
CA LYS O 168 16.67 67.41 -47.94
C LYS O 168 16.01 66.49 -48.94
N GLN O 169 16.17 65.18 -48.72
CA GLN O 169 15.61 64.18 -49.61
C GLN O 169 14.10 64.10 -49.52
N GLY O 170 13.51 64.66 -48.46
CA GLY O 170 12.09 64.47 -48.23
C GLY O 170 11.69 63.04 -47.97
N ASP O 171 12.62 62.19 -47.53
CA ASP O 171 12.33 60.79 -47.27
C ASP O 171 11.67 60.65 -45.90
N PRO O 172 10.44 60.11 -45.80
CA PRO O 172 9.87 59.89 -44.48
C PRO O 172 10.40 58.66 -43.77
N ALA O 173 11.05 57.75 -44.50
CA ALA O 173 11.46 56.47 -43.94
C ALA O 173 12.33 56.66 -42.71
N VAL O 174 13.47 57.33 -42.88
CA VAL O 174 14.32 57.62 -41.74
C VAL O 174 13.67 58.66 -40.84
N ALA O 175 12.77 59.47 -41.40
CA ALA O 175 12.26 60.63 -40.69
C ALA O 175 11.53 60.26 -39.42
N ILE O 176 10.54 59.40 -39.53
CA ILE O 176 9.64 59.15 -38.41
C ILE O 176 10.36 58.38 -37.31
N LEU O 177 11.11 57.36 -37.69
CA LEU O 177 11.85 56.57 -36.74
C LEU O 177 12.83 57.41 -35.95
N ALA O 178 13.46 58.38 -36.60
CA ALA O 178 14.39 59.28 -35.94
C ALA O 178 13.75 59.91 -34.70
N VAL O 179 12.50 60.31 -34.82
CA VAL O 179 11.78 60.85 -33.68
C VAL O 179 11.62 59.80 -32.61
N MET O 180 11.25 58.59 -33.02
CA MET O 180 10.95 57.52 -32.08
C MET O 180 12.13 57.15 -31.22
N LEU O 181 13.34 57.24 -31.78
CA LEU O 181 14.54 56.93 -31.02
C LEU O 181 14.67 57.81 -29.81
N VAL O 182 14.25 59.06 -29.94
CA VAL O 182 14.37 59.98 -28.82
C VAL O 182 13.46 59.54 -27.70
N LYS O 183 12.27 59.06 -28.04
CA LYS O 183 11.42 58.44 -27.05
C LYS O 183 12.06 57.16 -26.53
N ARG O 184 12.76 56.44 -27.40
CA ARG O 184 13.50 55.28 -26.97
C ARG O 184 14.67 55.67 -26.07
N VAL O 185 15.13 56.92 -26.19
CA VAL O 185 16.12 57.45 -25.28
C VAL O 185 15.48 57.86 -23.97
N ALA O 186 14.31 58.50 -24.05
CA ALA O 186 13.68 59.09 -22.87
C ALA O 186 13.48 58.07 -21.76
N GLU O 187 13.29 56.81 -22.10
CA GLU O 187 13.33 55.74 -21.11
C GLU O 187 14.64 55.76 -20.33
N LEU O 188 15.75 56.01 -21.04
CA LEU O 188 17.05 55.97 -20.38
C LEU O 188 17.22 57.14 -19.44
N LEU O 189 16.98 58.34 -19.96
CA LEU O 189 17.18 59.57 -19.22
C LEU O 189 16.31 59.58 -17.99
N GLU O 190 15.10 59.04 -18.11
CA GLU O 190 14.29 58.74 -16.95
C GLU O 190 15.06 57.85 -15.98
N ASN O 191 15.49 56.68 -16.45
CA ASN O 191 15.92 55.62 -15.57
C ASN O 191 17.19 55.97 -14.83
N ILE O 192 18.13 56.65 -15.49
CA ILE O 192 19.30 57.12 -14.76
C ILE O 192 18.89 58.20 -13.78
N ALA O 193 17.97 59.07 -14.18
CA ALA O 193 17.51 60.13 -13.31
C ALA O 193 16.58 59.62 -12.22
N ARG O 194 15.94 58.45 -12.44
CA ARG O 194 15.27 57.78 -11.33
C ARG O 194 16.25 57.51 -10.21
N GLU O 195 17.44 57.04 -10.55
CA GLU O 195 18.38 56.48 -9.58
C GLU O 195 19.21 57.57 -8.91
N SER O 196 20.00 58.30 -9.70
CA SER O 196 20.93 59.26 -9.13
C SER O 196 20.22 60.48 -8.56
N GLY O 197 19.02 60.79 -9.03
CA GLY O 197 18.27 61.90 -8.49
C GLY O 197 18.75 63.27 -8.89
N SER O 198 19.83 63.36 -9.67
CA SER O 198 20.31 64.65 -10.13
C SER O 198 19.25 65.29 -11.02
N GLU O 199 18.76 66.45 -10.60
CA GLU O 199 17.77 67.18 -11.38
C GLU O 199 18.30 67.56 -12.75
N GLU O 200 19.63 67.65 -12.90
CA GLU O 200 20.21 67.95 -14.20
C GLU O 200 19.87 66.86 -15.21
N ALA O 201 20.01 65.60 -14.80
CA ALA O 201 19.55 64.51 -15.66
C ALA O 201 18.08 64.64 -15.97
N LYS O 202 17.28 64.99 -14.97
CA LYS O 202 15.86 65.24 -15.19
C LYS O 202 15.67 66.41 -16.13
N GLU O 203 16.41 67.50 -15.90
CA GLU O 203 16.40 68.63 -16.83
C GLU O 203 16.80 68.18 -18.23
N ARG O 204 17.97 67.54 -18.34
CA ARG O 204 18.36 66.87 -19.57
C ARG O 204 17.26 65.97 -20.08
N ALA O 205 16.62 65.22 -19.19
CA ALA O 205 15.58 64.29 -19.59
C ALA O 205 14.38 65.02 -20.15
N GLU O 206 13.89 66.03 -19.44
CA GLU O 206 12.70 66.74 -19.87
C GLU O 206 12.93 67.39 -21.23
N ARG O 207 14.05 68.09 -21.39
CA ARG O 207 14.37 68.75 -22.65
C ARG O 207 14.36 67.77 -23.80
N VAL O 208 14.95 66.61 -23.60
CA VAL O 208 15.00 65.58 -24.64
C VAL O 208 13.59 65.10 -24.96
N ARG O 209 12.86 64.65 -23.94
CA ARG O 209 11.51 64.13 -24.18
C ARG O 209 10.60 65.23 -24.70
N GLU O 210 10.84 66.48 -24.27
CA GLU O 210 10.11 67.60 -24.84
C GLU O 210 10.54 67.92 -26.26
N GLU O 211 11.78 67.58 -26.61
CA GLU O 211 12.27 67.88 -27.94
C GLU O 211 11.57 67.04 -28.98
N ALA O 212 11.45 65.73 -28.73
CA ALA O 212 10.80 64.83 -29.69
C ALA O 212 9.37 65.24 -29.92
N ARG O 213 8.68 65.62 -28.85
CA ARG O 213 7.35 66.19 -28.96
C ARG O 213 7.34 67.35 -29.94
N GLU O 214 8.40 68.16 -29.94
CA GLU O 214 8.50 69.27 -30.87
C GLU O 214 8.97 68.80 -32.24
N LEU O 215 9.96 67.89 -32.26
CA LEU O 215 10.54 67.46 -33.52
C LEU O 215 9.54 66.72 -34.39
N GLN O 216 8.59 66.01 -33.78
CA GLN O 216 7.61 65.28 -34.56
C GLN O 216 6.79 66.20 -35.45
N GLU O 217 6.63 67.46 -35.02
CA GLU O 217 5.89 68.45 -35.80
C GLU O 217 6.47 68.61 -37.19
N ARG O 218 7.80 68.56 -37.31
CA ARG O 218 8.44 68.70 -38.61
C ARG O 218 8.18 67.51 -39.52
N VAL O 219 7.67 66.40 -38.98
CA VAL O 219 7.38 65.21 -39.76
C VAL O 219 5.89 65.11 -40.00
N LYS O 220 5.08 65.67 -39.09
CA LYS O 220 3.64 65.77 -39.30
C LYS O 220 3.31 66.38 -40.64
N GLU O 221 4.10 67.38 -41.07
CA GLU O 221 3.94 67.91 -42.41
C GLU O 221 4.42 66.91 -43.45
N LEU O 222 5.59 66.29 -43.22
CA LEU O 222 6.12 65.33 -44.19
C LEU O 222 5.17 64.16 -44.38
N LYS O 223 4.41 63.80 -43.35
CA LYS O 223 3.38 62.80 -43.54
C LYS O 223 2.28 63.28 -44.47
N GLU O 224 2.13 64.60 -44.61
CA GLU O 224 1.19 65.20 -45.54
C GLU O 224 1.81 65.53 -46.89
N ARG O 225 3.14 65.50 -47.00
CA ARG O 225 3.81 65.88 -48.24
C ARG O 225 3.71 64.79 -49.29
N ALA O 226 4.32 63.62 -49.01
CA ALA O 226 4.45 62.55 -49.99
C ALA O 226 3.50 61.39 -49.72
N GLY O 227 3.53 60.82 -48.52
CA GLY O 227 2.67 59.69 -48.18
C GLY O 227 3.14 58.38 -48.79
#